data_7BPA
#
_entry.id   7BPA
#
_cell.length_a   1.00
_cell.length_b   1.00
_cell.length_c   1.00
_cell.angle_alpha   90.00
_cell.angle_beta   90.00
_cell.angle_gamma   90.00
#
_symmetry.space_group_name_H-M   'P 1'
#
loop_
_entity.id
_entity.type
_entity.pdbx_description
1 polymer 'Transitional endoplasmic reticulum ATPase'
2 non-polymer "ADENOSINE-5'-DIPHOSPHATE"
3 non-polymer 'PHOSPHOAMINOPHOSPHONIC ACID-ADENYLATE ESTER'
#
_entity_poly.entity_id   1
_entity_poly.type   'polypeptide(L)'
_entity_poly.pdbx_seq_one_letter_code
;MASGADSKGDDLSTAILKQKNRPNRLIVDEAINEDNSVVSLSQPKMDELQLFRGDTVLLKGKKRREAVCIVLSDDACSDE
KIRMNRVVRNNLRVRLGDVISIQPCPDVKYGKRIHVLPIDDTVEGITGNLFEVYLKPYFLEAYRPIRKGDIFLVRGGMRA
VEFKVVETDPSPYCIVAPDTVIHCEGEPIKREDEEESLNEVGYDDIGGCRKQLAQIKEMVELPLRHPALFKAIGVKPPRG
ILLYGPPGTGKTLIARAVANETGAFFFLINGPEIMSKLAGESESNLRKAFEEAEKNAPAIIFIDELDAIAPKREKTHGEV
ERRIVSQLLTLMDGLKQRAHVIVMAATNRPNSIDPALRRFGRFDREVDIGIPDATGRLEILQIHTKNMKLADDVDLEQVA
NETHGHVGADLAALCSEAALQAIRKKMDLIDLEDETIDAEVMNSLAVTMDDFRWALSQSNPSALRETVVEVPQVTWEDIG
GLEDVKRELQELVQYPVEHPDKFLKFGMTPSKGVLFYGPPGCGKTLLAKAIANECQANFISIKGPELLTMWFGESEANVR
EIFDKARQAAPCVLFFDELDSIAKARGGNIGDGGGAADRVINQILTEMDGMSTKKNVFIIGATNRPDIIDPAILRPGRLD
QLIYIPLPDEKSRVAILKANLRKSPVAKDVDLEFLAKMTNGFSGADLTEICQRACKLAIRESIESEIRRERERQTNPSAM
EVEEDDPVPEIRRDHFEEAMRFARRSVSDNDIRKYEMFAQTLQQSRGFGSFRFPSGNQGGAGPSQGSGGGTGGSVYTEDN
DDDLYG
;
_entity_poly.pdbx_strand_id   A,B,C,D,E,F
#
loop_
_chem_comp.id
_chem_comp.type
_chem_comp.name
_chem_comp.formula
ADP non-polymer ADENOSINE-5'-DIPHOSPHATE 'C10 H15 N5 O10 P2'
ANP non-polymer 'PHOSPHOAMINOPHOSPHONIC ACID-ADENYLATE ESTER' 'C10 H17 N6 O12 P3'
#
# COMPACT_ATOMS: atom_id res chain seq x y z
N LYS A 18 49.21 -19.97 64.84
CA LYS A 18 47.88 -20.56 64.90
C LYS A 18 47.47 -21.01 63.51
N GLN A 19 46.74 -22.13 63.42
CA GLN A 19 46.30 -22.69 62.15
C GLN A 19 44.85 -22.26 61.92
N LYS A 20 44.62 -21.47 60.87
CA LYS A 20 43.30 -20.99 60.56
C LYS A 20 42.93 -21.08 59.09
N ASN A 21 43.92 -21.14 58.18
CA ASN A 21 43.63 -21.05 56.74
C ASN A 21 42.99 -22.34 56.22
N ARG A 22 43.60 -23.48 56.51
CA ARG A 22 43.13 -24.73 55.91
C ARG A 22 41.95 -25.38 56.66
N PRO A 23 41.94 -25.55 57.99
CA PRO A 23 40.75 -26.18 58.59
C PRO A 23 39.58 -25.24 58.85
N ASN A 24 39.77 -23.93 58.80
CA ASN A 24 38.72 -23.01 59.27
C ASN A 24 38.45 -21.92 58.24
N ARG A 25 38.22 -22.29 56.99
CA ARG A 25 37.83 -21.33 55.96
C ARG A 25 36.89 -22.00 54.97
N LEU A 26 35.76 -21.36 54.68
CA LEU A 26 34.82 -21.83 53.68
C LEU A 26 34.23 -20.64 52.96
N ILE A 27 33.49 -20.91 51.88
CA ILE A 27 32.89 -19.89 51.04
C ILE A 27 31.38 -20.11 51.01
N VAL A 28 30.62 -19.03 51.24
CA VAL A 28 29.16 -19.08 51.32
C VAL A 28 28.55 -19.32 49.94
N ASP A 29 27.48 -20.13 49.88
CA ASP A 29 26.69 -20.21 48.64
C ASP A 29 25.23 -20.47 49.03
N GLU A 30 24.39 -20.75 48.01
CA GLU A 30 22.96 -20.94 48.17
C GLU A 30 22.65 -22.17 49.01
N ALA A 31 21.40 -22.25 49.46
CA ALA A 31 20.94 -23.33 50.33
C ALA A 31 19.87 -24.17 49.65
N ILE A 32 19.68 -25.38 50.19
CA ILE A 32 18.69 -26.32 49.66
C ILE A 32 17.65 -26.58 50.74
N ASN A 33 18.05 -26.49 52.01
CA ASN A 33 17.11 -26.66 53.10
C ASN A 33 16.51 -25.30 53.48
N GLU A 34 15.36 -25.34 54.15
CA GLU A 34 14.63 -24.13 54.51
C GLU A 34 14.68 -23.78 55.98
N ASP A 35 15.23 -24.65 56.84
CA ASP A 35 15.31 -24.36 58.26
C ASP A 35 16.33 -23.26 58.53
N ASN A 36 15.99 -22.33 59.42
CA ASN A 36 16.83 -21.19 59.76
C ASN A 36 17.96 -21.52 60.72
N SER A 37 18.23 -22.79 61.00
CA SER A 37 19.30 -23.16 61.89
C SER A 37 20.19 -24.23 61.31
N VAL A 38 19.78 -24.90 60.24
CA VAL A 38 20.54 -25.98 59.65
C VAL A 38 21.54 -25.39 58.68
N VAL A 39 22.81 -25.69 58.89
CA VAL A 39 23.87 -25.32 57.95
C VAL A 39 24.44 -26.60 57.37
N SER A 40 24.47 -26.67 56.05
CA SER A 40 24.81 -27.90 55.35
C SER A 40 26.22 -27.83 54.78
N LEU A 41 27.00 -28.88 55.00
CA LEU A 41 28.34 -28.99 54.41
C LEU A 41 28.63 -30.44 54.08
N SER A 42 29.76 -30.66 53.41
CA SER A 42 30.13 -31.97 52.89
C SER A 42 30.90 -32.80 53.90
N GLN A 43 30.78 -34.12 53.78
CA GLN A 43 31.36 -35.06 54.73
C GLN A 43 32.90 -35.00 54.87
N PRO A 44 33.74 -34.85 53.79
CA PRO A 44 35.20 -34.68 54.01
C PRO A 44 35.60 -33.53 54.91
N LYS A 45 35.00 -32.35 54.71
CA LYS A 45 35.26 -31.23 55.61
C LYS A 45 34.78 -31.53 57.02
N MET A 46 33.69 -32.30 57.16
CA MET A 46 33.11 -32.52 58.48
C MET A 46 33.98 -33.46 59.31
N ASP A 47 34.53 -34.51 58.69
CA ASP A 47 35.47 -35.32 59.48
C ASP A 47 36.86 -34.71 59.49
N GLU A 48 37.11 -33.68 58.68
CA GLU A 48 38.33 -32.90 58.83
C GLU A 48 38.21 -31.92 60.01
N LEU A 49 37.07 -31.23 60.15
CA LEU A 49 36.85 -30.35 61.29
C LEU A 49 36.65 -31.06 62.62
N GLN A 50 36.51 -32.40 62.61
CA GLN A 50 36.21 -33.24 63.77
C GLN A 50 34.85 -32.86 64.37
N LEU A 51 33.84 -32.90 63.51
CA LEU A 51 32.47 -32.57 63.89
C LEU A 51 31.52 -33.67 63.45
N PHE A 52 30.59 -34.01 64.33
CA PHE A 52 29.54 -34.98 64.04
C PHE A 52 28.24 -34.23 63.79
N ARG A 53 27.25 -34.97 63.27
CA ARG A 53 25.94 -34.41 62.97
C ARG A 53 25.26 -33.88 64.22
N GLY A 54 24.45 -32.84 64.04
CA GLY A 54 23.70 -32.25 65.13
C GLY A 54 24.48 -31.36 66.07
N ASP A 55 25.81 -31.37 66.04
CA ASP A 55 26.60 -30.54 66.95
C ASP A 55 26.45 -29.08 66.56
N THR A 56 26.18 -28.25 67.55
CA THR A 56 26.11 -26.81 67.34
C THR A 56 27.49 -26.25 67.02
N VAL A 57 27.57 -25.42 65.98
CA VAL A 57 28.80 -24.85 65.46
C VAL A 57 28.65 -23.34 65.56
N LEU A 58 29.80 -22.66 65.57
CA LEU A 58 29.84 -21.22 65.74
C LEU A 58 30.49 -20.59 64.52
N LEU A 59 29.83 -19.59 63.95
CA LEU A 59 30.29 -18.94 62.74
C LEU A 59 30.59 -17.49 63.02
N LYS A 60 31.74 -17.03 62.56
CA LYS A 60 32.13 -15.63 62.61
C LYS A 60 32.24 -15.08 61.19
N GLY A 61 31.71 -13.88 60.98
CA GLY A 61 31.69 -13.27 59.67
C GLY A 61 32.20 -11.85 59.75
N LYS A 62 31.70 -11.03 58.82
CA LYS A 62 32.11 -9.62 58.74
C LYS A 62 31.58 -8.86 59.95
N LYS A 63 32.35 -7.86 60.37
CA LYS A 63 31.98 -6.95 61.49
C LYS A 63 31.79 -7.75 62.79
N ARG A 64 32.73 -8.65 63.10
CA ARG A 64 32.73 -9.46 64.35
C ARG A 64 31.31 -9.80 64.80
N ARG A 65 30.48 -10.28 63.87
CA ARG A 65 29.21 -10.91 64.15
C ARG A 65 29.37 -12.43 64.27
N GLU A 66 28.53 -13.02 65.12
CA GLU A 66 28.60 -14.46 65.39
C GLU A 66 27.23 -15.08 65.25
N ALA A 67 27.21 -16.39 65.08
CA ALA A 67 25.96 -17.13 65.02
C ALA A 67 26.19 -18.56 65.44
N VAL A 68 25.19 -19.15 66.08
CA VAL A 68 25.24 -20.54 66.53
C VAL A 68 24.22 -21.32 65.72
N CYS A 69 24.65 -22.45 65.15
CA CYS A 69 23.79 -23.20 64.25
C CYS A 69 24.06 -24.69 64.34
N ILE A 70 23.00 -25.49 64.30
CA ILE A 70 23.18 -26.93 64.17
C ILE A 70 23.67 -27.26 62.76
N VAL A 71 24.45 -28.34 62.65
CA VAL A 71 25.16 -28.67 61.43
C VAL A 71 24.48 -29.87 60.78
N LEU A 72 24.73 -30.06 59.49
CA LEU A 72 24.18 -31.19 58.74
C LEU A 72 25.10 -31.49 57.57
N SER A 73 25.08 -32.74 57.13
CA SER A 73 25.91 -33.23 56.04
C SER A 73 25.10 -33.43 54.77
N ASP A 74 25.77 -33.23 53.64
CA ASP A 74 25.18 -33.41 52.32
C ASP A 74 26.31 -33.91 51.42
N ASP A 75 25.99 -34.21 50.17
CA ASP A 75 26.98 -34.70 49.22
C ASP A 75 27.18 -33.78 48.03
N ALA A 76 26.12 -33.11 47.56
CA ALA A 76 26.18 -32.22 46.40
C ALA A 76 26.81 -30.86 46.75
N CYS A 77 28.06 -30.91 47.20
CA CYS A 77 28.83 -29.72 47.56
C CYS A 77 30.28 -29.96 47.16
N SER A 78 31.07 -28.90 47.23
CA SER A 78 32.50 -29.01 47.08
C SER A 78 33.12 -29.21 48.45
N ASP A 79 34.45 -29.08 48.55
CA ASP A 79 35.14 -29.22 49.82
C ASP A 79 35.58 -27.86 50.38
N GLU A 80 35.01 -26.76 49.88
CA GLU A 80 35.26 -25.46 50.50
C GLU A 80 34.01 -24.60 50.48
N LYS A 81 32.86 -25.16 50.10
CA LYS A 81 31.62 -24.41 50.03
C LYS A 81 30.72 -24.77 51.21
N ILE A 82 30.02 -23.78 51.74
CA ILE A 82 29.10 -23.96 52.85
C ILE A 82 27.74 -23.37 52.46
N ARG A 83 26.69 -24.14 52.67
CA ARG A 83 25.35 -23.73 52.28
C ARG A 83 24.58 -23.25 53.50
N MET A 84 24.22 -21.96 53.50
CA MET A 84 23.46 -21.38 54.59
C MET A 84 22.25 -20.65 54.04
N ASN A 85 21.18 -20.63 54.83
CA ASN A 85 19.93 -19.99 54.47
C ASN A 85 20.09 -18.47 54.47
N ARG A 86 19.07 -17.77 53.97
CA ARG A 86 19.16 -16.32 53.81
C ARG A 86 19.13 -15.58 55.14
N VAL A 87 18.44 -16.15 56.14
CA VAL A 87 18.32 -15.50 57.45
C VAL A 87 19.66 -15.50 58.16
N VAL A 88 20.27 -16.69 58.29
CA VAL A 88 21.57 -16.83 58.94
C VAL A 88 22.65 -16.07 58.18
N ARG A 89 22.57 -16.05 56.83
CA ARG A 89 23.54 -15.30 56.02
C ARG A 89 23.43 -13.81 56.27
N ASN A 90 22.20 -13.28 56.29
CA ASN A 90 21.99 -11.86 56.57
C ASN A 90 22.29 -11.51 58.02
N ASN A 91 22.33 -12.51 58.90
CA ASN A 91 22.64 -12.27 60.29
C ASN A 91 24.12 -12.07 60.55
N LEU A 92 24.99 -12.46 59.61
CA LEU A 92 26.43 -12.30 59.72
C LEU A 92 26.98 -11.13 58.95
N ARG A 93 26.13 -10.42 58.19
CA ARG A 93 26.41 -9.28 57.31
C ARG A 93 27.20 -9.68 56.06
N VAL A 94 27.46 -10.97 55.84
CA VAL A 94 28.16 -11.41 54.64
C VAL A 94 27.19 -11.50 53.48
N ARG A 95 27.72 -11.66 52.28
CA ARG A 95 26.96 -11.93 51.06
C ARG A 95 27.58 -13.16 50.42
N LEU A 96 26.93 -13.66 49.37
CA LEU A 96 27.42 -14.84 48.67
C LEU A 96 28.79 -14.60 48.07
N GLY A 97 29.66 -15.60 48.17
CA GLY A 97 31.00 -15.48 47.69
C GLY A 97 32.00 -14.94 48.68
N ASP A 98 31.57 -14.68 49.91
CA ASP A 98 32.47 -14.21 50.96
C ASP A 98 32.97 -15.39 51.79
N VAL A 99 33.91 -15.11 52.68
CA VAL A 99 34.52 -16.14 53.51
C VAL A 99 34.18 -15.90 54.96
N ILE A 100 34.06 -17.00 55.71
CA ILE A 100 33.70 -16.96 57.12
C ILE A 100 34.61 -17.90 57.88
N SER A 101 34.47 -17.89 59.20
CA SER A 101 35.23 -18.76 60.09
C SER A 101 34.27 -19.68 60.84
N ILE A 102 34.63 -20.95 60.97
CA ILE A 102 33.79 -21.93 61.62
C ILE A 102 34.57 -22.48 62.81
N GLN A 103 33.84 -22.88 63.86
CA GLN A 103 34.45 -23.39 65.08
C GLN A 103 33.47 -24.34 65.77
N PRO A 104 33.96 -25.30 66.55
CA PRO A 104 33.05 -26.05 67.42
C PRO A 104 32.80 -25.34 68.74
N CYS A 105 31.53 -25.33 69.16
CA CYS A 105 31.09 -24.64 70.38
C CYS A 105 30.38 -25.62 71.31
N PRO A 106 31.14 -26.40 72.09
CA PRO A 106 30.51 -27.45 72.89
C PRO A 106 30.06 -27.00 74.27
N ASP A 107 29.95 -25.70 74.49
CA ASP A 107 29.62 -25.15 75.80
C ASP A 107 28.36 -24.28 75.75
N VAL A 108 27.34 -24.74 75.04
CA VAL A 108 26.03 -24.11 75.06
C VAL A 108 25.17 -24.85 76.06
N LYS A 109 24.29 -24.13 76.75
CA LYS A 109 23.46 -24.72 77.79
C LYS A 109 22.01 -24.34 77.51
N TYR A 110 21.10 -25.04 78.19
CA TYR A 110 19.68 -24.75 78.03
C TYR A 110 19.34 -23.44 78.73
N GLY A 111 18.38 -22.72 78.16
CA GLY A 111 17.98 -21.47 78.74
C GLY A 111 16.94 -21.63 79.82
N LYS A 112 16.76 -20.57 80.60
CA LYS A 112 15.72 -20.53 81.62
C LYS A 112 14.88 -19.25 81.59
N ARG A 113 15.16 -18.33 80.66
CA ARG A 113 14.42 -17.08 80.49
C ARG A 113 14.84 -16.43 79.18
N ILE A 114 13.88 -16.03 78.34
CA ILE A 114 14.17 -15.39 77.06
C ILE A 114 13.19 -14.22 77.00
N HIS A 115 13.47 -13.23 76.14
CA HIS A 115 12.59 -12.09 75.93
C HIS A 115 12.74 -11.73 74.46
N VAL A 116 11.62 -11.66 73.74
CA VAL A 116 11.60 -11.47 72.29
C VAL A 116 10.66 -10.31 72.01
N LEU A 117 10.94 -9.56 70.94
CA LEU A 117 10.12 -8.45 70.50
C LEU A 117 9.83 -8.57 69.01
N PRO A 118 8.77 -7.94 68.52
CA PRO A 118 8.55 -7.88 67.08
C PRO A 118 9.11 -6.61 66.46
N ILE A 119 9.11 -6.58 65.14
CA ILE A 119 9.53 -5.42 64.35
C ILE A 119 8.28 -4.72 63.87
N ASP A 120 8.20 -3.38 64.09
CA ASP A 120 6.95 -2.65 63.84
C ASP A 120 6.60 -2.56 62.36
N ASP A 121 7.62 -2.59 61.49
CA ASP A 121 7.39 -2.56 60.05
C ASP A 121 6.63 -3.80 59.56
N THR A 122 6.77 -4.92 60.27
CA THR A 122 6.19 -6.18 59.86
C THR A 122 4.79 -6.37 60.41
N VAL A 123 4.58 -6.05 61.68
CA VAL A 123 3.27 -6.21 62.29
C VAL A 123 2.38 -5.00 61.94
N GLU A 124 1.43 -5.23 61.06
CA GLU A 124 0.47 -4.24 60.64
C GLU A 124 -0.85 -4.96 60.47
N GLY A 125 -1.89 -4.49 61.15
CA GLY A 125 -3.16 -5.17 61.14
C GLY A 125 -3.18 -6.51 61.82
N ILE A 126 -2.15 -6.85 62.59
CA ILE A 126 -2.13 -8.08 63.37
C ILE A 126 -2.81 -7.80 64.70
N THR A 127 -3.93 -8.47 64.94
CA THR A 127 -4.69 -8.32 66.16
C THR A 127 -4.69 -9.65 66.91
N GLY A 128 -4.89 -9.56 68.22
CA GLY A 128 -4.72 -10.68 69.10
C GLY A 128 -3.35 -10.70 69.74
N ASN A 129 -2.96 -11.87 70.23
CA ASN A 129 -1.65 -12.07 70.81
C ASN A 129 -0.78 -12.88 69.87
N LEU A 130 0.48 -12.45 69.75
CA LEU A 130 1.44 -13.07 68.84
C LEU A 130 2.06 -14.35 69.37
N PHE A 131 2.08 -14.53 70.69
CA PHE A 131 2.71 -15.66 71.36
C PHE A 131 2.13 -17.01 70.92
N GLU A 132 0.85 -17.25 71.23
CA GLU A 132 0.26 -18.57 71.05
C GLU A 132 0.01 -18.94 69.60
N VAL A 133 0.11 -18.00 68.66
CA VAL A 133 -0.19 -18.29 67.26
C VAL A 133 1.12 -18.52 66.51
N TYR A 134 2.18 -17.83 66.92
CA TYR A 134 3.44 -17.88 66.18
C TYR A 134 4.58 -18.46 67.00
N LEU A 135 4.84 -17.98 68.21
CA LEU A 135 5.99 -18.46 68.95
C LEU A 135 5.75 -19.79 69.64
N LYS A 136 4.52 -20.25 69.72
CA LYS A 136 4.24 -21.56 70.27
C LYS A 136 4.56 -22.69 69.29
N PRO A 137 4.17 -22.69 67.99
CA PRO A 137 4.53 -23.84 67.16
C PRO A 137 5.97 -23.82 66.67
N TYR A 138 6.64 -22.66 66.73
CA TYR A 138 8.01 -22.57 66.24
C TYR A 138 8.98 -23.32 67.13
N PHE A 139 9.04 -22.96 68.41
CA PHE A 139 9.87 -23.70 69.37
C PHE A 139 9.13 -24.90 69.96
N LEU A 140 8.61 -25.77 69.10
CA LEU A 140 7.85 -26.93 69.54
C LEU A 140 8.57 -28.18 69.07
N GLU A 141 9.05 -28.98 70.04
CA GLU A 141 9.70 -30.28 69.83
C GLU A 141 10.93 -30.21 68.91
N ALA A 142 11.58 -29.04 68.88
CA ALA A 142 12.78 -28.84 68.06
C ALA A 142 13.73 -27.96 68.86
N TYR A 143 14.77 -28.57 69.40
CA TYR A 143 15.83 -27.87 70.13
C TYR A 143 16.57 -26.93 69.20
N ARG A 144 16.33 -25.63 69.33
CA ARG A 144 16.91 -24.65 68.44
C ARG A 144 17.86 -23.74 69.21
N PRO A 145 19.07 -23.51 68.71
CA PRO A 145 19.99 -22.61 69.41
C PRO A 145 19.82 -21.16 68.97
N ILE A 146 20.10 -20.25 69.91
CA ILE A 146 19.93 -18.83 69.68
C ILE A 146 21.05 -18.06 70.35
N ARG A 147 21.30 -16.85 69.85
CA ARG A 147 22.26 -15.92 70.41
C ARG A 147 21.57 -14.57 70.54
N LYS A 148 21.99 -13.79 71.54
CA LYS A 148 21.41 -12.48 71.81
C LYS A 148 21.62 -11.53 70.63
N GLY A 149 20.56 -10.86 70.22
CA GLY A 149 20.66 -9.84 69.20
C GLY A 149 20.47 -10.33 67.79
N ASP A 150 19.91 -11.52 67.59
CA ASP A 150 19.67 -11.98 66.25
C ASP A 150 18.26 -11.58 65.80
N ILE A 151 17.87 -12.00 64.59
CA ILE A 151 16.53 -11.81 64.08
C ILE A 151 16.14 -13.09 63.35
N PHE A 152 14.99 -13.65 63.68
CA PHE A 152 14.48 -14.82 62.99
C PHE A 152 13.10 -14.54 62.45
N LEU A 153 12.56 -15.50 61.69
CA LEU A 153 11.37 -15.27 60.89
C LEU A 153 10.45 -16.47 60.97
N VAL A 154 9.16 -16.22 61.18
CA VAL A 154 8.15 -17.27 61.28
C VAL A 154 7.05 -16.98 60.27
N ARG A 155 6.59 -18.02 59.59
CA ARG A 155 5.62 -17.89 58.52
C ARG A 155 4.29 -18.52 58.93
N GLY A 156 3.20 -17.87 58.55
CA GLY A 156 1.88 -18.39 58.85
C GLY A 156 0.84 -17.31 58.78
N GLY A 157 -0.42 -17.76 58.74
CA GLY A 157 -1.57 -16.86 58.63
C GLY A 157 -1.54 -15.93 57.45
N MET A 158 -1.00 -16.40 56.32
CA MET A 158 -0.79 -15.66 55.07
C MET A 158 0.09 -14.43 55.28
N ARG A 159 0.99 -14.48 56.27
CA ARG A 159 1.96 -13.43 56.53
C ARG A 159 3.28 -14.06 56.97
N ALA A 160 4.30 -13.23 57.08
CA ALA A 160 5.61 -13.65 57.56
C ALA A 160 6.09 -12.60 58.54
N VAL A 161 6.26 -12.99 59.80
CA VAL A 161 6.55 -12.05 60.88
C VAL A 161 7.95 -12.28 61.39
N GLU A 162 8.68 -11.19 61.62
CA GLU A 162 10.03 -11.22 62.14
C GLU A 162 10.03 -11.02 63.65
N PHE A 163 11.07 -11.52 64.30
CA PHE A 163 11.20 -11.44 65.75
C PHE A 163 12.66 -11.23 66.11
N LYS A 164 12.90 -10.37 67.09
CA LYS A 164 14.25 -10.03 67.54
C LYS A 164 14.43 -10.46 68.98
N VAL A 165 15.51 -11.19 69.26
CA VAL A 165 15.82 -11.63 70.62
C VAL A 165 16.52 -10.49 71.35
N VAL A 166 16.11 -10.23 72.59
CA VAL A 166 16.66 -9.12 73.35
C VAL A 166 17.56 -9.60 74.50
N GLU A 167 17.22 -10.71 75.14
CA GLU A 167 17.97 -11.17 76.29
C GLU A 167 18.03 -12.69 76.25
N THR A 168 18.92 -13.26 77.07
CA THR A 168 19.05 -14.70 77.24
C THR A 168 19.60 -14.92 78.65
N ASP A 169 19.08 -15.96 79.35
CA ASP A 169 19.46 -16.14 80.75
C ASP A 169 20.88 -16.75 80.86
N PRO A 170 21.28 -17.81 80.08
CA PRO A 170 22.73 -18.09 80.07
C PRO A 170 23.42 -17.28 78.98
N SER A 171 23.46 -15.94 79.19
CA SER A 171 23.90 -14.96 78.21
C SER A 171 25.35 -15.20 77.76
N PRO A 172 25.67 -14.91 76.49
CA PRO A 172 24.82 -14.36 75.43
C PRO A 172 24.31 -15.34 74.37
N TYR A 173 24.25 -16.65 74.66
CA TYR A 173 23.70 -17.62 73.71
C TYR A 173 23.33 -18.90 74.45
N CYS A 174 22.34 -19.61 73.91
CA CYS A 174 21.81 -20.81 74.58
C CYS A 174 21.10 -21.68 73.56
N ILE A 175 20.41 -22.72 74.06
CA ILE A 175 19.57 -23.62 73.28
C ILE A 175 18.18 -23.60 73.91
N VAL A 176 17.13 -23.65 73.09
CA VAL A 176 15.75 -23.63 73.55
C VAL A 176 15.35 -25.06 73.90
N ALA A 177 15.15 -25.31 75.16
CA ALA A 177 14.68 -26.56 75.75
C ALA A 177 13.19 -26.45 76.04
N PRO A 178 12.46 -27.58 76.19
CA PRO A 178 11.01 -27.50 76.49
C PRO A 178 10.62 -26.71 77.74
N ASP A 179 11.47 -26.66 78.76
CA ASP A 179 11.17 -25.98 80.00
C ASP A 179 11.74 -24.56 80.06
N THR A 180 11.87 -23.93 78.90
CA THR A 180 12.43 -22.59 78.80
C THR A 180 11.28 -21.60 78.64
N VAL A 181 11.00 -20.84 79.71
CA VAL A 181 9.91 -19.85 79.66
C VAL A 181 10.26 -18.72 78.71
N ILE A 182 9.23 -18.12 78.13
CA ILE A 182 9.39 -17.01 77.20
C ILE A 182 8.51 -15.89 77.69
N HIS A 183 9.10 -14.74 77.99
CA HIS A 183 8.37 -13.55 78.38
C HIS A 183 8.26 -12.69 77.13
N CYS A 184 7.16 -12.84 76.39
CA CYS A 184 6.90 -12.02 75.22
C CYS A 184 6.16 -10.76 75.68
N GLU A 185 6.91 -9.90 76.35
CA GLU A 185 6.38 -8.71 77.00
C GLU A 185 7.03 -7.48 76.39
N GLY A 186 6.22 -6.49 76.03
CA GLY A 186 6.78 -5.26 75.53
C GLY A 186 6.07 -4.78 74.29
N GLU A 187 6.64 -3.75 73.68
CA GLU A 187 6.10 -3.05 72.53
C GLU A 187 7.05 -3.23 71.35
N PRO A 188 6.57 -3.04 70.10
CA PRO A 188 7.44 -3.22 68.92
C PRO A 188 8.69 -2.35 68.89
N ILE A 189 9.73 -2.85 68.24
CA ILE A 189 11.02 -2.19 68.19
C ILE A 189 11.24 -1.74 66.74
N LYS A 190 12.11 -0.76 66.56
CA LYS A 190 12.32 -0.13 65.26
C LYS A 190 13.43 -0.82 64.48
N ARG A 191 13.24 -0.95 63.18
CA ARG A 191 14.29 -1.47 62.32
C ARG A 191 15.29 -0.35 62.07
N GLU A 192 16.55 -0.58 62.40
CA GLU A 192 17.57 0.44 62.22
C GLU A 192 18.04 0.49 60.77
N ASP A 193 19.02 1.34 60.50
CA ASP A 193 19.48 1.60 59.14
C ASP A 193 20.64 0.72 58.73
N GLU A 194 20.89 -0.39 59.43
CA GLU A 194 22.00 -1.27 59.10
C GLU A 194 21.57 -2.60 58.48
N GLU A 195 20.59 -3.29 59.04
CA GLU A 195 20.15 -4.55 58.47
C GLU A 195 19.09 -4.29 57.42
N GLU A 196 19.03 -5.17 56.44
CA GLU A 196 18.07 -5.04 55.36
C GLU A 196 16.86 -5.90 55.67
N SER A 197 15.75 -5.58 55.02
CA SER A 197 14.51 -6.30 55.25
C SER A 197 14.56 -7.69 54.62
N LEU A 198 13.63 -8.54 55.05
CA LEU A 198 13.53 -9.89 54.52
C LEU A 198 12.26 -10.11 53.72
N ASN A 199 11.52 -9.06 53.42
CA ASN A 199 10.45 -9.15 52.44
C ASN A 199 10.92 -8.70 51.07
N GLU A 200 12.22 -8.41 50.93
CA GLU A 200 12.81 -8.02 49.66
C GLU A 200 12.99 -9.26 48.78
N VAL A 201 13.64 -9.06 47.64
CA VAL A 201 13.78 -10.10 46.64
C VAL A 201 15.18 -10.67 46.77
N GLY A 202 15.30 -11.98 46.59
CA GLY A 202 16.58 -12.65 46.56
C GLY A 202 16.43 -13.81 45.60
N TYR A 203 17.54 -14.54 45.38
CA TYR A 203 17.54 -15.68 44.47
C TYR A 203 16.60 -16.80 44.90
N ASP A 204 16.23 -16.86 46.18
CA ASP A 204 15.32 -17.89 46.67
C ASP A 204 13.89 -17.66 46.23
N ASP A 205 13.54 -16.44 45.85
CA ASP A 205 12.19 -16.08 45.42
C ASP A 205 12.03 -16.14 43.92
N ILE A 206 12.75 -17.03 43.24
CA ILE A 206 12.69 -17.18 41.80
C ILE A 206 12.60 -18.67 41.53
N GLY A 207 11.43 -19.13 41.08
CA GLY A 207 11.24 -20.53 40.78
C GLY A 207 11.60 -20.82 39.34
N GLY A 208 12.24 -21.98 39.13
CA GLY A 208 12.72 -22.37 37.81
C GLY A 208 13.81 -21.44 37.32
N CYS A 209 14.17 -21.62 36.04
CA CYS A 209 15.13 -20.79 35.30
C CYS A 209 16.50 -20.80 35.99
N ARG A 210 17.11 -21.97 35.98
CA ARG A 210 18.40 -22.14 36.66
C ARG A 210 19.58 -21.80 35.78
N LYS A 211 19.57 -22.25 34.53
CA LYS A 211 20.70 -22.04 33.63
C LYS A 211 20.91 -20.56 33.32
N GLN A 212 19.82 -19.83 33.07
CA GLN A 212 19.92 -18.41 32.79
C GLN A 212 20.38 -17.63 34.01
N LEU A 213 19.93 -18.04 35.20
CA LEU A 213 20.40 -17.44 36.44
C LEU A 213 21.90 -17.64 36.60
N ALA A 214 22.39 -18.84 36.26
CA ALA A 214 23.82 -19.13 36.31
C ALA A 214 24.60 -18.21 35.38
N GLN A 215 24.11 -18.04 34.15
CA GLN A 215 24.75 -17.16 33.16
C GLN A 215 24.83 -15.72 33.65
N ILE A 216 23.70 -15.16 34.09
CA ILE A 216 23.68 -13.76 34.55
C ILE A 216 24.55 -13.58 35.79
N LYS A 217 24.59 -14.59 36.68
CA LYS A 217 25.40 -14.48 37.88
C LYS A 217 26.89 -14.48 37.55
N GLU A 218 27.31 -15.33 36.61
CA GLU A 218 28.71 -15.33 36.22
C GLU A 218 29.06 -14.14 35.33
N MET A 219 28.07 -13.47 34.74
CA MET A 219 28.34 -12.35 33.85
C MET A 219 28.57 -11.03 34.58
N VAL A 220 28.07 -10.88 35.80
CA VAL A 220 28.19 -9.64 36.55
C VAL A 220 28.93 -9.84 37.88
N GLU A 221 29.62 -10.97 38.01
CA GLU A 221 30.30 -11.32 39.26
C GLU A 221 31.48 -10.39 39.51
N LEU A 222 32.44 -10.38 38.58
CA LEU A 222 33.66 -9.58 38.76
C LEU A 222 33.41 -8.07 38.80
N PRO A 223 32.70 -7.41 37.84
CA PRO A 223 32.57 -5.94 37.93
C PRO A 223 31.87 -5.42 39.17
N LEU A 224 30.96 -6.20 39.74
CA LEU A 224 30.15 -5.77 40.86
C LEU A 224 30.69 -6.21 42.21
N ARG A 225 31.46 -7.30 42.25
CA ARG A 225 32.00 -7.74 43.53
C ARG A 225 33.37 -7.17 43.78
N HIS A 226 34.26 -7.24 42.79
CA HIS A 226 35.60 -6.71 42.91
C HIS A 226 35.81 -5.55 41.93
N PRO A 227 35.41 -4.33 42.30
CA PRO A 227 35.52 -3.21 41.36
C PRO A 227 36.94 -2.69 41.17
N ALA A 228 37.79 -2.83 42.19
CA ALA A 228 39.15 -2.32 42.12
C ALA A 228 40.02 -3.09 41.14
N LEU A 229 39.68 -4.36 40.87
CA LEU A 229 40.42 -5.22 39.93
C LEU A 229 40.48 -4.62 38.54
N PHE A 230 39.47 -3.85 38.14
CA PHE A 230 39.44 -3.22 36.84
C PHE A 230 40.14 -1.87 36.83
N LYS A 231 41.00 -1.61 37.82
CA LYS A 231 41.99 -0.55 37.77
C LYS A 231 43.40 -1.11 37.65
N ALA A 232 43.54 -2.43 37.68
CA ALA A 232 44.84 -3.08 37.63
C ALA A 232 45.05 -3.88 36.35
N ILE A 233 44.05 -4.00 35.49
CA ILE A 233 44.18 -4.70 34.22
C ILE A 233 43.40 -3.94 33.16
N GLY A 234 43.89 -4.00 31.94
CA GLY A 234 43.12 -3.49 30.83
C GLY A 234 42.35 -4.62 30.19
N VAL A 235 41.11 -4.83 30.62
CA VAL A 235 40.20 -5.85 30.11
C VAL A 235 38.80 -5.26 30.24
N LYS A 236 38.04 -5.29 29.16
CA LYS A 236 36.73 -4.68 29.14
C LYS A 236 35.67 -5.70 29.54
N PRO A 237 34.98 -5.51 30.66
CA PRO A 237 33.92 -6.43 31.03
C PRO A 237 32.66 -6.12 30.24
N PRO A 238 31.72 -7.07 30.12
CA PRO A 238 30.48 -6.79 29.38
C PRO A 238 29.63 -5.76 30.12
N ARG A 239 29.00 -4.88 29.35
CA ARG A 239 28.19 -3.81 29.93
C ARG A 239 26.75 -3.77 29.43
N GLY A 240 26.41 -4.49 28.37
CA GLY A 240 25.06 -4.49 27.86
C GLY A 240 24.40 -5.86 27.90
N ILE A 241 23.33 -5.98 28.67
CA ILE A 241 22.58 -7.23 28.82
C ILE A 241 21.15 -6.95 28.40
N LEU A 242 20.55 -7.89 27.68
CA LEU A 242 19.18 -7.74 27.18
C LEU A 242 18.42 -9.02 27.49
N LEU A 243 17.44 -8.92 28.38
CA LEU A 243 16.59 -10.04 28.76
C LEU A 243 15.32 -10.02 27.93
N TYR A 244 14.92 -11.15 27.38
CA TYR A 244 13.65 -11.17 26.68
C TYR A 244 12.91 -12.47 26.92
N GLY A 245 11.62 -12.43 26.67
CA GLY A 245 10.72 -13.52 26.92
C GLY A 245 9.31 -12.95 26.95
N PRO A 246 8.30 -13.82 26.93
CA PRO A 246 6.88 -13.36 26.96
C PRO A 246 6.57 -12.55 28.21
N PRO A 247 5.55 -11.68 28.17
CA PRO A 247 5.20 -10.93 29.37
C PRO A 247 4.64 -11.83 30.46
N GLY A 248 4.99 -11.51 31.69
CA GLY A 248 4.59 -12.31 32.83
C GLY A 248 5.62 -13.33 33.27
N THR A 249 6.85 -13.24 32.79
CA THR A 249 7.91 -14.17 33.14
C THR A 249 8.85 -13.64 34.21
N GLY A 250 8.56 -12.49 34.80
CA GLY A 250 9.33 -12.00 35.93
C GLY A 250 10.74 -11.58 35.61
N LYS A 251 10.93 -10.49 34.86
CA LYS A 251 12.25 -9.99 34.51
C LYS A 251 12.75 -8.89 35.44
N THR A 252 11.86 -7.98 35.85
CA THR A 252 12.20 -6.98 36.86
C THR A 252 12.51 -7.64 38.19
N LEU A 253 11.89 -8.79 38.46
CA LEU A 253 12.17 -9.63 39.61
C LEU A 253 13.64 -10.05 39.61
N ILE A 254 14.10 -10.65 38.51
CA ILE A 254 15.48 -11.11 38.32
C ILE A 254 16.45 -9.94 38.49
N ALA A 255 16.07 -8.77 37.97
CA ALA A 255 16.91 -7.57 38.08
C ALA A 255 17.10 -7.15 39.53
N ARG A 256 15.98 -6.89 40.26
CA ARG A 256 16.05 -6.56 41.68
C ARG A 256 16.77 -7.62 42.50
N ALA A 257 16.65 -8.90 42.11
CA ALA A 257 17.26 -10.00 42.83
C ALA A 257 18.77 -9.89 42.76
N VAL A 258 19.29 -9.87 41.52
CA VAL A 258 20.72 -9.69 41.24
C VAL A 258 21.23 -8.45 41.97
N ALA A 259 20.53 -7.31 41.83
CA ALA A 259 20.95 -6.06 42.44
C ALA A 259 20.98 -6.12 43.96
N ASN A 260 20.13 -6.93 44.58
CA ASN A 260 20.14 -7.03 46.03
C ASN A 260 21.18 -8.00 46.53
N GLU A 261 21.44 -9.08 45.80
CA GLU A 261 22.39 -10.07 46.29
C GLU A 261 23.84 -9.65 46.12
N THR A 262 24.14 -8.73 45.22
CA THR A 262 25.48 -8.19 45.10
C THR A 262 25.68 -6.91 45.89
N GLY A 263 24.63 -6.39 46.53
CA GLY A 263 24.76 -5.17 47.27
C GLY A 263 24.95 -3.92 46.45
N ALA A 264 24.64 -3.97 45.15
CA ALA A 264 24.85 -2.86 44.24
C ALA A 264 23.66 -1.92 44.28
N PHE A 265 23.90 -0.69 43.82
CA PHE A 265 22.84 0.30 43.72
C PHE A 265 21.97 -0.01 42.50
N PHE A 266 20.68 0.29 42.61
CA PHE A 266 19.70 -0.08 41.60
C PHE A 266 18.87 1.15 41.27
N PHE A 267 18.92 1.58 40.00
CA PHE A 267 18.09 2.65 39.50
C PHE A 267 17.15 2.09 38.45
N LEU A 268 15.91 2.60 38.42
CA LEU A 268 14.87 2.05 37.59
C LEU A 268 14.32 3.12 36.66
N ILE A 269 14.43 2.89 35.37
CA ILE A 269 13.83 3.73 34.34
C ILE A 269 12.78 2.88 33.67
N ASN A 270 11.68 3.50 33.27
CA ASN A 270 10.60 2.81 32.59
C ASN A 270 10.02 3.63 31.47
N GLY A 271 9.53 2.92 30.45
CA GLY A 271 9.07 3.49 29.20
C GLY A 271 7.94 4.50 29.32
N PRO A 272 6.73 4.06 29.73
CA PRO A 272 5.58 4.98 29.80
C PRO A 272 5.78 6.23 30.65
N GLU A 273 6.47 6.14 31.79
CA GLU A 273 6.75 7.32 32.61
C GLU A 273 7.63 8.33 31.87
N ILE A 274 8.51 7.86 30.99
CA ILE A 274 9.36 8.77 30.24
C ILE A 274 8.58 9.38 29.09
N MET A 275 7.81 8.55 28.37
CA MET A 275 7.08 9.00 27.19
C MET A 275 5.77 9.72 27.51
N SER A 276 5.48 10.04 28.76
CA SER A 276 4.27 10.75 29.14
C SER A 276 4.55 12.17 29.59
N LYS A 277 5.78 12.64 29.43
CA LYS A 277 6.16 13.96 29.85
C LYS A 277 6.24 14.88 28.63
N LEU A 278 6.65 16.11 28.87
CA LEU A 278 7.01 17.03 27.80
C LEU A 278 8.41 16.68 27.30
N ALA A 279 8.83 17.33 26.21
CA ALA A 279 10.10 17.02 25.54
C ALA A 279 11.30 17.24 26.45
N GLY A 280 11.51 18.50 26.88
CA GLY A 280 12.66 18.87 27.70
C GLY A 280 12.74 18.10 29.01
N GLU A 281 11.59 17.86 29.63
CA GLU A 281 11.54 17.12 30.89
C GLU A 281 11.95 15.67 30.69
N SER A 282 11.53 15.07 29.58
CA SER A 282 11.89 13.68 29.27
C SER A 282 13.41 13.54 29.06
N GLU A 283 14.00 14.45 28.26
CA GLU A 283 15.45 14.41 28.05
C GLU A 283 16.21 14.65 29.34
N SER A 284 15.74 15.61 30.15
CA SER A 284 16.40 15.93 31.40
C SER A 284 16.36 14.77 32.39
N ASN A 285 15.24 14.04 32.44
CA ASN A 285 15.14 12.87 33.31
C ASN A 285 16.07 11.76 32.84
N LEU A 286 16.09 11.50 31.51
CA LEU A 286 16.97 10.49 30.94
C LEU A 286 18.44 10.79 31.21
N ARG A 287 18.81 12.08 31.21
CA ARG A 287 20.20 12.46 31.48
C ARG A 287 20.52 12.34 32.97
N LYS A 288 19.61 12.83 33.83
CA LYS A 288 19.80 12.81 35.27
C LYS A 288 19.94 11.40 35.82
N ALA A 289 19.21 10.45 35.23
CA ALA A 289 19.28 9.04 35.64
C ALA A 289 20.71 8.53 35.54
N PHE A 290 21.35 8.75 34.38
CA PHE A 290 22.72 8.32 34.15
C PHE A 290 23.70 9.03 35.08
N GLU A 291 23.60 10.38 35.18
CA GLU A 291 24.49 11.14 36.09
C GLU A 291 24.46 10.62 37.53
N GLU A 292 23.25 10.56 38.12
CA GLU A 292 23.02 10.04 39.47
C GLU A 292 23.59 8.64 39.62
N ALA A 293 23.11 7.72 38.76
CA ALA A 293 23.57 6.33 38.70
C ALA A 293 25.10 6.23 38.72
N GLU A 294 25.76 6.98 37.83
CA GLU A 294 27.21 7.01 37.70
C GLU A 294 27.89 7.34 39.03
N LYS A 295 27.45 8.44 39.66
CA LYS A 295 28.05 8.95 40.92
C LYS A 295 28.17 7.90 42.02
N ASN A 296 27.10 7.13 42.23
CA ASN A 296 27.10 6.02 43.19
C ASN A 296 27.66 4.77 42.52
N ALA A 297 28.69 4.17 43.10
CA ALA A 297 29.26 3.05 42.37
C ALA A 297 29.70 1.90 43.25
N PRO A 298 29.50 0.63 42.81
CA PRO A 298 28.92 0.17 41.55
C PRO A 298 27.38 0.23 41.49
N ALA A 299 26.85 0.39 40.29
CA ALA A 299 25.43 0.62 40.07
C ALA A 299 24.90 -0.28 38.97
N ILE A 300 23.58 -0.37 38.88
CA ILE A 300 22.86 -1.08 37.83
C ILE A 300 21.72 -0.19 37.36
N ILE A 301 21.56 -0.03 36.05
CA ILE A 301 20.48 0.77 35.48
C ILE A 301 19.58 -0.19 34.71
N PHE A 302 18.28 -0.14 34.99
CA PHE A 302 17.34 -1.06 34.38
C PHE A 302 16.32 -0.29 33.56
N ILE A 303 16.22 -0.61 32.28
CA ILE A 303 15.27 0.04 31.37
C ILE A 303 14.29 -1.02 30.89
N ASP A 304 13.17 -1.14 31.58
CA ASP A 304 12.12 -2.05 31.14
C ASP A 304 11.20 -1.34 30.16
N GLU A 305 10.55 -2.14 29.30
CA GLU A 305 9.77 -1.67 28.15
C GLU A 305 10.65 -0.83 27.24
N LEU A 306 11.77 -1.42 26.82
CA LEU A 306 12.65 -0.75 25.87
C LEU A 306 11.99 -0.64 24.51
N ASP A 307 11.19 -1.64 24.13
CA ASP A 307 10.38 -1.64 22.91
C ASP A 307 9.52 -0.39 22.77
N ALA A 308 9.05 0.16 23.89
CA ALA A 308 8.18 1.32 23.88
C ALA A 308 8.98 2.57 23.52
N ILE A 309 10.08 2.79 24.24
CA ILE A 309 10.83 4.02 24.10
C ILE A 309 11.77 4.01 22.88
N ALA A 310 12.24 2.84 22.45
CA ALA A 310 13.11 2.74 21.28
C ALA A 310 12.59 1.71 20.27
N PRO A 311 11.47 1.98 19.57
CA PRO A 311 10.99 1.00 18.59
C PRO A 311 11.75 1.10 17.29
N LYS A 312 11.32 0.33 16.29
CA LYS A 312 11.87 0.42 14.93
C LYS A 312 11.76 1.85 14.40
N ARG A 313 12.70 2.21 13.52
CA ARG A 313 12.82 3.59 13.01
C ARG A 313 11.55 4.05 12.29
N GLU A 314 11.08 3.27 11.32
CA GLU A 314 9.87 3.64 10.57
C GLU A 314 8.60 3.63 11.43
N LYS A 315 8.62 3.03 12.62
CA LYS A 315 7.51 3.08 13.55
C LYS A 315 7.52 4.34 14.40
N THR A 316 8.53 5.18 14.27
CA THR A 316 8.56 6.49 14.92
C THR A 316 8.13 7.49 13.86
N HIS A 317 6.82 7.66 13.74
CA HIS A 317 6.26 8.56 12.75
C HIS A 317 6.48 10.02 13.09
N GLY A 318 6.70 10.35 14.36
CA GLY A 318 6.88 11.71 14.81
C GLY A 318 8.32 12.16 14.72
N GLU A 319 8.64 13.19 15.51
CA GLU A 319 9.96 13.79 15.52
C GLU A 319 10.65 13.66 16.88
N VAL A 320 9.94 13.96 17.98
CA VAL A 320 10.52 13.94 19.32
C VAL A 320 10.98 12.54 19.72
N GLU A 321 10.30 11.50 19.20
CA GLU A 321 10.69 10.12 19.43
C GLU A 321 12.08 9.83 18.93
N ARG A 322 12.43 10.35 17.76
CA ARG A 322 13.76 10.14 17.19
C ARG A 322 14.82 10.83 18.03
N ARG A 323 14.50 12.01 18.56
CA ARG A 323 15.39 12.70 19.49
C ARG A 323 15.65 11.88 20.74
N ILE A 324 14.61 11.22 21.26
CA ILE A 324 14.77 10.40 22.47
C ILE A 324 15.64 9.17 22.18
N VAL A 325 15.42 8.53 21.02
CA VAL A 325 16.22 7.36 20.65
C VAL A 325 17.69 7.72 20.46
N SER A 326 17.95 8.88 19.82
CA SER A 326 19.33 9.33 19.61
C SER A 326 20.00 9.72 20.92
N GLN A 327 19.23 10.33 21.84
CA GLN A 327 19.74 10.65 23.17
C GLN A 327 20.11 9.39 23.93
N LEU A 328 19.29 8.34 23.84
CA LEU A 328 19.61 7.07 24.47
C LEU A 328 20.87 6.46 23.86
N LEU A 329 21.02 6.57 22.54
CA LEU A 329 22.21 6.07 21.85
C LEU A 329 23.48 6.74 22.35
N THR A 330 23.50 8.07 22.41
CA THR A 330 24.72 8.75 22.87
C THR A 330 25.00 8.51 24.35
N LEU A 331 23.95 8.35 25.18
CA LEU A 331 24.15 8.04 26.58
C LEU A 331 24.76 6.65 26.76
N MET A 332 24.27 5.67 26.00
CA MET A 332 24.86 4.33 26.06
C MET A 332 26.30 4.35 25.54
N ASP A 333 26.57 5.17 24.51
CA ASP A 333 27.88 5.18 23.90
C ASP A 333 28.91 5.92 24.74
N GLY A 334 28.48 6.69 25.72
CA GLY A 334 29.45 7.39 26.52
C GLY A 334 29.89 6.65 27.76
N LEU A 335 29.40 5.43 27.96
CA LEU A 335 29.82 4.57 29.05
C LEU A 335 30.80 3.48 28.63
N LYS A 336 31.42 3.61 27.46
CA LYS A 336 32.41 2.62 27.04
C LYS A 336 33.69 2.70 27.87
N GLN A 337 33.99 3.87 28.45
CA GLN A 337 35.17 3.96 29.30
C GLN A 337 34.88 3.43 30.71
N ARG A 338 33.80 3.89 31.33
CA ARG A 338 33.53 3.60 32.73
C ARG A 338 33.08 2.15 32.89
N ALA A 339 33.66 1.46 33.85
CA ALA A 339 33.49 0.03 34.00
C ALA A 339 32.74 -0.38 35.24
N HIS A 340 32.13 0.56 35.96
CA HIS A 340 31.45 0.24 37.20
C HIS A 340 29.94 0.23 37.06
N VAL A 341 29.42 0.73 35.95
CA VAL A 341 27.99 0.82 35.73
C VAL A 341 27.59 -0.23 34.69
N ILE A 342 26.49 -0.92 34.95
CA ILE A 342 25.98 -1.97 34.08
C ILE A 342 24.55 -1.59 33.70
N VAL A 343 24.19 -1.81 32.45
CA VAL A 343 22.86 -1.46 31.95
C VAL A 343 22.18 -2.74 31.54
N MET A 344 20.99 -2.99 32.09
CA MET A 344 20.18 -4.14 31.74
C MET A 344 18.84 -3.65 31.23
N ALA A 345 18.24 -4.40 30.31
CA ALA A 345 16.99 -3.99 29.72
C ALA A 345 16.11 -5.21 29.49
N ALA A 346 14.82 -4.96 29.30
CA ALA A 346 13.87 -6.05 29.12
C ALA A 346 12.92 -5.74 27.97
N THR A 347 12.68 -6.74 27.12
CA THR A 347 11.78 -6.64 25.96
C THR A 347 10.96 -7.91 25.88
N ASN A 348 10.26 -8.10 24.76
CA ASN A 348 9.46 -9.29 24.51
C ASN A 348 10.01 -10.19 23.43
N ARG A 349 10.73 -9.64 22.46
CA ARG A 349 11.33 -10.40 21.36
C ARG A 349 12.47 -9.55 20.80
N PRO A 350 13.54 -10.18 20.28
CA PRO A 350 14.70 -9.38 19.84
C PRO A 350 14.46 -8.52 18.63
N ASN A 351 13.47 -8.85 17.80
CA ASN A 351 13.20 -8.14 16.56
C ASN A 351 12.09 -7.11 16.71
N SER A 352 11.98 -6.49 17.87
CA SER A 352 10.98 -5.46 18.10
C SER A 352 11.58 -4.13 18.47
N ILE A 353 12.91 -4.03 18.51
CA ILE A 353 13.59 -2.81 18.91
C ILE A 353 14.42 -2.29 17.75
N ASP A 354 15.09 -1.19 17.98
CA ASP A 354 15.92 -0.52 16.99
C ASP A 354 17.14 -1.40 16.69
N PRO A 355 17.45 -1.68 15.41
CA PRO A 355 18.60 -2.54 15.11
C PRO A 355 19.94 -1.92 15.49
N ALA A 356 20.04 -0.60 15.58
CA ALA A 356 21.28 0.08 15.92
C ALA A 356 21.60 -0.01 17.41
N LEU A 357 20.76 -0.64 18.22
CA LEU A 357 21.04 -0.85 19.63
C LEU A 357 21.75 -2.18 19.88
N ARG A 358 21.43 -3.21 19.10
CA ARG A 358 22.03 -4.53 19.27
C ARG A 358 23.36 -4.60 18.53
N ARG A 359 24.31 -3.81 19.00
CA ARG A 359 25.65 -3.75 18.45
C ARG A 359 26.63 -3.72 19.59
N PHE A 360 27.90 -3.94 19.26
CA PHE A 360 28.98 -3.95 20.24
C PHE A 360 29.11 -2.58 20.90
N GLY A 361 29.23 -2.58 22.20
CA GLY A 361 29.29 -1.36 22.96
C GLY A 361 27.96 -0.95 23.57
N ARG A 362 26.84 -1.44 23.04
CA ARG A 362 25.54 -1.08 23.57
C ARG A 362 24.78 -2.25 24.19
N PHE A 363 24.44 -3.27 23.43
CA PHE A 363 23.69 -4.41 23.99
C PHE A 363 24.19 -5.65 23.26
N ASP A 364 25.25 -6.25 23.79
CA ASP A 364 25.92 -7.36 23.14
C ASP A 364 25.65 -8.71 23.79
N ARG A 365 25.14 -8.76 25.01
CA ARG A 365 24.77 -10.01 25.65
C ARG A 365 23.25 -10.11 25.66
N GLU A 366 22.73 -11.27 25.30
CA GLU A 366 21.29 -11.50 25.21
C GLU A 366 20.93 -12.79 25.94
N VAL A 367 19.88 -12.73 26.78
CA VAL A 367 19.40 -13.87 27.56
C VAL A 367 17.91 -14.03 27.27
N ASP A 368 17.46 -15.28 27.18
CA ASP A 368 16.06 -15.63 26.92
C ASP A 368 15.55 -16.35 28.16
N ILE A 369 14.54 -15.78 28.81
CA ILE A 369 13.98 -16.38 30.02
C ILE A 369 13.12 -17.59 29.67
N GLY A 370 12.03 -17.38 28.94
CA GLY A 370 11.23 -18.49 28.45
C GLY A 370 10.19 -19.01 29.42
N ILE A 371 9.47 -20.04 28.98
CA ILE A 371 8.30 -20.55 29.68
C ILE A 371 8.77 -21.66 30.62
N PRO A 372 8.24 -21.76 31.85
CA PRO A 372 8.70 -22.82 32.76
C PRO A 372 8.25 -24.21 32.37
N ASP A 373 9.08 -25.17 32.72
CA ASP A 373 8.82 -26.59 32.55
C ASP A 373 8.09 -27.07 33.81
N ALA A 374 7.55 -28.29 33.75
CA ALA A 374 6.73 -28.87 34.83
C ALA A 374 7.44 -28.90 36.19
N THR A 375 8.75 -29.13 36.21
CA THR A 375 9.47 -29.07 37.48
C THR A 375 9.59 -27.64 37.96
N GLY A 376 9.91 -26.73 37.03
CA GLY A 376 9.88 -25.31 37.33
C GLY A 376 8.53 -24.83 37.81
N ARG A 377 7.44 -25.36 37.21
CA ARG A 377 6.10 -24.99 37.63
C ARG A 377 5.82 -25.45 39.04
N LEU A 378 6.29 -26.65 39.39
CA LEU A 378 6.18 -27.13 40.77
C LEU A 378 6.95 -26.23 41.72
N GLU A 379 8.13 -25.76 41.28
CA GLU A 379 8.93 -24.83 42.08
C GLU A 379 8.20 -23.52 42.35
N ILE A 380 7.54 -22.95 41.32
CA ILE A 380 6.82 -21.69 41.47
C ILE A 380 5.61 -21.86 42.39
N LEU A 381 4.88 -22.97 42.23
CA LEU A 381 3.75 -23.28 43.11
C LEU A 381 4.21 -23.44 44.56
N GLN A 382 5.38 -24.02 44.78
CA GLN A 382 5.92 -24.09 46.13
C GLN A 382 6.33 -22.72 46.66
N ILE A 383 6.80 -21.82 45.79
CA ILE A 383 7.19 -20.48 46.23
C ILE A 383 5.99 -19.70 46.72
N HIS A 384 4.88 -19.76 45.98
CA HIS A 384 3.81 -18.82 46.31
C HIS A 384 2.88 -19.31 47.42
N THR A 385 2.84 -20.61 47.69
CA THR A 385 2.10 -21.17 48.81
C THR A 385 3.01 -21.39 50.01
N LYS A 386 3.96 -20.48 50.23
CA LYS A 386 4.99 -20.69 51.24
C LYS A 386 4.45 -20.55 52.65
N ASN A 387 3.45 -19.70 52.84
CA ASN A 387 2.86 -19.47 54.15
C ASN A 387 1.34 -19.46 54.06
N MET A 388 0.77 -20.47 53.43
CA MET A 388 -0.66 -20.51 53.21
C MET A 388 -1.41 -21.53 54.07
N LYS A 389 -0.70 -22.52 54.63
CA LYS A 389 -1.26 -23.60 55.46
C LYS A 389 -2.27 -24.42 54.66
N LEU A 390 -1.75 -25.11 53.64
CA LEU A 390 -2.57 -26.02 52.86
C LEU A 390 -2.95 -27.23 53.70
N ALA A 391 -3.93 -27.99 53.22
CA ALA A 391 -4.34 -29.22 53.90
C ALA A 391 -3.40 -30.36 53.51
N ASP A 392 -3.80 -31.58 53.87
CA ASP A 392 -2.99 -32.75 53.63
C ASP A 392 -3.29 -33.42 52.29
N ASP A 393 -4.53 -33.31 51.81
CA ASP A 393 -4.88 -33.93 50.55
C ASP A 393 -4.35 -33.18 49.33
N VAL A 394 -3.85 -31.96 49.50
CA VAL A 394 -3.39 -31.15 48.37
C VAL A 394 -2.11 -31.76 47.83
N ASP A 395 -2.13 -32.15 46.56
CA ASP A 395 -0.99 -32.74 45.87
C ASP A 395 -0.60 -31.77 44.77
N LEU A 396 0.42 -30.93 45.02
CA LEU A 396 0.87 -29.94 44.06
C LEU A 396 1.45 -30.53 42.77
N GLU A 397 1.86 -31.81 42.79
CA GLU A 397 2.37 -32.45 41.58
C GLU A 397 1.28 -32.58 40.52
N GLN A 398 0.04 -32.87 40.95
CA GLN A 398 -1.11 -32.93 40.04
C GLN A 398 -1.29 -31.60 39.32
N VAL A 399 -1.32 -30.51 40.12
CA VAL A 399 -1.53 -29.15 39.60
C VAL A 399 -0.42 -28.79 38.64
N ALA A 400 0.83 -29.04 39.05
CA ALA A 400 1.99 -28.79 38.19
C ALA A 400 1.98 -29.62 36.91
N ASN A 401 1.26 -30.75 36.89
CA ASN A 401 1.13 -31.54 35.67
C ASN A 401 -0.06 -31.11 34.80
N GLU A 402 -0.98 -30.30 35.30
CA GLU A 402 -2.15 -29.93 34.51
C GLU A 402 -2.21 -28.44 34.16
N THR A 403 -1.10 -27.71 34.31
CA THR A 403 -1.07 -26.29 33.96
C THR A 403 -0.14 -26.01 32.79
N HIS A 404 -0.22 -26.82 31.74
CA HIS A 404 0.62 -26.64 30.57
C HIS A 404 0.20 -25.38 29.81
N GLY A 405 1.04 -24.35 29.86
CA GLY A 405 0.79 -23.11 29.16
C GLY A 405 0.68 -21.93 30.09
N HIS A 406 1.15 -22.10 31.32
CA HIS A 406 1.08 -21.08 32.34
C HIS A 406 2.46 -20.54 32.67
N VAL A 407 2.53 -19.23 32.87
CA VAL A 407 3.74 -18.55 33.29
C VAL A 407 3.56 -18.18 34.75
N GLY A 408 4.64 -17.67 35.35
CA GLY A 408 4.69 -17.41 36.79
C GLY A 408 3.58 -16.53 37.34
N ALA A 409 3.19 -15.50 36.58
CA ALA A 409 2.09 -14.63 36.98
C ALA A 409 0.77 -15.37 37.02
N ASP A 410 0.57 -16.33 36.09
CA ASP A 410 -0.62 -17.16 36.09
C ASP A 410 -0.69 -18.02 37.35
N LEU A 411 0.43 -18.60 37.75
CA LEU A 411 0.46 -19.46 38.93
C LEU A 411 0.27 -18.64 40.20
N ALA A 412 0.83 -17.43 40.26
CA ALA A 412 0.61 -16.52 41.38
C ALA A 412 -0.86 -16.16 41.52
N ALA A 413 -1.50 -15.84 40.39
CA ALA A 413 -2.92 -15.51 40.38
C ALA A 413 -3.77 -16.72 40.76
N LEU A 414 -3.35 -17.91 40.34
CA LEU A 414 -4.03 -19.16 40.67
C LEU A 414 -4.05 -19.41 42.18
N CYS A 415 -2.88 -19.27 42.81
CA CYS A 415 -2.78 -19.46 44.26
C CYS A 415 -3.59 -18.40 45.00
N SER A 416 -3.56 -17.15 44.51
CA SER A 416 -4.31 -16.08 45.16
C SER A 416 -5.82 -16.31 45.04
N GLU A 417 -6.28 -16.80 43.88
CA GLU A 417 -7.69 -17.10 43.69
C GLU A 417 -8.15 -18.24 44.58
N ALA A 418 -7.30 -19.27 44.75
CA ALA A 418 -7.59 -20.38 45.67
C ALA A 418 -7.74 -19.87 47.10
N ALA A 419 -6.81 -19.02 47.54
CA ALA A 419 -6.87 -18.44 48.87
C ALA A 419 -8.14 -17.60 49.08
N LEU A 420 -8.50 -16.78 48.08
CA LEU A 420 -9.66 -15.91 48.19
C LEU A 420 -10.95 -16.71 48.19
N GLN A 421 -11.00 -17.80 47.41
CA GLN A 421 -12.16 -18.69 47.43
C GLN A 421 -12.32 -19.35 48.79
N ALA A 422 -11.22 -19.77 49.42
CA ALA A 422 -11.30 -20.34 50.77
C ALA A 422 -11.77 -19.32 51.80
N ILE A 423 -11.31 -18.08 51.68
CA ILE A 423 -11.73 -17.04 52.63
C ILE A 423 -13.19 -16.68 52.38
N ARG A 424 -13.65 -16.77 51.13
CA ARG A 424 -15.00 -16.34 50.84
C ARG A 424 -16.04 -17.40 51.20
N LYS A 425 -15.87 -18.62 50.68
CA LYS A 425 -16.80 -19.74 50.84
C LYS A 425 -17.16 -20.02 52.30
N LYS A 426 -16.15 -20.24 53.12
CA LYS A 426 -16.35 -20.54 54.52
C LYS A 426 -15.77 -19.39 55.32
N MET A 427 -15.92 -19.45 56.64
CA MET A 427 -15.19 -18.66 57.63
C MET A 427 -15.35 -17.13 57.54
N ASP A 428 -16.14 -16.63 56.60
CA ASP A 428 -16.43 -15.20 56.54
C ASP A 428 -17.92 -14.99 56.67
N LEU A 429 -18.73 -15.74 55.93
CA LEU A 429 -20.16 -15.72 56.16
C LEU A 429 -20.56 -16.52 57.38
N ILE A 430 -19.75 -17.52 57.75
CA ILE A 430 -20.05 -18.36 58.91
C ILE A 430 -19.89 -17.55 60.20
N ASP A 431 -18.92 -16.64 60.24
CA ASP A 431 -18.66 -15.88 61.47
C ASP A 431 -19.20 -14.46 61.42
N LEU A 432 -19.77 -14.02 60.27
CA LEU A 432 -20.32 -12.67 60.15
C LEU A 432 -21.49 -12.42 61.07
N GLU A 433 -22.19 -13.47 61.48
CA GLU A 433 -23.34 -13.35 62.36
C GLU A 433 -22.97 -13.55 63.82
N ASP A 434 -21.69 -13.84 64.11
CA ASP A 434 -21.25 -14.10 65.47
C ASP A 434 -20.21 -13.11 65.97
N GLU A 435 -19.06 -12.98 65.32
CA GLU A 435 -17.93 -12.19 65.84
C GLU A 435 -17.15 -11.59 64.68
N THR A 436 -15.94 -11.11 64.99
CA THR A 436 -15.05 -10.49 64.01
C THR A 436 -13.98 -11.49 63.56
N ILE A 437 -13.08 -11.01 62.71
CA ILE A 437 -12.00 -11.82 62.17
C ILE A 437 -10.68 -11.31 62.75
N ASP A 438 -9.70 -12.21 62.87
CA ASP A 438 -8.41 -11.88 63.45
C ASP A 438 -7.37 -12.88 62.96
N ALA A 439 -6.20 -12.90 63.62
CA ALA A 439 -5.09 -13.74 63.17
C ALA A 439 -5.26 -15.20 63.58
N GLU A 440 -5.85 -15.47 64.75
CA GLU A 440 -5.96 -16.84 65.23
C GLU A 440 -6.98 -17.65 64.42
N VAL A 441 -8.07 -17.02 63.99
CA VAL A 441 -9.02 -17.74 63.14
C VAL A 441 -8.53 -17.82 61.71
N MET A 442 -7.61 -16.95 61.30
CA MET A 442 -7.04 -17.02 59.97
C MET A 442 -5.94 -18.06 59.88
N ASN A 443 -5.19 -18.27 60.98
CA ASN A 443 -4.14 -19.29 60.97
C ASN A 443 -4.73 -20.69 60.99
N SER A 444 -5.88 -20.88 61.64
CA SER A 444 -6.59 -22.15 61.62
C SER A 444 -7.30 -22.42 60.30
N LEU A 445 -7.37 -21.42 59.42
CA LEU A 445 -8.02 -21.58 58.13
C LEU A 445 -7.10 -22.34 57.18
N ALA A 446 -7.62 -23.38 56.55
CA ALA A 446 -6.87 -24.20 55.61
C ALA A 446 -7.58 -24.20 54.27
N VAL A 447 -6.80 -24.46 53.22
CA VAL A 447 -7.37 -24.54 51.88
C VAL A 447 -7.38 -26.02 51.50
N THR A 448 -8.37 -26.39 50.72
CA THR A 448 -8.56 -27.78 50.30
C THR A 448 -8.30 -27.91 48.81
N MET A 449 -8.14 -29.16 48.38
CA MET A 449 -7.89 -29.49 46.98
C MET A 449 -9.03 -29.05 46.07
N ASP A 450 -10.26 -29.02 46.60
CA ASP A 450 -11.44 -28.63 45.82
C ASP A 450 -11.37 -27.18 45.36
N ASP A 451 -10.80 -26.30 46.20
CA ASP A 451 -10.58 -24.91 45.81
C ASP A 451 -9.58 -24.80 44.67
N PHE A 452 -8.52 -25.62 44.73
CA PHE A 452 -7.54 -25.64 43.65
C PHE A 452 -8.15 -26.15 42.36
N ARG A 453 -9.02 -27.15 42.44
CA ARG A 453 -9.70 -27.65 41.25
C ARG A 453 -10.66 -26.62 40.69
N TRP A 454 -11.32 -25.87 41.56
CA TRP A 454 -12.23 -24.80 41.12
C TRP A 454 -11.47 -23.70 40.41
N ALA A 455 -10.33 -23.28 40.97
CA ALA A 455 -9.54 -22.24 40.34
C ALA A 455 -8.85 -22.75 39.09
N LEU A 456 -8.54 -24.04 39.04
CA LEU A 456 -7.83 -24.60 37.90
C LEU A 456 -8.77 -24.89 36.74
N SER A 457 -10.04 -25.16 37.03
CA SER A 457 -11.01 -25.40 35.98
C SER A 457 -11.34 -24.11 35.24
N GLN A 458 -11.85 -23.12 35.95
CA GLN A 458 -12.41 -21.93 35.36
C GLN A 458 -11.47 -20.75 35.56
N SER A 459 -11.81 -19.66 34.87
CA SER A 459 -11.24 -18.32 35.01
C SER A 459 -9.73 -18.25 34.78
N ASN A 460 -9.13 -19.24 34.11
CA ASN A 460 -7.69 -19.29 33.93
C ASN A 460 -7.34 -19.44 32.46
N PRO A 461 -7.40 -18.35 31.69
CA PRO A 461 -6.96 -18.45 30.30
C PRO A 461 -5.44 -18.52 30.28
N SER A 462 -4.91 -19.68 29.92
CA SER A 462 -3.49 -19.82 29.66
C SER A 462 -3.10 -18.92 28.49
N ALA A 463 -2.05 -18.13 28.70
CA ALA A 463 -1.70 -17.07 27.76
C ALA A 463 -0.58 -17.48 26.81
N LEU A 464 -0.53 -18.75 26.42
CA LEU A 464 0.55 -19.25 25.58
C LEU A 464 0.02 -20.00 24.38
N ARG A 465 0.38 -19.53 23.19
CA ARG A 465 0.19 -20.25 21.94
C ARG A 465 1.51 -20.43 21.22
N GLU A 466 2.62 -20.32 21.94
CA GLU A 466 3.95 -20.31 21.36
C GLU A 466 4.64 -21.65 21.57
N THR A 467 5.79 -21.80 20.93
CA THR A 467 6.56 -23.03 20.95
C THR A 467 7.11 -23.32 22.35
N VAL A 468 7.35 -24.59 22.62
CA VAL A 468 7.92 -25.03 23.89
C VAL A 468 9.24 -25.75 23.60
N VAL A 469 10.22 -25.52 24.47
CA VAL A 469 11.51 -26.18 24.40
C VAL A 469 11.86 -26.68 25.80
N GLU A 470 12.23 -27.96 25.88
CA GLU A 470 12.47 -28.65 27.15
C GLU A 470 13.12 -29.99 26.88
N VAL A 471 13.51 -30.67 27.95
CA VAL A 471 13.99 -32.05 27.88
C VAL A 471 12.78 -32.95 28.05
N PRO A 472 12.48 -33.83 27.08
CA PRO A 472 11.24 -34.62 27.15
C PRO A 472 11.21 -35.67 28.25
N GLN A 473 10.11 -36.40 28.36
CA GLN A 473 9.98 -37.41 29.41
C GLN A 473 9.97 -38.84 28.89
N VAL A 474 9.87 -39.04 27.57
CA VAL A 474 9.91 -40.38 27.01
C VAL A 474 11.33 -40.91 27.13
N THR A 475 11.49 -42.18 27.46
CA THR A 475 12.80 -42.80 27.58
C THR A 475 12.79 -44.13 26.84
N TRP A 476 13.94 -44.81 26.81
CA TRP A 476 14.12 -46.05 26.05
C TRP A 476 13.21 -47.19 26.51
N GLU A 477 12.67 -47.12 27.72
CA GLU A 477 11.90 -48.19 28.31
C GLU A 477 10.45 -48.17 27.84
N ASP A 478 10.07 -47.23 26.98
CA ASP A 478 8.73 -47.14 26.42
C ASP A 478 8.66 -47.64 24.99
N ILE A 479 9.78 -48.07 24.43
CA ILE A 479 9.87 -48.46 23.03
C ILE A 479 10.17 -49.94 23.00
N GLY A 480 9.22 -50.73 22.49
CA GLY A 480 9.44 -52.15 22.38
C GLY A 480 10.15 -52.53 21.11
N GLY A 481 11.27 -53.23 21.24
CA GLY A 481 12.04 -53.60 20.08
C GLY A 481 12.99 -52.48 19.70
N LEU A 482 13.40 -52.48 18.43
CA LEU A 482 14.30 -51.50 17.81
C LEU A 482 15.64 -51.42 18.56
N GLU A 483 16.37 -52.52 18.48
CA GLU A 483 17.66 -52.63 19.15
C GLU A 483 18.80 -52.09 18.30
N ASP A 484 18.89 -52.55 17.05
CA ASP A 484 19.93 -52.09 16.13
C ASP A 484 19.80 -50.60 15.84
N VAL A 485 18.56 -50.12 15.68
CA VAL A 485 18.29 -48.70 15.49
C VAL A 485 18.76 -47.90 16.70
N LYS A 486 18.52 -48.43 17.90
CA LYS A 486 18.95 -47.80 19.15
C LYS A 486 20.47 -47.68 19.20
N ARG A 487 21.17 -48.76 18.82
CA ARG A 487 22.62 -48.77 18.80
C ARG A 487 23.18 -47.74 17.81
N GLU A 488 22.61 -47.70 16.60
CA GLU A 488 23.11 -46.77 15.58
C GLU A 488 22.81 -45.33 15.95
N LEU A 489 21.69 -45.08 16.63
CA LEU A 489 21.40 -43.75 17.16
C LEU A 489 22.41 -43.32 18.22
N GLN A 490 22.78 -44.24 19.13
CA GLN A 490 23.87 -43.99 20.08
C GLN A 490 25.15 -43.56 19.37
N GLU A 491 25.57 -44.35 18.35
CA GLU A 491 26.79 -44.06 17.59
C GLU A 491 26.71 -42.69 16.91
N LEU A 492 25.57 -42.38 16.28
CA LEU A 492 25.47 -41.15 15.50
C LEU A 492 25.39 -39.90 16.38
N VAL A 493 24.77 -39.98 17.54
CA VAL A 493 24.48 -38.79 18.33
C VAL A 493 25.50 -38.59 19.45
N GLN A 494 25.84 -39.63 20.20
CA GLN A 494 26.53 -39.41 21.46
C GLN A 494 28.05 -39.47 21.35
N TYR A 495 28.61 -39.99 20.25
CA TYR A 495 30.07 -40.10 20.17
C TYR A 495 30.77 -38.75 19.98
N PRO A 496 30.54 -37.97 18.89
CA PRO A 496 31.37 -36.76 18.67
C PRO A 496 31.20 -35.67 19.71
N VAL A 497 30.10 -35.67 20.47
CA VAL A 497 29.89 -34.67 21.51
C VAL A 497 30.69 -34.94 22.77
N GLU A 498 31.32 -36.11 22.86
CA GLU A 498 32.13 -36.50 24.01
C GLU A 498 33.60 -36.60 23.68
N HIS A 499 33.95 -37.31 22.59
CA HIS A 499 35.32 -37.74 22.30
C HIS A 499 35.73 -37.17 20.95
N PRO A 500 36.18 -35.90 20.89
CA PRO A 500 36.67 -35.37 19.62
C PRO A 500 38.03 -35.90 19.19
N ASP A 501 38.72 -36.65 20.06
CA ASP A 501 40.11 -37.09 19.85
C ASP A 501 40.27 -37.90 18.56
N LYS A 502 39.45 -38.95 18.39
CA LYS A 502 39.54 -39.81 17.21
C LYS A 502 39.15 -39.06 15.96
N PHE A 503 38.21 -38.12 16.07
CA PHE A 503 37.77 -37.36 14.90
C PHE A 503 38.82 -36.38 14.43
N LEU A 504 39.62 -35.81 15.35
CA LEU A 504 40.75 -35.01 14.87
C LEU A 504 41.88 -35.88 14.37
N LYS A 505 42.16 -36.99 15.07
CA LYS A 505 43.25 -37.89 14.71
C LYS A 505 43.10 -38.47 13.31
N PHE A 506 41.89 -38.89 12.96
CA PHE A 506 41.59 -39.40 11.64
C PHE A 506 41.09 -38.33 10.68
N GLY A 507 40.90 -37.10 11.15
CA GLY A 507 40.55 -35.96 10.32
C GLY A 507 39.15 -35.94 9.72
N MET A 508 38.36 -37.00 9.88
CA MET A 508 37.03 -37.08 9.30
C MET A 508 36.01 -36.39 10.19
N THR A 509 35.12 -35.64 9.56
CA THR A 509 34.11 -34.87 10.28
C THR A 509 32.83 -35.69 10.42
N PRO A 510 32.13 -35.58 11.55
CA PRO A 510 30.90 -36.35 11.72
C PRO A 510 29.74 -35.74 10.95
N SER A 511 28.69 -36.54 10.79
CA SER A 511 27.49 -36.06 10.13
C SER A 511 26.65 -35.25 11.11
N LYS A 512 25.63 -34.60 10.57
CA LYS A 512 24.77 -33.77 11.38
C LYS A 512 23.29 -33.91 11.01
N GLY A 513 22.90 -35.03 10.43
CA GLY A 513 21.51 -35.23 10.05
C GLY A 513 21.20 -36.69 9.84
N VAL A 514 19.92 -37.03 10.00
CA VAL A 514 19.46 -38.39 9.84
C VAL A 514 18.03 -38.33 9.31
N LEU A 515 17.66 -39.29 8.46
CA LEU A 515 16.34 -39.35 7.88
C LEU A 515 15.74 -40.72 8.19
N PHE A 516 14.68 -40.73 8.97
CA PHE A 516 13.93 -41.96 9.23
C PHE A 516 12.90 -42.17 8.16
N TYR A 517 12.63 -43.44 7.84
CA TYR A 517 11.55 -43.76 6.93
C TYR A 517 11.04 -45.16 7.19
N GLY A 518 9.82 -45.41 6.77
CA GLY A 518 9.16 -46.66 6.99
C GLY A 518 7.65 -46.50 6.93
N PRO A 519 6.91 -47.55 7.24
CA PRO A 519 5.44 -47.47 7.25
C PRO A 519 4.95 -46.55 8.35
N PRO A 520 3.76 -45.96 8.22
CA PRO A 520 3.29 -45.01 9.23
C PRO A 520 2.84 -45.70 10.49
N GLY A 521 2.99 -44.99 11.61
CA GLY A 521 2.61 -45.52 12.90
C GLY A 521 3.49 -46.65 13.37
N CYS A 522 4.81 -46.42 13.36
CA CYS A 522 5.76 -47.42 13.80
C CYS A 522 6.78 -46.85 14.78
N GLY A 523 6.49 -45.71 15.38
CA GLY A 523 7.34 -45.20 16.44
C GLY A 523 8.59 -44.52 15.97
N LYS A 524 8.42 -43.43 15.21
CA LYS A 524 9.53 -42.58 14.80
C LYS A 524 9.70 -41.36 15.68
N THR A 525 8.61 -40.81 16.21
CA THR A 525 8.73 -39.68 17.13
C THR A 525 9.29 -40.10 18.47
N LEU A 526 8.99 -41.35 18.88
CA LEU A 526 9.47 -41.90 20.14
C LEU A 526 10.98 -41.98 20.19
N LEU A 527 11.60 -42.41 19.09
CA LEU A 527 13.06 -42.51 19.00
C LEU A 527 13.72 -41.15 19.17
N ALA A 528 13.16 -40.12 18.51
CA ALA A 528 13.68 -38.76 18.60
C ALA A 528 13.59 -38.23 20.02
N LYS A 529 12.40 -38.37 20.64
CA LYS A 529 12.22 -37.95 22.03
C LYS A 529 13.15 -38.69 22.97
N ALA A 530 13.35 -40.00 22.74
CA ALA A 530 14.15 -40.83 23.62
C ALA A 530 15.62 -40.45 23.55
N ILE A 531 16.14 -40.25 22.35
CA ILE A 531 17.55 -39.88 22.21
C ILE A 531 17.77 -38.44 22.70
N ALA A 532 16.75 -37.58 22.62
CA ALA A 532 16.88 -36.25 23.22
C ALA A 532 16.89 -36.31 24.73
N ASN A 533 16.12 -37.23 25.31
CA ASN A 533 16.07 -37.36 26.77
C ASN A 533 17.34 -38.00 27.31
N GLU A 534 17.91 -38.95 26.56
CA GLU A 534 19.12 -39.66 26.98
C GLU A 534 20.29 -38.70 27.18
N CYS A 535 20.64 -37.93 26.15
CA CYS A 535 21.73 -36.98 26.21
C CYS A 535 21.41 -35.71 27.00
N GLN A 536 20.20 -35.59 27.55
CA GLN A 536 19.72 -34.46 28.35
C GLN A 536 19.77 -33.14 27.57
N ALA A 537 19.56 -33.22 26.25
CA ALA A 537 19.54 -32.07 25.38
C ALA A 537 18.11 -31.67 25.10
N ASN A 538 17.91 -30.38 24.82
CA ASN A 538 16.59 -29.82 24.55
C ASN A 538 15.99 -30.37 23.27
N PHE A 539 14.68 -30.26 23.15
CA PHE A 539 13.95 -30.86 22.05
C PHE A 539 12.99 -29.84 21.47
N ILE A 540 12.97 -29.73 20.14
CA ILE A 540 12.10 -28.82 19.41
C ILE A 540 11.42 -29.61 18.32
N SER A 541 10.10 -29.54 18.25
CA SER A 541 9.35 -30.32 17.27
C SER A 541 8.52 -29.38 16.41
N ILE A 542 8.56 -29.59 15.10
CA ILE A 542 7.86 -28.77 14.13
C ILE A 542 7.01 -29.73 13.30
N LYS A 543 5.71 -29.76 13.57
CA LYS A 543 4.80 -30.68 12.91
C LYS A 543 4.54 -30.26 11.46
N GLY A 544 3.66 -31.02 10.81
CA GLY A 544 3.28 -30.76 9.44
C GLY A 544 2.51 -29.47 9.22
N PRO A 545 1.36 -29.26 9.95
CA PRO A 545 0.60 -28.01 9.84
C PRO A 545 1.38 -26.70 9.93
N GLU A 546 2.50 -26.64 10.65
CA GLU A 546 3.30 -25.42 10.69
C GLU A 546 3.95 -25.13 9.35
N LEU A 547 4.53 -26.17 8.73
CA LEU A 547 5.11 -26.05 7.40
C LEU A 547 4.04 -25.72 6.37
N LEU A 548 2.86 -26.32 6.50
CA LEU A 548 1.77 -26.03 5.58
C LEU A 548 1.24 -24.61 5.76
N THR A 549 1.24 -24.10 6.98
CA THR A 549 0.88 -22.72 7.25
C THR A 549 1.87 -21.77 6.60
N MET A 550 3.16 -22.13 6.62
CA MET A 550 4.16 -21.33 5.94
C MET A 550 4.04 -21.44 4.42
N TRP A 551 3.48 -22.54 3.92
CA TRP A 551 3.33 -22.71 2.48
C TRP A 551 2.16 -21.92 1.93
N PHE A 552 0.98 -22.10 2.52
CA PHE A 552 -0.23 -21.40 2.10
C PHE A 552 -0.07 -19.89 2.29
N GLY A 553 0.28 -19.47 3.50
CA GLY A 553 0.50 -18.07 3.83
C GLY A 553 1.61 -17.36 3.07
N GLU A 554 2.47 -18.11 2.35
CA GLU A 554 3.56 -17.61 1.50
C GLU A 554 4.55 -16.78 2.32
N SER A 555 4.84 -17.25 3.53
CA SER A 555 5.75 -16.56 4.43
C SER A 555 6.74 -17.58 4.94
N GLU A 556 7.75 -17.87 4.13
CA GLU A 556 8.80 -18.80 4.50
C GLU A 556 9.97 -18.10 5.15
N ALA A 557 9.82 -16.82 5.50
CA ALA A 557 10.81 -16.08 6.27
C ALA A 557 10.81 -16.42 7.75
N ASN A 558 9.97 -17.36 8.20
CA ASN A 558 9.93 -17.73 9.60
C ASN A 558 10.77 -18.95 9.91
N VAL A 559 11.33 -19.60 8.88
CA VAL A 559 12.27 -20.71 9.10
C VAL A 559 13.52 -20.17 9.75
N ARG A 560 13.88 -18.93 9.39
CA ARG A 560 15.01 -18.22 9.98
C ARG A 560 14.86 -18.10 11.48
N GLU A 561 13.63 -17.85 11.97
CA GLU A 561 13.41 -17.80 13.41
C GLU A 561 13.64 -19.14 14.08
N ILE A 562 13.14 -20.25 13.47
CA ILE A 562 13.20 -21.60 14.03
C ILE A 562 14.62 -21.98 14.42
N PHE A 563 15.54 -21.89 13.46
CA PHE A 563 16.93 -22.28 13.67
C PHE A 563 17.60 -21.40 14.73
N ASP A 564 17.19 -20.11 14.81
CA ASP A 564 17.72 -19.17 15.79
C ASP A 564 17.51 -19.70 17.20
N LYS A 565 16.32 -20.27 17.45
CA LYS A 565 16.01 -20.75 18.78
C LYS A 565 16.86 -21.96 19.08
N ALA A 566 16.95 -22.87 18.07
CA ALA A 566 17.86 -24.01 18.08
C ALA A 566 19.28 -23.61 18.43
N ARG A 567 19.72 -22.46 17.90
CA ARG A 567 21.08 -22.03 18.16
C ARG A 567 21.20 -21.53 19.60
N GLN A 568 20.27 -20.67 20.02
CA GLN A 568 20.39 -20.08 21.35
C GLN A 568 20.10 -21.03 22.50
N ALA A 569 19.58 -22.22 22.21
CA ALA A 569 19.28 -23.23 23.21
C ALA A 569 20.14 -24.46 23.04
N ALA A 570 21.38 -24.29 22.60
CA ALA A 570 22.25 -25.43 22.37
C ALA A 570 22.73 -26.05 23.69
N PRO A 571 22.90 -27.39 23.76
CA PRO A 571 22.66 -28.44 22.76
C PRO A 571 21.18 -28.71 22.54
N CYS A 572 20.81 -29.27 21.39
CA CYS A 572 19.40 -29.36 21.04
C CYS A 572 19.20 -30.45 20.01
N VAL A 573 17.93 -30.75 19.74
CA VAL A 573 17.52 -31.67 18.68
C VAL A 573 16.37 -31.00 17.94
N LEU A 574 16.52 -30.84 16.63
CA LEU A 574 15.51 -30.21 15.80
C LEU A 574 14.85 -31.32 14.99
N PHE A 575 13.57 -31.55 15.24
CA PHE A 575 12.87 -32.68 14.64
C PHE A 575 11.82 -32.17 13.67
N PHE A 576 11.93 -32.57 12.42
CA PHE A 576 10.97 -32.24 11.37
C PHE A 576 10.21 -33.50 11.01
N ASP A 577 9.00 -33.66 11.51
CA ASP A 577 8.18 -34.78 11.10
C ASP A 577 7.21 -34.31 10.04
N GLU A 578 6.71 -35.27 9.26
CA GLU A 578 5.85 -35.05 8.09
C GLU A 578 6.50 -34.06 7.12
N LEU A 579 7.67 -34.46 6.64
CA LEU A 579 8.46 -33.68 5.70
C LEU A 579 7.93 -33.79 4.29
N ASP A 580 7.05 -34.76 4.04
CA ASP A 580 6.41 -34.97 2.75
C ASP A 580 5.02 -34.35 2.70
N SER A 581 4.71 -33.44 3.62
CA SER A 581 3.39 -32.82 3.66
C SER A 581 3.15 -31.92 2.46
N ILE A 582 4.10 -31.01 2.17
CA ILE A 582 3.95 -30.06 1.08
C ILE A 582 4.03 -30.77 -0.26
N ALA A 583 4.91 -31.77 -0.37
CA ALA A 583 5.03 -32.56 -1.59
C ALA A 583 3.78 -33.36 -1.91
N LYS A 584 2.96 -33.66 -0.91
CA LYS A 584 1.72 -34.39 -1.08
C LYS A 584 0.54 -33.44 -1.29
N ALA A 585 0.65 -32.21 -0.76
CA ALA A 585 -0.41 -31.22 -0.89
C ALA A 585 -0.64 -30.84 -2.36
N ARG A 586 0.44 -30.61 -3.10
CA ARG A 586 0.32 -30.27 -4.51
C ARG A 586 0.38 -31.53 -5.36
N GLY A 587 -0.66 -32.34 -5.23
CA GLY A 587 -0.75 -33.59 -5.95
C GLY A 587 0.06 -34.70 -5.29
N GLY A 588 -0.23 -35.93 -5.71
CA GLY A 588 0.51 -37.07 -5.20
C GLY A 588 1.82 -37.29 -5.93
N ASN A 589 2.08 -38.52 -6.37
CA ASN A 589 3.28 -38.77 -7.18
C ASN A 589 3.16 -38.12 -8.55
N ILE A 590 1.95 -37.98 -9.07
CA ILE A 590 1.75 -37.32 -10.37
C ILE A 590 1.98 -35.81 -10.24
N GLY A 591 1.62 -35.22 -9.11
CA GLY A 591 1.74 -33.83 -8.74
C GLY A 591 1.11 -32.87 -9.73
N ASP A 592 1.69 -31.68 -9.80
N ASP A 592 1.66 -31.67 -9.77
CA ASP A 592 1.30 -30.66 -10.75
CA ASP A 592 1.29 -30.65 -10.74
C ASP A 592 2.28 -30.67 -11.91
C ASP A 592 2.26 -30.68 -11.93
N GLY A 593 2.20 -29.67 -12.79
CA GLY A 593 3.17 -29.52 -13.86
C GLY A 593 4.60 -29.24 -13.42
N GLY A 594 4.79 -28.77 -12.19
CA GLY A 594 6.11 -28.43 -11.69
C GLY A 594 6.96 -29.66 -11.37
N GLY A 595 8.07 -29.40 -10.69
CA GLY A 595 9.03 -30.43 -10.35
C GLY A 595 8.95 -30.85 -8.91
N ALA A 596 10.09 -30.90 -8.23
CA ALA A 596 10.14 -31.34 -6.84
C ALA A 596 10.65 -30.27 -5.89
N ALA A 597 10.87 -29.05 -6.39
CA ALA A 597 11.38 -27.97 -5.57
C ALA A 597 10.24 -27.10 -5.06
N ASP A 598 10.26 -26.77 -3.78
CA ASP A 598 9.26 -25.95 -3.13
C ASP A 598 9.96 -24.85 -2.36
N ARG A 599 9.18 -23.97 -1.75
CA ARG A 599 9.74 -22.79 -1.12
C ARG A 599 10.33 -23.08 0.25
N VAL A 600 9.56 -23.76 1.10
CA VAL A 600 9.91 -23.94 2.51
C VAL A 600 11.11 -24.88 2.64
N ILE A 601 11.11 -25.98 1.89
CA ILE A 601 12.21 -26.95 1.94
C ILE A 601 13.49 -26.32 1.40
N ASN A 602 13.36 -25.41 0.44
CA ASN A 602 14.49 -24.63 -0.06
C ASN A 602 15.09 -23.77 1.05
N GLN A 603 14.21 -23.13 1.84
CA GLN A 603 14.68 -22.33 2.96
C GLN A 603 15.36 -23.19 4.02
N ILE A 604 14.87 -24.43 4.19
CA ILE A 604 15.49 -25.37 5.11
C ILE A 604 16.90 -25.73 4.65
N LEU A 605 17.07 -26.04 3.36
CA LEU A 605 18.39 -26.31 2.76
C LEU A 605 19.35 -25.14 2.95
N THR A 606 18.88 -23.93 2.64
CA THR A 606 19.67 -22.71 2.79
C THR A 606 20.12 -22.51 4.23
N GLU A 607 19.19 -22.57 5.17
CA GLU A 607 19.48 -22.33 6.57
C GLU A 607 20.28 -23.46 7.20
N MET A 608 20.20 -24.66 6.65
CA MET A 608 20.90 -25.80 7.21
C MET A 608 22.35 -25.84 6.75
N ASP A 609 22.60 -25.48 5.48
CA ASP A 609 23.96 -25.44 4.96
C ASP A 609 24.83 -24.43 5.69
N GLY A 610 24.30 -23.25 5.96
CA GLY A 610 25.10 -22.21 6.56
C GLY A 610 25.00 -22.10 8.08
N MET A 611 25.45 -23.12 8.81
CA MET A 611 25.53 -23.05 10.26
C MET A 611 26.86 -23.64 10.70
N SER A 612 27.15 -23.46 11.99
CA SER A 612 28.43 -23.85 12.59
C SER A 612 28.73 -25.34 12.46
N THR A 613 29.99 -25.66 12.17
CA THR A 613 30.42 -27.04 12.07
C THR A 613 30.47 -27.76 13.41
N LYS A 614 30.59 -27.02 14.52
CA LYS A 614 30.55 -27.61 15.85
C LYS A 614 29.73 -26.66 16.71
N LYS A 615 28.44 -26.94 16.82
CA LYS A 615 27.55 -26.21 17.70
C LYS A 615 26.70 -27.15 18.54
N ASN A 616 26.78 -28.46 18.28
CA ASN A 616 25.99 -29.51 18.93
C ASN A 616 24.50 -29.25 18.74
N VAL A 617 24.07 -29.28 17.48
CA VAL A 617 22.65 -29.25 17.11
C VAL A 617 22.44 -30.33 16.07
N PHE A 618 21.62 -31.31 16.40
CA PHE A 618 21.36 -32.48 15.58
C PHE A 618 19.98 -32.34 14.96
N ILE A 619 19.88 -32.58 13.66
CA ILE A 619 18.65 -32.37 12.90
C ILE A 619 18.14 -33.71 12.41
N ILE A 620 16.87 -34.01 12.69
CA ILE A 620 16.26 -35.28 12.37
C ILE A 620 15.05 -35.02 11.46
N GLY A 621 14.90 -35.83 10.42
CA GLY A 621 13.75 -35.75 9.56
C GLY A 621 13.01 -37.07 9.57
N ALA A 622 11.74 -37.07 9.20
CA ALA A 622 10.95 -38.29 9.19
C ALA A 622 9.89 -38.19 8.11
N THR A 623 9.73 -39.25 7.33
CA THR A 623 8.80 -39.28 6.22
C THR A 623 8.44 -40.71 5.89
N ASN A 624 7.16 -40.95 5.59
CA ASN A 624 6.70 -42.28 5.24
C ASN A 624 6.44 -42.43 3.75
N ARG A 625 6.74 -41.41 2.96
CA ARG A 625 6.71 -41.47 1.50
C ARG A 625 8.08 -41.06 1.00
N PRO A 626 9.08 -41.94 1.09
CA PRO A 626 10.47 -41.53 0.85
C PRO A 626 10.81 -41.19 -0.59
N ASP A 627 9.94 -41.48 -1.56
CA ASP A 627 10.29 -41.29 -2.96
C ASP A 627 9.95 -39.91 -3.48
N ILE A 628 8.92 -39.26 -2.96
CA ILE A 628 8.47 -37.98 -3.50
C ILE A 628 9.15 -36.82 -2.79
N ILE A 629 10.19 -37.10 -2.02
CA ILE A 629 10.95 -36.06 -1.36
C ILE A 629 12.01 -35.56 -2.34
N ASP A 630 12.46 -34.34 -2.14
CA ASP A 630 13.45 -33.70 -3.01
C ASP A 630 14.81 -34.36 -2.78
N PRO A 631 15.42 -35.00 -3.81
CA PRO A 631 16.73 -35.64 -3.61
C PRO A 631 17.89 -34.69 -3.30
N ALA A 632 17.71 -33.38 -3.39
CA ALA A 632 18.76 -32.42 -3.07
C ALA A 632 19.03 -32.31 -1.58
N ILE A 633 18.24 -32.96 -0.72
CA ILE A 633 18.49 -32.94 0.72
C ILE A 633 19.31 -34.15 1.15
N LEU A 634 19.42 -35.17 0.31
CA LEU A 634 20.20 -36.36 0.64
C LEU A 634 21.66 -36.23 0.27
N ARG A 635 22.11 -35.04 -0.15
CA ARG A 635 23.49 -34.78 -0.46
C ARG A 635 24.28 -34.54 0.83
N PRO A 636 25.60 -34.77 0.83
CA PRO A 636 26.42 -34.52 2.03
C PRO A 636 26.34 -33.09 2.56
N GLY A 637 26.63 -32.94 3.85
CA GLY A 637 26.39 -31.69 4.54
C GLY A 637 24.94 -31.45 4.91
N ARG A 638 24.06 -32.42 4.65
CA ARG A 638 22.63 -32.33 4.92
C ARG A 638 22.22 -33.70 5.46
N LEU A 639 20.93 -34.00 5.46
CA LEU A 639 20.42 -35.27 6.00
C LEU A 639 20.83 -36.41 5.07
N ASP A 640 21.90 -37.13 5.44
CA ASP A 640 22.48 -38.13 4.54
C ASP A 640 22.76 -39.45 5.24
N GLN A 641 21.97 -39.81 6.24
CA GLN A 641 22.10 -41.08 6.95
C GLN A 641 20.72 -41.72 7.02
N LEU A 642 20.32 -42.45 5.98
CA LEU A 642 18.98 -43.00 5.93
C LEU A 642 18.86 -44.21 6.84
N ILE A 643 17.78 -44.26 7.63
CA ILE A 643 17.51 -45.35 8.56
C ILE A 643 16.09 -45.84 8.28
N TYR A 644 15.89 -47.16 8.33
CA TYR A 644 14.63 -47.79 7.96
C TYR A 644 13.98 -48.35 9.21
N ILE A 645 12.78 -47.87 9.52
CA ILE A 645 12.00 -48.35 10.66
C ILE A 645 10.93 -49.33 10.17
N PRO A 646 11.12 -50.64 10.32
CA PRO A 646 10.20 -51.60 9.71
C PRO A 646 9.04 -51.97 10.63
N LEU A 647 8.11 -52.74 10.05
CA LEU A 647 6.99 -53.28 10.81
C LEU A 647 7.49 -54.31 11.81
N PRO A 648 6.87 -54.40 13.00
CA PRO A 648 7.40 -55.27 14.05
C PRO A 648 7.25 -56.75 13.74
N ASP A 649 7.83 -57.55 14.63
CA ASP A 649 7.70 -59.00 14.63
C ASP A 649 7.20 -59.40 16.01
N GLU A 650 6.91 -60.70 16.19
CA GLU A 650 6.24 -61.21 17.39
C GLU A 650 7.04 -60.94 18.67
N LYS A 651 8.35 -61.19 18.63
CA LYS A 651 9.24 -60.92 19.76
C LYS A 651 9.24 -59.44 20.16
N SER A 652 8.98 -58.56 19.19
CA SER A 652 8.86 -57.13 19.44
C SER A 652 7.44 -56.74 19.79
N ARG A 653 6.43 -57.43 19.23
CA ARG A 653 5.03 -57.15 19.56
C ARG A 653 4.73 -57.41 21.02
N VAL A 654 5.34 -58.46 21.59
CA VAL A 654 5.21 -58.75 23.01
C VAL A 654 5.71 -57.56 23.84
N ALA A 655 6.86 -57.00 23.44
CA ALA A 655 7.45 -55.87 24.16
C ALA A 655 6.60 -54.61 24.02
N ILE A 656 6.02 -54.40 22.83
CA ILE A 656 5.15 -53.24 22.59
C ILE A 656 3.91 -53.33 23.48
N LEU A 657 3.29 -54.52 23.52
CA LEU A 657 2.10 -54.74 24.34
C LEU A 657 2.39 -54.57 25.83
N LYS A 658 3.54 -55.09 26.30
CA LYS A 658 3.91 -54.93 27.71
C LYS A 658 4.15 -53.46 28.04
N ALA A 659 4.83 -52.73 27.15
CA ALA A 659 5.11 -51.33 27.35
C ALA A 659 3.83 -50.50 27.39
N ASN A 660 2.86 -50.85 26.55
CA ASN A 660 1.60 -50.10 26.57
C ASN A 660 0.78 -50.42 27.82
N LEU A 661 0.72 -51.69 28.23
CA LEU A 661 -0.13 -52.09 29.34
C LEU A 661 0.47 -51.84 30.72
N ARG A 662 1.77 -51.52 30.82
CA ARG A 662 2.43 -51.34 32.12
C ARG A 662 1.83 -50.23 33.00
N LYS A 663 1.01 -49.33 32.45
CA LYS A 663 0.48 -48.20 33.22
C LYS A 663 -0.87 -48.52 33.86
N SER A 664 -1.60 -49.50 33.34
CA SER A 664 -2.96 -49.77 33.80
C SER A 664 -3.05 -51.13 34.49
N PRO A 665 -3.95 -51.28 35.50
CA PRO A 665 -4.10 -52.58 36.16
C PRO A 665 -4.79 -53.65 35.32
N VAL A 666 -4.05 -54.69 34.96
CA VAL A 666 -4.56 -55.80 34.16
C VAL A 666 -4.37 -57.08 34.97
N ALA A 667 -5.34 -58.00 34.86
CA ALA A 667 -5.32 -59.26 35.60
C ALA A 667 -4.18 -60.17 35.14
N LYS A 668 -4.04 -61.30 35.83
CA LYS A 668 -2.93 -62.21 35.57
C LYS A 668 -3.30 -63.40 34.69
N ASP A 669 -4.59 -63.62 34.42
CA ASP A 669 -4.96 -64.78 33.63
C ASP A 669 -4.80 -64.57 32.13
N VAL A 670 -4.60 -63.34 31.70
CA VAL A 670 -4.44 -63.03 30.27
C VAL A 670 -3.02 -63.39 29.83
N ASP A 671 -2.92 -64.06 28.68
CA ASP A 671 -1.65 -64.48 28.10
C ASP A 671 -1.34 -63.60 26.91
N LEU A 672 -0.25 -62.82 27.01
CA LEU A 672 0.05 -61.86 25.97
C LEU A 672 0.59 -62.51 24.71
N GLU A 673 1.36 -63.61 24.85
CA GLU A 673 2.02 -64.26 23.71
C GLU A 673 1.06 -64.74 22.64
N PHE A 674 -0.17 -65.10 23.01
CA PHE A 674 -1.13 -65.60 22.04
C PHE A 674 -1.74 -64.43 21.28
N LEU A 675 -2.10 -63.37 22.01
CA LEU A 675 -2.60 -62.16 21.39
C LEU A 675 -1.55 -61.53 20.48
N ALA A 676 -0.27 -61.67 20.84
CA ALA A 676 0.82 -61.15 20.04
C ALA A 676 0.96 -61.91 18.73
N LYS A 677 1.01 -63.25 18.80
CA LYS A 677 1.15 -64.04 17.57
C LYS A 677 -0.10 -63.99 16.68
N MET A 678 -1.27 -63.67 17.26
CA MET A 678 -2.48 -63.60 16.44
C MET A 678 -2.47 -62.39 15.50
N THR A 679 -1.84 -61.29 15.92
CA THR A 679 -1.81 -60.07 15.12
C THR A 679 -0.52 -60.07 14.30
N ASN A 680 -0.64 -60.44 13.03
CA ASN A 680 0.48 -60.45 12.11
C ASN A 680 0.37 -59.26 11.17
N GLY A 681 1.49 -58.56 10.98
CA GLY A 681 1.49 -57.38 10.15
C GLY A 681 0.87 -56.15 10.77
N PHE A 682 0.55 -56.19 12.06
CA PHE A 682 -0.01 -55.04 12.73
C PHE A 682 1.06 -54.01 13.02
N SER A 683 0.73 -52.75 12.76
CA SER A 683 1.63 -51.65 13.07
C SER A 683 1.43 -51.25 14.53
N GLY A 684 2.55 -50.87 15.19
CA GLY A 684 2.56 -50.54 16.61
C GLY A 684 1.57 -49.49 17.07
N ALA A 685 1.15 -48.60 16.18
CA ALA A 685 0.12 -47.61 16.48
C ALA A 685 -1.28 -48.20 16.45
N ASP A 686 -1.42 -49.47 16.09
CA ASP A 686 -2.70 -50.15 16.13
C ASP A 686 -2.83 -51.07 17.33
N LEU A 687 -1.73 -51.63 17.82
CA LEU A 687 -1.80 -52.38 19.06
C LEU A 687 -2.06 -51.49 20.28
N THR A 688 -1.90 -50.18 20.15
CA THR A 688 -2.12 -49.26 21.25
C THR A 688 -3.55 -48.79 21.37
N GLU A 689 -4.39 -49.02 20.36
CA GLU A 689 -5.80 -48.68 20.49
C GLU A 689 -6.64 -49.85 20.99
N ILE A 690 -6.15 -51.08 20.84
CA ILE A 690 -6.80 -52.25 21.44
C ILE A 690 -6.87 -52.08 22.96
N CYS A 691 -5.77 -51.59 23.56
CA CYS A 691 -5.72 -51.30 24.98
C CYS A 691 -6.74 -50.23 25.35
N GLN A 692 -6.86 -49.18 24.53
CA GLN A 692 -7.81 -48.10 24.77
C GLN A 692 -9.25 -48.61 24.72
N ARG A 693 -9.55 -49.47 23.74
CA ARG A 693 -10.90 -50.02 23.60
C ARG A 693 -11.26 -50.91 24.78
N ALA A 694 -10.30 -51.74 25.22
CA ALA A 694 -10.52 -52.59 26.39
C ALA A 694 -10.79 -51.77 27.64
N CYS A 695 -10.01 -50.69 27.84
CA CYS A 695 -10.26 -49.82 29.00
C CYS A 695 -11.59 -49.09 28.91
N LYS A 696 -12.03 -48.71 27.71
CA LYS A 696 -13.35 -48.08 27.58
C LYS A 696 -14.47 -49.04 27.94
N LEU A 697 -14.36 -50.30 27.49
CA LEU A 697 -15.33 -51.33 27.87
C LEU A 697 -15.36 -51.54 29.38
N ALA A 698 -14.18 -51.57 30.01
CA ALA A 698 -14.10 -51.74 31.47
C ALA A 698 -14.74 -50.58 32.21
N ILE A 699 -14.47 -49.34 31.78
CA ILE A 699 -15.03 -48.15 32.42
C ILE A 699 -16.54 -48.12 32.28
N ARG A 700 -17.05 -48.52 31.09
CA ARG A 700 -18.50 -48.59 30.86
C ARG A 700 -19.16 -49.60 31.80
N GLU A 701 -18.54 -50.80 31.93
CA GLU A 701 -19.05 -51.84 32.81
C GLU A 701 -19.07 -51.38 34.27
N SER A 702 -18.01 -50.69 34.71
CA SER A 702 -17.91 -50.24 36.09
C SER A 702 -18.96 -49.18 36.42
N ILE A 703 -19.14 -48.19 35.53
CA ILE A 703 -20.14 -47.14 35.74
C ILE A 703 -21.55 -47.75 35.76
N GLU A 704 -21.79 -48.72 34.87
CA GLU A 704 -23.09 -49.40 34.82
C GLU A 704 -23.40 -50.12 36.12
N SER A 705 -22.41 -50.85 36.66
CA SER A 705 -22.61 -51.59 37.91
C SER A 705 -22.80 -50.65 39.10
N GLU A 706 -22.04 -49.55 39.14
CA GLU A 706 -22.20 -48.54 40.19
C GLU A 706 -23.61 -47.94 40.18
N ILE A 707 -24.10 -47.61 38.98
CA ILE A 707 -25.45 -47.05 38.85
C ILE A 707 -26.50 -48.08 39.24
N ARG A 708 -26.26 -49.37 38.90
CA ARG A 708 -27.18 -50.44 39.28
C ARG A 708 -27.29 -50.59 40.80
N ARG A 709 -26.15 -50.46 41.49
CA ARG A 709 -26.16 -50.51 42.95
C ARG A 709 -26.86 -49.28 43.54
N GLU A 710 -26.57 -48.09 42.98
CA GLU A 710 -27.18 -46.84 43.47
C GLU A 710 -28.70 -46.81 43.24
N ARG A 711 -29.18 -47.51 42.22
CA ARG A 711 -30.60 -47.48 41.88
C ARG A 711 -31.35 -48.69 42.43
N GLU A 712 -30.63 -49.75 42.82
CA GLU A 712 -31.27 -50.98 43.29
C GLU A 712 -31.96 -50.78 44.64
N ARG A 713 -31.19 -50.40 45.67
CA ARG A 713 -31.75 -50.25 47.00
C ARG A 713 -32.12 -48.81 47.35
N GLN A 714 -31.29 -47.82 46.96
CA GLN A 714 -31.42 -46.43 47.38
C GLN A 714 -32.54 -45.66 46.67
N THR A 715 -33.42 -46.33 45.93
CA THR A 715 -34.60 -45.71 45.34
C THR A 715 -35.84 -46.44 45.81
N GLU A 723 -20.91 -54.30 51.81
CA GLU A 723 -21.57 -53.55 50.75
C GLU A 723 -20.57 -52.85 49.84
N GLU A 724 -19.28 -53.03 50.14
CA GLU A 724 -18.20 -52.66 49.22
C GLU A 724 -17.67 -53.97 48.66
N ASP A 725 -18.30 -54.44 47.59
CA ASP A 725 -17.89 -55.61 46.82
C ASP A 725 -17.60 -55.12 45.41
N ASP A 726 -16.34 -54.79 45.14
CA ASP A 726 -15.85 -54.27 43.86
C ASP A 726 -16.23 -55.20 42.72
N PRO A 727 -17.07 -54.74 41.77
CA PRO A 727 -17.48 -55.60 40.63
C PRO A 727 -16.34 -56.18 39.82
N VAL A 728 -15.44 -55.33 39.34
CA VAL A 728 -14.15 -55.72 38.77
C VAL A 728 -13.24 -54.49 38.86
N PRO A 729 -12.05 -54.63 39.44
CA PRO A 729 -11.13 -53.49 39.54
C PRO A 729 -10.11 -53.40 38.42
N GLU A 730 -10.15 -54.33 37.47
CA GLU A 730 -9.14 -54.43 36.42
C GLU A 730 -9.80 -54.96 35.15
N ILE A 731 -8.98 -55.25 34.15
CA ILE A 731 -9.41 -55.78 32.87
C ILE A 731 -9.20 -57.29 32.89
N ARG A 732 -10.10 -58.03 32.24
CA ARG A 732 -9.99 -59.48 32.20
C ARG A 732 -9.99 -59.97 30.76
N ARG A 733 -10.09 -61.29 30.58
CA ARG A 733 -9.96 -61.89 29.24
C ARG A 733 -11.12 -61.53 28.33
N ASP A 734 -12.34 -61.41 28.89
CA ASP A 734 -13.53 -61.19 28.09
C ASP A 734 -13.54 -59.80 27.47
N HIS A 735 -13.05 -58.79 28.20
CA HIS A 735 -12.93 -57.44 27.66
C HIS A 735 -11.98 -57.41 26.49
N PHE A 736 -10.85 -58.12 26.59
CA PHE A 736 -9.89 -58.18 25.49
C PHE A 736 -10.46 -58.92 24.30
N GLU A 737 -11.28 -59.96 24.53
CA GLU A 737 -11.92 -60.68 23.43
C GLU A 737 -12.92 -59.79 22.69
N GLU A 738 -13.74 -59.05 23.44
CA GLU A 738 -14.72 -58.12 22.83
C GLU A 738 -14.03 -57.02 22.05
N ALA A 739 -12.96 -56.46 22.61
CA ALA A 739 -12.21 -55.42 21.91
C ALA A 739 -11.45 -55.99 20.71
N MET A 740 -10.98 -57.23 20.81
CA MET A 740 -10.19 -57.84 19.75
C MET A 740 -11.06 -58.22 18.55
N ARG A 741 -12.36 -58.45 18.74
CA ARG A 741 -13.24 -58.67 17.57
C ARG A 741 -13.40 -57.40 16.68
N PHE A 742 -12.86 -56.24 17.09
CA PHE A 742 -12.83 -55.00 16.32
C PHE A 742 -11.43 -54.71 15.78
N ALA A 743 -10.61 -55.74 15.58
CA ALA A 743 -9.22 -55.57 15.16
C ALA A 743 -9.15 -55.15 13.71
N ARG A 744 -8.30 -54.15 13.44
CA ARG A 744 -8.21 -53.53 12.13
C ARG A 744 -6.76 -53.37 11.71
N ARG A 745 -6.42 -53.80 10.50
CA ARG A 745 -5.09 -53.50 10.00
C ARG A 745 -5.04 -52.06 9.52
N SER A 746 -3.85 -51.57 9.24
CA SER A 746 -3.75 -50.20 8.77
C SER A 746 -2.78 -50.03 7.61
N VAL A 747 -2.06 -51.07 7.19
CA VAL A 747 -1.14 -51.00 6.07
C VAL A 747 -1.38 -52.25 5.24
N SER A 748 -1.43 -52.09 3.91
CA SER A 748 -1.67 -53.19 3.01
C SER A 748 -0.35 -53.87 2.61
N ASP A 749 -0.47 -54.97 1.87
CA ASP A 749 0.71 -55.70 1.41
C ASP A 749 1.49 -54.91 0.36
N ASN A 750 0.77 -54.23 -0.53
CA ASN A 750 1.37 -53.46 -1.62
C ASN A 750 2.27 -52.35 -1.11
N ASP A 751 1.88 -51.75 0.03
CA ASP A 751 2.68 -50.67 0.62
C ASP A 751 4.02 -51.20 1.13
N ILE A 752 3.99 -52.37 1.79
CA ILE A 752 5.21 -53.04 2.25
C ILE A 752 6.10 -53.39 1.07
N ARG A 753 5.48 -53.87 -0.03
CA ARG A 753 6.27 -54.21 -1.20
C ARG A 753 6.87 -52.96 -1.83
N LYS A 754 6.18 -51.81 -1.76
CA LYS A 754 6.74 -50.56 -2.27
C LYS A 754 7.96 -50.12 -1.46
N TYR A 755 7.83 -50.15 -0.12
CA TYR A 755 8.97 -49.88 0.76
C TYR A 755 10.13 -50.85 0.49
N GLU A 756 9.80 -52.10 0.18
CA GLU A 756 10.82 -53.12 -0.03
C GLU A 756 11.52 -52.91 -1.38
N MET A 757 10.78 -52.46 -2.41
CA MET A 757 11.42 -52.03 -3.66
C MET A 757 12.38 -50.87 -3.42
N PHE A 758 11.97 -49.90 -2.60
CA PHE A 758 12.86 -48.77 -2.29
C PHE A 758 14.11 -49.26 -1.55
N ALA A 759 13.93 -50.23 -0.64
CA ALA A 759 15.03 -50.77 0.15
C ALA A 759 15.99 -51.56 -0.73
N GLN A 760 15.46 -52.45 -1.57
CA GLN A 760 16.31 -53.23 -2.48
C GLN A 760 17.00 -52.32 -3.48
N THR A 761 16.24 -51.36 -4.02
CA THR A 761 16.81 -50.39 -5.00
C THR A 761 17.34 -49.16 -4.27
N LEU A 762 17.95 -49.34 -3.09
CA LEU A 762 18.53 -48.22 -2.36
C LEU A 762 19.81 -47.76 -3.06
N GLN A 763 20.38 -48.62 -3.89
CA GLN A 763 21.58 -48.33 -4.66
C GLN A 763 21.18 -47.89 -6.05
N GLN A 764 22.16 -47.25 -6.74
CA GLN A 764 22.07 -46.79 -8.13
C GLN A 764 20.92 -45.80 -8.29
N SER A 765 20.93 -44.75 -7.46
CA SER A 765 20.19 -43.51 -7.74
C SER A 765 21.11 -42.29 -7.75
N ARG A 766 21.61 -41.87 -6.59
CA ARG A 766 22.16 -40.52 -6.30
C ARG A 766 23.21 -39.93 -7.26
N LYS B 18 -29.80 -15.33 76.81
CA LYS B 18 -30.85 -15.24 75.81
C LYS B 18 -30.37 -15.89 74.53
N GLN B 19 -31.27 -16.55 73.80
CA GLN B 19 -30.93 -17.26 72.57
C GLN B 19 -31.28 -16.38 71.39
N LYS B 20 -30.26 -15.96 70.63
CA LYS B 20 -30.48 -15.11 69.48
C LYS B 20 -29.70 -15.54 68.24
N ASN B 21 -28.61 -16.31 68.40
CA ASN B 21 -27.73 -16.60 67.27
C ASN B 21 -28.37 -17.61 66.30
N ARG B 22 -28.84 -18.74 66.83
CA ARG B 22 -29.32 -19.80 65.95
C ARG B 22 -30.77 -19.60 65.48
N PRO B 23 -31.78 -19.30 66.30
CA PRO B 23 -33.13 -19.15 65.73
C PRO B 23 -33.39 -17.79 65.11
N ASN B 24 -32.59 -16.77 65.36
CA ASN B 24 -32.96 -15.41 64.98
C ASN B 24 -31.83 -14.72 64.23
N ARG B 25 -31.29 -15.36 63.20
CA ARG B 25 -30.28 -14.74 62.35
C ARG B 25 -30.43 -15.26 60.93
N LEU B 26 -30.47 -14.35 59.96
CA LEU B 26 -30.51 -14.69 58.55
C LEU B 26 -29.68 -13.68 57.77
N ILE B 27 -29.46 -13.97 56.49
CA ILE B 27 -28.64 -13.14 55.61
C ILE B 27 -29.51 -12.72 54.42
N VAL B 28 -29.49 -11.42 54.11
CA VAL B 28 -30.31 -10.84 53.06
C VAL B 28 -29.79 -11.26 51.69
N ASP B 29 -30.71 -11.51 50.74
CA ASP B 29 -30.31 -11.69 49.34
C ASP B 29 -31.43 -11.18 48.44
N GLU B 30 -31.30 -11.43 47.13
CA GLU B 30 -32.23 -10.95 46.12
C GLU B 30 -33.61 -11.57 46.29
N ALA B 31 -34.60 -10.96 45.63
CA ALA B 31 -35.99 -11.39 45.73
C ALA B 31 -36.51 -11.88 44.38
N ILE B 32 -37.59 -12.65 44.44
CA ILE B 32 -38.23 -13.21 43.25
C ILE B 32 -39.64 -12.62 43.13
N ASN B 33 -40.26 -12.29 44.26
CA ASN B 33 -41.57 -11.68 44.22
C ASN B 33 -41.43 -10.16 44.17
N GLU B 34 -42.49 -9.49 43.71
CA GLU B 34 -42.47 -8.04 43.53
C GLU B 34 -43.28 -7.27 44.56
N ASP B 35 -44.04 -7.94 45.43
CA ASP B 35 -44.84 -7.25 46.43
C ASP B 35 -43.92 -6.66 47.51
N ASN B 36 -44.24 -5.43 47.92
CA ASN B 36 -43.45 -4.69 48.90
C ASN B 36 -43.70 -5.11 50.34
N SER B 37 -44.41 -6.20 50.58
CA SER B 37 -44.68 -6.67 51.93
C SER B 37 -44.37 -8.14 52.11
N VAL B 38 -44.19 -8.89 51.04
CA VAL B 38 -43.95 -10.32 51.11
C VAL B 38 -42.46 -10.54 51.30
N VAL B 39 -42.09 -11.23 52.38
CA VAL B 39 -40.73 -11.66 52.61
C VAL B 39 -40.69 -13.19 52.55
N SER B 40 -39.81 -13.71 51.72
CA SER B 40 -39.79 -15.14 51.41
C SER B 40 -38.67 -15.86 52.12
N LEU B 41 -38.99 -17.00 52.74
CA LEU B 41 -37.97 -17.84 53.35
C LEU B 41 -38.37 -19.31 53.19
N SER B 42 -37.46 -20.19 53.59
CA SER B 42 -37.59 -21.63 53.40
C SER B 42 -38.32 -22.31 54.55
N GLN B 43 -38.98 -23.43 54.23
CA GLN B 43 -39.83 -24.14 55.19
C GLN B 43 -39.11 -24.66 56.45
N PRO B 44 -37.87 -25.25 56.41
CA PRO B 44 -37.18 -25.63 57.68
C PRO B 44 -37.01 -24.48 58.68
N LYS B 45 -36.55 -23.33 58.21
CA LYS B 45 -36.46 -22.17 59.09
C LYS B 45 -37.83 -21.74 59.59
N MET B 46 -38.88 -21.89 58.76
CA MET B 46 -40.19 -21.38 59.14
C MET B 46 -40.82 -22.25 60.22
N ASP B 47 -40.67 -23.58 60.13
CA ASP B 47 -41.16 -24.38 61.24
C ASP B 47 -40.14 -24.47 62.38
N GLU B 48 -38.93 -23.96 62.18
CA GLU B 48 -38.02 -23.77 63.30
C GLU B 48 -38.37 -22.51 64.09
N LEU B 49 -38.67 -21.40 63.40
CA LEU B 49 -39.10 -20.17 64.07
C LEU B 49 -40.48 -20.23 64.69
N GLN B 50 -41.25 -21.31 64.43
CA GLN B 50 -42.65 -21.49 64.83
C GLN B 50 -43.54 -20.41 64.23
N LEU B 51 -43.47 -20.31 62.90
CA LEU B 51 -44.25 -19.34 62.14
C LEU B 51 -45.00 -20.03 61.01
N PHE B 52 -46.25 -19.64 60.83
CA PHE B 52 -47.08 -20.13 59.75
C PHE B 52 -47.19 -19.06 58.68
N ARG B 53 -47.72 -19.47 57.51
CA ARG B 53 -47.90 -18.56 56.38
C ARG B 53 -48.85 -17.41 56.73
N GLY B 54 -48.61 -16.27 56.11
CA GLY B 54 -49.45 -15.09 56.30
C GLY B 54 -49.26 -14.33 57.59
N ASP B 55 -48.56 -14.89 58.59
CA ASP B 55 -48.35 -14.20 59.85
C ASP B 55 -47.42 -13.02 59.65
N THR B 56 -47.80 -11.86 60.17
CA THR B 56 -46.95 -10.70 60.13
C THR B 56 -45.73 -10.92 61.01
N VAL B 57 -44.55 -10.62 60.48
CA VAL B 57 -43.29 -10.88 61.14
C VAL B 57 -42.61 -9.52 61.29
N LEU B 58 -41.68 -9.42 62.24
CA LEU B 58 -41.02 -8.15 62.55
C LEU B 58 -39.52 -8.28 62.34
N LEU B 59 -38.95 -7.34 61.59
CA LEU B 59 -37.54 -7.37 61.23
C LEU B 59 -36.84 -6.15 61.82
N LYS B 60 -35.69 -6.39 62.45
CA LYS B 60 -34.82 -5.33 62.94
C LYS B 60 -33.50 -5.38 62.17
N GLY B 61 -33.01 -4.21 61.77
CA GLY B 61 -31.80 -4.14 60.98
C GLY B 61 -30.83 -3.12 61.58
N LYS B 62 -30.01 -2.54 60.71
CA LYS B 62 -29.02 -1.57 61.12
C LYS B 62 -29.70 -0.29 61.56
N LYS B 63 -29.08 0.39 62.54
CA LYS B 63 -29.57 1.69 63.08
C LYS B 63 -30.97 1.53 63.67
N ARG B 64 -31.19 0.49 64.49
CA ARG B 64 -32.48 0.25 65.19
C ARG B 64 -33.68 0.70 64.35
N ARG B 65 -33.70 0.32 63.08
CA ARG B 65 -34.87 0.40 62.21
C ARG B 65 -35.66 -0.90 62.25
N GLU B 66 -36.98 -0.79 62.09
CA GLU B 66 -37.87 -1.94 62.17
C GLU B 66 -38.79 -1.96 60.97
N ALA B 67 -39.36 -3.12 60.70
CA ALA B 67 -40.34 -3.26 59.63
C ALA B 67 -41.26 -4.44 59.92
N VAL B 68 -42.50 -4.30 59.50
CA VAL B 68 -43.53 -5.33 59.67
C VAL B 68 -43.88 -5.84 58.28
N CYS B 69 -43.88 -7.16 58.11
CA CYS B 69 -44.07 -7.75 56.78
C CYS B 69 -44.81 -9.07 56.86
N ILE B 70 -45.73 -9.32 55.93
CA ILE B 70 -46.29 -10.65 55.81
C ILE B 70 -45.23 -11.61 55.29
N VAL B 71 -45.32 -12.88 55.69
CA VAL B 71 -44.28 -13.86 55.43
C VAL B 71 -44.79 -14.83 54.37
N LEU B 72 -43.86 -15.53 53.71
CA LEU B 72 -44.21 -16.51 52.70
C LEU B 72 -43.09 -17.54 52.62
N SER B 73 -43.45 -18.74 52.19
CA SER B 73 -42.53 -19.86 52.07
C SER B 73 -42.18 -20.13 50.61
N ASP B 74 -40.95 -20.60 50.41
CA ASP B 74 -40.46 -20.96 49.08
C ASP B 74 -39.52 -22.15 49.29
N ASP B 75 -38.98 -22.68 48.20
CA ASP B 75 -38.08 -23.82 48.28
C ASP B 75 -36.68 -23.53 47.76
N ALA B 76 -36.55 -22.68 46.74
CA ALA B 76 -35.26 -22.34 46.13
C ALA B 76 -34.47 -21.34 46.99
N CYS B 77 -34.17 -21.74 48.22
CA CYS B 77 -33.40 -20.94 49.17
C CYS B 77 -32.52 -21.88 49.98
N SER B 78 -31.62 -21.28 50.73
CA SER B 78 -30.84 -22.03 51.71
C SER B 78 -31.57 -21.98 53.05
N ASP B 79 -30.90 -22.39 54.12
CA ASP B 79 -31.49 -22.36 55.45
C ASP B 79 -30.95 -21.21 56.30
N GLU B 80 -30.33 -20.21 55.67
CA GLU B 80 -29.96 -19.00 56.40
C GLU B 80 -30.13 -17.76 55.53
N LYS B 81 -30.74 -17.89 54.36
CA LYS B 81 -30.94 -16.77 53.47
C LYS B 81 -32.40 -16.32 53.50
N ILE B 82 -32.61 -15.02 53.43
CA ILE B 82 -33.95 -14.43 53.43
C ILE B 82 -34.06 -13.50 52.22
N ARG B 83 -35.15 -13.65 51.47
CA ARG B 83 -35.35 -12.88 50.25
C ARG B 83 -36.33 -11.75 50.52
N MET B 84 -35.85 -10.52 50.38
CA MET B 84 -36.68 -9.35 50.59
C MET B 84 -36.54 -8.40 49.40
N ASN B 85 -37.62 -7.67 49.12
CA ASN B 85 -37.67 -6.75 48.00
C ASN B 85 -36.80 -5.53 48.29
N ARG B 86 -36.62 -4.68 47.27
CA ARG B 86 -35.69 -3.55 47.40
C ARG B 86 -36.24 -2.46 48.31
N VAL B 87 -37.56 -2.32 48.38
CA VAL B 87 -38.18 -1.28 49.20
C VAL B 87 -37.98 -1.59 50.68
N VAL B 88 -38.37 -2.80 51.09
CA VAL B 88 -38.21 -3.23 52.48
C VAL B 88 -36.73 -3.29 52.88
N ARG B 89 -35.85 -3.69 51.96
CA ARG B 89 -34.41 -3.73 52.22
C ARG B 89 -33.85 -2.34 52.47
N ASN B 90 -34.23 -1.37 51.61
CA ASN B 90 -33.79 0.01 51.78
C ASN B 90 -34.45 0.67 52.99
N ASN B 91 -35.55 0.10 53.48
CA ASN B 91 -36.23 0.65 54.64
C ASN B 91 -35.54 0.30 55.96
N LEU B 92 -34.67 -0.71 55.96
CA LEU B 92 -33.93 -1.14 57.14
C LEU B 92 -32.51 -0.64 57.19
N ARG B 93 -32.05 0.06 56.15
CA ARG B 93 -30.70 0.60 55.92
C ARG B 93 -29.66 -0.49 55.66
N VAL B 94 -30.05 -1.77 55.57
CA VAL B 94 -29.11 -2.83 55.28
C VAL B 94 -28.85 -2.90 53.79
N ARG B 95 -27.84 -3.67 53.40
CA ARG B 95 -27.54 -3.98 52.01
C ARG B 95 -27.42 -5.49 51.92
N LEU B 96 -27.30 -6.00 50.69
CA LEU B 96 -27.18 -7.43 50.46
C LEU B 96 -25.94 -8.00 51.14
N GLY B 97 -26.08 -9.17 51.74
CA GLY B 97 -25.00 -9.79 52.46
C GLY B 97 -24.89 -9.40 53.91
N ASP B 98 -25.82 -8.58 54.41
CA ASP B 98 -25.84 -8.21 55.82
C ASP B 98 -26.77 -9.13 56.59
N VAL B 99 -26.75 -8.97 57.92
CA VAL B 99 -27.53 -9.81 58.82
C VAL B 99 -28.58 -8.95 59.52
N ILE B 100 -29.71 -9.58 59.81
CA ILE B 100 -30.84 -8.92 60.45
C ILE B 100 -31.37 -9.82 61.56
N SER B 101 -32.33 -9.29 62.31
CA SER B 101 -32.97 -10.03 63.38
C SER B 101 -34.45 -10.17 63.07
N ILE B 102 -34.99 -11.35 63.32
CA ILE B 102 -36.38 -11.65 63.00
C ILE B 102 -37.11 -12.02 64.30
N GLN B 103 -38.41 -11.70 64.36
CA GLN B 103 -39.22 -11.98 65.54
C GLN B 103 -40.68 -12.15 65.13
N PRO B 104 -41.46 -12.90 65.89
CA PRO B 104 -42.91 -12.89 65.67
C PRO B 104 -43.61 -11.75 66.39
N CYS B 105 -44.53 -11.08 65.68
CA CYS B 105 -45.25 -9.92 66.19
C CYS B 105 -46.77 -10.15 66.13
N PRO B 106 -47.33 -10.84 67.12
CA PRO B 106 -48.75 -11.21 67.05
C PRO B 106 -49.69 -10.16 67.63
N ASP B 107 -49.22 -8.93 67.82
CA ASP B 107 -50.01 -7.89 68.46
C ASP B 107 -50.17 -6.66 67.58
N VAL B 108 -50.44 -6.87 66.30
CA VAL B 108 -50.81 -5.79 65.40
C VAL B 108 -52.32 -5.74 65.30
N LYS B 109 -52.86 -4.53 65.18
CA LYS B 109 -54.31 -4.32 65.16
C LYS B 109 -54.69 -3.51 63.93
N TYR B 110 -55.97 -3.50 63.62
CA TYR B 110 -56.45 -2.72 62.48
C TYR B 110 -56.42 -1.24 62.81
N GLY B 111 -56.14 -0.43 61.81
CA GLY B 111 -56.09 1.00 62.00
C GLY B 111 -57.44 1.65 61.90
N LYS B 112 -57.51 2.89 62.38
CA LYS B 112 -58.71 3.71 62.26
C LYS B 112 -58.44 5.11 61.74
N ARG B 113 -57.17 5.47 61.45
CA ARG B 113 -56.77 6.76 60.92
C ARG B 113 -55.33 6.69 60.46
N ILE B 114 -55.02 7.12 59.24
CA ILE B 114 -53.66 7.12 58.70
C ILE B 114 -53.51 8.50 58.05
N HIS B 115 -52.27 8.92 57.82
CA HIS B 115 -51.97 10.17 57.13
C HIS B 115 -50.70 9.92 56.33
N VAL B 116 -50.74 10.20 55.03
CA VAL B 116 -49.66 9.89 54.11
C VAL B 116 -49.34 11.15 53.33
N LEU B 117 -48.08 11.32 52.94
CA LEU B 117 -47.62 12.46 52.15
C LEU B 117 -46.80 11.97 50.96
N PRO B 118 -46.68 12.77 49.91
CA PRO B 118 -45.76 12.42 48.83
C PRO B 118 -44.39 13.06 48.99
N ILE B 119 -43.46 12.63 48.14
CA ILE B 119 -42.11 13.19 48.07
C ILE B 119 -42.06 14.13 46.88
N ASP B 120 -41.58 15.36 47.09
CA ASP B 120 -41.66 16.40 46.04
C ASP B 120 -40.74 16.11 44.86
N ASP B 121 -39.64 15.38 45.07
CA ASP B 121 -38.74 15.03 43.97
C ASP B 121 -39.43 14.14 42.95
N THR B 122 -40.43 13.38 43.38
CA THR B 122 -41.11 12.41 42.55
C THR B 122 -42.31 13.01 41.84
N VAL B 123 -43.11 13.80 42.53
CA VAL B 123 -44.30 14.40 41.94
C VAL B 123 -43.88 15.66 41.18
N GLU B 124 -43.90 15.57 39.86
CA GLU B 124 -43.60 16.68 38.97
C GLU B 124 -44.53 16.55 37.78
N GLY B 125 -45.28 17.61 37.51
CA GLY B 125 -46.28 17.56 36.45
C GLY B 125 -47.47 16.67 36.73
N ILE B 126 -47.65 16.21 37.97
CA ILE B 126 -48.80 15.42 38.34
C ILE B 126 -49.91 16.39 38.71
N THR B 127 -51.00 16.36 37.97
CA THR B 127 -52.15 17.21 38.18
C THR B 127 -53.35 16.35 38.52
N GLY B 128 -54.29 16.96 39.23
CA GLY B 128 -55.41 16.24 39.80
C GLY B 128 -55.15 15.88 41.24
N ASN B 129 -55.90 14.89 41.73
CA ASN B 129 -55.74 14.38 43.08
C ASN B 129 -55.07 13.02 43.03
N LEU B 130 -54.12 12.80 43.95
CA LEU B 130 -53.34 11.59 44.00
C LEU B 130 -54.04 10.43 44.67
N PHE B 131 -55.04 10.71 45.52
CA PHE B 131 -55.76 9.71 46.32
C PHE B 131 -56.45 8.67 45.45
N GLU B 132 -57.43 9.10 44.66
CA GLU B 132 -58.30 8.17 43.94
C GLU B 132 -57.61 7.49 42.75
N VAL B 133 -56.42 7.94 42.35
CA VAL B 133 -55.77 7.37 41.17
C VAL B 133 -54.71 6.38 41.64
N TYR B 134 -54.09 6.63 42.79
CA TYR B 134 -52.98 5.82 43.27
C TYR B 134 -53.25 5.11 44.58
N LEU B 135 -53.70 5.82 45.61
CA LEU B 135 -53.87 5.19 46.90
C LEU B 135 -55.16 4.39 47.02
N LYS B 136 -56.07 4.53 46.09
CA LYS B 136 -57.28 3.72 46.11
C LYS B 136 -57.03 2.29 45.60
N PRO B 137 -56.34 2.02 44.46
CA PRO B 137 -56.17 0.61 44.08
C PRO B 137 -55.10 -0.13 44.86
N TYR B 138 -54.20 0.59 45.53
CA TYR B 138 -53.10 -0.05 46.25
C TYR B 138 -53.63 -0.78 47.48
N PHE B 139 -54.29 -0.08 48.39
CA PHE B 139 -54.89 -0.73 49.56
C PHE B 139 -56.30 -1.24 49.24
N LEU B 140 -56.42 -2.07 48.20
CA LEU B 140 -57.71 -2.59 47.78
C LEU B 140 -57.67 -4.10 47.87
N GLU B 141 -58.49 -4.66 48.76
CA GLU B 141 -58.69 -6.10 48.98
C GLU B 141 -57.40 -6.83 49.33
N ALA B 142 -56.44 -6.13 49.94
CA ALA B 142 -55.17 -6.72 50.35
C ALA B 142 -54.78 -6.08 51.68
N TYR B 143 -54.95 -6.85 52.76
CA TYR B 143 -54.55 -6.44 54.09
C TYR B 143 -53.04 -6.27 54.18
N ARG B 144 -52.58 -5.02 54.23
CA ARG B 144 -51.16 -4.73 54.20
C ARG B 144 -50.72 -4.09 55.50
N PRO B 145 -49.65 -4.55 56.13
CA PRO B 145 -49.18 -3.94 57.37
C PRO B 145 -48.23 -2.80 57.11
N ILE B 146 -48.25 -1.82 58.03
CA ILE B 146 -47.44 -0.62 57.92
C ILE B 146 -46.95 -0.21 59.29
N ARG B 147 -45.85 0.55 59.29
CA ARG B 147 -45.26 1.13 60.48
C ARG B 147 -45.01 2.60 60.19
N LYS B 148 -45.09 3.44 61.23
CA LYS B 148 -44.90 4.87 61.10
C LYS B 148 -43.49 5.19 60.62
N GLY B 149 -43.40 6.06 59.62
CA GLY B 149 -42.12 6.53 59.16
C GLY B 149 -41.49 5.72 58.05
N ASP B 150 -42.25 4.87 57.38
CA ASP B 150 -41.69 4.11 56.27
C ASP B 150 -41.86 4.88 54.96
N ILE B 151 -41.44 4.27 53.85
CA ILE B 151 -41.66 4.81 52.52
C ILE B 151 -42.02 3.64 51.62
N PHE B 152 -43.12 3.76 50.88
CA PHE B 152 -43.52 2.75 49.93
C PHE B 152 -43.70 3.38 48.55
N LEU B 153 -43.96 2.53 47.56
CA LEU B 153 -43.90 2.94 46.17
C LEU B 153 -45.05 2.33 45.39
N VAL B 154 -45.73 3.15 44.58
CA VAL B 154 -46.86 2.71 43.77
C VAL B 154 -46.58 3.06 42.32
N ARG B 155 -46.89 2.14 41.41
CA ARG B 155 -46.59 2.29 40.00
C ARG B 155 -47.88 2.44 39.19
N GLY B 156 -47.84 3.32 38.20
CA GLY B 156 -48.99 3.52 37.34
C GLY B 156 -48.90 4.84 36.63
N GLY B 157 -49.74 4.97 35.60
CA GLY B 157 -49.80 6.18 34.77
C GLY B 157 -48.49 6.55 34.12
N MET B 158 -47.68 5.54 33.76
CA MET B 158 -46.33 5.66 33.18
C MET B 158 -45.38 6.40 34.12
N ARG B 159 -45.63 6.33 35.44
CA ARG B 159 -44.76 6.89 36.45
C ARG B 159 -44.72 5.96 37.66
N ALA B 160 -43.84 6.29 38.60
CA ALA B 160 -43.71 5.56 39.85
C ALA B 160 -43.59 6.58 40.95
N VAL B 161 -44.56 6.61 41.86
CA VAL B 161 -44.67 7.64 42.88
C VAL B 161 -44.41 7.03 44.25
N GLU B 162 -43.63 7.74 45.07
CA GLU B 162 -43.31 7.33 46.42
C GLU B 162 -44.25 8.01 47.40
N PHE B 163 -44.45 7.38 48.56
CA PHE B 163 -45.32 7.90 49.59
C PHE B 163 -44.74 7.58 50.96
N LYS B 164 -44.83 8.54 51.88
CA LYS B 164 -44.29 8.42 53.22
C LYS B 164 -45.42 8.48 54.24
N VAL B 165 -45.44 7.51 55.15
CA VAL B 165 -46.46 7.47 56.20
C VAL B 165 -46.01 8.37 57.34
N VAL B 166 -46.92 9.19 57.86
CA VAL B 166 -46.59 10.15 58.89
C VAL B 166 -47.19 9.77 60.25
N GLU B 167 -48.37 9.18 60.28
CA GLU B 167 -49.02 8.89 61.54
C GLU B 167 -49.76 7.56 61.40
N THR B 168 -50.16 6.98 62.53
CA THR B 168 -50.97 5.76 62.58
C THR B 168 -51.77 5.82 63.87
N ASP B 169 -53.04 5.41 63.83
CA ASP B 169 -53.90 5.57 65.00
C ASP B 169 -53.59 4.51 66.07
N PRO B 170 -53.40 3.18 65.75
CA PRO B 170 -52.80 2.34 66.81
C PRO B 170 -51.27 2.37 66.73
N SER B 171 -50.71 3.56 67.03
CA SER B 171 -49.30 3.88 66.86
C SER B 171 -48.37 2.94 67.62
N PRO B 172 -47.19 2.63 67.08
CA PRO B 172 -46.61 3.09 65.81
C PRO B 172 -46.66 2.11 64.64
N TYR B 173 -47.55 1.13 64.63
CA TYR B 173 -47.69 0.21 63.50
C TYR B 173 -49.04 -0.49 63.55
N CYS B 174 -49.55 -0.86 62.37
CA CYS B 174 -50.89 -1.44 62.28
C CYS B 174 -51.01 -2.22 60.97
N ILE B 175 -52.24 -2.66 60.67
CA ILE B 175 -52.60 -3.34 59.43
C ILE B 175 -53.74 -2.53 58.79
N VAL B 176 -53.74 -2.43 57.46
CA VAL B 176 -54.74 -1.67 56.73
C VAL B 176 -55.93 -2.59 56.48
N ALA B 177 -57.04 -2.30 57.12
CA ALA B 177 -58.31 -2.97 56.99
C ALA B 177 -59.20 -2.15 56.06
N PRO B 178 -60.26 -2.76 55.47
CA PRO B 178 -61.16 -1.98 54.57
C PRO B 178 -61.80 -0.73 55.18
N ASP B 179 -62.05 -0.71 56.49
CA ASP B 179 -62.71 0.42 57.14
C ASP B 179 -61.72 1.39 57.76
N THR B 180 -60.53 1.49 57.19
CA THR B 180 -59.48 2.35 57.70
C THR B 180 -59.44 3.62 56.85
N VAL B 181 -59.92 4.74 57.40
CA VAL B 181 -59.94 6.00 56.67
C VAL B 181 -58.53 6.50 56.43
N ILE B 182 -58.35 7.25 55.34
CA ILE B 182 -57.06 7.81 54.98
C ILE B 182 -57.27 9.30 54.77
N HIS B 183 -56.55 10.11 55.54
CA HIS B 183 -56.58 11.55 55.37
C HIS B 183 -55.33 11.90 54.58
N CYS B 184 -55.46 11.98 53.26
CA CYS B 184 -54.35 12.38 52.39
C CYS B 184 -54.38 13.90 52.26
N GLU B 185 -54.01 14.55 53.36
CA GLU B 185 -54.09 16.00 53.50
C GLU B 185 -52.70 16.56 53.74
N GLY B 186 -52.35 17.61 53.00
CA GLY B 186 -51.09 18.26 53.23
C GLY B 186 -50.36 18.53 51.95
N GLU B 187 -49.11 18.96 52.09
CA GLU B 187 -48.25 19.37 51.01
C GLU B 187 -47.04 18.44 50.95
N PRO B 188 -46.35 18.36 49.79
CA PRO B 188 -45.19 17.46 49.65
C PRO B 188 -44.07 17.71 50.68
N ILE B 189 -43.34 16.63 50.98
CA ILE B 189 -42.29 16.65 51.99
C ILE B 189 -40.95 16.47 51.28
N LYS B 190 -39.87 16.87 51.96
CA LYS B 190 -38.54 16.89 51.37
C LYS B 190 -37.82 15.58 51.65
N ARG B 191 -37.08 15.10 50.65
CA ARG B 191 -36.24 13.94 50.84
C ARG B 191 -34.98 14.38 51.57
N GLU B 192 -34.68 13.76 52.70
CA GLU B 192 -33.52 14.15 53.48
C GLU B 192 -32.25 13.52 52.89
N ASP B 193 -31.13 13.74 53.55
CA ASP B 193 -29.83 13.33 53.03
C ASP B 193 -29.41 11.96 53.54
N GLU B 194 -30.34 11.15 54.04
CA GLU B 194 -30.01 9.84 54.58
C GLU B 194 -30.48 8.68 53.72
N GLU B 195 -31.71 8.72 53.26
CA GLU B 195 -32.24 7.65 52.43
C GLU B 195 -31.90 7.92 50.97
N GLU B 196 -31.75 6.85 50.21
CA GLU B 196 -31.43 7.00 48.80
C GLU B 196 -32.71 6.88 47.99
N SER B 197 -32.67 7.40 46.77
CA SER B 197 -33.83 7.37 45.90
C SER B 197 -34.10 5.96 45.39
N LEU B 198 -35.31 5.75 44.87
CA LEU B 198 -35.70 4.47 44.32
C LEU B 198 -35.91 4.51 42.81
N ASN B 199 -35.54 5.61 42.16
CA ASN B 199 -35.45 5.63 40.71
C ASN B 199 -34.05 5.35 40.23
N GLU B 200 -33.13 5.04 41.14
CA GLU B 200 -31.76 4.69 40.80
C GLU B 200 -31.68 3.27 40.25
N VAL B 201 -30.47 2.81 40.02
CA VAL B 201 -30.26 1.52 39.38
C VAL B 201 -29.91 0.50 40.47
N GLY B 202 -30.39 -0.71 40.30
CA GLY B 202 -30.07 -1.82 41.17
C GLY B 202 -30.08 -3.06 40.31
N TYR B 203 -29.73 -4.20 40.91
CA TYR B 203 -29.70 -5.49 40.21
C TYR B 203 -31.05 -5.91 39.64
N ASP B 204 -32.14 -5.39 40.17
CA ASP B 204 -33.48 -5.72 39.69
C ASP B 204 -33.78 -5.08 38.35
N ASP B 205 -33.07 -4.01 37.98
CA ASP B 205 -33.28 -3.30 36.72
C ASP B 205 -32.38 -3.79 35.62
N ILE B 206 -32.00 -5.06 35.64
CA ILE B 206 -31.13 -5.66 34.64
C ILE B 206 -31.76 -6.98 34.23
N GLY B 207 -32.30 -7.03 33.02
CA GLY B 207 -32.93 -8.24 32.54
C GLY B 207 -31.91 -9.12 31.84
N GLY B 208 -32.03 -10.43 32.06
CA GLY B 208 -31.10 -11.40 31.52
C GLY B 208 -29.71 -11.23 32.14
N CYS B 209 -28.74 -11.96 31.56
CA CYS B 209 -27.31 -11.90 31.91
C CYS B 209 -27.10 -12.24 33.39
N ARG B 210 -27.39 -13.50 33.71
CA ARG B 210 -27.30 -13.95 35.08
C ARG B 210 -25.91 -14.43 35.46
N LYS B 211 -25.29 -15.24 34.59
CA LYS B 211 -23.98 -15.82 34.87
C LYS B 211 -22.90 -14.75 35.00
N GLN B 212 -22.90 -13.78 34.10
CA GLN B 212 -21.93 -12.70 34.15
C GLN B 212 -22.13 -11.83 35.38
N LEU B 213 -23.38 -11.60 35.76
CA LEU B 213 -23.68 -10.87 36.99
C LEU B 213 -23.14 -11.60 38.20
N ALA B 214 -23.26 -12.93 38.22
CA ALA B 214 -22.71 -13.75 39.30
C ALA B 214 -21.20 -13.61 39.39
N GLN B 215 -20.52 -13.66 38.23
CA GLN B 215 -19.07 -13.50 38.18
C GLN B 215 -18.62 -12.15 38.71
N ILE B 216 -19.21 -11.06 38.20
CA ILE B 216 -18.80 -9.72 38.64
C ILE B 216 -19.12 -9.50 40.12
N LYS B 217 -20.23 -10.07 40.60
CA LYS B 217 -20.59 -9.91 42.01
C LYS B 217 -19.63 -10.62 42.92
N GLU B 218 -19.21 -11.84 42.55
CA GLU B 218 -18.22 -12.53 43.37
C GLU B 218 -16.81 -11.97 43.19
N MET B 219 -16.57 -11.19 42.13
CA MET B 219 -15.24 -10.66 41.87
C MET B 219 -14.95 -9.39 42.66
N VAL B 220 -15.97 -8.64 43.09
CA VAL B 220 -15.79 -7.39 43.81
C VAL B 220 -16.43 -7.43 45.20
N GLU B 221 -16.75 -8.64 45.68
CA GLU B 221 -17.44 -8.79 46.96
C GLU B 221 -16.53 -8.41 48.12
N LEU B 222 -15.39 -9.12 48.26
CA LEU B 222 -14.49 -8.88 49.39
C LEU B 222 -13.85 -7.49 49.40
N PRO B 223 -13.20 -6.96 48.32
CA PRO B 223 -12.54 -5.65 48.44
C PRO B 223 -13.47 -4.49 48.76
N LEU B 224 -14.73 -4.58 48.34
CA LEU B 224 -15.68 -3.48 48.50
C LEU B 224 -16.57 -3.62 49.71
N ARG B 225 -16.78 -4.85 50.21
CA ARG B 225 -17.62 -5.02 51.38
C ARG B 225 -16.80 -5.02 52.66
N HIS B 226 -15.71 -5.78 52.69
CA HIS B 226 -14.83 -5.85 53.85
C HIS B 226 -13.46 -5.28 53.51
N PRO B 227 -13.27 -3.96 53.60
CA PRO B 227 -12.00 -3.38 53.21
C PRO B 227 -10.87 -3.58 54.21
N ALA B 228 -11.22 -3.72 55.50
CA ALA B 228 -10.21 -3.88 56.54
C ALA B 228 -9.50 -5.23 56.48
N LEU B 229 -10.15 -6.24 55.89
CA LEU B 229 -9.58 -7.59 55.75
C LEU B 229 -8.27 -7.58 54.97
N PHE B 230 -8.10 -6.64 54.04
CA PHE B 230 -6.89 -6.53 53.25
C PHE B 230 -5.83 -5.68 53.93
N LYS B 231 -5.94 -5.50 55.25
CA LYS B 231 -4.83 -5.02 56.07
C LYS B 231 -4.33 -6.11 57.00
N ALA B 232 -4.96 -7.28 56.98
CA ALA B 232 -4.60 -8.39 57.84
C ALA B 232 -4.03 -9.58 57.10
N ILE B 233 -4.02 -9.56 55.77
CA ILE B 233 -3.45 -10.62 54.95
C ILE B 233 -2.72 -10.01 53.78
N GLY B 234 -1.67 -10.68 53.34
CA GLY B 234 -1.04 -10.29 52.11
C GLY B 234 -1.59 -11.15 50.99
N VAL B 235 -2.61 -10.65 50.30
CA VAL B 235 -3.27 -11.31 49.18
C VAL B 235 -3.76 -10.19 48.27
N LYS B 236 -3.43 -10.28 46.98
CA LYS B 236 -3.76 -9.22 46.05
C LYS B 236 -5.10 -9.51 45.39
N PRO B 237 -6.11 -8.69 45.60
CA PRO B 237 -7.38 -8.91 44.92
C PRO B 237 -7.32 -8.38 43.50
N PRO B 238 -8.19 -8.84 42.60
CA PRO B 238 -8.17 -8.34 41.22
C PRO B 238 -8.57 -6.86 41.15
N ARG B 239 -7.88 -6.13 40.28
CA ARG B 239 -8.11 -4.69 40.14
C ARG B 239 -8.49 -4.24 38.74
N GLY B 240 -8.31 -5.08 37.73
CA GLY B 240 -8.66 -4.71 36.37
C GLY B 240 -9.74 -5.58 35.76
N ILE B 241 -10.88 -4.98 35.43
CA ILE B 241 -12.01 -5.67 34.83
C ILE B 241 -12.30 -4.99 33.51
N LEU B 242 -12.61 -5.78 32.48
CA LEU B 242 -12.90 -5.27 31.15
C LEU B 242 -14.16 -5.93 30.64
N LEU B 243 -15.22 -5.14 30.50
CA LEU B 243 -16.50 -5.62 29.99
C LEU B 243 -16.57 -5.37 28.50
N TYR B 244 -16.99 -6.36 27.73
CA TYR B 244 -17.16 -6.10 26.32
C TYR B 244 -18.39 -6.82 25.77
N GLY B 245 -18.85 -6.34 24.63
CA GLY B 245 -20.03 -6.81 23.97
C GLY B 245 -20.46 -5.74 23.00
N PRO B 246 -21.41 -6.05 22.11
CA PRO B 246 -21.91 -5.07 21.11
C PRO B 246 -22.50 -3.83 21.77
N PRO B 247 -22.52 -2.69 21.07
CA PRO B 247 -23.14 -1.50 21.66
C PRO B 247 -24.64 -1.66 21.83
N GLY B 248 -25.15 -1.11 22.92
CA GLY B 248 -26.54 -1.23 23.26
C GLY B 248 -26.86 -2.35 24.22
N THR B 249 -25.87 -2.96 24.86
CA THR B 249 -26.07 -4.05 25.79
C THR B 249 -26.06 -3.61 27.25
N GLY B 250 -25.98 -2.31 27.53
CA GLY B 250 -26.09 -1.82 28.88
C GLY B 250 -24.94 -2.17 29.78
N LYS B 251 -23.75 -1.61 29.56
CA LYS B 251 -22.59 -1.90 30.40
C LYS B 251 -22.40 -0.89 31.52
N THR B 252 -22.59 0.40 31.25
CA THR B 252 -22.58 1.41 32.30
C THR B 252 -23.71 1.19 33.30
N LEU B 253 -24.82 0.61 32.84
CA LEU B 253 -25.93 0.21 33.69
C LEU B 253 -25.44 -0.75 34.76
N ILE B 254 -24.79 -1.83 34.32
CA ILE B 254 -24.21 -2.86 35.20
C ILE B 254 -23.21 -2.23 36.17
N ALA B 255 -22.43 -1.25 35.68
CA ALA B 255 -21.46 -0.55 36.51
C ALA B 255 -22.13 0.22 37.64
N ARG B 256 -23.06 1.15 37.30
CA ARG B 256 -23.84 1.88 38.31
C ARG B 256 -24.58 0.97 39.26
N ALA B 257 -25.03 -0.20 38.78
CA ALA B 257 -25.78 -1.15 39.58
C ALA B 257 -24.89 -1.70 40.69
N VAL B 258 -23.77 -2.30 40.27
CA VAL B 258 -22.74 -2.81 41.19
C VAL B 258 -22.35 -1.73 42.20
N ALA B 259 -22.03 -0.52 41.71
CA ALA B 259 -21.59 0.57 42.56
C ALA B 259 -22.67 1.01 43.56
N ASN B 260 -23.94 0.87 43.21
CA ASN B 260 -24.99 1.27 44.14
C ASN B 260 -25.30 0.19 45.16
N GLU B 261 -25.22 -1.08 44.76
CA GLU B 261 -25.59 -2.14 45.68
C GLU B 261 -24.51 -2.44 46.73
N THR B 262 -23.26 -2.08 46.46
CA THR B 262 -22.21 -2.23 47.46
C THR B 262 -22.00 -0.95 48.25
N GLY B 263 -22.70 0.13 47.93
CA GLY B 263 -22.51 1.37 48.64
C GLY B 263 -21.21 2.08 48.39
N ALA B 264 -20.51 1.72 47.32
CA ALA B 264 -19.20 2.29 47.01
C ALA B 264 -19.33 3.59 46.23
N PHE B 265 -18.28 4.38 46.26
CA PHE B 265 -18.22 5.61 45.50
C PHE B 265 -17.99 5.29 44.02
N PHE B 266 -18.57 6.11 43.15
CA PHE B 266 -18.55 5.87 41.71
C PHE B 266 -18.11 7.13 41.00
N PHE B 267 -17.00 7.05 40.28
CA PHE B 267 -16.52 8.14 39.45
C PHE B 267 -16.58 7.70 37.99
N LEU B 268 -16.92 8.62 37.10
CA LEU B 268 -17.17 8.30 35.70
C LEU B 268 -16.26 9.14 34.82
N ILE B 269 -15.43 8.46 34.03
CA ILE B 269 -14.60 9.07 33.01
C ILE B 269 -15.11 8.55 31.68
N ASN B 270 -15.07 9.41 30.66
CA ASN B 270 -15.52 9.02 29.33
C ASN B 270 -14.61 9.57 28.26
N GLY B 271 -14.53 8.84 27.14
CA GLY B 271 -13.62 9.09 26.05
C GLY B 271 -13.75 10.45 25.39
N PRO B 272 -14.88 10.72 24.70
CA PRO B 272 -15.03 11.99 23.96
C PRO B 272 -14.86 13.25 24.80
N GLU B 273 -15.35 13.28 26.04
CA GLU B 273 -15.15 14.44 26.91
C GLU B 273 -13.68 14.69 27.21
N ILE B 274 -12.87 13.64 27.26
CA ILE B 274 -11.45 13.81 27.52
C ILE B 274 -10.75 14.24 26.24
N MET B 275 -11.09 13.63 25.12
CA MET B 275 -10.42 13.91 23.85
C MET B 275 -10.92 15.16 23.14
N SER B 276 -11.77 15.97 23.78
CA SER B 276 -12.27 17.21 23.19
C SER B 276 -11.69 18.44 23.86
N LYS B 277 -10.71 18.27 24.72
CA LYS B 277 -10.11 19.37 25.44
C LYS B 277 -8.75 19.70 24.82
N LEU B 278 -8.07 20.66 25.43
CA LEU B 278 -6.68 20.93 25.13
C LEU B 278 -5.81 19.89 25.83
N ALA B 279 -4.51 19.91 25.50
CA ALA B 279 -3.56 18.90 26.01
C ALA B 279 -3.47 18.90 27.53
N GLY B 280 -3.01 20.03 28.09
CA GLY B 280 -2.80 20.15 29.53
C GLY B 280 -4.04 19.90 30.36
N GLU B 281 -5.18 20.37 29.87
CA GLU B 281 -6.46 20.17 30.56
C GLU B 281 -6.86 18.71 30.57
N SER B 282 -6.61 18.00 29.46
CA SER B 282 -6.93 16.57 29.39
C SER B 282 -6.09 15.76 30.38
N GLU B 283 -4.77 16.02 30.42
CA GLU B 283 -3.90 15.33 31.37
C GLU B 283 -4.28 15.66 32.81
N SER B 284 -4.59 16.93 33.08
CA SER B 284 -4.93 17.36 34.42
C SER B 284 -6.23 16.73 34.90
N ASN B 285 -7.22 16.60 34.01
CA ASN B 285 -8.47 15.93 34.38
C ASN B 285 -8.25 14.44 34.66
N LEU B 286 -7.48 13.77 33.79
CA LEU B 286 -7.17 12.36 33.98
C LEU B 286 -6.43 12.11 35.28
N ARG B 287 -5.57 13.04 35.69
CA ARG B 287 -4.84 12.90 36.95
C ARG B 287 -5.73 13.16 38.15
N LYS B 288 -6.53 14.25 38.09
CA LYS B 288 -7.41 14.65 39.18
C LYS B 288 -8.44 13.58 39.50
N ALA B 289 -8.92 12.88 38.45
CA ALA B 289 -9.89 11.81 38.62
C ALA B 289 -9.36 10.72 39.55
N PHE B 290 -8.14 10.25 39.28
CA PHE B 290 -7.52 9.21 40.09
C PHE B 290 -7.27 9.69 41.51
N GLU B 291 -6.66 10.89 41.67
CA GLU B 291 -6.41 11.46 43.01
C GLU B 291 -7.68 11.52 43.86
N GLU B 292 -8.73 12.17 43.32
CA GLU B 292 -10.04 12.32 43.96
C GLU B 292 -10.59 10.97 44.35
N ALA B 293 -10.74 10.09 43.35
CA ALA B 293 -11.21 8.71 43.51
C ALA B 293 -10.51 8.01 44.65
N GLU B 294 -9.16 8.06 44.65
CA GLU B 294 -8.32 7.41 45.66
C GLU B 294 -8.70 7.86 47.07
N LYS B 295 -8.78 9.19 47.27
CA LYS B 295 -9.05 9.80 48.59
C LYS B 295 -10.31 9.23 49.27
N ASN B 296 -11.40 9.10 48.52
CA ASN B 296 -12.64 8.50 49.00
C ASN B 296 -12.57 6.98 48.86
N ALA B 297 -12.77 6.25 49.95
CA ALA B 297 -12.59 4.81 49.79
C ALA B 297 -13.59 3.97 50.56
N PRO B 298 -14.06 2.84 49.98
CA PRO B 298 -13.73 2.26 48.67
C PRO B 298 -14.43 2.92 47.49
N ALA B 299 -13.81 2.87 46.32
CA ALA B 299 -14.26 3.58 45.14
C ALA B 299 -14.25 2.67 43.92
N ILE B 300 -14.90 3.12 42.85
CA ILE B 300 -14.91 2.45 41.56
C ILE B 300 -14.71 3.53 40.49
N ILE B 301 -13.81 3.28 39.54
CA ILE B 301 -13.55 4.20 38.44
C ILE B 301 -13.96 3.51 37.16
N PHE B 302 -14.79 4.18 36.36
CA PHE B 302 -15.32 3.58 35.15
C PHE B 302 -14.87 4.39 33.93
N ILE B 303 -14.21 3.72 32.99
CA ILE B 303 -13.72 4.35 31.77
C ILE B 303 -14.45 3.70 30.60
N ASP B 304 -15.57 4.28 30.18
CA ASP B 304 -16.26 3.81 29.00
C ASP B 304 -15.70 4.46 27.75
N GLU B 305 -15.86 3.76 26.62
CA GLU B 305 -15.22 4.08 25.34
C GLU B 305 -13.70 4.13 25.52
N LEU B 306 -13.16 3.02 26.04
CA LEU B 306 -11.71 2.92 26.16
C LEU B 306 -11.06 2.82 24.80
N ASP B 307 -11.73 2.16 23.85
CA ASP B 307 -11.30 2.07 22.45
C ASP B 307 -11.00 3.44 21.83
N ALA B 308 -11.72 4.47 22.27
CA ALA B 308 -11.54 5.81 21.72
C ALA B 308 -10.23 6.42 22.23
N ILE B 309 -10.04 6.39 23.54
CA ILE B 309 -8.91 7.09 24.16
C ILE B 309 -7.62 6.28 24.08
N ALA B 310 -7.68 4.94 24.03
CA ALA B 310 -6.48 4.12 23.91
C ALA B 310 -6.60 3.11 22.77
N PRO B 311 -6.57 3.56 21.50
CA PRO B 311 -6.66 2.59 20.39
C PRO B 311 -5.33 1.92 20.15
N LYS B 312 -5.26 1.11 19.08
CA LYS B 312 -4.01 0.50 18.63
C LYS B 312 -2.95 1.57 18.36
N ARG B 313 -1.67 1.20 18.56
CA ARG B 313 -0.55 2.14 18.48
C ARG B 313 -0.46 2.81 17.11
N GLU B 314 -0.43 2.02 16.03
CA GLU B 314 -0.33 2.57 14.69
C GLU B 314 -1.57 3.38 14.27
N LYS B 315 -2.70 3.26 14.99
CA LYS B 315 -3.87 4.07 14.75
C LYS B 315 -3.82 5.41 15.48
N THR B 316 -2.77 5.66 16.26
CA THR B 316 -2.54 6.96 16.87
C THR B 316 -1.50 7.65 15.98
N HIS B 317 -2.00 8.32 14.93
CA HIS B 317 -1.14 8.98 13.97
C HIS B 317 -0.51 10.25 14.53
N GLY B 318 -1.09 10.85 15.56
CA GLY B 318 -0.60 12.07 16.14
C GLY B 318 0.45 11.86 17.20
N GLU B 319 0.60 12.86 18.05
CA GLU B 319 1.59 12.86 19.12
C GLU B 319 0.95 12.91 20.49
N VAL B 320 -0.02 13.82 20.69
CA VAL B 320 -0.65 14.01 22.00
C VAL B 320 -1.42 12.77 22.43
N GLU B 321 -1.93 12.00 21.47
CA GLU B 321 -2.63 10.74 21.75
C GLU B 321 -1.73 9.73 22.44
N ARG B 322 -0.46 9.64 22.01
CA ARG B 322 0.48 8.72 22.61
C ARG B 322 0.82 9.15 24.04
N ARG B 323 0.91 10.46 24.27
CA ARG B 323 1.10 10.99 25.62
C ARG B 323 -0.05 10.61 26.53
N ILE B 324 -1.30 10.66 26.01
CA ILE B 324 -2.46 10.30 26.82
C ILE B 324 -2.46 8.81 27.15
N VAL B 325 -2.10 7.97 26.17
CA VAL B 325 -2.04 6.52 26.39
C VAL B 325 -0.97 6.17 27.43
N SER B 326 0.19 6.81 27.35
CA SER B 326 1.28 6.57 28.30
C SER B 326 0.92 7.06 29.70
N GLN B 327 0.20 8.20 29.77
CA GLN B 327 -0.29 8.72 31.04
C GLN B 327 -1.27 7.75 31.69
N LEU B 328 -2.17 7.17 30.90
CA LEU B 328 -3.10 6.17 31.41
C LEU B 328 -2.36 4.94 31.89
N LEU B 329 -1.32 4.52 31.17
CA LEU B 329 -0.49 3.37 31.54
C LEU B 329 0.16 3.58 32.90
N THR B 330 0.83 4.73 33.11
CA THR B 330 1.48 4.95 34.40
C THR B 330 0.49 5.13 35.54
N LEU B 331 -0.68 5.70 35.26
CA LEU B 331 -1.71 5.83 36.30
C LEU B 331 -2.25 4.46 36.72
N MET B 332 -2.50 3.58 35.75
CA MET B 332 -2.92 2.22 36.07
C MET B 332 -1.82 1.47 36.82
N ASP B 333 -0.56 1.70 36.45
CA ASP B 333 0.54 0.96 37.04
C ASP B 333 0.86 1.44 38.45
N GLY B 334 0.35 2.60 38.85
CA GLY B 334 0.67 3.07 40.18
C GLY B 334 -0.36 2.68 41.22
N LEU B 335 -1.38 1.92 40.84
CA LEU B 335 -2.38 1.41 41.77
C LEU B 335 -2.15 -0.06 42.15
N LYS B 336 -0.97 -0.61 41.87
CA LYS B 336 -0.70 -1.99 42.27
C LYS B 336 -0.57 -2.15 43.78
N GLN B 337 -0.21 -1.09 44.50
CA GLN B 337 -0.15 -1.20 45.95
C GLN B 337 -1.53 -1.05 46.58
N ARG B 338 -2.28 -0.01 46.20
CA ARG B 338 -3.53 0.33 46.86
C ARG B 338 -4.61 -0.67 46.46
N ALA B 339 -5.34 -1.17 47.45
CA ALA B 339 -6.27 -2.28 47.25
C ALA B 339 -7.72 -1.90 47.44
N HIS B 340 -8.02 -0.61 47.55
CA HIS B 340 -9.39 -0.19 47.79
C HIS B 340 -10.07 0.39 46.56
N VAL B 341 -9.31 0.66 45.50
CA VAL B 341 -9.85 1.25 44.28
C VAL B 341 -9.87 0.19 43.20
N ILE B 342 -10.96 0.13 42.45
CA ILE B 342 -11.17 -0.84 41.38
C ILE B 342 -11.45 -0.05 40.11
N VAL B 343 -10.89 -0.50 38.99
CA VAL B 343 -11.04 0.17 37.71
C VAL B 343 -11.78 -0.78 36.78
N MET B 344 -12.88 -0.31 36.21
CA MET B 344 -13.66 -1.06 35.24
C MET B 344 -13.73 -0.27 33.95
N ALA B 345 -13.80 -0.97 32.82
CA ALA B 345 -13.82 -0.31 31.53
C ALA B 345 -14.75 -1.07 30.60
N ALA B 346 -15.15 -0.40 29.52
CA ALA B 346 -16.07 -1.00 28.57
C ALA B 346 -15.59 -0.75 27.15
N THR B 347 -15.65 -1.79 26.32
CA THR B 347 -15.26 -1.73 24.91
C THR B 347 -16.29 -2.49 24.09
N ASN B 348 -15.97 -2.76 22.82
CA ASN B 348 -16.83 -3.52 21.94
C ASN B 348 -16.28 -4.88 21.56
N ARG B 349 -14.96 -5.03 21.53
CA ARG B 349 -14.29 -6.29 21.21
C ARG B 349 -12.89 -6.23 21.80
N PRO B 350 -12.31 -7.37 22.22
CA PRO B 350 -11.01 -7.31 22.91
C PRO B 350 -9.85 -6.89 22.03
N ASN B 351 -9.95 -7.06 20.71
CA ASN B 351 -8.86 -6.77 19.79
C ASN B 351 -9.00 -5.40 19.14
N SER B 352 -9.54 -4.43 19.87
CA SER B 352 -9.69 -3.08 19.36
C SER B 352 -8.96 -2.06 20.20
N ILE B 353 -8.26 -2.50 21.24
CA ILE B 353 -7.56 -1.60 22.13
C ILE B 353 -6.06 -1.89 22.05
N ASP B 354 -5.31 -1.14 22.83
CA ASP B 354 -3.86 -1.26 22.88
C ASP B 354 -3.49 -2.58 23.53
N PRO B 355 -2.60 -3.39 22.92
CA PRO B 355 -2.25 -4.68 23.52
C PRO B 355 -1.51 -4.57 24.84
N ALA B 356 -0.84 -3.45 25.10
CA ALA B 356 -0.10 -3.25 26.34
C ALA B 356 -1.00 -2.97 27.54
N LEU B 357 -2.31 -2.91 27.36
CA LEU B 357 -3.24 -2.74 28.47
C LEU B 357 -3.71 -4.08 29.02
N ARG B 358 -3.84 -5.08 28.17
CA ARG B 358 -4.33 -6.39 28.57
C ARG B 358 -3.18 -7.24 29.10
N ARG B 359 -2.62 -6.80 30.22
CA ARG B 359 -1.53 -7.49 30.89
C ARG B 359 -1.81 -7.48 32.38
N PHE B 360 -1.05 -8.30 33.10
CA PHE B 360 -1.19 -8.41 34.56
C PHE B 360 -0.85 -7.08 35.21
N GLY B 361 -1.68 -6.68 36.15
CA GLY B 361 -1.54 -5.41 36.81
C GLY B 361 -2.41 -4.32 36.23
N ARG B 362 -2.87 -4.46 34.99
CA ARG B 362 -3.70 -3.43 34.38
C ARG B 362 -5.12 -3.91 34.06
N PHE B 363 -5.29 -4.91 33.20
CA PHE B 363 -6.64 -5.38 32.88
C PHE B 363 -6.54 -6.87 32.62
N ASP B 364 -6.69 -7.63 33.69
CA ASP B 364 -6.49 -9.07 33.67
C ASP B 364 -7.77 -9.88 33.72
N ARG B 365 -8.89 -9.30 34.14
CA ARG B 365 -10.18 -9.98 34.13
C ARG B 365 -11.02 -9.43 32.99
N GLU B 366 -11.65 -10.32 32.22
CA GLU B 366 -12.48 -9.93 31.07
C GLU B 366 -13.82 -10.65 31.14
N VAL B 367 -14.90 -9.91 30.90
CA VAL B 367 -16.27 -10.43 30.91
C VAL B 367 -16.92 -10.05 29.58
N ASP B 368 -17.73 -10.96 29.04
CA ASP B 368 -18.43 -10.75 27.77
C ASP B 368 -19.92 -10.74 28.10
N ILE B 369 -20.58 -9.62 27.81
CA ILE B 369 -22.00 -9.48 28.09
C ILE B 369 -22.83 -10.27 27.09
N GLY B 370 -22.76 -9.89 25.82
CA GLY B 370 -23.40 -10.68 24.77
C GLY B 370 -24.88 -10.37 24.56
N ILE B 371 -25.46 -11.10 23.62
CA ILE B 371 -26.81 -10.81 23.14
C ILE B 371 -27.80 -11.61 23.97
N PRO B 372 -28.96 -11.07 24.34
CA PRO B 372 -29.91 -11.82 25.16
C PRO B 372 -30.59 -12.96 24.42
N ASP B 373 -30.92 -14.01 25.18
CA ASP B 373 -31.68 -15.15 24.73
C ASP B 373 -33.15 -14.83 24.93
N ALA B 374 -34.03 -15.68 24.35
CA ALA B 374 -35.49 -15.47 24.37
C ALA B 374 -36.07 -15.32 25.77
N THR B 375 -35.54 -16.03 26.76
CA THR B 375 -36.02 -15.86 28.12
C THR B 375 -35.54 -14.53 28.69
N GLY B 376 -34.27 -14.20 28.41
CA GLY B 376 -33.74 -12.88 28.74
C GLY B 376 -34.52 -11.75 28.06
N ARG B 377 -34.94 -11.98 26.81
CA ARG B 377 -35.73 -10.97 26.10
C ARG B 377 -37.08 -10.76 26.76
N LEU B 378 -37.71 -11.86 27.21
CA LEU B 378 -38.95 -11.76 27.97
C LEU B 378 -38.74 -10.99 29.26
N GLU B 379 -37.60 -11.22 29.93
CA GLU B 379 -37.25 -10.49 31.15
C GLU B 379 -37.12 -9.00 30.91
N ILE B 380 -36.46 -8.60 29.81
CA ILE B 380 -36.27 -7.18 29.52
C ILE B 380 -37.59 -6.51 29.18
N LEU B 381 -38.43 -7.21 28.38
CA LEU B 381 -39.77 -6.70 28.06
C LEU B 381 -40.62 -6.53 29.32
N GLN B 382 -40.47 -7.44 30.29
CA GLN B 382 -41.16 -7.25 31.57
C GLN B 382 -40.60 -6.07 32.37
N ILE B 383 -39.30 -5.81 32.25
CA ILE B 383 -38.70 -4.68 32.98
C ILE B 383 -39.26 -3.36 32.47
N HIS B 384 -39.35 -3.21 31.15
CA HIS B 384 -39.66 -1.88 30.65
C HIS B 384 -41.15 -1.56 30.62
N THR B 385 -42.03 -2.56 30.63
CA THR B 385 -43.46 -2.34 30.74
C THR B 385 -43.94 -2.49 32.17
N LYS B 386 -43.13 -2.04 33.13
CA LYS B 386 -43.39 -2.28 34.54
C LYS B 386 -44.56 -1.46 35.05
N ASN B 387 -44.75 -0.26 34.50
CA ASN B 387 -45.82 0.63 34.93
C ASN B 387 -46.54 1.23 33.74
N MET B 388 -46.93 0.39 32.79
CA MET B 388 -47.52 0.86 31.56
C MET B 388 -49.02 0.59 31.45
N LYS B 389 -49.56 -0.34 32.24
CA LYS B 389 -50.99 -0.76 32.23
C LYS B 389 -51.37 -1.31 30.85
N LEU B 390 -50.76 -2.44 30.51
CA LEU B 390 -51.12 -3.13 29.27
C LEU B 390 -52.52 -3.72 29.40
N ALA B 391 -53.08 -4.11 28.25
CA ALA B 391 -54.39 -4.76 28.24
C ALA B 391 -54.25 -6.24 28.55
N ASP B 392 -55.33 -6.98 28.34
CA ASP B 392 -55.36 -8.40 28.65
C ASP B 392 -54.96 -9.27 27.47
N ASP B 393 -55.18 -8.82 26.24
CA ASP B 393 -54.81 -9.61 25.08
C ASP B 393 -53.32 -9.62 24.79
N VAL B 394 -52.54 -8.74 25.43
CA VAL B 394 -51.11 -8.63 25.16
C VAL B 394 -50.40 -9.87 25.70
N ASP B 395 -49.75 -10.61 24.83
CA ASP B 395 -49.02 -11.82 25.17
C ASP B 395 -47.55 -11.55 24.90
N LEU B 396 -46.78 -11.21 25.94
CA LEU B 396 -45.37 -10.88 25.79
C LEU B 396 -44.51 -12.04 25.31
N GLU B 397 -44.98 -13.29 25.47
CA GLU B 397 -44.24 -14.45 24.99
C GLU B 397 -44.13 -14.45 23.47
N GLN B 398 -45.20 -14.03 22.78
CA GLN B 398 -45.18 -13.89 21.33
C GLN B 398 -44.09 -12.93 20.89
N VAL B 399 -44.08 -11.74 21.50
CA VAL B 399 -43.12 -10.68 21.15
C VAL B 399 -41.71 -11.17 21.42
N ALA B 400 -41.48 -11.77 22.60
CA ALA B 400 -40.18 -12.33 22.96
C ALA B 400 -39.75 -13.46 22.02
N ASN B 401 -40.69 -14.12 21.34
CA ASN B 401 -40.33 -15.14 20.36
C ASN B 401 -40.12 -14.58 18.94
N GLU B 402 -40.52 -13.33 18.67
CA GLU B 402 -40.38 -12.79 17.32
C GLU B 402 -39.40 -11.63 17.23
N THR B 403 -38.56 -11.43 18.24
CA THR B 403 -37.58 -10.36 18.22
C THR B 403 -36.16 -10.90 18.19
N HIS B 404 -35.91 -11.89 17.36
CA HIS B 404 -34.58 -12.49 17.24
C HIS B 404 -33.61 -11.51 16.59
N GLY B 405 -32.68 -10.98 17.37
CA GLY B 405 -31.68 -10.07 16.86
C GLY B 405 -31.74 -8.72 17.51
N HIS B 406 -32.43 -8.63 18.64
CA HIS B 406 -32.63 -7.38 19.35
C HIS B 406 -31.85 -7.37 20.66
N VAL B 407 -31.27 -6.21 20.97
CA VAL B 407 -30.58 -5.99 22.22
C VAL B 407 -31.47 -5.10 23.08
N GLY B 408 -31.07 -4.91 24.33
CA GLY B 408 -31.89 -4.22 25.33
C GLY B 408 -32.38 -2.84 24.94
N ALA B 409 -31.54 -2.06 24.24
CA ALA B 409 -31.93 -0.75 23.77
C ALA B 409 -33.02 -0.83 22.72
N ASP B 410 -32.97 -1.87 21.88
CA ASP B 410 -34.02 -2.10 20.89
C ASP B 410 -35.35 -2.38 21.55
N LEU B 411 -35.36 -3.20 22.60
CA LEU B 411 -36.60 -3.53 23.30
C LEU B 411 -37.15 -2.32 24.06
N ALA B 412 -36.25 -1.51 24.65
CA ALA B 412 -36.67 -0.27 25.30
C ALA B 412 -37.32 0.68 24.31
N ALA B 413 -36.71 0.84 23.13
CA ALA B 413 -37.26 1.68 22.08
C ALA B 413 -38.59 1.13 21.57
N LEU B 414 -38.69 -0.20 21.48
CA LEU B 414 -39.92 -0.86 21.04
C LEU B 414 -41.09 -0.55 21.98
N CYS B 415 -40.86 -0.69 23.28
CA CYS B 415 -41.89 -0.39 24.27
C CYS B 415 -42.26 1.08 24.26
N SER B 416 -41.27 1.95 24.10
CA SER B 416 -41.54 3.39 24.05
C SER B 416 -42.35 3.78 22.81
N GLU B 417 -42.04 3.16 21.66
CA GLU B 417 -42.78 3.42 20.44
C GLU B 417 -44.22 2.93 20.55
N ALA B 418 -44.43 1.78 21.18
CA ALA B 418 -45.78 1.27 21.42
C ALA B 418 -46.59 2.24 22.29
N ALA B 419 -45.98 2.72 23.38
CA ALA B 419 -46.63 3.68 24.26
C ALA B 419 -46.97 4.97 23.53
N LEU B 420 -46.04 5.49 22.73
CA LEU B 420 -46.27 6.74 22.01
C LEU B 420 -47.32 6.60 20.94
N GLN B 421 -47.38 5.44 20.28
CA GLN B 421 -48.44 5.16 19.31
C GLN B 421 -49.81 5.15 19.99
N ALA B 422 -49.89 4.55 21.18
CA ALA B 422 -51.15 4.55 21.93
C ALA B 422 -51.57 5.96 22.34
N ILE B 423 -50.60 6.79 22.75
CA ILE B 423 -50.93 8.16 23.15
C ILE B 423 -51.30 8.98 21.92
N ARG B 424 -50.73 8.67 20.76
CA ARG B 424 -50.97 9.50 19.59
C ARG B 424 -52.30 9.16 18.91
N LYS B 425 -52.49 7.87 18.57
CA LYS B 425 -53.66 7.37 17.84
C LYS B 425 -54.98 7.78 18.46
N LYS B 426 -55.17 7.44 19.72
CA LYS B 426 -56.39 7.76 20.44
C LYS B 426 -56.04 8.76 21.53
N MET B 427 -57.06 9.21 22.26
CA MET B 427 -56.96 9.92 23.54
C MET B 427 -56.17 11.24 23.53
N ASP B 428 -55.68 11.67 22.38
CA ASP B 428 -55.03 12.97 22.27
C ASP B 428 -55.77 13.81 21.26
N LEU B 429 -56.08 13.26 20.09
CA LEU B 429 -56.95 13.95 19.15
C LEU B 429 -58.41 13.86 19.56
N ILE B 430 -58.78 12.80 20.28
CA ILE B 430 -60.17 12.63 20.73
C ILE B 430 -60.54 13.66 21.78
N ASP B 431 -59.60 14.04 22.64
CA ASP B 431 -59.91 14.98 23.71
C ASP B 431 -59.40 16.40 23.44
N LEU B 432 -58.68 16.62 22.32
CA LEU B 432 -58.18 17.94 21.97
C LEU B 432 -59.28 18.95 21.72
N GLU B 433 -60.46 18.49 21.35
CA GLU B 433 -61.59 19.35 21.07
C GLU B 433 -62.49 19.53 22.28
N ASP B 434 -62.19 18.87 23.40
CA ASP B 434 -63.03 18.95 24.58
C ASP B 434 -62.32 19.54 25.79
N GLU B 435 -61.21 18.94 26.25
CA GLU B 435 -60.58 19.33 27.52
C GLU B 435 -59.07 19.11 27.41
N THR B 436 -58.40 19.12 28.57
CA THR B 436 -56.97 18.94 28.67
C THR B 436 -56.64 17.50 29.08
N ILE B 437 -55.34 17.24 29.26
CA ILE B 437 -54.86 15.91 29.63
C ILE B 437 -54.32 16.00 31.06
N ASP B 438 -54.39 14.87 31.77
CA ASP B 438 -53.96 14.80 33.18
C ASP B 438 -53.64 13.35 33.53
N ALA B 439 -53.52 13.08 34.83
CA ALA B 439 -53.11 11.77 35.31
C ALA B 439 -54.25 10.74 35.29
N GLU B 440 -55.48 11.19 35.54
CA GLU B 440 -56.60 10.24 35.62
C GLU B 440 -56.97 9.70 34.24
N VAL B 441 -56.88 10.51 33.20
CA VAL B 441 -57.14 9.99 31.86
C VAL B 441 -55.95 9.20 31.32
N MET B 442 -54.75 9.42 31.86
CA MET B 442 -53.59 8.66 31.45
C MET B 442 -53.53 7.29 32.13
N ASN B 443 -54.01 7.18 33.36
CA ASN B 443 -54.02 5.88 34.03
C ASN B 443 -55.07 4.97 33.41
N SER B 444 -56.20 5.53 32.96
CA SER B 444 -57.20 4.75 32.25
C SER B 444 -56.79 4.38 30.84
N LEU B 445 -55.70 4.94 30.32
CA LEU B 445 -55.21 4.63 28.99
C LEU B 445 -54.50 3.29 28.99
N ALA B 446 -54.87 2.42 28.07
CA ALA B 446 -54.28 1.09 27.95
C ALA B 446 -53.69 0.93 26.56
N VAL B 447 -52.71 0.04 26.44
CA VAL B 447 -52.11 -0.25 25.14
C VAL B 447 -52.63 -1.60 24.71
N THR B 448 -52.78 -1.77 23.41
CA THR B 448 -53.31 -3.00 22.84
C THR B 448 -52.23 -3.74 22.07
N MET B 449 -52.52 -5.02 21.79
CA MET B 449 -51.60 -5.87 21.02
C MET B 449 -51.33 -5.33 19.62
N ASP B 450 -52.29 -4.62 19.03
CA ASP B 450 -52.15 -4.07 17.68
C ASP B 450 -51.05 -3.02 17.61
N ASP B 451 -50.89 -2.23 18.69
CA ASP B 451 -49.80 -1.26 18.77
C ASP B 451 -48.45 -1.97 18.81
N PHE B 452 -48.37 -3.07 19.55
CA PHE B 452 -47.14 -3.85 19.61
C PHE B 452 -46.82 -4.47 18.26
N ARG B 453 -47.84 -4.94 17.53
CA ARG B 453 -47.61 -5.49 16.19
C ARG B 453 -47.17 -4.41 15.22
N TRP B 454 -47.73 -3.20 15.35
CA TRP B 454 -47.35 -2.08 14.51
C TRP B 454 -45.90 -1.69 14.76
N ALA B 455 -45.51 -1.60 16.04
CA ALA B 455 -44.14 -1.25 16.37
C ALA B 455 -43.18 -2.38 16.03
N LEU B 456 -43.64 -3.62 16.07
CA LEU B 456 -42.79 -4.77 15.82
C LEU B 456 -42.61 -5.02 14.34
N SER B 457 -43.58 -4.62 13.51
CA SER B 457 -43.46 -4.76 12.07
C SER B 457 -42.45 -3.79 11.50
N GLN B 458 -42.69 -2.51 11.70
CA GLN B 458 -41.95 -1.46 11.02
C GLN B 458 -41.00 -0.76 11.97
N SER B 459 -40.13 0.07 11.37
CA SER B 459 -39.22 1.03 12.02
C SER B 459 -38.25 0.38 13.00
N ASN B 460 -38.00 -0.92 12.89
CA ASN B 460 -37.16 -1.64 13.84
C ASN B 460 -36.05 -2.43 13.16
N PRO B 461 -34.98 -1.76 12.74
CA PRO B 461 -33.86 -2.50 12.19
C PRO B 461 -33.12 -3.19 13.32
N SER B 462 -33.24 -4.51 13.36
CA SER B 462 -32.44 -5.31 14.26
C SER B 462 -30.97 -5.13 13.92
N ALA B 463 -30.16 -4.83 14.94
CA ALA B 463 -28.78 -4.41 14.72
C ALA B 463 -27.80 -5.55 14.92
N LEU B 464 -28.18 -6.77 14.56
CA LEU B 464 -27.32 -7.94 14.78
C LEU B 464 -27.17 -8.75 13.51
N ARG B 465 -25.92 -8.91 13.09
CA ARG B 465 -25.51 -9.85 12.05
C ARG B 465 -24.43 -10.78 12.59
N GLU B 466 -24.35 -10.90 13.91
CA GLU B 466 -23.27 -11.60 14.59
C GLU B 466 -23.74 -12.97 15.06
N THR B 467 -22.77 -13.76 15.52
CA THR B 467 -23.00 -15.12 15.96
C THR B 467 -23.86 -15.14 17.23
N VAL B 468 -24.58 -16.25 17.42
CA VAL B 468 -25.40 -16.44 18.61
C VAL B 468 -24.89 -17.67 19.35
N VAL B 469 -24.88 -17.58 20.68
CA VAL B 469 -24.51 -18.68 21.56
C VAL B 469 -25.57 -18.77 22.65
N GLU B 470 -26.10 -19.98 22.85
CA GLU B 470 -27.21 -20.24 23.76
C GLU B 470 -27.38 -21.74 23.94
N VAL B 471 -28.26 -22.12 24.86
CA VAL B 471 -28.69 -23.50 25.02
C VAL B 471 -29.89 -23.71 24.10
N PRO B 472 -29.84 -24.65 23.16
CA PRO B 472 -30.93 -24.79 22.18
C PRO B 472 -32.26 -25.30 22.76
N GLN B 473 -33.28 -25.41 21.92
CA GLN B 473 -34.58 -25.86 22.38
C GLN B 473 -34.97 -27.25 21.89
N VAL B 474 -34.23 -27.82 20.94
CA VAL B 474 -34.53 -29.16 20.47
C VAL B 474 -34.15 -30.15 21.56
N THR B 475 -34.97 -31.19 21.76
CA THR B 475 -34.69 -32.21 22.75
C THR B 475 -34.89 -33.57 22.12
N TRP B 476 -34.62 -34.64 22.89
CA TRP B 476 -34.66 -36.01 22.39
C TRP B 476 -36.03 -36.45 21.88
N GLU B 477 -37.10 -35.77 22.27
CA GLU B 477 -38.46 -36.16 21.92
C GLU B 477 -38.86 -35.69 20.53
N ASP B 478 -37.97 -35.03 19.80
CA ASP B 478 -38.21 -34.58 18.44
C ASP B 478 -37.52 -35.47 17.42
N ILE B 479 -36.79 -36.50 17.85
CA ILE B 479 -35.99 -37.33 16.98
C ILE B 479 -36.59 -38.72 17.00
N GLY B 480 -37.11 -39.16 15.86
CA GLY B 480 -37.67 -40.49 15.78
C GLY B 480 -36.62 -41.53 15.47
N GLY B 481 -36.52 -42.54 16.31
CA GLY B 481 -35.52 -43.57 16.11
C GLY B 481 -34.20 -43.15 16.73
N LEU B 482 -33.12 -43.74 16.21
CA LEU B 482 -31.72 -43.48 16.60
C LEU B 482 -31.52 -43.73 18.10
N GLU B 483 -31.66 -44.99 18.49
CA GLU B 483 -31.50 -45.37 19.88
C GLU B 483 -30.06 -45.67 20.25
N ASP B 484 -29.40 -46.52 19.46
CA ASP B 484 -27.99 -46.85 19.70
C ASP B 484 -27.09 -45.62 19.59
N VAL B 485 -27.36 -44.77 18.59
CA VAL B 485 -26.63 -43.52 18.42
C VAL B 485 -26.81 -42.64 19.65
N LYS B 486 -28.04 -42.58 20.19
CA LYS B 486 -28.35 -41.80 21.39
C LYS B 486 -27.56 -42.31 22.58
N ARG B 487 -27.50 -43.63 22.74
CA ARG B 487 -26.76 -44.25 23.83
C ARG B 487 -25.27 -43.94 23.73
N GLU B 488 -24.69 -44.07 22.52
CA GLU B 488 -23.26 -43.82 22.35
C GLU B 488 -22.92 -42.35 22.54
N LEU B 489 -23.83 -41.45 22.15
CA LEU B 489 -23.65 -40.03 22.43
C LEU B 489 -23.64 -39.73 23.92
N GLN B 490 -24.56 -40.36 24.68
CA GLN B 490 -24.55 -40.28 26.15
C GLN B 490 -23.18 -40.68 26.71
N GLU B 491 -22.68 -41.86 26.29
CA GLU B 491 -21.38 -42.37 26.75
C GLU B 491 -20.25 -41.41 26.42
N LEU B 492 -20.22 -40.88 25.19
CA LEU B 492 -19.10 -40.06 24.75
C LEU B 492 -19.10 -38.68 25.40
N VAL B 493 -20.26 -38.11 25.67
CA VAL B 493 -20.34 -36.71 26.10
C VAL B 493 -20.48 -36.59 27.62
N GLN B 494 -21.36 -37.37 28.23
CA GLN B 494 -21.77 -37.04 29.59
C GLN B 494 -20.95 -37.76 30.67
N TYR B 495 -20.19 -38.79 30.31
CA TYR B 495 -19.45 -39.52 31.35
C TYR B 495 -18.26 -38.73 31.90
N PRO B 496 -17.21 -38.36 31.11
CA PRO B 496 -16.01 -37.77 31.73
C PRO B 496 -16.23 -36.41 32.39
N VAL B 497 -17.31 -35.70 32.06
CA VAL B 497 -17.59 -34.41 32.67
C VAL B 497 -18.18 -34.55 34.07
N GLU B 498 -18.53 -35.77 34.48
CA GLU B 498 -19.12 -36.04 35.79
C GLU B 498 -18.18 -36.86 36.67
N HIS B 499 -17.63 -37.96 36.16
CA HIS B 499 -16.97 -38.97 36.96
C HIS B 499 -15.52 -39.12 36.47
N PRO B 500 -14.61 -38.25 36.90
CA PRO B 500 -13.20 -38.43 36.52
C PRO B 500 -12.49 -39.58 37.21
N ASP B 501 -13.12 -40.21 38.21
CA ASP B 501 -12.50 -41.23 39.07
C ASP B 501 -11.95 -42.41 38.27
N LYS B 502 -12.79 -43.02 37.43
CA LYS B 502 -12.40 -44.16 36.63
C LYS B 502 -11.34 -43.79 35.61
N PHE B 503 -11.40 -42.57 35.08
CA PHE B 503 -10.44 -42.15 34.08
C PHE B 503 -9.06 -41.90 34.68
N LEU B 504 -8.99 -41.46 35.94
CA LEU B 504 -7.68 -41.39 36.59
C LEU B 504 -7.22 -42.78 37.01
N LYS B 505 -8.14 -43.60 37.55
CA LYS B 505 -7.80 -44.93 38.05
C LYS B 505 -7.23 -45.82 36.96
N PHE B 506 -7.82 -45.79 35.77
CA PHE B 506 -7.32 -46.55 34.63
C PHE B 506 -6.35 -45.76 33.77
N GLY B 507 -6.13 -44.48 34.06
CA GLY B 507 -5.15 -43.65 33.38
C GLY B 507 -5.44 -43.26 31.95
N MET B 508 -6.49 -43.79 31.34
CA MET B 508 -6.82 -43.50 29.94
C MET B 508 -7.59 -42.19 29.81
N THR B 509 -7.22 -41.42 28.81
CA THR B 509 -7.82 -40.11 28.59
C THR B 509 -9.01 -40.23 27.63
N PRO B 510 -10.08 -39.47 27.85
CA PRO B 510 -11.23 -39.54 26.95
C PRO B 510 -10.99 -38.82 25.64
N SER B 511 -11.83 -39.13 24.66
CA SER B 511 -11.74 -38.44 23.38
C SER B 511 -12.42 -37.08 23.46
N LYS B 512 -12.23 -36.29 22.41
CA LYS B 512 -12.79 -34.95 22.37
C LYS B 512 -13.36 -34.60 21.00
N GLY B 513 -13.75 -35.59 20.20
CA GLY B 513 -14.30 -35.30 18.90
C GLY B 513 -15.08 -36.49 18.37
N VAL B 514 -16.02 -36.19 17.48
CA VAL B 514 -16.85 -37.23 16.86
C VAL B 514 -17.20 -36.75 15.45
N LEU B 515 -17.30 -37.70 14.52
CA LEU B 515 -17.60 -37.39 13.14
C LEU B 515 -18.83 -38.20 12.74
N PHE B 516 -19.92 -37.51 12.42
CA PHE B 516 -21.11 -38.15 11.90
C PHE B 516 -21.00 -38.26 10.39
N TYR B 517 -21.58 -39.33 9.83
CA TYR B 517 -21.65 -39.46 8.39
C TYR B 517 -22.82 -40.35 8.03
N GLY B 518 -23.27 -40.19 6.78
CA GLY B 518 -24.41 -40.91 6.28
C GLY B 518 -25.04 -40.17 5.12
N PRO B 519 -26.18 -40.66 4.64
CA PRO B 519 -26.89 -39.98 3.54
C PRO B 519 -27.42 -38.63 3.98
N PRO B 520 -27.63 -37.69 3.04
CA PRO B 520 -28.07 -36.35 3.44
C PRO B 520 -29.53 -36.33 3.85
N GLY B 521 -29.86 -35.42 4.75
CA GLY B 521 -31.21 -35.28 5.24
C GLY B 521 -31.65 -36.43 6.09
N CYS B 522 -30.86 -36.78 7.10
CA CYS B 522 -31.18 -37.87 8.01
C CYS B 522 -31.03 -37.46 9.47
N GLY B 523 -31.02 -36.17 9.77
CA GLY B 523 -31.05 -35.73 11.14
C GLY B 523 -29.73 -35.81 11.85
N LYS B 524 -28.74 -35.08 11.34
CA LYS B 524 -27.44 -34.96 12.01
C LYS B 524 -27.31 -33.69 12.84
N THR B 525 -27.94 -32.61 12.43
CA THR B 525 -27.91 -31.39 13.23
C THR B 525 -28.78 -31.52 14.48
N LEU B 526 -29.86 -32.30 14.38
CA LEU B 526 -30.78 -32.54 15.48
C LEU B 526 -30.09 -33.22 16.65
N LEU B 527 -29.25 -34.22 16.38
CA LEU B 527 -28.51 -34.93 17.42
C LEU B 527 -27.59 -34.01 18.17
N ALA B 528 -26.87 -33.14 17.45
CA ALA B 528 -25.96 -32.18 18.05
C ALA B 528 -26.70 -31.21 18.96
N LYS B 529 -27.80 -30.62 18.47
CA LYS B 529 -28.62 -29.72 19.26
C LYS B 529 -29.19 -30.42 20.49
N ALA B 530 -29.61 -31.68 20.33
CA ALA B 530 -30.25 -32.42 21.42
C ALA B 530 -29.26 -32.74 22.53
N ILE B 531 -28.06 -33.20 22.17
CA ILE B 531 -27.07 -33.51 23.19
C ILE B 531 -26.53 -32.24 23.84
N ALA B 532 -26.55 -31.11 23.12
CA ALA B 532 -26.20 -29.85 23.76
C ALA B 532 -27.27 -29.39 24.74
N ASN B 533 -28.54 -29.65 24.41
CA ASN B 533 -29.62 -29.25 25.29
C ASN B 533 -29.68 -30.13 26.53
N GLU B 534 -29.38 -31.42 26.38
CA GLU B 534 -29.42 -32.38 27.49
C GLU B 534 -28.46 -31.98 28.61
N CYS B 535 -27.17 -31.82 28.29
CA CYS B 535 -26.15 -31.43 29.26
C CYS B 535 -26.21 -29.96 29.66
N GLN B 536 -27.15 -29.17 29.12
CA GLN B 536 -27.35 -27.75 29.39
C GLN B 536 -26.12 -26.90 29.07
N ALA B 537 -25.36 -27.33 28.07
CA ALA B 537 -24.17 -26.62 27.63
C ALA B 537 -24.49 -25.79 26.40
N ASN B 538 -23.73 -24.71 26.21
CA ASN B 538 -23.94 -23.79 25.11
C ASN B 538 -23.64 -24.44 23.77
N PHE B 539 -24.18 -23.85 22.71
CA PHE B 539 -24.12 -24.44 21.38
C PHE B 539 -23.68 -23.36 20.39
N ILE B 540 -22.72 -23.71 19.54
CA ILE B 540 -22.19 -22.82 18.52
C ILE B 540 -22.20 -23.59 17.21
N SER B 541 -22.79 -23.01 16.17
CA SER B 541 -22.90 -23.67 14.88
C SER B 541 -22.25 -22.84 13.80
N ILE B 542 -21.44 -23.47 12.97
CA ILE B 542 -20.70 -22.82 11.89
C ILE B 542 -21.06 -23.56 10.62
N LYS B 543 -21.92 -22.96 9.80
CA LYS B 543 -22.41 -23.60 8.58
C LYS B 543 -21.33 -23.65 7.50
N GLY B 544 -21.71 -24.15 6.34
CA GLY B 544 -20.82 -24.25 5.21
C GLY B 544 -20.40 -22.91 4.60
N PRO B 545 -21.37 -22.04 4.22
CA PRO B 545 -21.02 -20.70 3.70
C PRO B 545 -20.02 -19.87 4.50
N GLU B 546 -19.91 -20.02 5.83
CA GLU B 546 -18.91 -19.27 6.59
C GLU B 546 -17.50 -19.74 6.25
N LEU B 547 -17.31 -21.07 6.17
CA LEU B 547 -16.05 -21.64 5.74
C LEU B 547 -15.74 -21.24 4.31
N LEU B 548 -16.76 -21.20 3.45
CA LEU B 548 -16.51 -20.80 2.07
C LEU B 548 -16.14 -19.32 1.93
N THR B 549 -16.71 -18.43 2.76
CA THR B 549 -16.25 -17.04 2.77
C THR B 549 -14.82 -16.94 3.25
N MET B 550 -14.43 -17.77 4.22
CA MET B 550 -13.05 -17.77 4.64
C MET B 550 -12.12 -18.34 3.57
N TRP B 551 -12.64 -19.22 2.71
CA TRP B 551 -11.82 -19.79 1.64
C TRP B 551 -11.63 -18.82 0.49
N PHE B 552 -12.73 -18.30 -0.05
CA PHE B 552 -12.69 -17.34 -1.15
C PHE B 552 -11.98 -16.06 -0.75
N GLY B 553 -12.41 -15.44 0.36
CA GLY B 553 -11.81 -14.22 0.89
C GLY B 553 -10.36 -14.32 1.31
N GLU B 554 -9.82 -15.56 1.41
CA GLU B 554 -8.41 -15.86 1.73
C GLU B 554 -8.03 -15.30 3.10
N SER B 555 -8.96 -15.40 4.05
CA SER B 555 -8.76 -14.89 5.40
C SER B 555 -9.15 -16.00 6.37
N GLU B 556 -8.22 -16.92 6.58
CA GLU B 556 -8.42 -18.02 7.52
C GLU B 556 -7.91 -17.68 8.90
N ALA B 557 -7.56 -16.42 9.15
CA ALA B 557 -7.19 -15.95 10.47
C ALA B 557 -8.39 -15.74 11.39
N ASN B 558 -9.61 -16.03 10.95
CA ASN B 558 -10.77 -15.87 11.78
C ASN B 558 -11.19 -17.15 12.48
N VAL B 559 -10.54 -18.27 12.16
CA VAL B 559 -10.77 -19.51 12.89
C VAL B 559 -10.28 -19.37 14.31
N ARG B 560 -9.21 -18.59 14.48
CA ARG B 560 -8.65 -18.26 15.78
C ARG B 560 -9.69 -17.58 16.65
N GLU B 561 -10.52 -16.69 16.07
CA GLU B 561 -11.58 -16.07 16.85
C GLU B 561 -12.64 -17.08 17.29
N ILE B 562 -13.04 -18.00 16.40
CA ILE B 562 -14.12 -18.98 16.65
C ILE B 562 -13.87 -19.77 17.92
N PHE B 563 -12.69 -20.40 17.99
CA PHE B 563 -12.33 -21.23 19.14
C PHE B 563 -12.25 -20.41 20.41
N ASP B 564 -11.82 -19.13 20.31
CA ASP B 564 -11.74 -18.23 21.46
C ASP B 564 -13.07 -18.09 22.14
N LYS B 565 -14.14 -17.99 21.33
CA LYS B 565 -15.48 -17.80 21.89
C LYS B 565 -15.90 -19.08 22.59
N ALA B 566 -15.63 -20.22 21.93
CA ALA B 566 -15.81 -21.56 22.49
C ALA B 566 -15.11 -21.69 23.84
N ARG B 567 -13.93 -21.08 23.96
CA ARG B 567 -13.19 -21.19 25.20
C ARG B 567 -13.85 -20.33 26.27
N GLN B 568 -14.17 -19.07 25.93
CA GLN B 568 -14.71 -18.15 26.95
C GLN B 568 -16.14 -18.46 27.35
N ALA B 569 -16.83 -19.35 26.65
CA ALA B 569 -18.20 -19.75 26.95
C ALA B 569 -18.28 -21.20 27.37
N ALA B 570 -17.26 -21.70 28.04
CA ALA B 570 -17.24 -23.10 28.43
C ALA B 570 -18.22 -23.36 29.58
N PRO B 571 -18.87 -24.55 29.62
CA PRO B 571 -18.85 -25.69 28.70
C PRO B 571 -19.59 -25.41 27.39
N CYS B 572 -19.28 -26.12 26.32
CA CYS B 572 -19.81 -25.75 25.02
C CYS B 572 -19.77 -26.95 24.10
N VAL B 573 -20.39 -26.78 22.93
CA VAL B 573 -20.36 -27.74 21.84
C VAL B 573 -20.10 -26.96 20.56
N LEU B 574 -19.05 -27.32 19.85
CA LEU B 574 -18.67 -26.64 18.61
C LEU B 574 -19.03 -27.57 17.46
N PHE B 575 -19.98 -27.17 16.63
CA PHE B 575 -20.50 -28.02 15.59
C PHE B 575 -20.13 -27.48 14.22
N PHE B 576 -19.41 -28.27 13.45
CA PHE B 576 -19.02 -27.93 12.09
C PHE B 576 -19.80 -28.81 11.13
N ASP B 577 -20.85 -28.28 10.52
CA ASP B 577 -21.56 -29.04 9.52
C ASP B 577 -21.07 -28.59 8.15
N GLU B 578 -21.28 -29.48 7.17
CA GLU B 578 -20.81 -29.34 5.80
C GLU B 578 -19.31 -29.07 5.76
N LEU B 579 -18.57 -30.02 6.31
CA LEU B 579 -17.12 -29.96 6.37
C LEU B 579 -16.49 -30.34 5.05
N ASP B 580 -17.26 -30.90 4.13
CA ASP B 580 -16.81 -31.27 2.80
C ASP B 580 -17.16 -30.21 1.76
N SER B 581 -17.48 -28.99 2.19
CA SER B 581 -17.86 -27.91 1.29
C SER B 581 -16.68 -27.48 0.42
N ILE B 582 -15.54 -27.20 1.04
CA ILE B 582 -14.36 -26.72 0.34
C ILE B 582 -13.78 -27.81 -0.56
N ALA B 583 -13.80 -29.05 -0.07
CA ALA B 583 -13.34 -30.20 -0.85
C ALA B 583 -14.18 -30.45 -2.09
N LYS B 584 -15.43 -30.02 -2.08
CA LYS B 584 -16.33 -30.18 -3.22
C LYS B 584 -16.29 -28.96 -4.13
N ALA B 585 -15.95 -27.79 -3.57
CA ALA B 585 -15.86 -26.55 -4.34
C ALA B 585 -14.78 -26.64 -5.41
N ARG B 586 -13.61 -27.15 -5.05
CA ARG B 586 -12.52 -27.31 -6.01
C ARG B 586 -12.57 -28.70 -6.65
N GLY B 587 -13.61 -28.89 -7.45
CA GLY B 587 -13.81 -30.16 -8.12
C GLY B 587 -14.42 -31.20 -7.21
N GLY B 588 -14.92 -32.27 -7.83
CA GLY B 588 -15.49 -33.37 -7.07
C GLY B 588 -14.44 -34.33 -6.58
N ASN B 589 -14.65 -35.64 -6.80
CA ASN B 589 -13.61 -36.62 -6.44
C ASN B 589 -12.39 -36.48 -7.34
N ILE B 590 -12.56 -36.03 -8.58
CA ILE B 590 -11.43 -35.83 -9.48
C ILE B 590 -10.60 -34.61 -9.05
N GLY B 591 -11.26 -33.58 -8.52
CA GLY B 591 -10.72 -32.33 -8.02
C GLY B 591 -9.86 -31.60 -9.02
N ASP B 592 -8.90 -30.86 -8.49
N ASP B 592 -8.92 -30.83 -8.50
CA ASP B 592 -7.90 -30.15 -9.28
CA ASP B 592 -7.91 -30.14 -9.28
C ASP B 592 -6.61 -30.97 -9.29
C ASP B 592 -6.63 -30.97 -9.32
N GLY B 593 -5.54 -30.36 -9.79
CA GLY B 593 -4.23 -31.00 -9.74
C GLY B 593 -3.66 -31.20 -8.35
N GLY B 594 -4.15 -30.46 -7.36
CA GLY B 594 -3.66 -30.56 -6.00
C GLY B 594 -4.09 -31.84 -5.29
N GLY B 595 -3.86 -31.84 -3.99
CA GLY B 595 -4.15 -33.00 -3.16
C GLY B 595 -5.41 -32.82 -2.35
N ALA B 596 -5.35 -33.10 -1.06
CA ALA B 596 -6.52 -33.00 -0.20
C ALA B 596 -6.34 -31.99 0.92
N ALA B 597 -5.25 -31.25 0.92
CA ALA B 597 -4.98 -30.25 1.96
C ALA B 597 -5.41 -28.88 1.49
N ASP B 598 -6.10 -28.16 2.37
CA ASP B 598 -6.60 -26.81 2.10
C ASP B 598 -6.20 -25.92 3.26
N ARG B 599 -6.54 -24.63 3.16
CA ARG B 599 -6.06 -23.64 4.11
C ARG B 599 -6.87 -23.67 5.41
N VAL B 600 -8.20 -23.64 5.28
CA VAL B 600 -9.07 -23.45 6.43
C VAL B 600 -9.07 -24.69 7.32
N ILE B 601 -9.12 -25.89 6.72
CA ILE B 601 -9.12 -27.13 7.47
C ILE B 601 -7.78 -27.33 8.16
N ASN B 602 -6.70 -26.83 7.55
CA ASN B 602 -5.39 -26.83 8.19
C ASN B 602 -5.39 -25.96 9.45
N GLN B 603 -6.04 -24.79 9.36
CA GLN B 603 -6.16 -23.92 10.53
C GLN B 603 -7.00 -24.56 11.62
N ILE B 604 -8.00 -25.34 11.21
CA ILE B 604 -8.83 -26.08 12.17
C ILE B 604 -8.01 -27.12 12.91
N LEU B 605 -7.19 -27.90 12.17
CA LEU B 605 -6.27 -28.88 12.76
C LEU B 605 -5.31 -28.23 13.75
N THR B 606 -4.68 -27.13 13.32
CA THR B 606 -3.74 -26.38 14.16
C THR B 606 -4.39 -25.90 15.46
N GLU B 607 -5.55 -25.25 15.34
CA GLU B 607 -6.23 -24.68 16.49
C GLU B 607 -6.86 -25.75 17.37
N MET B 608 -7.14 -26.92 16.82
CA MET B 608 -7.78 -27.99 17.58
C MET B 608 -6.76 -28.79 18.37
N ASP B 609 -5.58 -29.01 17.77
CA ASP B 609 -4.52 -29.74 18.47
C ASP B 609 -4.04 -28.99 19.70
N GLY B 610 -3.87 -27.68 19.59
CA GLY B 610 -3.31 -26.93 20.71
C GLY B 610 -4.33 -26.29 21.63
N MET B 611 -5.13 -27.09 22.33
CA MET B 611 -6.03 -26.57 23.34
C MET B 611 -5.95 -27.46 24.56
N SER B 612 -6.59 -27.00 25.65
CA SER B 612 -6.53 -27.66 26.95
C SER B 612 -7.09 -29.06 26.94
N THR B 613 -6.43 -29.95 27.68
CA THR B 613 -6.89 -31.34 27.80
C THR B 613 -8.15 -31.45 28.65
N LYS B 614 -8.42 -30.46 29.51
CA LYS B 614 -9.65 -30.41 30.30
C LYS B 614 -10.18 -28.98 30.32
N LYS B 615 -11.07 -28.69 29.38
CA LYS B 615 -11.77 -27.42 29.36
C LYS B 615 -13.27 -27.64 29.16
N ASN B 616 -13.70 -28.88 28.92
CA ASN B 616 -15.09 -29.26 28.62
C ASN B 616 -15.60 -28.51 27.39
N VAL B 617 -14.97 -28.76 26.26
CA VAL B 617 -15.42 -28.29 24.96
C VAL B 617 -15.37 -29.47 24.00
N PHE B 618 -16.54 -29.87 23.49
CA PHE B 618 -16.70 -31.04 22.63
C PHE B 618 -16.93 -30.57 21.20
N ILE B 619 -16.21 -31.16 20.26
CA ILE B 619 -16.23 -30.75 18.86
C ILE B 619 -16.85 -31.85 18.02
N ILE B 620 -17.85 -31.48 17.21
CA ILE B 620 -18.60 -32.43 16.39
C ILE B 620 -18.46 -32.04 14.92
N GLY B 621 -18.24 -33.02 14.05
CA GLY B 621 -18.19 -32.79 12.63
C GLY B 621 -19.25 -33.59 11.90
N ALA B 622 -19.60 -33.18 10.69
CA ALA B 622 -20.62 -33.87 9.92
C ALA B 622 -20.34 -33.71 8.43
N THR B 623 -20.46 -34.80 7.68
CA THR B 623 -20.18 -34.84 6.25
C THR B 623 -20.93 -36.00 5.64
N ASN B 624 -21.50 -35.76 4.46
CA ASN B 624 -22.22 -36.81 3.75
C ASN B 624 -21.43 -37.34 2.58
N ARG B 625 -20.19 -36.87 2.42
CA ARG B 625 -19.23 -37.41 1.45
C ARG B 625 -17.97 -37.78 2.23
N PRO B 626 -17.98 -38.92 2.95
CA PRO B 626 -16.89 -39.21 3.89
C PRO B 626 -15.55 -39.54 3.26
N ASP B 627 -15.48 -39.76 1.94
CA ASP B 627 -14.24 -40.20 1.33
C ASP B 627 -13.34 -39.06 0.88
N ILE B 628 -13.90 -37.91 0.50
CA ILE B 628 -13.09 -36.83 -0.04
C ILE B 628 -12.63 -35.89 1.06
N ILE B 629 -12.78 -36.28 2.30
CA ILE B 629 -12.29 -35.50 3.42
C ILE B 629 -10.82 -35.84 3.63
N ASP B 630 -10.09 -34.92 4.23
CA ASP B 630 -8.66 -35.08 4.49
C ASP B 630 -8.46 -36.12 5.58
N PRO B 631 -7.78 -37.24 5.30
CA PRO B 631 -7.55 -38.26 6.34
C PRO B 631 -6.69 -37.83 7.53
N ALA B 632 -6.04 -36.67 7.47
CA ALA B 632 -5.23 -36.18 8.57
C ALA B 632 -6.05 -35.70 9.76
N ILE B 633 -7.38 -35.64 9.65
CA ILE B 633 -8.23 -35.25 10.76
C ILE B 633 -8.71 -36.46 11.54
N LEU B 634 -8.59 -37.66 10.99
CA LEU B 634 -9.03 -38.86 11.68
C LEU B 634 -7.96 -39.44 12.61
N ARG B 635 -6.84 -38.74 12.79
CA ARG B 635 -5.79 -39.17 13.68
C ARG B 635 -6.17 -38.83 15.13
N PRO B 636 -5.62 -39.56 16.13
CA PRO B 636 -5.92 -39.28 17.54
C PRO B 636 -5.60 -37.85 17.96
N GLY B 637 -6.28 -37.40 19.02
CA GLY B 637 -6.24 -36.02 19.39
C GLY B 637 -7.12 -35.12 18.53
N ARG B 638 -7.87 -35.68 17.60
CA ARG B 638 -8.75 -34.96 16.69
C ARG B 638 -10.02 -35.78 16.58
N LEU B 639 -10.84 -35.51 15.56
CA LEU B 639 -12.11 -36.21 15.40
C LEU B 639 -11.87 -37.66 14.99
N ASP B 640 -11.94 -38.58 15.96
CA ASP B 640 -11.54 -39.96 15.71
C ASP B 640 -12.56 -40.97 16.23
N GLN B 641 -13.84 -40.62 16.25
CA GLN B 641 -14.91 -41.53 16.66
C GLN B 641 -15.99 -41.48 15.60
N LEU B 642 -15.87 -42.29 14.56
CA LEU B 642 -16.81 -42.21 13.45
C LEU B 642 -18.12 -42.89 13.81
N ILE B 643 -19.24 -42.23 13.51
CA ILE B 643 -20.58 -42.73 13.76
C ILE B 643 -21.37 -42.65 12.47
N TYR B 644 -22.19 -43.66 12.19
CA TYR B 644 -22.91 -43.80 10.93
C TYR B 644 -24.39 -43.58 11.18
N ILE B 645 -24.95 -42.58 10.52
CA ILE B 645 -26.38 -42.28 10.61
C ILE B 645 -27.09 -42.84 9.38
N PRO B 646 -27.78 -43.96 9.47
CA PRO B 646 -28.32 -44.61 8.28
C PRO B 646 -29.74 -44.15 7.95
N LEU B 647 -30.22 -44.60 6.79
CA LEU B 647 -31.60 -44.35 6.38
C LEU B 647 -32.56 -45.10 7.29
N PRO B 648 -33.73 -44.53 7.57
CA PRO B 648 -34.63 -45.13 8.56
C PRO B 648 -35.27 -46.43 8.07
N ASP B 649 -36.00 -47.06 8.99
CA ASP B 649 -36.82 -48.22 8.73
C ASP B 649 -38.23 -47.88 9.21
N GLU B 650 -39.18 -48.79 8.96
CA GLU B 650 -40.61 -48.53 9.18
C GLU B 650 -40.93 -48.21 10.63
N LYS B 651 -40.37 -48.97 11.58
CA LYS B 651 -40.55 -48.71 13.01
C LYS B 651 -40.06 -47.32 13.42
N SER B 652 -39.07 -46.80 12.70
CA SER B 652 -38.56 -45.46 12.92
C SER B 652 -39.33 -44.41 12.11
N ARG B 653 -39.81 -44.77 10.92
CA ARG B 653 -40.60 -43.85 10.10
C ARG B 653 -41.90 -43.46 10.78
N VAL B 654 -42.52 -44.41 11.50
CA VAL B 654 -43.72 -44.12 12.30
C VAL B 654 -43.41 -43.03 13.32
N ALA B 655 -42.26 -43.16 14.00
CA ALA B 655 -41.86 -42.20 15.03
C ALA B 655 -41.54 -40.84 14.43
N ILE B 656 -40.91 -40.82 13.24
CA ILE B 656 -40.60 -39.56 12.56
C ILE B 656 -41.88 -38.83 12.18
N LEU B 657 -42.85 -39.57 11.60
CA LEU B 657 -44.13 -39.00 11.21
C LEU B 657 -44.91 -38.46 12.41
N LYS B 658 -44.93 -39.22 13.51
CA LYS B 658 -45.61 -38.76 14.73
C LYS B 658 -44.96 -37.51 15.30
N ALA B 659 -43.61 -37.48 15.32
CA ALA B 659 -42.87 -36.33 15.83
C ALA B 659 -43.12 -35.09 14.98
N ASN B 660 -43.23 -35.26 13.67
CA ASN B 660 -43.52 -34.12 12.81
C ASN B 660 -44.95 -33.65 12.98
N LEU B 661 -45.91 -34.58 13.07
CA LEU B 661 -47.32 -34.22 13.10
C LEU B 661 -47.83 -33.77 14.46
N ARG B 662 -47.07 -33.95 15.55
CA ARG B 662 -47.51 -33.61 16.90
C ARG B 662 -47.85 -32.12 17.11
N LYS B 663 -47.43 -31.23 16.23
CA LYS B 663 -47.65 -29.80 16.42
C LYS B 663 -48.95 -29.30 15.78
N SER B 664 -49.47 -30.01 14.79
CA SER B 664 -50.62 -29.53 14.03
C SER B 664 -51.84 -30.41 14.26
N PRO B 665 -53.07 -29.83 14.22
CA PRO B 665 -54.28 -30.64 14.39
C PRO B 665 -54.61 -31.54 13.21
N VAL B 666 -54.51 -32.85 13.41
CA VAL B 666 -54.80 -33.85 12.38
C VAL B 666 -55.92 -34.75 12.91
N ALA B 667 -56.83 -35.16 12.00
CA ALA B 667 -57.97 -35.99 12.35
C ALA B 667 -57.55 -37.38 12.82
N LYS B 668 -58.54 -38.16 13.24
CA LYS B 668 -58.28 -39.48 13.82
C LYS B 668 -58.47 -40.62 12.83
N ASP B 669 -59.03 -40.37 11.65
CA ASP B 669 -59.27 -41.46 10.71
C ASP B 669 -58.03 -41.86 9.92
N VAL B 670 -56.99 -41.05 9.94
CA VAL B 670 -55.77 -41.35 9.20
C VAL B 670 -54.94 -42.40 9.94
N ASP B 671 -54.45 -43.39 9.21
CA ASP B 671 -53.64 -44.48 9.75
C ASP B 671 -52.21 -44.24 9.32
N LEU B 672 -51.33 -43.99 10.29
CA LEU B 672 -49.95 -43.66 9.95
C LEU B 672 -49.15 -44.85 9.49
N GLU B 673 -49.43 -46.05 10.03
CA GLU B 673 -48.64 -47.26 9.74
C GLU B 673 -48.66 -47.63 8.25
N PHE B 674 -49.73 -47.30 7.53
CA PHE B 674 -49.81 -47.66 6.13
C PHE B 674 -48.98 -46.69 5.29
N LEU B 675 -49.12 -45.39 5.61
CA LEU B 675 -48.32 -44.36 4.96
C LEU B 675 -46.83 -44.58 5.23
N ALA B 676 -46.50 -45.10 6.42
CA ALA B 676 -45.12 -45.38 6.78
C ALA B 676 -44.56 -46.53 5.96
N LYS B 677 -45.27 -47.66 5.90
CA LYS B 677 -44.77 -48.80 5.12
C LYS B 677 -44.79 -48.53 3.61
N MET B 678 -45.61 -47.59 3.14
CA MET B 678 -45.63 -47.31 1.70
C MET B 678 -44.36 -46.59 1.25
N THR B 679 -43.76 -45.79 2.11
CA THR B 679 -42.56 -45.03 1.76
C THR B 679 -41.33 -45.83 2.20
N ASN B 680 -40.72 -46.53 1.26
CA ASN B 680 -39.52 -47.31 1.52
C ASN B 680 -38.32 -46.56 0.96
N GLY B 681 -37.26 -46.49 1.74
CA GLY B 681 -36.07 -45.76 1.34
C GLY B 681 -36.18 -44.26 1.41
N PHE B 682 -37.25 -43.73 2.00
CA PHE B 682 -37.41 -42.29 2.12
C PHE B 682 -36.52 -41.76 3.23
N SER B 683 -35.84 -40.65 2.95
CA SER B 683 -35.02 -39.99 3.96
C SER B 683 -35.91 -39.08 4.79
N GLY B 684 -35.61 -39.00 6.10
CA GLY B 684 -36.41 -38.24 7.06
C GLY B 684 -36.68 -36.79 6.73
N ALA B 685 -35.81 -36.16 5.94
CA ALA B 685 -36.02 -34.80 5.46
C ALA B 685 -37.01 -34.73 4.32
N ASP B 686 -37.50 -35.87 3.84
CA ASP B 686 -38.52 -35.90 2.81
C ASP B 686 -39.89 -36.23 3.38
N LEU B 687 -39.95 -36.99 4.47
CA LEU B 687 -41.23 -37.17 5.15
C LEU B 687 -41.74 -35.91 5.82
N THR B 688 -40.89 -34.90 6.00
CA THR B 688 -41.28 -33.67 6.66
C THR B 688 -41.84 -32.63 5.70
N GLU B 689 -41.72 -32.84 4.40
CA GLU B 689 -42.37 -31.94 3.45
C GLU B 689 -43.75 -32.41 3.03
N ILE B 690 -44.03 -33.71 3.18
CA ILE B 690 -45.39 -34.22 2.97
C ILE B 690 -46.36 -33.52 3.91
N CYS B 691 -45.96 -33.35 5.17
CA CYS B 691 -46.77 -32.63 6.16
C CYS B 691 -46.99 -31.19 5.73
N GLN B 692 -45.93 -30.53 5.23
CA GLN B 692 -46.01 -29.15 4.77
C GLN B 692 -46.98 -29.02 3.59
N ARG B 693 -46.91 -29.96 2.65
CA ARG B 693 -47.76 -29.93 1.47
C ARG B 693 -49.23 -30.12 1.83
N ALA B 694 -49.50 -31.07 2.75
CA ALA B 694 -50.85 -31.30 3.24
C ALA B 694 -51.41 -30.06 3.93
N CYS B 695 -50.59 -29.41 4.76
CA CYS B 695 -51.05 -28.18 5.42
C CYS B 695 -51.28 -27.04 4.44
N LYS B 696 -50.48 -26.95 3.36
CA LYS B 696 -50.73 -25.90 2.36
C LYS B 696 -52.04 -26.13 1.64
N LEU B 697 -52.34 -27.39 1.27
CA LEU B 697 -53.63 -27.72 0.66
C LEU B 697 -54.78 -27.38 1.59
N ALA B 698 -54.64 -27.68 2.89
CA ALA B 698 -55.68 -27.39 3.87
C ALA B 698 -55.92 -25.89 4.00
N ILE B 699 -54.84 -25.10 4.06
CA ILE B 699 -54.96 -23.64 4.20
C ILE B 699 -55.61 -23.04 2.96
N ARG B 700 -55.27 -23.57 1.76
CA ARG B 700 -55.90 -23.12 0.52
C ARG B 700 -57.40 -23.38 0.52
N GLU B 701 -57.79 -24.60 0.93
CA GLU B 701 -59.20 -24.98 1.01
C GLU B 701 -59.97 -24.09 1.99
N SER B 702 -59.36 -23.80 3.14
CA SER B 702 -60.02 -22.98 4.16
C SER B 702 -60.23 -21.55 3.69
N ILE B 703 -59.20 -20.94 3.08
CA ILE B 703 -59.32 -19.57 2.56
C ILE B 703 -60.36 -19.51 1.46
N GLU B 704 -60.40 -20.53 0.60
CA GLU B 704 -61.38 -20.61 -0.50
C GLU B 704 -62.81 -20.64 0.06
N SER B 705 -63.05 -21.48 1.09
CA SER B 705 -64.39 -21.57 1.66
C SER B 705 -64.80 -20.29 2.38
N GLU B 706 -63.86 -19.65 3.09
CA GLU B 706 -64.13 -18.36 3.74
C GLU B 706 -64.52 -17.30 2.73
N ILE B 707 -63.78 -17.22 1.61
CA ILE B 707 -64.07 -16.24 0.57
C ILE B 707 -65.42 -16.55 -0.09
N ARG B 708 -65.73 -17.84 -0.27
CA ARG B 708 -67.02 -18.25 -0.84
C ARG B 708 -68.18 -17.81 0.04
N ARG B 709 -68.02 -17.93 1.36
CA ARG B 709 -69.06 -17.47 2.28
C ARG B 709 -69.17 -15.95 2.26
N GLU B 710 -68.03 -15.25 2.26
CA GLU B 710 -68.01 -13.78 2.24
C GLU B 710 -68.61 -13.21 0.97
N ARG B 711 -68.52 -13.94 -0.15
CA ARG B 711 -69.00 -13.45 -1.43
C ARG B 711 -70.40 -13.97 -1.77
N GLU B 712 -70.84 -15.04 -1.12
CA GLU B 712 -72.14 -15.67 -1.42
C GLU B 712 -73.30 -14.75 -1.03
N ARG B 713 -73.41 -14.40 0.25
CA ARG B 713 -74.53 -13.59 0.72
C ARG B 713 -74.19 -12.11 0.83
N GLN B 714 -73.00 -11.75 1.30
CA GLN B 714 -72.64 -10.37 1.63
C GLN B 714 -72.31 -9.50 0.41
N THR B 715 -72.60 -9.96 -0.80
CA THR B 715 -72.47 -9.13 -2.01
C THR B 715 -73.82 -9.08 -2.73
N GLU B 723 -74.47 -19.92 11.59
CA GLU B 723 -73.70 -19.34 10.49
C GLU B 723 -72.20 -19.47 10.73
N GLU B 724 -71.84 -20.05 11.87
CA GLU B 724 -70.46 -20.48 12.12
C GLU B 724 -70.48 -22.01 12.00
N ASP B 725 -70.30 -22.49 10.78
CA ASP B 725 -70.16 -23.90 10.46
C ASP B 725 -68.79 -24.08 9.81
N ASP B 726 -67.79 -24.41 10.64
CA ASP B 726 -66.40 -24.62 10.25
C ASP B 726 -66.30 -25.64 9.11
N PRO B 727 -65.83 -25.23 7.91
CA PRO B 727 -65.71 -26.17 6.77
C PRO B 727 -64.89 -27.41 7.06
N VAL B 728 -63.65 -27.22 7.53
CA VAL B 728 -62.81 -28.27 8.10
C VAL B 728 -61.77 -27.58 8.98
N PRO B 729 -61.64 -28.00 10.24
CA PRO B 729 -60.65 -27.37 11.13
C PRO B 729 -59.32 -28.10 11.19
N GLU B 730 -59.17 -29.19 10.46
CA GLU B 730 -57.99 -30.05 10.54
C GLU B 730 -57.71 -30.65 9.18
N ILE B 731 -56.77 -31.57 9.13
CA ILE B 731 -56.36 -32.28 7.93
C ILE B 731 -57.06 -33.64 7.91
N ARG B 732 -57.44 -34.11 6.73
CA ARG B 732 -58.12 -35.39 6.63
C ARG B 732 -57.38 -36.30 5.65
N ARG B 733 -57.99 -37.44 5.31
CA ARG B 733 -57.33 -38.45 4.48
C ARG B 733 -57.10 -37.97 3.05
N ASP B 734 -58.04 -37.18 2.52
CA ASP B 734 -57.97 -36.78 1.12
C ASP B 734 -56.83 -35.80 0.87
N HIS B 735 -56.56 -34.90 1.82
CA HIS B 735 -55.42 -33.98 1.71
C HIS B 735 -54.11 -34.75 1.66
N PHE B 736 -53.98 -35.78 2.51
CA PHE B 736 -52.78 -36.60 2.52
C PHE B 736 -52.64 -37.40 1.23
N GLU B 737 -53.76 -37.85 0.66
CA GLU B 737 -53.71 -38.57 -0.62
C GLU B 737 -53.24 -37.66 -1.76
N GLU B 738 -53.78 -36.43 -1.82
CA GLU B 738 -53.40 -35.45 -2.84
C GLU B 738 -51.94 -35.07 -2.70
N ALA B 739 -51.47 -34.85 -1.48
CA ALA B 739 -50.06 -34.52 -1.26
C ALA B 739 -49.17 -35.72 -1.53
N MET B 740 -49.64 -36.93 -1.23
CA MET B 740 -48.83 -38.13 -1.39
C MET B 740 -48.65 -38.51 -2.86
N ARG B 741 -49.57 -38.10 -3.75
CA ARG B 741 -49.33 -38.30 -5.19
C ARG B 741 -48.15 -37.46 -5.74
N PHE B 742 -47.56 -36.56 -4.94
CA PHE B 742 -46.36 -35.78 -5.27
C PHE B 742 -45.13 -36.30 -4.54
N ALA B 743 -45.12 -37.58 -4.15
CA ALA B 743 -44.04 -38.14 -3.35
C ALA B 743 -42.78 -38.31 -4.19
N ARG B 744 -41.65 -37.89 -3.62
CA ARG B 744 -40.38 -37.85 -4.33
C ARG B 744 -39.28 -38.45 -3.48
N ARG B 745 -38.50 -39.37 -4.05
CA ARG B 745 -37.33 -39.84 -3.33
C ARG B 745 -36.22 -38.79 -3.44
N SER B 746 -35.16 -38.98 -2.67
CA SER B 746 -34.07 -38.03 -2.75
C SER B 746 -32.70 -38.66 -2.73
N VAL B 747 -32.61 -39.98 -2.59
CA VAL B 747 -31.33 -40.68 -2.60
C VAL B 747 -31.52 -41.93 -3.47
N SER B 748 -30.55 -42.21 -4.34
CA SER B 748 -30.60 -43.36 -5.22
C SER B 748 -30.01 -44.60 -4.55
N ASP B 749 -30.12 -45.73 -5.24
CA ASP B 749 -29.59 -46.98 -4.72
C ASP B 749 -28.06 -46.98 -4.71
N ASN B 750 -27.46 -46.40 -5.75
CA ASN B 750 -26.00 -46.37 -5.91
C ASN B 750 -25.33 -45.61 -4.77
N ASP B 751 -25.98 -44.57 -4.26
CA ASP B 751 -25.43 -43.78 -3.15
C ASP B 751 -25.38 -44.61 -1.88
N ILE B 752 -26.45 -45.37 -1.60
CA ILE B 752 -26.49 -46.30 -0.46
C ILE B 752 -25.43 -47.35 -0.58
N ARG B 753 -25.24 -47.87 -1.80
CA ARG B 753 -24.20 -48.88 -1.99
C ARG B 753 -22.81 -48.29 -1.82
N LYS B 754 -22.62 -47.01 -2.16
CA LYS B 754 -21.33 -46.35 -1.93
C LYS B 754 -21.03 -46.20 -0.45
N TYR B 755 -22.03 -45.73 0.32
CA TYR B 755 -21.91 -45.66 1.78
C TYR B 755 -21.65 -47.05 2.37
N GLU B 756 -22.25 -48.07 1.78
CA GLU B 756 -22.13 -49.42 2.30
C GLU B 756 -20.74 -50.00 1.98
N MET B 757 -20.16 -49.66 0.82
CA MET B 757 -18.75 -50.00 0.56
C MET B 757 -17.84 -49.33 1.57
N PHE B 758 -18.09 -48.05 1.91
CA PHE B 758 -17.27 -47.37 2.92
C PHE B 758 -17.43 -48.05 4.28
N ALA B 759 -18.65 -48.48 4.60
CA ALA B 759 -18.93 -49.11 5.89
C ALA B 759 -18.27 -50.48 5.98
N GLN B 760 -18.44 -51.32 4.94
CA GLN B 760 -17.81 -52.63 4.93
C GLN B 760 -16.30 -52.51 4.92
N THR B 761 -15.79 -51.60 4.08
CA THR B 761 -14.33 -51.36 3.99
C THR B 761 -13.91 -50.28 4.99
N LEU B 762 -14.51 -50.26 6.18
CA LEU B 762 -14.13 -49.29 7.21
C LEU B 762 -12.76 -49.66 7.78
N GLN B 763 -12.34 -50.90 7.60
CA GLN B 763 -11.06 -51.39 8.06
C GLN B 763 -10.07 -51.34 6.91
N GLN B 764 -8.77 -51.41 7.27
CA GLN B 764 -7.63 -51.45 6.35
C GLN B 764 -7.60 -50.21 5.45
N SER B 765 -7.64 -49.03 6.06
CA SER B 765 -7.18 -47.81 5.40
C SER B 765 -6.09 -47.08 6.19
N ARG B 766 -6.42 -46.48 7.33
CA ARG B 766 -5.64 -45.40 7.99
C ARG B 766 -4.15 -45.64 8.26
N LYS C 18 -75.85 25.24 25.27
CA LYS C 18 -75.63 25.40 23.83
C LYS C 18 -74.85 24.18 23.33
N GLN C 19 -75.15 23.76 22.09
CA GLN C 19 -74.50 22.60 21.48
C GLN C 19 -73.40 23.08 20.56
N LYS C 20 -72.15 22.74 20.89
CA LYS C 20 -71.02 23.16 20.09
C LYS C 20 -70.01 22.06 19.83
N ASN C 21 -69.96 21.01 20.67
CA ASN C 21 -68.89 20.02 20.57
C ASN C 21 -69.08 19.10 19.35
N ARG C 22 -70.26 18.53 19.19
CA ARG C 22 -70.46 17.54 18.14
C ARG C 22 -70.76 18.14 16.76
N PRO C 23 -71.68 19.09 16.56
CA PRO C 23 -71.89 19.58 15.19
C PRO C 23 -70.89 20.64 14.75
N ASN C 24 -70.12 21.25 15.64
CA ASN C 24 -69.33 22.41 15.26
C ASN C 24 -67.88 22.29 15.70
N ARG C 25 -67.24 21.16 15.38
CA ARG C 25 -65.82 20.99 15.67
C ARG C 25 -65.19 20.13 14.57
N LEU C 26 -64.07 20.59 14.03
CA LEU C 26 -63.31 19.83 13.05
C LEU C 26 -61.83 20.07 13.29
N ILE C 27 -60.99 19.30 12.58
CA ILE C 27 -59.55 19.37 12.72
C ILE C 27 -58.95 19.68 11.36
N VAL C 28 -58.04 20.67 11.32
CA VAL C 28 -57.44 21.16 10.08
C VAL C 28 -56.45 20.14 9.53
N ASP C 29 -56.41 19.99 8.21
CA ASP C 29 -55.33 19.21 7.58
C ASP C 29 -55.02 19.82 6.21
N GLU C 30 -54.19 19.12 5.43
CA GLU C 30 -53.73 19.57 4.13
C GLU C 30 -54.87 19.66 3.12
N ALA C 31 -54.61 20.35 2.02
CA ALA C 31 -55.61 20.59 0.98
C ALA C 31 -55.21 19.93 -0.33
N ILE C 32 -56.20 19.75 -1.20
CA ILE C 32 -55.99 19.13 -2.51
C ILE C 32 -56.32 20.16 -3.59
N ASN C 33 -57.23 21.07 -3.30
CA ASN C 33 -57.56 22.13 -4.25
C ASN C 33 -56.67 23.34 -4.00
N GLU C 34 -56.55 24.19 -5.03
CA GLU C 34 -55.67 25.35 -4.97
C GLU C 34 -56.39 26.68 -4.82
N ASP C 35 -57.72 26.71 -4.92
CA ASP C 35 -58.46 27.95 -4.78
C ASP C 35 -58.42 28.45 -3.34
N ASN C 36 -58.23 29.76 -3.17
CA ASN C 36 -58.11 30.39 -1.85
C ASN C 36 -59.45 30.62 -1.17
N SER C 37 -60.54 30.07 -1.66
CA SER C 37 -61.83 30.25 -1.04
C SER C 37 -62.57 28.94 -0.86
N VAL C 38 -62.13 27.86 -1.50
CA VAL C 38 -62.82 26.59 -1.42
C VAL C 38 -62.31 25.85 -0.19
N VAL C 39 -63.21 25.47 0.70
CA VAL C 39 -62.89 24.63 1.84
C VAL C 39 -63.63 23.30 1.67
N SER C 40 -62.89 22.21 1.75
CA SER C 40 -63.41 20.90 1.40
C SER C 40 -63.71 20.07 2.64
N LEU C 41 -64.88 19.43 2.65
CA LEU C 41 -65.23 18.51 3.72
C LEU C 41 -66.08 17.38 3.15
N SER C 42 -66.35 16.39 4.00
CA SER C 42 -67.03 15.15 3.60
C SER C 42 -68.55 15.26 3.70
N GLN C 43 -69.23 14.49 2.86
CA GLN C 43 -70.69 14.54 2.74
C GLN C 43 -71.47 14.22 4.03
N PRO C 44 -71.13 13.20 4.87
CA PRO C 44 -71.85 13.02 6.15
C PRO C 44 -71.86 14.25 7.06
N LYS C 45 -70.71 14.89 7.24
CA LYS C 45 -70.65 16.12 8.02
C LYS C 45 -71.45 17.23 7.36
N MET C 46 -71.50 17.24 6.02
CA MET C 46 -72.17 18.34 5.32
C MET C 46 -73.67 18.23 5.48
N ASP C 47 -74.21 17.01 5.43
CA ASP C 47 -75.63 16.86 5.71
C ASP C 47 -75.94 16.79 7.20
N GLU C 48 -74.91 16.69 8.05
CA GLU C 48 -75.10 16.89 9.48
C GLU C 48 -75.18 18.36 9.83
N LEU C 49 -74.30 19.19 9.26
CA LEU C 49 -74.33 20.64 9.48
C LEU C 49 -75.51 21.34 8.83
N GLN C 50 -76.27 20.64 7.98
CA GLN C 50 -77.38 21.19 7.17
C GLN C 50 -76.84 22.26 6.21
N LEU C 51 -75.85 21.87 5.40
CA LEU C 51 -75.22 22.74 4.43
C LEU C 51 -75.19 22.10 3.07
N PHE C 52 -75.50 22.88 2.04
CA PHE C 52 -75.43 22.45 0.65
C PHE C 52 -74.18 23.04 0.02
N ARG C 53 -73.85 22.55 -1.18
CA ARG C 53 -72.70 23.02 -1.93
C ARG C 53 -72.82 24.50 -2.26
N GLY C 54 -71.68 25.18 -2.34
CA GLY C 54 -71.64 26.58 -2.69
C GLY C 54 -72.03 27.56 -1.61
N ASP C 55 -72.66 27.12 -0.52
CA ASP C 55 -73.06 28.04 0.55
C ASP C 55 -71.83 28.57 1.26
N THR C 56 -71.77 29.88 1.43
CA THR C 56 -70.70 30.51 2.18
C THR C 56 -70.79 30.15 3.66
N VAL C 57 -69.67 29.75 4.24
CA VAL C 57 -69.58 29.28 5.61
C VAL C 57 -68.62 30.22 6.33
N LEU C 58 -68.75 30.25 7.65
CA LEU C 58 -67.96 31.15 8.48
C LEU C 58 -67.13 30.33 9.46
N LEU C 59 -65.84 30.62 9.51
CA LEU C 59 -64.89 29.88 10.34
C LEU C 59 -64.30 30.80 11.38
N LYS C 60 -64.28 30.34 12.63
CA LYS C 60 -63.61 31.03 13.72
C LYS C 60 -62.45 30.19 14.21
N GLY C 61 -61.31 30.82 14.45
CA GLY C 61 -60.11 30.13 14.86
C GLY C 61 -59.50 30.79 16.08
N LYS C 62 -58.19 30.66 16.20
CA LYS C 62 -57.45 31.24 17.32
C LYS C 62 -57.44 32.75 17.22
N LYS C 63 -57.43 33.40 18.38
CA LYS C 63 -57.32 34.88 18.50
C LYS C 63 -58.50 35.56 17.79
N ARG C 64 -59.73 35.09 18.07
CA ARG C 64 -60.99 35.70 17.55
C ARG C 64 -60.80 36.25 16.12
N ARG C 65 -60.22 35.42 15.25
CA ARG C 65 -60.20 35.67 13.81
C ARG C 65 -61.31 34.92 13.10
N GLU C 66 -61.81 35.49 12.02
CA GLU C 66 -62.92 34.90 11.28
C GLU C 66 -62.57 34.88 9.80
N ALA C 67 -63.29 34.03 9.06
CA ALA C 67 -63.12 33.96 7.62
C ALA C 67 -64.40 33.44 6.97
N VAL C 68 -64.67 33.92 5.77
CA VAL C 68 -65.84 33.52 5.00
C VAL C 68 -65.34 32.76 3.78
N CYS C 69 -65.90 31.57 3.54
CA CYS C 69 -65.41 30.70 2.47
C CYS C 69 -66.54 29.90 1.86
N ILE C 70 -66.52 29.75 0.53
CA ILE C 70 -67.42 28.82 -0.11
C ILE C 70 -67.02 27.39 0.22
N VAL C 71 -68.00 26.50 0.26
CA VAL C 71 -67.80 25.13 0.76
C VAL C 71 -67.83 24.18 -0.43
N LEU C 72 -67.27 22.98 -0.23
CA LEU C 72 -67.26 21.96 -1.26
C LEU C 72 -67.17 20.60 -0.59
N SER C 73 -67.67 19.58 -1.27
CA SER C 73 -67.69 18.21 -0.78
C SER C 73 -66.65 17.36 -1.48
N ASP C 74 -66.12 16.39 -0.74
CA ASP C 74 -65.15 15.44 -1.26
C ASP C 74 -65.41 14.12 -0.55
N ASP C 75 -64.66 13.09 -0.92
CA ASP C 75 -64.83 11.77 -0.32
C ASP C 75 -63.62 11.28 0.44
N ALA C 76 -62.40 11.61 -0.02
CA ALA C 76 -61.15 11.17 0.60
C ALA C 76 -60.83 11.98 1.86
N CYS C 77 -61.74 11.93 2.84
CA CYS C 77 -61.59 12.61 4.11
C CYS C 77 -62.18 11.73 5.19
N SER C 78 -61.94 12.11 6.43
CA SER C 78 -62.60 11.49 7.56
C SER C 78 -63.88 12.27 7.87
N ASP C 79 -64.49 12.00 9.01
CA ASP C 79 -65.70 12.70 9.42
C ASP C 79 -65.42 13.75 10.49
N GLU C 80 -64.16 14.13 10.68
CA GLU C 80 -63.84 15.24 11.56
C GLU C 80 -62.68 16.07 11.03
N LYS C 81 -62.25 15.82 9.80
CA LYS C 81 -61.14 16.55 9.21
C LYS C 81 -61.67 17.54 8.17
N ILE C 82 -61.05 18.71 8.12
CA ILE C 82 -61.42 19.75 7.17
C ILE C 82 -60.16 20.17 6.42
N ARG C 83 -60.27 20.24 5.09
CA ARG C 83 -59.14 20.56 4.24
C ARG C 83 -59.23 22.01 3.81
N MET C 84 -58.26 22.81 4.23
CA MET C 84 -58.21 24.22 3.88
C MET C 84 -56.84 24.57 3.31
N ASN C 85 -56.83 25.53 2.40
CA ASN C 85 -55.62 25.97 1.72
C ASN C 85 -54.73 26.75 2.70
N ARG C 86 -53.51 27.06 2.26
CA ARG C 86 -52.54 27.67 3.17
C ARG C 86 -52.88 29.13 3.47
N VAL C 87 -53.53 29.82 2.53
CA VAL C 87 -53.88 31.23 2.72
C VAL C 87 -54.94 31.37 3.79
N VAL C 88 -56.05 30.65 3.64
CA VAL C 88 -57.14 30.68 4.62
C VAL C 88 -56.68 30.16 5.98
N ARG C 89 -55.81 29.13 6.01
CA ARG C 89 -55.28 28.61 7.26
C ARG C 89 -54.42 29.64 7.99
N ASN C 90 -53.53 30.31 7.25
CA ASN C 90 -52.70 31.35 7.83
C ASN C 90 -53.51 32.59 8.19
N ASN C 91 -54.70 32.74 7.62
CA ASN C 91 -55.56 33.88 7.93
C ASN C 91 -56.28 33.74 9.26
N LEU C 92 -56.36 32.53 9.81
CA LEU C 92 -57.02 32.26 11.09
C LEU C 92 -56.07 32.12 12.25
N ARG C 93 -54.75 32.16 11.99
CA ARG C 93 -53.62 31.98 12.91
C ARG C 93 -53.49 30.55 13.42
N VAL C 94 -54.29 29.60 12.94
CA VAL C 94 -54.17 28.21 13.36
C VAL C 94 -53.06 27.54 12.57
N ARG C 95 -52.68 26.34 12.98
CA ARG C 95 -51.75 25.49 12.28
C ARG C 95 -52.41 24.13 12.14
N LEU C 96 -51.78 23.25 11.37
CA LEU C 96 -52.32 21.91 11.15
C LEU C 96 -52.45 21.16 12.46
N GLY C 97 -53.55 20.42 12.60
CA GLY C 97 -53.82 19.69 13.82
C GLY C 97 -54.57 20.47 14.88
N ASP C 98 -54.95 21.71 14.59
CA ASP C 98 -55.73 22.50 15.53
C ASP C 98 -57.21 22.38 15.23
N VAL C 99 -58.03 22.94 16.11
CA VAL C 99 -59.48 22.86 15.99
C VAL C 99 -60.06 24.25 15.74
N ILE C 100 -61.16 24.28 14.99
CA ILE C 100 -61.83 25.51 14.62
C ILE C 100 -63.33 25.33 14.80
N SER C 101 -64.06 26.42 14.61
CA SER C 101 -65.51 26.41 14.70
C SER C 101 -66.10 26.81 13.35
N ILE C 102 -67.15 26.12 12.93
CA ILE C 102 -67.77 26.34 11.64
C ILE C 102 -69.23 26.76 11.89
N GLN C 103 -69.77 27.58 11.00
CA GLN C 103 -71.13 28.08 11.13
C GLN C 103 -71.67 28.40 9.74
N PRO C 104 -72.99 28.35 9.56
CA PRO C 104 -73.58 28.90 8.33
C PRO C 104 -73.81 30.40 8.43
N CYS C 105 -73.45 31.12 7.37
CA CYS C 105 -73.56 32.58 7.31
C CYS C 105 -74.41 32.99 6.11
N PRO C 106 -75.74 32.95 6.25
CA PRO C 106 -76.60 33.20 5.08
C PRO C 106 -76.95 34.66 4.86
N ASP C 107 -76.22 35.58 5.49
CA ASP C 107 -76.53 37.00 5.44
C ASP C 107 -75.37 37.81 4.88
N VAL C 108 -74.74 37.31 3.83
CA VAL C 108 -73.73 38.07 3.08
C VAL C 108 -74.42 38.71 1.89
N LYS C 109 -73.98 39.91 1.54
CA LYS C 109 -74.59 40.67 0.46
C LYS C 109 -73.51 41.09 -0.54
N TYR C 110 -73.95 41.53 -1.70
CA TYR C 110 -73.01 42.00 -2.72
C TYR C 110 -72.44 43.36 -2.32
N GLY C 111 -71.18 43.59 -2.67
CA GLY C 111 -70.55 44.84 -2.34
C GLY C 111 -70.82 45.91 -3.38
N LYS C 112 -70.54 47.15 -2.98
CA LYS C 112 -70.63 48.29 -3.87
C LYS C 112 -69.41 49.19 -3.86
N ARG C 113 -68.38 48.87 -3.05
CA ARG C 113 -67.14 49.63 -2.95
C ARG C 113 -66.13 48.81 -2.15
N ILE C 114 -64.90 48.65 -2.66
CA ILE C 114 -63.85 47.91 -1.97
C ILE C 114 -62.60 48.78 -2.12
N HIS C 115 -61.59 48.55 -1.28
CA HIS C 115 -60.32 49.26 -1.36
C HIS C 115 -59.26 48.26 -0.93
N VAL C 116 -58.25 48.08 -1.78
CA VAL C 116 -57.23 47.05 -1.59
C VAL C 116 -55.86 47.75 -1.70
N LEU C 117 -54.87 47.24 -0.99
CA LEU C 117 -53.51 47.74 -1.02
C LEU C 117 -52.53 46.58 -1.22
N PRO C 118 -51.33 46.85 -1.72
CA PRO C 118 -50.31 45.81 -1.77
C PRO C 118 -49.39 45.85 -0.55
N ILE C 119 -48.55 44.82 -0.44
CA ILE C 119 -47.53 44.71 0.59
C ILE C 119 -46.19 45.07 -0.03
N ASP C 120 -45.45 46.00 0.61
CA ASP C 120 -44.23 46.56 -0.02
C ASP C 120 -43.10 45.53 -0.11
N ASP C 121 -43.08 44.53 0.78
CA ASP C 121 -42.07 43.48 0.71
C ASP C 121 -42.18 42.67 -0.57
N THR C 122 -43.39 42.59 -1.13
CA THR C 122 -43.66 41.76 -2.28
C THR C 122 -43.47 42.52 -3.59
N VAL C 123 -43.95 43.76 -3.66
CA VAL C 123 -43.82 44.55 -4.88
C VAL C 123 -42.43 45.20 -4.92
N GLU C 124 -41.58 44.67 -5.79
CA GLU C 124 -40.23 45.18 -6.00
C GLU C 124 -39.96 45.05 -7.49
N GLY C 125 -39.59 46.16 -8.12
CA GLY C 125 -39.40 46.17 -9.56
C GLY C 125 -40.66 45.99 -10.37
N ILE C 126 -41.84 46.11 -9.76
CA ILE C 126 -43.10 46.05 -10.47
C ILE C 126 -43.41 47.46 -10.97
N THR C 127 -43.46 47.61 -12.28
CA THR C 127 -43.74 48.89 -12.92
C THR C 127 -45.04 48.77 -13.70
N GLY C 128 -45.69 49.91 -13.91
CA GLY C 128 -47.02 49.94 -14.46
C GLY C 128 -48.07 50.02 -13.38
N ASN C 129 -49.29 49.66 -13.74
CA ASN C 129 -50.41 49.62 -12.81
C ASN C 129 -50.74 48.18 -12.48
N LEU C 130 -51.00 47.93 -11.19
CA LEU C 130 -51.28 46.60 -10.68
C LEU C 130 -52.71 46.14 -10.91
N PHE C 131 -53.64 47.06 -11.09
CA PHE C 131 -55.07 46.78 -11.24
C PHE C 131 -55.37 45.89 -12.43
N GLU C 132 -55.11 46.38 -13.64
CA GLU C 132 -55.55 45.70 -14.86
C GLU C 132 -54.75 44.44 -15.17
N VAL C 133 -53.63 44.20 -14.49
CA VAL C 133 -52.80 43.04 -14.82
C VAL C 133 -53.10 41.93 -13.82
N TYR C 134 -53.44 42.29 -12.58
CA TYR C 134 -53.62 41.30 -11.52
C TYR C 134 -55.02 41.27 -10.95
N LEU C 135 -55.58 42.41 -10.55
CA LEU C 135 -56.89 42.36 -9.90
C LEU C 135 -58.04 42.26 -10.88
N LYS C 136 -57.80 42.45 -12.17
CA LYS C 136 -58.84 42.26 -13.16
C LYS C 136 -59.10 40.77 -13.47
N PRO C 137 -58.12 39.88 -13.71
CA PRO C 137 -58.49 38.49 -13.99
C PRO C 137 -58.87 37.69 -12.76
N TYR C 138 -58.50 38.15 -11.57
CA TYR C 138 -58.78 37.40 -10.35
C TYR C 138 -60.27 37.42 -10.03
N PHE C 139 -60.86 38.59 -9.87
CA PHE C 139 -62.30 38.69 -9.64
C PHE C 139 -63.06 38.74 -10.97
N LEU C 140 -62.84 37.74 -11.82
CA LEU C 140 -63.48 37.70 -13.13
C LEU C 140 -64.32 36.44 -13.22
N GLU C 141 -65.64 36.61 -13.34
CA GLU C 141 -66.64 35.55 -13.53
C GLU C 141 -66.61 34.51 -12.41
N ALA C 142 -66.18 34.90 -11.20
CA ALA C 142 -66.12 34.01 -10.05
C ALA C 142 -66.51 34.82 -8.82
N TYR C 143 -67.73 34.60 -8.34
CA TYR C 143 -68.23 35.23 -7.13
C TYR C 143 -67.42 34.78 -5.92
N ARG C 144 -66.58 35.66 -5.40
CA ARG C 144 -65.68 35.32 -4.31
C ARG C 144 -66.02 36.12 -3.07
N PRO C 145 -66.14 35.49 -1.90
CA PRO C 145 -66.43 36.24 -0.68
C PRO C 145 -65.18 36.74 0.01
N ILE C 146 -65.31 37.88 0.68
CA ILE C 146 -64.20 38.53 1.36
C ILE C 146 -64.66 39.13 2.67
N ARG C 147 -63.71 39.32 3.57
CA ARG C 147 -63.92 39.97 4.85
C ARG C 147 -62.84 41.02 5.03
N LYS C 148 -63.17 42.10 5.73
CA LYS C 148 -62.23 43.20 5.96
C LYS C 148 -61.02 42.73 6.75
N GLY C 149 -59.83 43.08 6.28
CA GLY C 149 -58.62 42.80 7.00
C GLY C 149 -57.97 41.49 6.68
N ASP C 150 -58.33 40.84 5.57
CA ASP C 150 -57.68 39.61 5.21
C ASP C 150 -56.47 39.89 4.31
N ILE C 151 -55.82 38.83 3.84
CA ILE C 151 -54.73 38.94 2.87
C ILE C 151 -54.90 37.80 1.89
N PHE C 152 -54.90 38.11 0.59
CA PHE C 152 -54.97 37.07 -0.43
C PHE C 152 -53.79 37.22 -1.38
N LEU C 153 -53.68 36.26 -2.30
CA LEU C 153 -52.47 36.12 -3.10
C LEU C 153 -52.83 35.79 -4.53
N VAL C 154 -52.20 36.49 -5.48
CA VAL C 154 -52.44 36.29 -6.90
C VAL C 154 -51.11 35.98 -7.59
N ARG C 155 -51.12 35.01 -8.50
CA ARG C 155 -49.91 34.55 -9.16
C ARG C 155 -49.94 34.92 -10.63
N GLY C 156 -48.80 35.31 -11.17
CA GLY C 156 -48.71 35.66 -12.57
C GLY C 156 -47.50 36.52 -12.84
N GLY C 157 -47.16 36.62 -14.12
CA GLY C 157 -46.00 37.40 -14.57
C GLY C 157 -44.69 36.98 -13.95
N MET C 158 -44.54 35.67 -13.69
CA MET C 158 -43.40 35.05 -13.02
C MET C 158 -43.16 35.61 -11.62
N ARG C 159 -44.24 36.09 -10.97
CA ARG C 159 -44.20 36.56 -9.59
C ARG C 159 -45.49 36.15 -8.89
N ALA C 160 -45.51 36.38 -7.58
CA ALA C 160 -46.69 36.13 -6.76
C ALA C 160 -46.87 37.34 -5.85
N VAL C 161 -47.97 38.05 -6.00
CA VAL C 161 -48.19 39.32 -5.31
C VAL C 161 -49.31 39.16 -4.29
N GLU C 162 -49.09 39.72 -3.10
CA GLU C 162 -50.07 39.70 -2.03
C GLU C 162 -50.86 40.98 -2.02
N PHE C 163 -52.08 40.91 -1.49
CA PHE C 163 -52.97 42.06 -1.43
C PHE C 163 -53.77 42.02 -0.14
N LYS C 164 -53.93 43.17 0.49
CA LYS C 164 -54.64 43.31 1.75
C LYS C 164 -55.88 44.16 1.55
N VAL C 165 -57.03 43.67 2.01
CA VAL C 165 -58.28 44.41 1.91
C VAL C 165 -58.36 45.37 3.08
N VAL C 166 -58.75 46.62 2.83
CA VAL C 166 -58.79 47.63 3.85
C VAL C 166 -60.21 48.01 4.24
N GLU C 167 -61.15 48.02 3.31
CA GLU C 167 -62.50 48.46 3.59
C GLU C 167 -63.46 47.59 2.79
N THR C 168 -64.75 47.64 3.15
CA THR C 168 -65.81 46.96 2.43
C THR C 168 -67.08 47.77 2.67
N ASP C 169 -67.92 47.93 1.63
CA ASP C 169 -69.07 48.80 1.74
C ASP C 169 -70.19 48.14 2.55
N PRO C 170 -70.58 46.84 2.34
CA PRO C 170 -71.44 46.24 3.39
C PRO C 170 -70.60 45.61 4.50
N SER C 171 -69.91 46.49 5.25
CA SER C 171 -68.90 46.12 6.24
C SER C 171 -69.45 45.20 7.33
N PRO C 172 -68.65 44.27 7.84
CA PRO C 172 -67.24 43.98 7.51
C PRO C 172 -66.97 42.79 6.60
N TYR C 173 -67.94 42.32 5.81
CA TYR C 173 -67.71 41.22 4.88
C TYR C 173 -68.80 41.20 3.81
N CYS C 174 -68.45 40.70 2.62
CA CYS C 174 -69.36 40.73 1.48
C CYS C 174 -68.94 39.67 0.47
N ILE C 175 -69.58 39.71 -0.70
CA ILE C 175 -69.27 38.87 -1.85
C ILE C 175 -68.98 39.79 -3.03
N VAL C 176 -68.01 39.44 -3.88
CA VAL C 176 -67.63 40.24 -5.03
C VAL C 176 -68.55 39.86 -6.19
N ALA C 177 -69.40 40.77 -6.57
CA ALA C 177 -70.30 40.69 -7.70
C ALA C 177 -69.69 41.45 -8.88
N PRO C 178 -70.14 41.18 -10.13
CA PRO C 178 -69.57 41.91 -11.30
C PRO C 178 -69.66 43.43 -11.25
N ASP C 179 -70.67 43.99 -10.59
CA ASP C 179 -70.87 45.44 -10.55
C ASP C 179 -70.29 46.06 -9.29
N THR C 180 -69.24 45.46 -8.74
CA THR C 180 -68.61 45.94 -7.53
C THR C 180 -67.34 46.69 -7.91
N VAL C 181 -67.37 48.03 -7.79
CA VAL C 181 -66.22 48.84 -8.14
C VAL C 181 -65.08 48.60 -7.16
N ILE C 182 -63.85 48.78 -7.65
CA ILE C 182 -62.66 48.61 -6.84
C ILE C 182 -61.83 49.87 -6.98
N HIS C 183 -61.57 50.53 -5.86
CA HIS C 183 -60.71 51.72 -5.83
C HIS C 183 -59.35 51.23 -5.35
N CYS C 184 -58.48 50.89 -6.31
CA CYS C 184 -57.11 50.50 -5.98
C CYS C 184 -56.25 51.76 -5.93
N GLU C 185 -56.47 52.53 -4.87
CA GLU C 185 -55.86 53.83 -4.69
C GLU C 185 -55.02 53.83 -3.43
N GLY C 186 -53.79 54.32 -3.53
CA GLY C 186 -52.96 54.43 -2.36
C GLY C 186 -51.57 53.91 -2.60
N GLU C 187 -50.81 53.81 -1.53
CA GLU C 187 -49.41 53.42 -1.52
C GLU C 187 -49.24 52.13 -0.74
N PRO C 188 -48.16 51.37 -0.96
CA PRO C 188 -47.95 50.10 -0.24
C PRO C 188 -47.94 50.19 1.28
N ILE C 189 -48.36 49.10 1.91
CA ILE C 189 -48.49 49.03 3.36
C ILE C 189 -47.43 48.08 3.89
N LYS C 190 -47.12 48.21 5.19
CA LYS C 190 -46.04 47.48 5.82
C LYS C 190 -46.54 46.16 6.40
N ARG C 191 -45.73 45.13 6.26
CA ARG C 191 -46.04 43.85 6.90
C ARG C 191 -45.66 43.95 8.36
N GLU C 192 -46.62 43.70 9.25
CA GLU C 192 -46.36 43.82 10.68
C GLU C 192 -45.64 42.57 11.19
N ASP C 193 -45.41 42.51 12.48
CA ASP C 193 -44.62 41.46 13.10
C ASP C 193 -45.47 40.29 13.58
N GLU C 194 -46.72 40.17 13.12
CA GLU C 194 -47.58 39.10 13.56
C GLU C 194 -47.84 38.03 12.51
N GLU C 195 -48.16 38.41 11.27
CA GLU C 195 -48.38 37.41 10.24
C GLU C 195 -47.06 37.05 9.58
N GLU C 196 -46.96 35.82 9.11
CA GLU C 196 -45.75 35.34 8.46
C GLU C 196 -45.93 35.47 6.96
N SER C 197 -44.81 35.48 6.24
CA SER C 197 -44.84 35.62 4.80
C SER C 197 -45.33 34.34 4.12
N LEU C 198 -45.71 34.48 2.85
CA LEU C 198 -46.18 33.37 2.05
C LEU C 198 -45.23 32.99 0.92
N ASN C 199 -44.03 33.56 0.91
CA ASN C 199 -42.97 33.06 0.04
C ASN C 199 -42.07 32.09 0.76
N GLU C 200 -42.40 31.74 2.00
CA GLU C 200 -41.66 30.78 2.79
C GLU C 200 -41.98 29.36 2.33
N VAL C 201 -41.46 28.39 3.05
CA VAL C 201 -41.58 27.00 2.65
C VAL C 201 -42.69 26.37 3.48
N GLY C 202 -43.45 25.48 2.86
CA GLY C 202 -44.47 24.71 3.56
C GLY C 202 -44.55 23.38 2.87
N TYR C 203 -45.40 22.49 3.42
CA TYR C 203 -45.58 21.15 2.86
C TYR C 203 -46.10 21.15 1.42
N ASP C 204 -46.75 22.23 0.98
CA ASP C 204 -47.27 22.33 -0.37
C ASP C 204 -46.18 22.53 -1.40
N ASP C 205 -45.01 23.01 -0.98
CA ASP C 205 -43.89 23.26 -1.88
C ASP C 205 -42.92 22.11 -1.95
N ILE C 206 -43.39 20.88 -1.79
CA ILE C 206 -42.55 19.69 -1.84
C ILE C 206 -43.28 18.69 -2.73
N GLY C 207 -42.76 18.45 -3.93
CA GLY C 207 -43.37 17.52 -4.85
C GLY C 207 -42.83 16.12 -4.62
N GLY C 208 -43.73 15.14 -4.72
CA GLY C 208 -43.38 13.74 -4.47
C GLY C 208 -43.01 13.53 -3.02
N CYS C 209 -42.50 12.32 -2.74
CA CYS C 209 -41.98 11.89 -1.43
C CYS C 209 -43.06 12.02 -0.36
N ARG C 210 -44.08 11.19 -0.50
CA ARG C 210 -45.21 11.26 0.42
C ARG C 210 -45.02 10.40 1.66
N LYS C 211 -44.53 9.16 1.47
CA LYS C 211 -44.36 8.23 2.58
C LYS C 211 -43.35 8.75 3.60
N GLN C 212 -42.22 9.27 3.13
CA GLN C 212 -41.20 9.80 4.01
C GLN C 212 -41.69 11.04 4.74
N LEU C 213 -42.47 11.88 4.06
CA LEU C 213 -43.08 13.04 4.71
C LEU C 213 -44.02 12.61 5.82
N ALA C 214 -44.80 11.55 5.59
CA ALA C 214 -45.70 11.00 6.60
C ALA C 214 -44.91 10.54 7.82
N GLN C 215 -43.82 9.80 7.59
CA GLN C 215 -42.96 9.31 8.68
C GLN C 215 -42.39 10.44 9.51
N ILE C 216 -41.77 11.43 8.87
CA ILE C 216 -41.16 12.54 9.61
C ILE C 216 -42.21 13.36 10.34
N LYS C 217 -43.41 13.50 9.75
CA LYS C 217 -44.47 14.27 10.41
C LYS C 217 -44.97 13.56 11.66
N GLU C 218 -45.12 12.23 11.59
CA GLU C 218 -45.55 11.51 12.79
C GLU C 218 -44.41 11.36 13.79
N MET C 219 -43.16 11.55 13.38
CA MET C 219 -42.02 11.37 14.27
C MET C 219 -41.75 12.59 15.15
N VAL C 220 -42.18 13.78 14.74
CA VAL C 220 -41.91 15.00 15.48
C VAL C 220 -43.20 15.70 15.91
N GLU C 221 -44.33 14.99 15.84
CA GLU C 221 -45.64 15.56 16.13
C GLU C 221 -45.77 15.90 17.61
N LEU C 222 -45.64 14.90 18.48
CA LEU C 222 -45.82 15.11 19.92
C LEU C 222 -44.78 16.03 20.56
N PRO C 223 -43.44 15.85 20.40
CA PRO C 223 -42.51 16.74 21.12
C PRO C 223 -42.59 18.21 20.74
N LEU C 224 -43.01 18.51 19.51
CA LEU C 224 -43.04 19.87 19.02
C LEU C 224 -44.41 20.52 19.11
N ARG C 225 -45.49 19.74 19.13
CA ARG C 225 -46.81 20.35 19.24
C ARG C 225 -47.28 20.43 20.68
N HIS C 226 -47.15 19.34 21.43
CA HIS C 226 -47.55 19.32 22.83
C HIS C 226 -46.33 19.11 23.72
N PRO C 227 -45.61 20.17 24.07
CA PRO C 227 -44.38 20.01 24.85
C PRO C 227 -44.60 19.71 26.32
N ALA C 228 -45.72 20.18 26.89
CA ALA C 228 -46.01 19.99 28.30
C ALA C 228 -46.30 18.53 28.65
N LEU C 229 -46.76 17.74 27.68
CA LEU C 229 -47.08 16.33 27.87
C LEU C 229 -45.86 15.53 28.35
N PHE C 230 -44.66 15.94 27.96
CA PHE C 230 -43.45 15.27 28.36
C PHE C 230 -42.91 15.79 29.69
N LYS C 231 -43.76 16.45 30.48
CA LYS C 231 -43.51 16.69 31.89
C LYS C 231 -44.46 15.88 32.76
N ALA C 232 -45.37 15.13 32.15
CA ALA C 232 -46.37 14.35 32.86
C ALA C 232 -46.19 12.85 32.70
N ILE C 233 -45.27 12.41 31.84
CA ILE C 233 -44.99 10.99 31.64
C ILE C 233 -43.49 10.80 31.50
N GLY C 234 -43.02 9.66 31.96
CA GLY C 234 -41.64 9.30 31.68
C GLY C 234 -41.60 8.41 30.45
N VAL C 235 -41.40 9.01 29.28
CA VAL C 235 -41.30 8.33 27.99
C VAL C 235 -40.35 9.17 27.16
N LYS C 236 -39.34 8.54 26.57
CA LYS C 236 -38.31 9.26 25.84
C LYS C 236 -38.70 9.34 24.37
N PRO C 237 -38.93 10.52 23.83
CA PRO C 237 -39.23 10.64 22.41
C PRO C 237 -37.94 10.58 21.60
N PRO C 238 -38.01 10.25 20.30
CA PRO C 238 -36.78 10.21 19.49
C PRO C 238 -36.19 11.60 19.30
N ARG C 239 -34.85 11.66 19.34
CA ARG C 239 -34.15 12.92 19.23
C ARG C 239 -33.13 12.98 18.10
N GLY C 240 -32.78 11.86 17.49
CA GLY C 240 -31.82 11.86 16.40
C GLY C 240 -32.39 11.35 15.10
N ILE C 241 -32.44 12.23 14.09
CA ILE C 241 -32.95 11.89 12.76
C ILE C 241 -31.84 12.14 11.76
N LEU C 242 -31.69 11.25 10.79
CA LEU C 242 -30.66 11.36 9.77
C LEU C 242 -31.30 11.15 8.41
N LEU C 243 -31.33 12.21 7.60
CA LEU C 243 -31.88 12.16 6.26
C LEU C 243 -30.75 11.91 5.27
N TYR C 244 -30.96 10.99 4.34
CA TYR C 244 -29.92 10.82 3.33
C TYR C 244 -30.55 10.55 1.98
N GLY C 245 -29.76 10.78 0.95
CA GLY C 245 -30.17 10.66 -0.41
C GLY C 245 -29.17 11.41 -1.26
N PRO C 246 -29.26 11.26 -2.59
CA PRO C 246 -28.33 11.94 -3.52
C PRO C 246 -28.38 13.45 -3.39
N PRO C 247 -27.32 14.17 -3.76
CA PRO C 247 -27.38 15.63 -3.72
C PRO C 247 -28.36 16.16 -4.73
N GLY C 248 -29.07 17.21 -4.36
CA GLY C 248 -30.08 17.80 -5.21
C GLY C 248 -31.48 17.29 -4.97
N THR C 249 -31.72 16.58 -3.87
CA THR C 249 -33.04 16.03 -3.56
C THR C 249 -33.82 16.88 -2.56
N GLY C 250 -33.31 18.04 -2.18
CA GLY C 250 -34.05 18.96 -1.33
C GLY C 250 -34.27 18.47 0.08
N LYS C 251 -33.22 18.39 0.90
CA LYS C 251 -33.35 17.94 2.28
C LYS C 251 -33.49 19.09 3.27
N THR C 252 -32.72 20.17 3.08
CA THR C 252 -32.91 21.37 3.89
C THR C 252 -34.28 21.99 3.66
N LEU C 253 -34.83 21.81 2.45
CA LEU C 253 -36.19 22.22 2.11
C LEU C 253 -37.17 21.56 3.07
N ILE C 254 -37.11 20.22 3.16
CA ILE C 254 -37.95 19.43 4.05
C ILE C 254 -37.78 19.87 5.50
N ALA C 255 -36.54 20.20 5.89
CA ALA C 255 -36.24 20.66 7.24
C ALA C 255 -36.95 21.97 7.55
N ARG C 256 -36.69 23.03 6.74
CA ARG C 256 -37.38 24.31 6.90
C ARG C 256 -38.89 24.18 6.84
N ALA C 257 -39.40 23.22 6.04
CA ALA C 257 -40.82 23.02 5.87
C ALA C 257 -41.43 22.56 7.19
N VAL C 258 -40.91 21.43 7.71
CA VAL C 258 -41.30 20.89 9.01
C VAL C 258 -41.23 21.98 10.09
N ALA C 259 -40.10 22.71 10.14
CA ALA C 259 -39.89 23.74 11.16
C ALA C 259 -40.89 24.89 11.03
N ASN C 260 -41.36 25.19 9.82
CA ASN C 260 -42.32 26.28 9.66
C ASN C 260 -43.74 25.84 9.94
N GLU C 261 -44.09 24.60 9.61
CA GLU C 261 -45.46 24.17 9.81
C GLU C 261 -45.78 23.84 11.26
N THR C 262 -44.79 23.54 12.07
CA THR C 262 -44.99 23.33 13.49
C THR C 262 -44.74 24.59 14.31
N GLY C 263 -44.31 25.68 13.68
CA GLY C 263 -44.05 26.89 14.42
C GLY C 263 -42.84 26.85 15.33
N ALA C 264 -41.94 25.90 15.12
CA ALA C 264 -40.79 25.73 15.99
C ALA C 264 -39.64 26.62 15.53
N PHE C 265 -38.71 26.86 16.45
CA PHE C 265 -37.52 27.63 16.13
C PHE C 265 -36.56 26.77 15.33
N PHE C 266 -35.82 27.40 14.41
CA PHE C 266 -34.97 26.70 13.47
C PHE C 266 -33.60 27.34 13.50
N PHE C 267 -32.58 26.55 13.86
CA PHE C 267 -31.20 26.99 13.82
C PHE C 267 -30.47 26.15 12.78
N LEU C 268 -29.55 26.77 12.06
CA LEU C 268 -28.89 26.13 10.93
C LEU C 268 -27.38 26.16 11.14
N ILE C 269 -26.78 24.97 11.18
CA ILE C 269 -25.34 24.80 11.22
C ILE C 269 -24.96 24.13 9.91
N ASN C 270 -23.80 24.49 9.39
CA ASN C 270 -23.31 23.92 8.15
C ASN C 270 -21.82 23.64 8.21
N GLY C 271 -21.41 22.62 7.46
CA GLY C 271 -20.06 22.09 7.47
C GLY C 271 -18.97 23.07 7.12
N PRO C 272 -18.91 23.53 5.85
CA PRO C 272 -17.82 24.43 5.42
C PRO C 272 -17.65 25.71 6.25
N GLU C 273 -18.75 26.34 6.68
CA GLU C 273 -18.63 27.53 7.53
C GLU C 273 -17.97 27.23 8.87
N ILE C 274 -18.15 26.02 9.38
CA ILE C 274 -17.52 25.65 10.64
C ILE C 274 -16.06 25.31 10.40
N MET C 275 -15.78 24.55 9.35
CA MET C 275 -14.43 24.07 9.07
C MET C 275 -13.53 25.10 8.38
N SER C 276 -13.96 26.34 8.23
CA SER C 276 -13.17 27.39 7.61
C SER C 276 -12.70 28.42 8.61
N LYS C 277 -12.89 28.18 9.90
CA LYS C 277 -12.50 29.12 10.93
C LYS C 277 -11.21 28.64 11.59
N LEU C 278 -10.79 29.38 12.60
CA LEU C 278 -9.72 28.94 13.49
C LEU C 278 -10.30 27.93 14.48
N ALA C 279 -9.42 27.31 15.26
CA ALA C 279 -9.79 26.22 16.18
C ALA C 279 -10.79 26.70 17.23
N GLY C 280 -10.37 27.66 18.08
CA GLY C 280 -11.19 28.16 19.18
C GLY C 280 -12.52 28.73 18.73
N GLU C 281 -12.51 29.44 17.59
CA GLU C 281 -13.72 30.03 17.05
C GLU C 281 -14.71 28.97 16.58
N SER C 282 -14.19 27.89 15.98
CA SER C 282 -15.05 26.79 15.54
C SER C 282 -15.71 26.09 16.71
N GLU C 283 -14.94 25.78 17.77
CA GLU C 283 -15.52 25.15 18.96
C GLU C 283 -16.54 26.06 19.63
N SER C 284 -16.21 27.35 19.73
CA SER C 284 -17.10 28.31 20.37
C SER C 284 -18.41 28.47 19.61
N ASN C 285 -18.36 28.46 18.27
CA ASN C 285 -19.59 28.54 17.48
C ASN C 285 -20.43 27.28 17.65
N LEU C 286 -19.79 26.11 17.62
CA LEU C 286 -20.49 24.85 17.81
C LEU C 286 -21.16 24.77 19.18
N ARG C 287 -20.53 25.35 20.20
CA ARG C 287 -21.11 25.36 21.55
C ARG C 287 -22.26 26.36 21.64
N LYS C 288 -22.06 27.57 21.11
CA LYS C 288 -23.05 28.64 21.15
C LYS C 288 -24.33 28.25 20.44
N ALA C 289 -24.21 27.47 19.34
CA ALA C 289 -25.38 27.01 18.59
C ALA C 289 -26.32 26.22 19.50
N PHE C 290 -25.77 25.26 20.23
CA PHE C 290 -26.55 24.44 21.15
C PHE C 290 -27.14 25.26 22.29
N GLU C 291 -26.32 26.08 22.97
CA GLU C 291 -26.80 26.93 24.08
C GLU C 291 -27.98 27.82 23.67
N GLU C 292 -27.80 28.60 22.60
CA GLU C 292 -28.86 29.52 22.11
C GLU C 292 -30.09 28.71 21.70
N ALA C 293 -29.90 27.73 20.81
CA ALA C 293 -30.97 26.83 20.38
C ALA C 293 -31.77 26.32 21.57
N GLU C 294 -31.08 25.80 22.59
CA GLU C 294 -31.67 25.25 23.80
C GLU C 294 -32.61 26.24 24.48
N LYS C 295 -32.11 27.48 24.71
CA LYS C 295 -32.83 28.53 25.43
C LYS C 295 -34.24 28.78 24.89
N ASN C 296 -34.37 28.86 23.57
CA ASN C 296 -35.65 29.00 22.90
C ASN C 296 -36.29 27.63 22.71
N ALA C 297 -37.51 27.43 23.20
CA ALA C 297 -38.02 26.08 23.09
C ALA C 297 -39.51 26.02 22.75
N PRO C 298 -39.93 25.05 21.91
CA PRO C 298 -39.17 23.97 21.26
C PRO C 298 -38.38 24.42 20.04
N ALA C 299 -37.29 23.73 19.75
CA ALA C 299 -36.34 24.12 18.71
C ALA C 299 -35.98 22.92 17.83
N ILE C 300 -35.35 23.23 16.71
CA ILE C 300 -34.82 22.23 15.79
C ILE C 300 -33.42 22.70 15.37
N ILE C 301 -32.45 21.80 15.41
CA ILE C 301 -31.09 22.11 15.00
C ILE C 301 -30.77 21.26 13.78
N PHE C 302 -30.30 21.90 12.71
CA PHE C 302 -30.05 21.19 11.46
C PHE C 302 -28.57 21.27 11.11
N ILE C 303 -27.95 20.13 10.92
CA ILE C 303 -26.53 20.05 10.57
C ILE C 303 -26.43 19.40 9.20
N ASP C 304 -26.39 20.20 8.15
CA ASP C 304 -26.18 19.70 6.80
C ASP C 304 -24.70 19.59 6.51
N GLU C 305 -24.36 18.68 5.58
CA GLU C 305 -22.98 18.27 5.29
C GLU C 305 -22.32 17.74 6.54
N LEU C 306 -22.97 16.75 7.17
CA LEU C 306 -22.38 16.09 8.32
C LEU C 306 -21.16 15.29 7.93
N ASP C 307 -21.19 14.69 6.72
CA ASP C 307 -20.06 13.97 6.13
C ASP C 307 -18.78 14.80 6.12
N ALA C 308 -18.90 16.12 5.97
CA ALA C 308 -17.74 17.00 5.90
C ALA C 308 -17.12 17.15 7.28
N ILE C 309 -17.95 17.50 8.27
CA ILE C 309 -17.44 17.84 9.59
C ILE C 309 -17.14 16.59 10.43
N ALA C 310 -17.83 15.47 10.20
CA ALA C 310 -17.56 14.23 10.95
C ALA C 310 -17.34 13.04 10.02
N PRO C 311 -16.21 12.98 9.28
CA PRO C 311 -15.99 11.83 8.40
C PRO C 311 -15.50 10.63 9.18
N LYS C 312 -15.16 9.54 8.47
CA LYS C 312 -14.54 8.36 9.05
C LYS C 312 -13.26 8.75 9.82
N ARG C 313 -12.95 7.97 10.87
CA ARG C 313 -11.83 8.29 11.76
C ARG C 313 -10.49 8.34 11.04
N GLU C 314 -10.15 7.30 10.28
CA GLU C 314 -8.89 7.27 9.55
C GLU C 314 -8.80 8.30 8.44
N LYS C 315 -9.93 8.90 8.02
CA LYS C 315 -9.94 9.99 7.05
C LYS C 315 -9.70 11.35 7.69
N THR C 316 -9.57 11.41 9.02
CA THR C 316 -9.18 12.63 9.71
C THR C 316 -7.69 12.48 10.00
N HIS C 317 -6.88 12.87 9.03
CA HIS C 317 -5.44 12.77 9.13
C HIS C 317 -4.84 13.78 10.10
N GLY C 318 -5.54 14.88 10.38
CA GLY C 318 -5.05 15.92 11.25
C GLY C 318 -5.35 15.67 12.71
N GLU C 319 -5.34 16.75 13.47
CA GLU C 319 -5.58 16.69 14.92
C GLU C 319 -6.82 17.45 15.34
N VAL C 320 -6.99 18.69 14.88
CA VAL C 320 -8.12 19.53 15.29
C VAL C 320 -9.45 18.94 14.84
N GLU C 321 -9.47 18.19 13.72
CA GLU C 321 -10.68 17.52 13.25
C GLU C 321 -11.21 16.53 14.26
N ARG C 322 -10.32 15.77 14.92
CA ARG C 322 -10.74 14.81 15.92
C ARG C 322 -11.31 15.51 17.15
N ARG C 323 -10.75 16.66 17.51
CA ARG C 323 -11.29 17.49 18.58
C ARG C 323 -12.71 17.96 18.25
N ILE C 324 -12.95 18.33 16.98
CA ILE C 324 -14.28 18.79 16.57
C ILE C 324 -15.29 17.64 16.62
N VAL C 325 -14.89 16.44 16.17
CA VAL C 325 -15.77 15.27 16.18
C VAL C 325 -16.13 14.88 17.62
N SER C 326 -15.13 14.91 18.52
CA SER C 326 -15.38 14.58 19.93
C SER C 326 -16.25 15.63 20.60
N GLN C 327 -16.07 16.91 20.23
CA GLN C 327 -16.92 17.98 20.74
C GLN C 327 -18.37 17.78 20.31
N LEU C 328 -18.58 17.40 19.04
CA LEU C 328 -19.93 17.11 18.57
C LEU C 328 -20.53 15.93 19.31
N LEU C 329 -19.72 14.90 19.58
CA LEU C 329 -20.16 13.72 20.31
C LEU C 329 -20.65 14.08 21.71
N THR C 330 -19.87 14.85 22.48
CA THR C 330 -20.30 15.22 23.83
C THR C 330 -21.51 16.16 23.83
N LEU C 331 -21.60 17.04 22.81
CA LEU C 331 -22.76 17.92 22.72
C LEU C 331 -24.04 17.12 22.44
N MET C 332 -23.97 16.14 21.54
CA MET C 332 -25.12 15.28 21.28
C MET C 332 -25.45 14.44 22.51
N ASP C 333 -24.43 14.00 23.26
CA ASP C 333 -24.66 13.13 24.39
C ASP C 333 -25.20 13.88 25.60
N GLY C 334 -25.13 15.20 25.60
CA GLY C 334 -25.64 15.92 26.75
C GLY C 334 -27.07 16.37 26.60
N LEU C 335 -27.74 15.99 25.50
CA LEU C 335 -29.15 16.27 25.29
C LEU C 335 -30.04 15.07 25.54
N LYS C 336 -29.54 14.03 26.22
CA LYS C 336 -30.38 12.88 26.55
C LYS C 336 -31.45 13.22 27.59
N GLN C 337 -31.21 14.24 28.41
CA GLN C 337 -32.23 14.64 29.38
C GLN C 337 -33.28 15.54 28.72
N ARG C 338 -32.86 16.58 28.00
CA ARG C 338 -33.78 17.58 27.50
C ARG C 338 -34.59 17.02 26.33
N ALA C 339 -35.90 17.23 26.37
CA ALA C 339 -36.82 16.58 25.44
C ALA C 339 -37.49 17.57 24.51
N HIS C 340 -37.06 18.82 24.49
CA HIS C 340 -37.69 19.84 23.67
C HIS C 340 -36.89 20.18 22.43
N VAL C 341 -35.64 19.72 22.34
CA VAL C 341 -34.76 20.03 21.23
C VAL C 341 -34.60 18.78 20.39
N ILE C 342 -34.66 18.94 19.07
CA ILE C 342 -34.55 17.85 18.11
C ILE C 342 -33.39 18.19 17.18
N VAL C 343 -32.58 17.20 16.84
CA VAL C 343 -31.42 17.40 15.98
C VAL C 343 -31.64 16.59 14.72
N MET C 344 -31.56 17.25 13.57
CA MET C 344 -31.67 16.61 12.27
C MET C 344 -30.41 16.87 11.48
N ALA C 345 -30.04 15.93 10.63
CA ALA C 345 -28.82 16.04 9.86
C ALA C 345 -29.03 15.49 8.47
N ALA C 346 -28.14 15.84 7.56
CA ALA C 346 -28.25 15.40 6.18
C ALA C 346 -26.91 14.94 5.66
N THR C 347 -26.90 13.80 4.96
CA THR C 347 -25.71 13.20 4.35
C THR C 347 -26.08 12.71 2.95
N ASN C 348 -25.19 11.93 2.35
CA ASN C 348 -25.42 11.35 1.04
C ASN C 348 -25.61 9.84 1.06
N ARG C 349 -24.99 9.16 2.02
CA ARG C 349 -25.10 7.71 2.18
C ARG C 349 -24.75 7.38 3.63
N PRO C 350 -25.33 6.32 4.21
CA PRO C 350 -25.11 6.07 5.64
C PRO C 350 -23.69 5.65 5.99
N ASN C 351 -22.93 5.10 5.04
CA ASN C 351 -21.60 4.59 5.30
C ASN C 351 -20.51 5.59 4.92
N SER C 352 -20.78 6.88 5.10
CA SER C 352 -19.81 7.91 4.81
C SER C 352 -19.47 8.75 6.02
N ILE C 353 -20.05 8.45 7.17
CA ILE C 353 -19.83 9.22 8.38
C ILE C 353 -19.17 8.34 9.43
N ASP C 354 -18.93 8.93 10.59
CA ASP C 354 -18.29 8.25 11.70
C ASP C 354 -19.24 7.19 12.24
N PRO C 355 -18.78 5.94 12.42
CA PRO C 355 -19.70 4.89 12.94
C PRO C 355 -20.18 5.13 14.35
N ALA C 356 -19.43 5.88 15.17
CA ALA C 356 -19.81 6.16 16.54
C ALA C 356 -20.94 7.17 16.66
N LEU C 357 -21.45 7.71 15.56
CA LEU C 357 -22.60 8.61 15.58
C LEU C 357 -23.91 7.86 15.42
N ARG C 358 -23.93 6.78 14.64
CA ARG C 358 -25.14 6.02 14.39
C ARG C 358 -25.36 5.00 15.51
N ARG C 359 -25.61 5.52 16.71
CA ARG C 359 -25.87 4.70 17.89
C ARG C 359 -27.02 5.33 18.64
N PHE C 360 -27.56 4.56 19.60
CA PHE C 360 -28.67 5.02 20.41
C PHE C 360 -28.27 6.23 21.24
N GLY C 361 -29.13 7.22 21.26
CA GLY C 361 -28.86 8.46 21.93
C GLY C 361 -28.33 9.55 21.02
N ARG C 362 -27.79 9.20 19.86
CA ARG C 362 -27.26 10.20 18.94
C ARG C 362 -28.02 10.28 17.63
N PHE C 363 -28.04 9.22 16.82
CA PHE C 363 -28.77 9.28 15.54
C PHE C 363 -29.33 7.89 15.30
N ASP C 364 -30.52 7.67 15.81
CA ASP C 364 -31.16 6.36 15.79
C ASP C 364 -32.29 6.21 14.77
N ARG C 365 -32.83 7.31 14.26
CA ARG C 365 -33.85 7.25 13.21
C ARG C 365 -33.19 7.67 11.90
N GLU C 366 -33.45 6.91 10.83
CA GLU C 366 -32.85 7.16 9.53
C GLU C 366 -33.94 7.16 8.46
N VAL C 367 -33.91 8.16 7.58
CA VAL C 367 -34.88 8.29 6.49
C VAL C 367 -34.10 8.43 5.19
N ASP C 368 -34.63 7.80 4.12
CA ASP C 368 -34.02 7.84 2.79
C ASP C 368 -35.00 8.58 1.89
N ILE C 369 -34.55 9.71 1.32
CA ILE C 369 -35.42 10.49 0.44
C ILE C 369 -35.55 9.83 -0.91
N GLY C 370 -34.45 9.70 -1.65
CA GLY C 370 -34.46 8.96 -2.90
C GLY C 370 -34.89 9.75 -4.11
N ILE C 371 -34.92 9.05 -5.25
CA ILE C 371 -35.12 9.68 -6.55
C ILE C 371 -36.61 9.69 -6.86
N PRO C 372 -37.16 10.76 -7.44
CA PRO C 372 -38.59 10.78 -7.72
C PRO C 372 -39.03 9.86 -8.84
N ASP C 373 -40.25 9.36 -8.72
CA ASP C 373 -40.91 8.55 -9.72
C ASP C 373 -41.64 9.49 -10.67
N ALA C 374 -42.12 8.94 -11.81
CA ALA C 374 -42.76 9.73 -12.87
C ALA C 374 -43.95 10.56 -12.40
N THR C 375 -44.73 10.06 -11.44
CA THR C 375 -45.83 10.86 -10.91
C THR C 375 -45.30 11.98 -10.03
N GLY C 376 -44.28 11.66 -9.20
CA GLY C 376 -43.57 12.67 -8.46
C GLY C 376 -42.93 13.72 -9.35
N ARG C 377 -42.38 13.29 -10.50
CA ARG C 377 -41.78 14.23 -11.43
C ARG C 377 -42.81 15.17 -12.01
N LEU C 378 -44.01 14.65 -12.32
CA LEU C 378 -45.12 15.50 -12.76
C LEU C 378 -45.50 16.50 -11.66
N GLU C 379 -45.49 16.05 -10.39
CA GLU C 379 -45.78 16.93 -9.27
C GLU C 379 -44.76 18.07 -9.15
N ILE C 380 -43.47 17.77 -9.31
CA ILE C 380 -42.43 18.80 -9.21
C ILE C 380 -42.54 19.80 -10.36
N LEU C 381 -42.79 19.29 -11.57
CA LEU C 381 -42.99 20.16 -12.73
C LEU C 381 -44.20 21.07 -12.55
N GLN C 382 -45.26 20.57 -11.91
CA GLN C 382 -46.40 21.44 -11.59
C GLN C 382 -46.05 22.46 -10.53
N ILE C 383 -45.18 22.12 -9.59
CA ILE C 383 -44.78 23.07 -8.54
C ILE C 383 -44.03 24.25 -9.15
N HIS C 384 -43.09 23.97 -10.04
CA HIS C 384 -42.20 25.05 -10.44
C HIS C 384 -42.75 25.93 -11.56
N THR C 385 -43.71 25.46 -12.34
CA THR C 385 -44.38 26.27 -13.34
C THR C 385 -45.69 26.83 -12.81
N LYS C 386 -45.71 27.20 -11.53
CA LYS C 386 -46.94 27.57 -10.85
C LYS C 386 -47.46 28.93 -11.32
N ASN C 387 -46.57 29.83 -11.68
CA ASN C 387 -46.93 31.18 -12.12
C ASN C 387 -46.18 31.57 -13.38
N MET C 388 -46.17 30.69 -14.37
CA MET C 388 -45.38 30.93 -15.57
C MET C 388 -46.21 31.29 -16.80
N LYS C 389 -47.51 30.98 -16.80
CA LYS C 389 -48.45 31.20 -17.92
C LYS C 389 -47.99 30.43 -19.16
N LEU C 390 -48.03 29.11 -19.03
CA LEU C 390 -47.73 28.25 -20.16
C LEU C 390 -48.83 28.36 -21.22
N ALA C 391 -48.53 27.86 -22.41
CA ALA C 391 -49.51 27.85 -23.49
C ALA C 391 -50.43 26.64 -23.34
N ASP C 392 -51.22 26.39 -24.38
CA ASP C 392 -52.20 25.32 -24.36
C ASP C 392 -51.65 24.01 -24.89
N ASP C 393 -50.68 24.04 -25.80
CA ASP C 393 -50.11 22.82 -26.35
C ASP C 393 -49.16 22.11 -25.40
N VAL C 394 -48.74 22.75 -24.31
CA VAL C 394 -47.78 22.17 -23.39
C VAL C 394 -48.44 21.01 -22.64
N ASP C 395 -47.88 19.82 -22.79
CA ASP C 395 -48.37 18.61 -22.14
C ASP C 395 -47.29 18.14 -21.18
N LEU C 396 -47.42 18.48 -19.89
CA LEU C 396 -46.42 18.12 -18.89
C LEU C 396 -46.28 16.61 -18.67
N GLU C 397 -47.28 15.81 -19.05
CA GLU C 397 -47.19 14.36 -18.93
C GLU C 397 -46.09 13.80 -19.82
N GLN C 398 -45.94 14.37 -21.03
CA GLN C 398 -44.86 13.99 -21.95
C GLN C 398 -43.51 14.20 -21.30
N VAL C 399 -43.29 15.41 -20.75
CA VAL C 399 -42.03 15.79 -20.13
C VAL C 399 -41.74 14.88 -18.95
N ALA C 400 -42.75 14.68 -18.08
CA ALA C 400 -42.62 13.78 -16.93
C ALA C 400 -42.34 12.33 -17.34
N ASN C 401 -42.69 11.93 -18.57
CA ASN C 401 -42.36 10.60 -19.04
C ASN C 401 -41.01 10.51 -19.74
N GLU C 402 -40.38 11.65 -20.09
CA GLU C 402 -39.10 11.59 -20.80
C GLU C 402 -37.93 12.15 -20.01
N THR C 403 -38.07 12.34 -18.71
CA THR C 403 -36.98 12.84 -17.87
C THR C 403 -36.54 11.79 -16.87
N HIS C 404 -36.36 10.55 -17.32
CA HIS C 404 -35.94 9.47 -16.45
C HIS C 404 -34.49 9.68 -16.03
N GLY C 405 -34.29 10.00 -14.76
CA GLY C 405 -32.95 10.18 -14.25
C GLY C 405 -32.72 11.58 -13.72
N HIS C 406 -33.80 12.31 -13.50
CA HIS C 406 -33.73 13.70 -13.05
C HIS C 406 -34.23 13.83 -11.62
N VAL C 407 -33.55 14.66 -10.85
CA VAL C 407 -33.95 14.99 -9.49
C VAL C 407 -34.51 16.40 -9.51
N GLY C 408 -35.08 16.82 -8.38
CA GLY C 408 -35.81 18.07 -8.28
C GLY C 408 -35.07 19.32 -8.75
N ALA C 409 -33.76 19.38 -8.46
CA ALA C 409 -32.94 20.51 -8.90
C ALA C 409 -32.81 20.53 -10.42
N ASP C 410 -32.74 19.35 -11.04
CA ASP C 410 -32.70 19.26 -12.50
C ASP C 410 -33.98 19.80 -13.12
N LEU C 411 -35.13 19.46 -12.53
CA LEU C 411 -36.41 19.93 -13.05
C LEU C 411 -36.57 21.43 -12.84
N ALA C 412 -36.10 21.95 -11.71
CA ALA C 412 -36.11 23.39 -11.46
C ALA C 412 -35.28 24.14 -12.50
N ALA C 413 -34.07 23.62 -12.77
CA ALA C 413 -33.20 24.21 -13.78
C ALA C 413 -33.81 24.11 -15.18
N LEU C 414 -34.50 23.01 -15.46
CA LEU C 414 -35.17 22.80 -16.74
C LEU C 414 -36.24 23.85 -16.98
N CYS C 415 -37.09 24.08 -15.98
CA CYS C 415 -38.14 25.09 -16.09
C CYS C 415 -37.55 26.49 -16.21
N SER C 416 -36.48 26.76 -15.47
CA SER C 416 -35.83 28.07 -15.54
C SER C 416 -35.20 28.32 -16.91
N GLU C 417 -34.60 27.28 -17.50
CA GLU C 417 -34.01 27.39 -18.83
C GLU C 417 -35.07 27.61 -19.89
N ALA C 418 -36.22 26.93 -19.76
CA ALA C 418 -37.35 27.15 -20.66
C ALA C 418 -37.84 28.59 -20.61
N ALA C 419 -38.01 29.12 -19.38
CA ALA C 419 -38.44 30.50 -19.20
C ALA C 419 -37.45 31.49 -19.80
N LEU C 420 -36.16 31.26 -19.57
CA LEU C 420 -35.12 32.17 -20.06
C LEU C 420 -35.02 32.12 -21.57
N GLN C 421 -35.22 30.93 -22.16
CA GLN C 421 -35.26 30.81 -23.61
C GLN C 421 -36.42 31.58 -24.21
N ALA C 422 -37.59 31.53 -23.56
CA ALA C 422 -38.75 32.31 -24.03
C ALA C 422 -38.49 33.80 -23.93
N ILE C 423 -37.84 34.25 -22.84
CA ILE C 423 -37.55 35.67 -22.69
C ILE C 423 -36.48 36.10 -23.68
N ARG C 424 -35.56 35.21 -24.02
CA ARG C 424 -34.45 35.61 -24.88
C ARG C 424 -34.84 35.63 -26.35
N LYS C 425 -35.38 34.51 -26.86
CA LYS C 425 -35.74 34.30 -28.27
C LYS C 425 -36.63 35.41 -28.82
N LYS C 426 -37.76 35.63 -28.19
CA LYS C 426 -38.70 36.64 -28.61
C LYS C 426 -38.75 37.71 -27.54
N MET C 427 -39.52 38.76 -27.80
CA MET C 427 -39.99 39.76 -26.83
C MET C 427 -38.90 40.57 -26.11
N ASP C 428 -37.62 40.33 -26.42
CA ASP C 428 -36.54 41.13 -25.86
C ASP C 428 -35.78 41.80 -26.99
N LEU C 429 -35.44 41.05 -28.03
CA LEU C 429 -34.87 41.68 -29.22
C LEU C 429 -35.96 42.34 -30.07
N ILE C 430 -37.19 41.84 -29.99
CA ILE C 430 -38.29 42.41 -30.78
C ILE C 430 -38.65 43.80 -30.26
N ASP C 431 -38.55 44.03 -28.96
CA ASP C 431 -38.95 45.33 -28.41
C ASP C 431 -37.77 46.22 -28.06
N LEU C 432 -36.53 45.72 -28.20
CA LEU C 432 -35.33 46.52 -27.90
C LEU C 432 -35.18 47.75 -28.79
N GLU C 433 -35.77 47.72 -29.98
CA GLU C 433 -35.69 48.81 -30.92
C GLU C 433 -36.89 49.74 -30.80
N ASP C 434 -37.84 49.43 -29.93
CA ASP C 434 -39.05 50.24 -29.78
C ASP C 434 -39.22 50.85 -28.39
N GLU C 435 -39.27 50.04 -27.34
CA GLU C 435 -39.62 50.54 -25.99
C GLU C 435 -38.89 49.71 -24.94
N THR C 436 -39.34 49.84 -23.69
CA THR C 436 -38.78 49.13 -22.56
C THR C 436 -39.64 47.92 -22.19
N ILE C 437 -39.24 47.22 -21.14
CA ILE C 437 -39.95 46.04 -20.65
C ILE C 437 -40.60 46.37 -19.32
N ASP C 438 -41.71 45.69 -19.02
CA ASP C 438 -42.49 45.93 -17.81
C ASP C 438 -43.31 44.69 -17.49
N ALA C 439 -44.28 44.85 -16.58
CA ALA C 439 -45.09 43.73 -16.10
C ALA C 439 -46.18 43.32 -17.09
N GLU C 440 -46.77 44.28 -17.80
CA GLU C 440 -47.88 43.98 -18.70
C GLU C 440 -47.41 43.21 -19.93
N VAL C 441 -46.22 43.51 -20.45
CA VAL C 441 -45.72 42.73 -21.57
C VAL C 441 -45.15 41.39 -21.11
N MET C 442 -44.79 41.27 -19.83
CA MET C 442 -44.31 40.00 -19.30
C MET C 442 -45.45 39.04 -18.97
N ASN C 443 -46.60 39.55 -18.53
CA ASN C 443 -47.73 38.67 -18.24
C ASN C 443 -48.33 38.13 -19.53
N SER C 444 -48.31 38.91 -20.61
CA SER C 444 -48.76 38.43 -21.91
C SER C 444 -47.77 37.45 -22.56
N LEU C 445 -46.57 37.31 -22.01
CA LEU C 445 -45.57 36.39 -22.53
C LEU C 445 -45.90 34.97 -22.13
N ALA C 446 -45.93 34.07 -23.11
CA ALA C 446 -46.22 32.67 -22.88
C ALA C 446 -45.06 31.82 -23.35
N VAL C 447 -44.94 30.62 -22.79
CA VAL C 447 -43.89 29.71 -23.21
C VAL C 447 -44.56 28.61 -24.03
N THR C 448 -43.82 28.11 -25.00
CA THR C 448 -44.35 27.09 -25.91
C THR C 448 -43.65 25.77 -25.67
N MET C 449 -44.25 24.71 -26.22
CA MET C 449 -43.71 23.35 -26.10
C MET C 449 -42.32 23.23 -26.74
N ASP C 450 -42.04 24.03 -27.77
CA ASP C 450 -40.76 23.98 -28.47
C ASP C 450 -39.60 24.38 -27.56
N ASP C 451 -39.84 25.34 -26.66
CA ASP C 451 -38.82 25.73 -25.66
C ASP C 451 -38.54 24.59 -24.71
N PHE C 452 -39.59 23.86 -24.30
CA PHE C 452 -39.41 22.72 -23.42
C PHE C 452 -38.65 21.60 -24.12
N ARG C 453 -38.91 21.39 -25.41
CA ARG C 453 -38.17 20.38 -26.17
C ARG C 453 -36.72 20.78 -26.35
N TRP C 454 -36.47 22.09 -26.54
CA TRP C 454 -35.10 22.59 -26.67
C TRP C 454 -34.33 22.39 -25.38
N ALA C 455 -34.95 22.72 -24.25
CA ALA C 455 -34.29 22.55 -22.95
C ALA C 455 -34.15 21.07 -22.60
N LEU C 456 -35.08 20.25 -23.07
CA LEU C 456 -35.05 18.83 -22.72
C LEU C 456 -34.08 18.06 -23.59
N SER C 457 -33.82 18.53 -24.81
CA SER C 457 -32.86 17.87 -25.69
C SER C 457 -31.45 18.09 -25.19
N GLN C 458 -31.05 19.35 -25.11
CA GLN C 458 -29.66 19.71 -24.86
C GLN C 458 -29.50 20.23 -23.45
N SER C 459 -28.23 20.38 -23.05
CA SER C 459 -27.77 21.05 -21.83
C SER C 459 -28.30 20.43 -20.55
N ASN C 460 -28.79 19.19 -20.57
CA ASN C 460 -29.40 18.58 -19.39
C ASN C 460 -28.73 17.24 -19.09
N PRO C 461 -27.56 17.26 -18.49
CA PRO C 461 -26.96 15.98 -18.09
C PRO C 461 -27.70 15.45 -16.88
N SER C 462 -28.46 14.38 -17.08
CA SER C 462 -29.05 13.66 -15.96
C SER C 462 -27.95 13.10 -15.07
N ALA C 463 -28.06 13.38 -13.77
CA ALA C 463 -26.99 13.10 -12.82
C ALA C 463 -27.21 11.81 -12.06
N LEU C 464 -27.79 10.80 -12.71
CA LEU C 464 -28.14 9.56 -12.03
C LEU C 464 -27.62 8.37 -12.82
N ARG C 465 -26.77 7.56 -12.18
CA ARG C 465 -26.37 6.25 -12.71
C ARG C 465 -26.64 5.13 -11.72
N GLU C 466 -27.49 5.35 -10.72
CA GLU C 466 -27.72 4.41 -9.64
C GLU C 466 -29.06 3.72 -9.81
N THR C 467 -29.30 2.74 -8.94
CA THR C 467 -30.49 1.91 -8.96
C THR C 467 -31.76 2.71 -8.68
N VAL C 468 -32.87 2.21 -9.19
CA VAL C 468 -34.18 2.81 -9.02
C VAL C 468 -35.10 1.81 -8.31
N VAL C 469 -35.94 2.31 -7.41
CA VAL C 469 -36.92 1.51 -6.70
C VAL C 469 -38.26 2.23 -6.77
N GLU C 470 -39.30 1.51 -7.20
CA GLU C 470 -40.63 2.05 -7.45
C GLU C 470 -41.61 0.91 -7.66
N VAL C 471 -42.89 1.26 -7.78
CA VAL C 471 -43.93 0.32 -8.14
C VAL C 471 -44.04 0.35 -9.68
N PRO C 472 -43.85 -0.78 -10.37
CA PRO C 472 -43.83 -0.77 -11.84
C PRO C 472 -45.16 -0.46 -12.50
N GLN C 473 -45.17 -0.41 -13.84
CA GLN C 473 -46.38 -0.10 -14.58
C GLN C 473 -46.96 -1.28 -15.35
N VAL C 474 -46.24 -2.39 -15.46
CA VAL C 474 -46.76 -3.58 -16.13
C VAL C 474 -47.84 -4.19 -15.27
N THR C 475 -48.92 -4.66 -15.89
CA THR C 475 -50.00 -5.30 -15.16
C THR C 475 -50.37 -6.60 -15.87
N TRP C 476 -51.33 -7.34 -15.29
CA TRP C 476 -51.72 -8.66 -15.79
C TRP C 476 -52.28 -8.65 -17.21
N GLU C 477 -52.74 -7.51 -17.70
CA GLU C 477 -53.39 -7.40 -18.99
C GLU C 477 -52.41 -7.32 -20.14
N ASP C 478 -51.10 -7.37 -19.86
CA ASP C 478 -50.06 -7.35 -20.86
C ASP C 478 -49.46 -8.73 -21.09
N ILE C 479 -49.92 -9.74 -20.37
CA ILE C 479 -49.33 -11.07 -20.41
C ILE C 479 -50.38 -12.00 -21.02
N GLY C 480 -50.07 -12.53 -22.19
CA GLY C 480 -50.99 -13.46 -22.82
C GLY C 480 -50.79 -14.88 -22.35
N GLY C 481 -51.85 -15.49 -21.85
CA GLY C 481 -51.75 -16.83 -21.33
C GLY C 481 -51.28 -16.82 -19.89
N LEU C 482 -50.69 -17.93 -19.46
CA LEU C 482 -50.13 -18.15 -18.13
C LEU C 482 -51.18 -17.93 -17.03
N GLU C 483 -52.18 -18.82 -17.03
CA GLU C 483 -53.28 -18.74 -16.07
C GLU C 483 -52.95 -19.46 -14.76
N ASP C 484 -52.52 -20.72 -14.87
CA ASP C 484 -52.15 -21.49 -13.68
C ASP C 484 -50.99 -20.88 -12.93
N VAL C 485 -49.98 -20.38 -13.67
CA VAL C 485 -48.84 -19.68 -13.10
C VAL C 485 -49.32 -18.43 -12.34
N LYS C 486 -50.28 -17.70 -12.92
CA LYS C 486 -50.84 -16.51 -12.29
C LYS C 486 -51.54 -16.85 -10.99
N ARG C 487 -52.31 -17.94 -11.00
CA ARG C 487 -53.01 -18.40 -9.80
C ARG C 487 -52.03 -18.79 -8.70
N GLU C 488 -50.99 -19.55 -9.05
CA GLU C 488 -50.02 -19.99 -8.04
C GLU C 488 -49.20 -18.84 -7.51
N LEU C 489 -48.92 -17.83 -8.34
CA LEU C 489 -48.26 -16.61 -7.88
C LEU C 489 -49.13 -15.85 -6.88
N GLN C 490 -50.44 -15.74 -7.15
CA GLN C 490 -51.39 -15.18 -6.18
C GLN C 490 -51.29 -15.89 -4.83
N GLU C 491 -51.37 -17.23 -4.86
CA GLU C 491 -51.30 -18.04 -3.64
C GLU C 491 -49.99 -17.82 -2.89
N LEU C 492 -48.86 -17.79 -3.61
CA LEU C 492 -47.56 -17.72 -2.95
C LEU C 492 -47.27 -16.34 -2.38
N VAL C 493 -47.75 -15.28 -3.01
CA VAL C 493 -47.35 -13.93 -2.64
C VAL C 493 -48.37 -13.25 -1.74
N GLN C 494 -49.66 -13.34 -2.10
CA GLN C 494 -50.62 -12.44 -1.49
C GLN C 494 -51.32 -13.01 -0.26
N TYR C 495 -51.23 -14.32 -0.02
CA TYR C 495 -51.94 -14.90 1.13
C TYR C 495 -51.31 -14.53 2.48
N PRO C 496 -50.04 -14.91 2.81
CA PRO C 496 -49.56 -14.67 4.19
C PRO C 496 -49.43 -13.22 4.60
N VAL C 497 -49.37 -12.28 3.64
CA VAL C 497 -49.28 -10.87 3.97
C VAL C 497 -50.62 -10.28 4.39
N GLU C 498 -51.70 -11.03 4.26
CA GLU C 498 -53.04 -10.59 4.62
C GLU C 498 -53.60 -11.35 5.80
N HIS C 499 -53.53 -12.68 5.78
CA HIS C 499 -54.27 -13.56 6.68
C HIS C 499 -53.28 -14.44 7.44
N PRO C 500 -52.66 -13.93 8.51
CA PRO C 500 -51.77 -14.78 9.32
C PRO C 500 -52.47 -15.82 10.16
N ASP C 501 -53.81 -15.75 10.26
CA ASP C 501 -54.61 -16.58 11.17
C ASP C 501 -54.40 -18.08 10.94
N LYS C 502 -54.57 -18.52 9.70
CA LYS C 502 -54.42 -19.94 9.36
C LYS C 502 -52.98 -20.40 9.54
N PHE C 503 -52.02 -19.51 9.28
CA PHE C 503 -50.62 -19.90 9.41
C PHE C 503 -50.20 -20.04 10.87
N LEU C 504 -50.79 -19.27 11.78
CA LEU C 504 -50.52 -19.55 13.19
C LEU C 504 -51.30 -20.76 13.68
N LYS C 505 -52.56 -20.89 13.23
CA LYS C 505 -53.44 -21.98 13.66
C LYS C 505 -52.86 -23.35 13.29
N PHE C 506 -52.33 -23.47 12.08
CA PHE C 506 -51.70 -24.71 11.63
C PHE C 506 -50.21 -24.74 11.88
N GLY C 507 -49.63 -23.64 12.37
CA GLY C 507 -48.23 -23.58 12.77
C GLY C 507 -47.19 -23.61 11.66
N MET C 508 -47.59 -23.83 10.41
CA MET C 508 -46.64 -23.91 9.30
C MET C 508 -46.27 -22.54 8.78
N THR C 509 -44.99 -22.36 8.50
CA THR C 509 -44.46 -21.08 8.06
C THR C 509 -44.45 -21.02 6.52
N PRO C 510 -44.75 -19.86 5.94
CA PRO C 510 -44.75 -19.76 4.48
C PRO C 510 -43.34 -19.69 3.90
N SER C 511 -43.25 -19.94 2.60
CA SER C 511 -41.99 -19.84 1.91
C SER C 511 -41.67 -18.37 1.61
N LYS C 512 -40.43 -18.14 1.17
CA LYS C 512 -40.00 -16.78 0.88
C LYS C 512 -39.16 -16.71 -0.39
N GLY C 513 -39.33 -17.64 -1.31
CA GLY C 513 -38.57 -17.64 -2.54
C GLY C 513 -39.22 -18.49 -3.59
N VAL C 514 -38.94 -18.17 -4.86
CA VAL C 514 -39.48 -18.90 -5.98
C VAL C 514 -38.45 -18.86 -7.10
N LEU C 515 -38.37 -19.93 -7.88
CA LEU C 515 -37.43 -20.02 -8.98
C LEU C 515 -38.19 -20.32 -10.25
N PHE C 516 -38.17 -19.40 -11.19
CA PHE C 516 -38.75 -19.62 -12.51
C PHE C 516 -37.71 -20.27 -13.41
N TYR C 517 -38.18 -21.11 -14.33
CA TYR C 517 -37.30 -21.68 -15.34
C TYR C 517 -38.10 -22.07 -16.56
N GLY C 518 -37.40 -22.17 -17.68
CA GLY C 518 -38.01 -22.48 -18.95
C GLY C 518 -37.14 -21.99 -20.08
N PRO C 519 -37.65 -22.08 -21.32
CA PRO C 519 -36.90 -21.59 -22.48
C PRO C 519 -36.76 -20.08 -22.45
N PRO C 520 -35.74 -19.51 -23.10
CA PRO C 520 -35.54 -18.06 -23.01
C PRO C 520 -36.55 -17.29 -23.84
N GLY C 521 -36.86 -16.09 -23.38
CA GLY C 521 -37.81 -15.25 -24.08
C GLY C 521 -39.23 -15.75 -24.01
N CYS C 522 -39.71 -16.04 -22.80
CA CYS C 522 -41.07 -16.52 -22.60
C CYS C 522 -41.80 -15.75 -21.51
N GLY C 523 -41.33 -14.56 -21.16
CA GLY C 523 -42.07 -13.72 -20.24
C GLY C 523 -41.95 -14.10 -18.79
N LYS C 524 -40.72 -14.07 -18.27
CA LYS C 524 -40.45 -14.26 -16.85
C LYS C 524 -40.30 -12.97 -16.09
N THR C 525 -39.77 -11.92 -16.72
CA THR C 525 -39.66 -10.62 -16.06
C THR C 525 -41.01 -9.97 -15.93
N LEU C 526 -41.90 -10.23 -16.89
CA LEU C 526 -43.25 -9.68 -16.90
C LEU C 526 -44.05 -10.14 -15.69
N LEU C 527 -43.94 -11.42 -15.35
CA LEU C 527 -44.64 -11.98 -14.18
C LEU C 527 -44.20 -11.31 -12.89
N ALA C 528 -42.89 -11.09 -12.75
CA ALA C 528 -42.33 -10.44 -11.56
C ALA C 528 -42.83 -9.01 -11.43
N LYS C 529 -42.74 -8.24 -12.53
CA LYS C 529 -43.25 -6.87 -12.54
C LYS C 529 -44.74 -6.82 -12.26
N ALA C 530 -45.51 -7.77 -12.81
CA ALA C 530 -46.95 -7.77 -12.67
C ALA C 530 -47.37 -8.07 -11.24
N ILE C 531 -46.75 -9.07 -10.60
CA ILE C 531 -47.11 -9.39 -9.23
C ILE C 531 -46.61 -8.30 -8.27
N ALA C 532 -45.54 -7.58 -8.64
CA ALA C 532 -45.14 -6.45 -7.83
C ALA C 532 -46.12 -5.29 -7.95
N ASN C 533 -46.70 -5.10 -9.14
CA ASN C 533 -47.65 -4.02 -9.34
C ASN C 533 -48.98 -4.32 -8.69
N GLU C 534 -49.39 -5.60 -8.69
CA GLU C 534 -50.66 -6.03 -8.11
C GLU C 534 -50.73 -5.70 -6.63
N CYS C 535 -49.77 -6.22 -5.85
CA CYS C 535 -49.72 -6.00 -4.41
C CYS C 535 -49.26 -4.60 -4.01
N GLN C 536 -48.95 -3.72 -4.98
CA GLN C 536 -48.51 -2.34 -4.78
C GLN C 536 -47.22 -2.24 -3.98
N ALA C 537 -46.36 -3.25 -4.11
CA ALA C 537 -45.07 -3.29 -3.43
C ALA C 537 -43.98 -2.86 -4.38
N ASN C 538 -42.91 -2.31 -3.81
CA ASN C 538 -41.78 -1.81 -4.58
C ASN C 538 -41.05 -2.94 -5.29
N PHE C 539 -40.29 -2.57 -6.32
CA PHE C 539 -39.64 -3.56 -7.18
C PHE C 539 -38.18 -3.18 -7.37
N ILE C 540 -37.29 -4.15 -7.21
CA ILE C 540 -35.86 -3.97 -7.38
C ILE C 540 -35.35 -5.07 -8.29
N SER C 541 -34.63 -4.70 -9.35
CA SER C 541 -34.15 -5.66 -10.32
C SER C 541 -32.64 -5.58 -10.43
N ILE C 542 -31.98 -6.74 -10.41
CA ILE C 542 -30.53 -6.85 -10.46
C ILE C 542 -30.22 -7.75 -11.65
N LYS C 543 -29.79 -7.17 -12.76
CA LYS C 543 -29.53 -7.91 -13.98
C LYS C 543 -28.25 -8.74 -13.88
N GLY C 544 -27.90 -9.39 -14.98
CA GLY C 544 -26.71 -10.20 -15.06
C GLY C 544 -25.40 -9.43 -14.98
N PRO C 545 -25.19 -8.41 -15.85
CA PRO C 545 -23.97 -7.58 -15.77
C PRO C 545 -23.57 -7.03 -14.41
N GLU C 546 -24.51 -6.78 -13.49
CA GLU C 546 -24.15 -6.31 -12.15
C GLU C 546 -23.44 -7.42 -11.37
N LEU C 547 -23.99 -8.63 -11.42
CA LEU C 547 -23.34 -9.79 -10.80
C LEU C 547 -22.00 -10.07 -11.45
N LEU C 548 -21.91 -9.91 -12.77
CA LEU C 548 -20.64 -10.15 -13.46
C LEU C 548 -19.59 -9.09 -13.12
N THR C 549 -19.99 -7.83 -12.91
CA THR C 549 -19.06 -6.80 -12.44
C THR C 549 -18.57 -7.14 -11.05
N MET C 550 -19.45 -7.67 -10.20
CA MET C 550 -19.01 -8.10 -8.88
C MET C 550 -18.10 -9.33 -8.95
N TRP C 551 -18.24 -10.15 -9.99
CA TRP C 551 -17.40 -11.33 -10.13
C TRP C 551 -16.01 -10.99 -10.62
N PHE C 552 -15.94 -10.26 -11.75
CA PHE C 552 -14.65 -9.87 -12.32
C PHE C 552 -13.90 -8.94 -11.37
N GLY C 553 -14.55 -7.86 -10.93
CA GLY C 553 -13.99 -6.90 -10.00
C GLY C 553 -13.61 -7.45 -8.62
N GLU C 554 -14.04 -8.68 -8.29
CA GLU C 554 -13.72 -9.40 -7.04
C GLU C 554 -14.18 -8.61 -5.81
N SER C 555 -15.34 -8.00 -5.92
CA SER C 555 -15.90 -7.19 -4.84
C SER C 555 -17.32 -7.65 -4.62
N GLU C 556 -17.48 -8.74 -3.88
CA GLU C 556 -18.79 -9.28 -3.55
C GLU C 556 -19.31 -8.74 -2.24
N ALA C 557 -18.64 -7.73 -1.68
CA ALA C 557 -19.11 -7.03 -0.49
C ALA C 557 -20.24 -6.06 -0.77
N ASN C 558 -20.72 -5.96 -2.01
CA ASN C 558 -21.80 -5.05 -2.34
C ASN C 558 -23.15 -5.73 -2.34
N VAL C 559 -23.19 -7.05 -2.16
CA VAL C 559 -24.45 -7.75 -2.01
C VAL C 559 -25.11 -7.35 -0.71
N ARG C 560 -24.28 -7.05 0.30
CA ARG C 560 -24.73 -6.55 1.58
C ARG C 560 -25.50 -5.26 1.43
N GLU C 561 -25.06 -4.37 0.52
CA GLU C 561 -25.83 -3.15 0.27
C GLU C 561 -27.20 -3.42 -0.34
N ILE C 562 -27.26 -4.34 -1.33
CA ILE C 562 -28.49 -4.65 -2.08
C ILE C 562 -29.65 -4.97 -1.14
N PHE C 563 -29.44 -5.96 -0.26
CA PHE C 563 -30.46 -6.43 0.65
C PHE C 563 -30.88 -5.32 1.61
N ASP C 564 -29.92 -4.44 1.99
CA ASP C 564 -30.21 -3.32 2.90
C ASP C 564 -31.28 -2.44 2.34
N LYS C 565 -31.22 -2.18 1.01
CA LYS C 565 -32.19 -1.29 0.40
C LYS C 565 -33.55 -1.97 0.40
N ALA C 566 -33.54 -3.28 0.04
CA ALA C 566 -34.71 -4.15 0.14
C ALA C 566 -35.33 -4.10 1.51
N ARG C 567 -34.51 -4.02 2.56
CA ARG C 567 -35.03 -4.00 3.90
C ARG C 567 -35.66 -2.64 4.20
N GLN C 568 -34.94 -1.56 3.87
CA GLN C 568 -35.43 -0.23 4.22
C GLN C 568 -36.61 0.25 3.37
N ALA C 569 -36.93 -0.47 2.30
CA ALA C 569 -38.05 -0.14 1.42
C ALA C 569 -39.13 -1.20 1.46
N ALA C 570 -39.34 -1.83 2.63
CA ALA C 570 -40.32 -2.88 2.73
C ALA C 570 -41.75 -2.31 2.71
N PRO C 571 -42.72 -3.04 2.10
CA PRO C 571 -42.66 -4.32 1.39
C PRO C 571 -42.01 -4.20 0.02
N CYS C 572 -41.49 -5.29 -0.52
CA CYS C 572 -40.68 -5.19 -1.72
C CYS C 572 -40.63 -6.54 -2.42
N VAL C 573 -40.07 -6.53 -3.61
CA VAL C 573 -39.79 -7.73 -4.40
C VAL C 573 -38.37 -7.60 -4.94
N LEU C 574 -37.53 -8.58 -4.65
CA LEU C 574 -36.13 -8.58 -5.08
C LEU C 574 -36.01 -9.63 -6.19
N PHE C 575 -35.71 -9.18 -7.40
CA PHE C 575 -35.71 -10.05 -8.56
C PHE C 575 -34.29 -10.22 -9.09
N PHE C 576 -33.82 -11.45 -9.12
CA PHE C 576 -32.51 -11.79 -9.65
C PHE C 576 -32.71 -12.55 -10.96
N ASP C 577 -32.55 -11.87 -12.09
CA ASP C 577 -32.60 -12.56 -13.37
C ASP C 577 -31.19 -12.84 -13.83
N GLU C 578 -31.08 -13.81 -14.74
CA GLU C 578 -29.82 -14.35 -15.25
C GLU C 578 -28.90 -14.77 -14.10
N LEU C 579 -29.42 -15.72 -13.33
CA LEU C 579 -28.71 -16.27 -12.18
C LEU C 579 -27.65 -17.27 -12.59
N ASP C 580 -27.70 -17.72 -13.84
CA ASP C 580 -26.72 -18.65 -14.41
C ASP C 580 -25.65 -17.95 -15.22
N SER C 581 -25.49 -16.63 -15.04
CA SER C 581 -24.51 -15.87 -15.79
C SER C 581 -23.09 -16.25 -15.41
N ILE C 582 -22.80 -16.26 -14.10
CA ILE C 582 -21.46 -16.56 -13.62
C ILE C 582 -21.10 -18.02 -13.86
N ALA C 583 -22.08 -18.91 -13.71
CA ALA C 583 -21.89 -20.34 -13.96
C ALA C 583 -21.60 -20.63 -15.42
N LYS C 584 -22.02 -19.75 -16.33
CA LYS C 584 -21.77 -19.91 -17.75
C LYS C 584 -20.49 -19.21 -18.17
N ALA C 585 -20.09 -18.17 -17.42
CA ALA C 585 -18.87 -17.42 -17.73
C ALA C 585 -17.64 -18.30 -17.59
N ARG C 586 -17.56 -19.10 -16.53
CA ARG C 586 -16.42 -19.99 -16.33
C ARG C 586 -16.74 -21.36 -16.95
N GLY C 587 -16.81 -21.37 -18.26
CA GLY C 587 -17.11 -22.59 -18.99
C GLY C 587 -18.59 -22.91 -18.99
N GLY C 588 -18.97 -23.81 -19.89
CA GLY C 588 -20.36 -24.26 -19.96
C GLY C 588 -20.67 -25.33 -18.94
N ASN C 589 -21.30 -26.42 -19.38
CA ASN C 589 -21.54 -27.55 -18.48
C ASN C 589 -20.24 -28.25 -18.11
N ILE C 590 -19.24 -28.22 -18.99
CA ILE C 590 -17.95 -28.81 -18.70
C ILE C 590 -17.18 -27.97 -17.67
N GLY C 591 -17.34 -26.65 -17.71
CA GLY C 591 -16.77 -25.65 -16.85
C GLY C 591 -15.26 -25.71 -16.77
N ASP C 592 -14.74 -25.30 -15.62
N ASP C 592 -14.74 -25.26 -15.64
CA ASP C 592 -13.32 -25.38 -15.31
CA ASP C 592 -13.32 -25.35 -15.31
C ASP C 592 -13.07 -26.59 -14.44
C ASP C 592 -13.07 -26.60 -14.46
N GLY C 593 -11.86 -26.70 -13.88
CA GLY C 593 -11.55 -27.76 -12.94
C GLY C 593 -12.32 -27.71 -11.63
N GLY C 594 -12.88 -26.55 -11.27
CA GLY C 594 -13.61 -26.39 -10.03
C GLY C 594 -14.97 -27.06 -10.05
N GLY C 595 -15.75 -26.72 -9.02
CA GLY C 595 -17.07 -27.31 -8.84
C GLY C 595 -18.18 -26.37 -9.24
N ALA C 596 -19.17 -26.20 -8.37
CA ALA C 596 -20.33 -25.36 -8.68
C ALA C 596 -20.47 -24.20 -7.71
N ALA C 597 -19.51 -24.00 -6.81
CA ALA C 597 -19.57 -22.93 -5.83
C ALA C 597 -18.79 -21.72 -6.33
N ASP C 598 -19.39 -20.55 -6.20
CA ASP C 598 -18.79 -19.28 -6.61
C ASP C 598 -18.90 -18.30 -5.47
N ARG C 599 -18.35 -17.10 -5.67
CA ARG C 599 -18.25 -16.14 -4.58
C ARG C 599 -19.56 -15.40 -4.34
N VAL C 600 -20.13 -14.86 -5.41
CA VAL C 600 -21.28 -13.97 -5.30
C VAL C 600 -22.52 -14.72 -4.86
N ILE C 601 -22.76 -15.91 -5.42
CA ILE C 601 -23.92 -16.72 -5.06
C ILE C 601 -23.81 -17.20 -3.62
N ASN C 602 -22.59 -17.44 -3.15
CA ASN C 602 -22.34 -17.75 -1.74
C ASN C 602 -22.74 -16.59 -0.85
N GLN C 603 -22.41 -15.37 -1.26
CA GLN C 603 -22.82 -14.19 -0.50
C GLN C 603 -24.33 -14.01 -0.50
N ILE C 604 -24.98 -14.40 -1.60
CA ILE C 604 -26.44 -14.34 -1.70
C ILE C 604 -27.06 -15.33 -0.71
N LEU C 605 -26.55 -16.57 -0.66
CA LEU C 605 -26.99 -17.57 0.32
C LEU C 605 -26.83 -17.08 1.75
N THR C 606 -25.64 -16.55 2.07
CA THR C 606 -25.33 -16.03 3.39
C THR C 606 -26.31 -14.92 3.79
N GLU C 607 -26.48 -13.92 2.92
CA GLU C 607 -27.32 -12.78 3.21
C GLU C 607 -28.81 -13.14 3.20
N MET C 608 -29.17 -14.20 2.50
CA MET C 608 -30.57 -14.59 2.39
C MET C 608 -31.00 -15.42 3.59
N ASP C 609 -30.12 -16.30 4.07
CA ASP C 609 -30.42 -17.11 5.24
C ASP C 609 -30.62 -16.25 6.48
N GLY C 610 -29.78 -15.26 6.69
CA GLY C 610 -29.86 -14.46 7.89
C GLY C 610 -30.66 -13.19 7.78
N MET C 611 -31.96 -13.30 7.53
CA MET C 611 -32.84 -12.14 7.56
C MET C 611 -34.11 -12.52 8.30
N SER C 612 -34.93 -11.50 8.57
CA SER C 612 -36.15 -11.64 9.38
C SER C 612 -37.15 -12.61 8.79
N THR C 613 -37.79 -13.39 9.65
CA THR C 613 -38.82 -14.32 9.22
C THR C 613 -40.10 -13.61 8.81
N LYS C 614 -40.32 -12.39 9.27
CA LYS C 614 -41.46 -11.57 8.87
C LYS C 614 -41.01 -10.13 8.64
N LYS C 615 -40.68 -9.82 7.40
CA LYS C 615 -40.36 -8.47 6.99
C LYS C 615 -41.11 -8.09 5.72
N ASN C 616 -41.82 -9.05 5.10
CA ASN C 616 -42.51 -8.89 3.82
C ASN C 616 -41.54 -8.46 2.72
N VAL C 617 -40.58 -9.33 2.44
CA VAL C 617 -39.67 -9.18 1.30
C VAL C 617 -39.62 -10.52 0.59
N PHE C 618 -40.07 -10.54 -0.66
CA PHE C 618 -40.18 -11.74 -1.47
C PHE C 618 -39.07 -11.75 -2.50
N ILE C 619 -38.38 -12.88 -2.64
CA ILE C 619 -37.21 -12.99 -3.50
C ILE C 619 -37.53 -13.94 -4.65
N ILE C 620 -37.29 -13.49 -5.87
CA ILE C 620 -37.61 -14.26 -7.07
C ILE C 620 -36.33 -14.47 -7.84
N GLY C 621 -36.12 -15.69 -8.35
CA GLY C 621 -35.00 -15.97 -9.20
C GLY C 621 -35.47 -16.45 -10.55
N ALA C 622 -34.61 -16.36 -11.57
CA ALA C 622 -34.99 -16.78 -12.90
C ALA C 622 -33.74 -17.25 -13.63
N THR C 623 -33.85 -18.39 -14.32
CA THR C 623 -32.73 -18.98 -15.03
C THR C 623 -33.26 -19.91 -16.12
N ASN C 624 -32.62 -19.88 -17.28
CA ASN C 624 -33.03 -20.73 -18.39
C ASN C 624 -32.09 -21.91 -18.60
N ARG C 625 -31.10 -22.08 -17.73
CA ARG C 625 -30.23 -23.26 -17.71
C ARG C 625 -30.33 -23.84 -16.31
N PRO C 626 -31.42 -24.55 -15.99
CA PRO C 626 -31.67 -24.94 -14.59
C PRO C 626 -30.73 -25.99 -14.02
N ASP C 627 -29.91 -26.64 -14.85
CA ASP C 627 -29.10 -27.74 -14.36
C ASP C 627 -27.75 -27.30 -13.83
N ILE C 628 -27.17 -26.23 -14.36
CA ILE C 628 -25.83 -25.83 -13.98
C ILE C 628 -25.85 -24.85 -12.81
N ILE C 629 -26.99 -24.72 -12.16
CA ILE C 629 -27.11 -23.88 -10.98
C ILE C 629 -26.68 -24.71 -9.77
N ASP C 630 -26.24 -24.03 -8.73
CA ASP C 630 -25.79 -24.67 -7.50
C ASP C 630 -26.97 -25.27 -6.76
N PRO C 631 -27.02 -26.58 -6.54
CA PRO C 631 -28.16 -27.18 -5.81
C PRO C 631 -28.29 -26.77 -4.35
N ALA C 632 -27.31 -26.08 -3.77
CA ALA C 632 -27.38 -25.61 -2.39
C ALA C 632 -28.36 -24.45 -2.20
N ILE C 633 -28.93 -23.89 -3.28
CA ILE C 633 -29.91 -22.83 -3.16
C ILE C 633 -31.33 -23.39 -3.17
N LEU C 634 -31.52 -24.63 -3.57
CA LEU C 634 -32.83 -25.24 -3.58
C LEU C 634 -33.22 -25.87 -2.25
N ARG C 635 -32.43 -25.68 -1.21
CA ARG C 635 -32.73 -26.19 0.12
C ARG C 635 -33.74 -25.27 0.80
N PRO C 636 -34.52 -25.79 1.78
CA PRO C 636 -35.50 -24.95 2.50
C PRO C 636 -34.89 -23.73 3.19
N GLY C 637 -35.73 -22.73 3.42
CA GLY C 637 -35.25 -21.44 3.85
C GLY C 637 -34.65 -20.60 2.74
N ARG C 638 -34.69 -21.08 1.51
CA ARG C 638 -34.14 -20.41 0.34
C ARG C 638 -35.14 -20.61 -0.79
N LEU C 639 -34.72 -20.39 -2.04
CA LEU C 639 -35.60 -20.51 -3.19
C LEU C 639 -35.95 -21.97 -3.43
N ASP C 640 -37.13 -22.39 -2.97
CA ASP C 640 -37.47 -23.81 -2.99
C ASP C 640 -38.87 -24.08 -3.54
N GLN C 641 -39.34 -23.24 -4.46
CA GLN C 641 -40.64 -23.42 -5.12
C GLN C 641 -40.43 -23.29 -6.62
N LEU C 642 -40.06 -24.37 -7.28
CA LEU C 642 -39.73 -24.30 -8.70
C LEU C 642 -41.00 -24.20 -9.53
N ILE C 643 -41.01 -23.28 -10.51
CA ILE C 643 -42.14 -23.06 -11.41
C ILE C 643 -41.60 -23.11 -12.84
N TYR C 644 -42.35 -23.73 -13.74
CA TYR C 644 -41.94 -23.98 -15.11
C TYR C 644 -42.75 -23.10 -16.06
N ILE C 645 -42.07 -22.24 -16.81
CA ILE C 645 -42.70 -21.37 -17.79
C ILE C 645 -42.50 -21.98 -19.18
N PRO C 646 -43.50 -22.62 -19.77
CA PRO C 646 -43.30 -23.36 -21.02
C PRO C 646 -43.55 -22.49 -22.24
N LEU C 647 -43.23 -23.08 -23.41
CA LEU C 647 -43.50 -22.43 -24.68
C LEU C 647 -45.02 -22.35 -24.91
N PRO C 648 -45.51 -21.29 -25.55
CA PRO C 648 -46.96 -21.10 -25.66
C PRO C 648 -47.63 -22.09 -26.60
N ASP C 649 -48.95 -22.00 -26.63
CA ASP C 649 -49.79 -22.74 -27.55
C ASP C 649 -50.66 -21.71 -28.27
N GLU C 650 -51.45 -22.18 -29.25
CA GLU C 650 -52.19 -21.29 -30.16
C GLU C 650 -53.19 -20.38 -29.43
N LYS C 651 -53.95 -20.95 -28.48
CA LYS C 651 -54.89 -20.17 -27.67
C LYS C 651 -54.20 -19.07 -26.88
N SER C 652 -52.93 -19.27 -26.53
CA SER C 652 -52.13 -18.27 -25.86
C SER C 652 -51.42 -17.35 -26.84
N ARG C 653 -51.03 -17.86 -28.02
CA ARG C 653 -50.38 -17.04 -29.05
C ARG C 653 -51.31 -15.94 -29.54
N VAL C 654 -52.61 -16.23 -29.65
CA VAL C 654 -53.61 -15.23 -30.01
C VAL C 654 -53.59 -14.10 -29.00
N ALA C 655 -53.54 -14.44 -27.70
CA ALA C 655 -53.54 -13.45 -26.64
C ALA C 655 -52.26 -12.62 -26.63
N ILE C 656 -51.11 -13.27 -26.91
CA ILE C 656 -49.83 -12.57 -26.99
C ILE C 656 -49.85 -11.55 -28.12
N LEU C 657 -50.33 -11.97 -29.30
CA LEU C 657 -50.42 -11.09 -30.46
C LEU C 657 -51.37 -9.92 -30.22
N LYS C 658 -52.52 -10.17 -29.60
CA LYS C 658 -53.46 -9.10 -29.28
C LYS C 658 -52.86 -8.12 -28.29
N ALA C 659 -52.18 -8.62 -27.26
CA ALA C 659 -51.54 -7.78 -26.26
C ALA C 659 -50.44 -6.92 -26.86
N ASN C 660 -49.68 -7.47 -27.82
CA ASN C 660 -48.64 -6.67 -28.45
C ASN C 660 -49.23 -5.61 -29.38
N LEU C 661 -50.24 -5.97 -30.17
CA LEU C 661 -50.78 -5.04 -31.16
C LEU C 661 -51.77 -4.03 -30.61
N ARG C 662 -52.25 -4.17 -29.37
CA ARG C 662 -53.25 -3.25 -28.80
C ARG C 662 -52.82 -1.77 -28.74
N LYS C 663 -51.53 -1.46 -28.87
CA LYS C 663 -51.05 -0.09 -28.74
C LYS C 663 -51.00 0.65 -30.07
N SER C 664 -50.95 -0.06 -31.19
CA SER C 664 -50.75 0.56 -32.48
C SER C 664 -51.99 0.40 -33.38
N PRO C 665 -52.28 1.37 -34.26
CA PRO C 665 -53.43 1.24 -35.16
C PRO C 665 -53.25 0.21 -36.27
N VAL C 666 -54.02 -0.87 -36.22
CA VAL C 666 -53.97 -1.94 -37.20
C VAL C 666 -55.36 -2.07 -37.81
N ALA C 667 -55.42 -2.35 -39.13
CA ALA C 667 -56.67 -2.47 -39.87
C ALA C 667 -57.50 -3.66 -39.40
N LYS C 668 -58.70 -3.78 -39.96
CA LYS C 668 -59.64 -4.80 -39.55
C LYS C 668 -59.66 -6.03 -40.45
N ASP C 669 -59.01 -5.97 -41.62
CA ASP C 669 -59.06 -7.11 -42.53
C ASP C 669 -58.10 -8.22 -42.16
N VAL C 670 -57.15 -7.96 -41.27
CA VAL C 670 -56.17 -8.96 -40.87
C VAL C 670 -56.81 -9.92 -39.87
N ASP C 671 -56.57 -11.22 -40.07
CA ASP C 671 -57.10 -12.29 -39.23
C ASP C 671 -55.97 -12.83 -38.39
N LEU C 672 -56.06 -12.67 -37.07
CA LEU C 672 -54.97 -13.07 -36.20
C LEU C 672 -54.87 -14.57 -36.03
N GLU C 673 -56.01 -15.29 -36.03
CA GLU C 673 -56.03 -16.73 -35.76
C GLU C 673 -55.22 -17.54 -36.76
N PHE C 674 -55.09 -17.07 -38.00
CA PHE C 674 -54.34 -17.80 -39.01
C PHE C 674 -52.86 -17.60 -38.81
N LEU C 675 -52.47 -16.34 -38.56
CA LEU C 675 -51.08 -16.02 -38.24
C LEU C 675 -50.63 -16.72 -36.98
N ALA C 676 -51.55 -16.90 -36.03
CA ALA C 676 -51.24 -17.58 -34.78
C ALA C 676 -50.98 -19.06 -35.01
N LYS C 677 -51.89 -19.75 -35.72
CA LYS C 677 -51.68 -21.18 -35.97
C LYS C 677 -50.52 -21.45 -36.93
N MET C 678 -50.12 -20.48 -37.74
CA MET C 678 -49.00 -20.71 -38.65
C MET C 678 -47.66 -20.77 -37.91
N THR C 679 -47.53 -20.05 -36.81
CA THR C 679 -46.29 -20.02 -36.04
C THR C 679 -46.37 -21.06 -34.93
N ASN C 680 -45.78 -22.22 -35.15
CA ASN C 680 -45.75 -23.28 -34.17
C ASN C 680 -44.37 -23.34 -33.55
N GLY C 681 -44.32 -23.46 -32.22
CA GLY C 681 -43.06 -23.46 -31.52
C GLY C 681 -42.38 -22.13 -31.38
N PHE C 682 -43.05 -21.04 -31.75
CA PHE C 682 -42.46 -19.71 -31.63
C PHE C 682 -42.50 -19.27 -30.18
N SER C 683 -41.39 -18.71 -29.71
CA SER C 683 -41.33 -18.15 -28.37
C SER C 683 -41.88 -16.74 -28.40
N GLY C 684 -42.58 -16.36 -27.32
CA GLY C 684 -43.25 -15.06 -27.21
C GLY C 684 -42.40 -13.82 -27.47
N ALA C 685 -41.09 -13.92 -27.25
CA ALA C 685 -40.16 -12.84 -27.57
C ALA C 685 -39.85 -12.76 -29.04
N ASP C 686 -40.36 -13.68 -29.86
CA ASP C 686 -40.19 -13.63 -31.29
C ASP C 686 -41.44 -13.14 -32.00
N LEU C 687 -42.62 -13.39 -31.43
CA LEU C 687 -43.83 -12.78 -31.99
C LEU C 687 -43.88 -11.28 -31.77
N THR C 688 -43.05 -10.72 -30.91
CA THR C 688 -43.06 -9.30 -30.64
C THR C 688 -42.15 -8.52 -31.57
N GLU C 689 -41.29 -9.18 -32.33
CA GLU C 689 -40.51 -8.46 -33.32
C GLU C 689 -41.16 -8.44 -34.70
N ILE C 690 -42.08 -9.38 -34.97
CA ILE C 690 -42.89 -9.33 -36.18
C ILE C 690 -43.68 -8.03 -36.24
N CYS C 691 -44.27 -7.64 -35.10
CA CYS C 691 -44.98 -6.37 -35.00
C CYS C 691 -44.07 -5.19 -35.28
N GLN C 692 -42.84 -5.23 -34.72
CA GLN C 692 -41.86 -4.17 -34.93
C GLN C 692 -41.47 -4.06 -36.41
N ARG C 693 -41.26 -5.20 -37.07
CA ARG C 693 -40.88 -5.21 -38.47
C ARG C 693 -41.99 -4.65 -39.36
N ALA C 694 -43.24 -5.04 -39.07
CA ALA C 694 -44.39 -4.52 -39.80
C ALA C 694 -44.50 -3.00 -39.64
N CYS C 695 -44.32 -2.50 -38.42
CA CYS C 695 -44.37 -1.06 -38.21
C CYS C 695 -43.22 -0.32 -38.90
N LYS C 696 -42.03 -0.93 -38.98
CA LYS C 696 -40.92 -0.30 -39.69
C LYS C 696 -41.21 -0.19 -41.17
N LEU C 697 -41.77 -1.26 -41.77
CA LEU C 697 -42.18 -1.22 -43.18
C LEU C 697 -43.22 -0.13 -43.42
N ALA C 698 -44.20 -0.01 -42.51
CA ALA C 698 -45.24 1.00 -42.63
C ALA C 698 -44.67 2.42 -42.57
N ILE C 699 -43.76 2.66 -41.62
CA ILE C 699 -43.15 3.98 -41.45
C ILE C 699 -42.31 4.34 -42.68
N ARG C 700 -41.60 3.35 -43.24
CA ARG C 700 -40.82 3.57 -44.47
C ARG C 700 -41.71 3.96 -45.64
N GLU C 701 -42.82 3.24 -45.81
CA GLU C 701 -43.78 3.52 -46.87
C GLU C 701 -44.38 4.92 -46.74
N SER C 702 -44.73 5.31 -45.50
CA SER C 702 -45.33 6.61 -45.26
C SER C 702 -44.36 7.76 -45.56
N ILE C 703 -43.11 7.65 -45.09
CA ILE C 703 -42.10 8.68 -45.34
C ILE C 703 -41.83 8.79 -46.85
N GLU C 704 -41.78 7.65 -47.54
CA GLU C 704 -41.56 7.62 -48.99
C GLU C 704 -42.66 8.35 -49.73
N SER C 705 -43.93 8.09 -49.36
CA SER C 705 -45.05 8.75 -50.04
C SER C 705 -45.10 10.24 -49.75
N GLU C 706 -44.79 10.64 -48.50
CA GLU C 706 -44.72 12.06 -48.15
C GLU C 706 -43.66 12.79 -48.97
N ILE C 707 -42.48 12.18 -49.11
CA ILE C 707 -41.40 12.77 -49.89
C ILE C 707 -41.79 12.84 -51.36
N ARG C 708 -42.50 11.83 -51.86
CA ARG C 708 -42.96 11.82 -53.25
C ARG C 708 -43.93 12.97 -53.53
N ARG C 709 -44.83 13.25 -52.57
CA ARG C 709 -45.75 14.37 -52.71
C ARG C 709 -44.99 15.70 -52.63
N GLU C 710 -44.06 15.83 -51.67
CA GLU C 710 -43.30 17.06 -51.49
C GLU C 710 -42.40 17.36 -52.70
N ARG C 711 -41.95 16.34 -53.42
CA ARG C 711 -41.04 16.53 -54.53
C ARG C 711 -41.76 16.54 -55.88
N GLU C 712 -43.00 16.03 -55.93
CA GLU C 712 -43.74 15.93 -57.19
C GLU C 712 -44.12 17.30 -57.73
N ARG C 713 -44.89 18.08 -56.98
CA ARG C 713 -45.34 19.38 -57.46
C ARG C 713 -44.49 20.54 -56.97
N GLN C 714 -44.04 20.52 -55.70
CA GLN C 714 -43.38 21.64 -55.06
C GLN C 714 -41.92 21.83 -55.46
N THR C 715 -41.44 21.15 -56.51
CA THR C 715 -40.11 21.38 -57.05
C THR C 715 -40.23 21.74 -58.53
N GLU C 723 -56.18 17.63 -51.07
CA GLU C 723 -54.74 17.44 -51.13
C GLU C 723 -54.21 16.80 -49.86
N GLU C 724 -55.09 16.53 -48.90
CA GLU C 724 -54.78 15.69 -47.75
C GLU C 724 -55.50 14.37 -48.00
N ASP C 725 -54.82 13.47 -48.71
CA ASP C 725 -55.26 12.11 -48.97
C ASP C 725 -54.22 11.18 -48.38
N ASP C 726 -54.44 10.77 -47.12
CA ASP C 726 -53.56 9.89 -46.35
C ASP C 726 -53.26 8.61 -47.12
N PRO C 727 -51.99 8.35 -47.48
CA PRO C 727 -51.64 7.12 -48.24
C PRO C 727 -52.07 5.82 -47.55
N VAL C 728 -51.67 5.64 -46.30
CA VAL C 728 -52.18 4.60 -45.41
C VAL C 728 -51.91 5.07 -43.98
N PRO C 729 -52.93 5.09 -43.12
CA PRO C 729 -52.73 5.51 -41.73
C PRO C 729 -52.48 4.38 -40.76
N GLU C 730 -52.45 3.14 -41.24
CA GLU C 730 -52.35 1.97 -40.39
C GLU C 730 -51.59 0.88 -41.13
N ILE C 731 -51.56 -0.31 -40.54
CA ILE C 731 -50.89 -1.48 -41.10
C ILE C 731 -51.94 -2.35 -41.77
N ARG C 732 -51.57 -2.99 -42.89
CA ARG C 732 -52.52 -3.83 -43.60
C ARG C 732 -51.95 -5.24 -43.78
N ARG C 733 -52.61 -6.07 -44.58
CA ARG C 733 -52.24 -7.48 -44.72
C ARG C 733 -50.89 -7.65 -45.42
N ASP C 734 -50.59 -6.78 -46.39
CA ASP C 734 -49.39 -6.93 -47.19
C ASP C 734 -48.12 -6.67 -46.38
N HIS C 735 -48.17 -5.69 -45.47
CA HIS C 735 -47.04 -5.42 -44.58
C HIS C 735 -46.75 -6.62 -43.70
N PHE C 736 -47.80 -7.25 -43.17
CA PHE C 736 -47.63 -8.44 -42.34
C PHE C 736 -47.09 -9.61 -43.15
N GLU C 737 -47.49 -9.74 -44.41
CA GLU C 737 -46.96 -10.80 -45.27
C GLU C 737 -45.46 -10.60 -45.55
N GLU C 738 -45.07 -9.36 -45.88
CA GLU C 738 -43.66 -9.04 -46.13
C GLU C 738 -42.80 -9.26 -44.89
N ALA C 739 -43.29 -8.84 -43.73
CA ALA C 739 -42.57 -9.07 -42.49
C ALA C 739 -42.55 -10.55 -42.10
N MET C 740 -43.62 -11.27 -42.41
CA MET C 740 -43.73 -12.68 -42.02
C MET C 740 -42.82 -13.56 -42.87
N ARG C 741 -42.47 -13.15 -44.10
CA ARG C 741 -41.46 -13.90 -44.87
C ARG C 741 -40.04 -13.87 -44.23
N PHE C 742 -39.83 -13.09 -43.17
CA PHE C 742 -38.59 -13.04 -42.39
C PHE C 742 -38.74 -13.73 -41.04
N ALA C 743 -39.65 -14.69 -40.93
CA ALA C 743 -39.95 -15.34 -39.67
C ALA C 743 -38.83 -16.28 -39.27
N ARG C 744 -38.43 -16.21 -38.01
CA ARG C 744 -37.27 -16.92 -37.50
C ARG C 744 -37.60 -17.60 -36.18
N ARG C 745 -37.28 -18.89 -36.06
CA ARG C 745 -37.42 -19.51 -34.77
C ARG C 745 -36.25 -19.12 -33.89
N SER C 746 -36.32 -19.42 -32.61
CA SER C 746 -35.21 -19.08 -31.74
C SER C 746 -34.86 -20.18 -30.76
N VAL C 747 -35.59 -21.28 -30.72
CA VAL C 747 -35.30 -22.40 -29.83
C VAL C 747 -35.46 -23.66 -30.67
N SER C 748 -34.53 -24.60 -30.55
CA SER C 748 -34.56 -25.84 -31.30
C SER C 748 -35.37 -26.90 -30.55
N ASP C 749 -35.55 -28.05 -31.22
CA ASP C 749 -36.29 -29.16 -30.62
C ASP C 749 -35.51 -29.79 -29.47
N ASN C 750 -34.19 -29.90 -29.64
CA ASN C 750 -33.32 -30.54 -28.65
C ASN C 750 -33.35 -29.81 -27.32
N ASP C 751 -33.48 -28.48 -27.35
CA ASP C 751 -33.54 -27.68 -26.14
C ASP C 751 -34.81 -27.97 -25.35
N ILE C 752 -35.95 -28.08 -26.07
CA ILE C 752 -37.24 -28.46 -25.46
C ILE C 752 -37.15 -29.84 -24.85
N ARG C 753 -36.49 -30.76 -25.55
CA ARG C 753 -36.35 -32.11 -25.01
C ARG C 753 -35.45 -32.11 -23.79
N LYS C 754 -34.45 -31.23 -23.71
CA LYS C 754 -33.61 -31.12 -22.52
C LYS C 754 -34.41 -30.62 -21.33
N TYR C 755 -35.20 -29.55 -21.53
CA TYR C 755 -36.12 -29.06 -20.49
C TYR C 755 -37.10 -30.15 -20.07
N GLU C 756 -37.54 -30.97 -21.03
CA GLU C 756 -38.53 -32.00 -20.74
C GLU C 756 -37.90 -33.15 -19.96
N MET C 757 -36.63 -33.50 -20.24
CA MET C 757 -35.91 -34.44 -19.38
C MET C 757 -35.78 -33.92 -17.96
N PHE C 758 -35.48 -32.61 -17.80
CA PHE C 758 -35.39 -32.03 -16.45
C PHE C 758 -36.75 -32.08 -15.75
N ALA C 759 -37.82 -31.83 -16.51
CA ALA C 759 -39.17 -31.81 -15.95
C ALA C 759 -39.61 -33.21 -15.55
N GLN C 760 -39.43 -34.19 -16.43
CA GLN C 760 -39.79 -35.57 -16.11
C GLN C 760 -38.94 -36.10 -14.98
N THR C 761 -37.64 -35.82 -15.03
CA THR C 761 -36.71 -36.27 -13.96
C THR C 761 -36.59 -35.19 -12.89
N LEU C 762 -37.70 -34.52 -12.56
CA LEU C 762 -37.69 -33.51 -11.50
C LEU C 762 -37.57 -34.19 -10.14
N GLN C 763 -37.89 -35.48 -10.08
CA GLN C 763 -37.81 -36.26 -8.86
C GLN C 763 -36.48 -37.02 -8.85
N GLN C 764 -36.12 -37.50 -7.64
CA GLN C 764 -34.93 -38.32 -7.37
C GLN C 764 -33.65 -37.58 -7.78
N SER C 765 -33.49 -36.36 -7.27
CA SER C 765 -32.16 -35.74 -7.21
C SER C 765 -31.79 -35.32 -5.79
N ARG C 766 -32.45 -34.28 -5.23
CA ARG C 766 -31.97 -33.47 -4.09
C ARG C 766 -31.54 -34.21 -2.81
N LYS D 18 -42.73 61.10 -38.28
CA LYS D 18 -41.56 60.63 -39.03
C LYS D 18 -41.46 59.12 -38.90
N GLN D 19 -41.01 58.45 -39.97
CA GLN D 19 -40.89 57.00 -39.99
C GLN D 19 -39.43 56.63 -39.72
N LYS D 20 -39.20 55.96 -38.60
CA LYS D 20 -37.84 55.58 -38.22
C LYS D 20 -37.73 54.14 -37.74
N ASN D 21 -38.82 53.52 -37.26
CA ASN D 21 -38.72 52.21 -36.63
C ASN D 21 -38.46 51.11 -37.65
N ARG D 22 -39.26 51.04 -38.70
CA ARG D 22 -39.16 49.92 -39.64
C ARG D 22 -38.06 50.08 -40.69
N PRO D 23 -37.90 51.21 -41.42
CA PRO D 23 -36.81 51.25 -42.41
C PRO D 23 -35.44 51.58 -41.84
N ASN D 24 -35.33 52.08 -40.61
CA ASN D 24 -34.06 52.63 -40.13
C ASN D 24 -33.70 52.08 -38.76
N ARG D 25 -33.74 50.77 -38.60
CA ARG D 25 -33.30 50.13 -37.37
C ARG D 25 -32.69 48.78 -37.68
N LEU D 26 -31.49 48.52 -37.14
CA LEU D 26 -30.83 47.23 -37.28
C LEU D 26 -30.09 46.91 -35.98
N ILE D 27 -29.59 45.69 -35.89
CA ILE D 27 -28.90 45.20 -34.69
C ILE D 27 -27.50 44.76 -35.10
N VAL D 28 -26.50 45.21 -34.32
CA VAL D 28 -25.09 44.94 -34.62
C VAL D 28 -24.74 43.49 -34.34
N ASP D 29 -23.89 42.89 -35.18
CA ASP D 29 -23.32 41.58 -34.85
C ASP D 29 -21.90 41.49 -35.44
N GLU D 30 -21.32 40.30 -35.39
CA GLU D 30 -19.95 40.06 -35.83
C GLU D 30 -19.80 40.26 -37.33
N ALA D 31 -18.55 40.37 -37.77
CA ALA D 31 -18.22 40.63 -39.16
C ALA D 31 -17.47 39.46 -39.78
N ILE D 32 -17.47 39.42 -41.11
CA ILE D 32 -16.79 38.38 -41.88
C ILE D 32 -15.68 39.01 -42.71
N ASN D 33 -15.88 40.27 -43.10
CA ASN D 33 -14.85 40.98 -43.86
C ASN D 33 -13.93 41.72 -42.88
N GLU D 34 -12.73 42.04 -43.35
CA GLU D 34 -11.71 42.67 -42.52
C GLU D 34 -11.48 44.14 -42.82
N ASP D 35 -12.08 44.69 -43.88
CA ASP D 35 -11.88 46.10 -44.21
C ASP D 35 -12.61 46.99 -43.20
N ASN D 36 -11.94 48.07 -42.80
CA ASN D 36 -12.45 49.00 -41.80
C ASN D 36 -13.48 49.98 -42.33
N SER D 37 -13.97 49.80 -43.56
CA SER D 37 -14.97 50.69 -44.12
C SER D 37 -16.15 49.95 -44.70
N VAL D 38 -16.04 48.64 -44.90
CA VAL D 38 -17.10 47.86 -45.52
C VAL D 38 -18.07 47.44 -44.44
N VAL D 39 -19.33 47.79 -44.62
CA VAL D 39 -20.41 47.33 -43.75
C VAL D 39 -21.32 46.43 -44.56
N SER D 40 -21.55 45.23 -44.07
CA SER D 40 -22.25 44.20 -44.82
C SER D 40 -23.67 44.03 -44.32
N LEU D 41 -24.62 43.98 -45.25
CA LEU D 41 -26.01 43.70 -44.90
C LEU D 41 -26.65 42.90 -46.03
N SER D 42 -27.89 42.47 -45.79
CA SER D 42 -28.61 41.57 -46.69
C SER D 42 -29.39 42.33 -47.75
N GLN D 43 -29.58 41.68 -48.89
CA GLN D 43 -30.21 42.30 -50.06
C GLN D 43 -31.66 42.79 -49.85
N PRO D 44 -32.60 42.05 -49.14
CA PRO D 44 -33.94 42.62 -48.87
C PRO D 44 -33.94 43.98 -48.18
N LYS D 45 -33.15 44.12 -47.11
CA LYS D 45 -33.04 45.42 -46.46
C LYS D 45 -32.42 46.46 -47.39
N MET D 46 -31.52 46.05 -48.28
CA MET D 46 -30.82 47.01 -49.12
C MET D 46 -31.75 47.58 -50.19
N ASP D 47 -32.60 46.75 -50.80
CA ASP D 47 -33.56 47.36 -51.71
C ASP D 47 -34.78 47.90 -50.98
N GLU D 48 -34.90 47.63 -49.68
CA GLU D 48 -35.89 48.34 -48.88
C GLU D 48 -35.41 49.73 -48.51
N LEU D 49 -34.14 49.88 -48.11
CA LEU D 49 -33.57 51.20 -47.83
C LEU D 49 -33.33 52.06 -49.06
N GLN D 50 -33.50 51.51 -50.27
CA GLN D 50 -33.23 52.15 -51.57
C GLN D 50 -31.75 52.54 -51.67
N LEU D 51 -30.89 51.54 -51.48
CA LEU D 51 -29.44 51.70 -51.53
C LEU D 51 -28.83 50.67 -52.47
N PHE D 52 -27.88 51.13 -53.27
CA PHE D 52 -27.12 50.27 -54.16
C PHE D 52 -25.74 50.04 -53.57
N ARG D 53 -25.02 49.08 -54.16
CA ARG D 53 -23.66 48.74 -53.71
C ARG D 53 -22.73 49.93 -53.86
N GLY D 54 -21.74 49.99 -52.97
CA GLY D 54 -20.74 51.03 -52.99
C GLY D 54 -21.16 52.40 -52.49
N ASP D 55 -22.45 52.65 -52.30
CA ASP D 55 -22.92 53.96 -51.83
C ASP D 55 -22.51 54.14 -50.38
N THR D 56 -21.92 55.29 -50.09
CA THR D 56 -21.57 55.65 -48.72
C THR D 56 -22.83 55.87 -47.89
N VAL D 57 -22.87 55.28 -46.70
CA VAL D 57 -24.01 55.31 -45.79
C VAL D 57 -23.52 55.95 -44.51
N LEU D 58 -24.48 56.47 -43.74
CA LEU D 58 -24.17 57.19 -42.52
C LEU D 58 -24.84 56.48 -41.35
N LEU D 59 -24.07 56.22 -40.31
CA LEU D 59 -24.54 55.48 -39.14
C LEU D 59 -24.47 56.36 -37.92
N LYS D 60 -25.55 56.38 -37.15
CA LYS D 60 -25.61 57.05 -35.86
C LYS D 60 -25.80 56.02 -34.76
N GLY D 61 -25.05 56.17 -33.67
CA GLY D 61 -25.08 55.24 -32.58
C GLY D 61 -25.26 55.96 -31.26
N LYS D 62 -24.73 55.34 -30.20
CA LYS D 62 -24.83 55.91 -28.86
C LYS D 62 -23.97 57.16 -28.75
N LYS D 63 -24.44 58.09 -27.91
CA LYS D 63 -23.71 59.36 -27.61
C LYS D 63 -23.49 60.17 -28.88
N ARG D 64 -24.55 60.35 -29.68
CA ARG D 64 -24.52 61.19 -30.91
C ARG D 64 -23.18 61.11 -31.63
N ARG D 65 -22.67 59.89 -31.83
CA ARG D 65 -21.54 59.61 -32.70
C ARG D 65 -22.01 59.18 -34.08
N GLU D 66 -21.21 59.52 -35.09
CA GLU D 66 -21.56 59.23 -36.48
C GLU D 66 -20.39 58.57 -37.17
N ALA D 67 -20.68 57.89 -38.28
CA ALA D 67 -19.64 57.28 -39.09
C ALA D 67 -20.12 57.15 -40.52
N VAL D 68 -19.19 57.28 -41.46
CA VAL D 68 -19.48 57.16 -42.88
C VAL D 68 -18.78 55.91 -43.38
N CYS D 69 -19.52 55.06 -44.10
CA CYS D 69 -18.97 53.76 -44.52
C CYS D 69 -19.55 53.33 -45.85
N ILE D 70 -18.71 52.76 -46.71
CA ILE D 70 -19.22 52.12 -47.92
C ILE D 70 -19.96 50.84 -47.54
N VAL D 71 -20.96 50.49 -48.36
CA VAL D 71 -21.89 49.42 -48.03
C VAL D 71 -21.59 48.22 -48.93
N LEU D 72 -22.06 47.05 -48.52
CA LEU D 72 -21.87 45.83 -49.29
C LEU D 72 -22.99 44.86 -48.93
N SER D 73 -23.31 43.97 -49.87
CA SER D 73 -24.36 42.99 -49.73
C SER D 73 -23.81 41.60 -49.49
N ASP D 74 -24.55 40.81 -48.73
CA ASP D 74 -24.21 39.43 -48.44
C ASP D 74 -25.53 38.68 -48.33
N ASP D 75 -25.45 37.37 -48.10
CA ASP D 75 -26.64 36.54 -48.01
C ASP D 75 -26.81 35.88 -46.65
N ALA D 76 -25.71 35.49 -46.00
CA ALA D 76 -25.74 34.81 -44.70
C ALA D 76 -25.99 35.79 -43.55
N CYS D 77 -27.16 36.45 -43.60
CA CYS D 77 -27.59 37.39 -42.59
C CYS D 77 -29.08 37.26 -42.44
N SER D 78 -29.62 37.90 -41.40
CA SER D 78 -31.05 38.03 -41.24
C SER D 78 -31.51 39.32 -41.92
N ASP D 79 -32.74 39.74 -41.66
CA ASP D 79 -33.27 40.97 -42.23
C ASP D 79 -33.32 42.09 -41.21
N GLU D 80 -32.62 41.96 -40.10
CA GLU D 80 -32.48 43.07 -39.16
C GLU D 80 -31.09 43.12 -38.54
N LYS D 81 -30.15 42.31 -39.03
CA LYS D 81 -28.80 42.27 -38.50
C LYS D 81 -27.85 42.99 -39.45
N ILE D 82 -26.89 43.71 -38.88
CA ILE D 82 -25.88 44.42 -39.64
C ILE D 82 -24.49 44.01 -39.14
N ARG D 83 -23.61 43.67 -40.07
CA ARG D 83 -22.28 43.18 -39.73
C ARG D 83 -21.26 44.29 -39.91
N MET D 84 -20.64 44.71 -38.81
CA MET D 84 -19.63 45.74 -38.86
C MET D 84 -18.37 45.28 -38.14
N ASN D 85 -17.22 45.76 -38.61
CA ASN D 85 -15.93 45.40 -38.06
C ASN D 85 -15.75 46.03 -36.67
N ARG D 86 -14.68 45.63 -35.98
CA ARG D 86 -14.48 46.07 -34.60
C ARG D 86 -14.10 47.54 -34.51
N VAL D 87 -13.42 48.06 -35.53
CA VAL D 87 -12.98 49.46 -35.52
C VAL D 87 -14.17 50.39 -35.64
N VAL D 88 -15.00 50.18 -36.66
CA VAL D 88 -16.19 51.00 -36.88
C VAL D 88 -17.18 50.84 -35.72
N ARG D 89 -17.29 49.63 -35.16
CA ARG D 89 -18.18 49.40 -34.00
C ARG D 89 -17.71 50.18 -32.79
N ASN D 90 -16.40 50.13 -32.49
CA ASN D 90 -15.84 50.87 -31.37
C ASN D 90 -15.86 52.38 -31.62
N ASN D 91 -15.99 52.79 -32.88
CA ASN D 91 -16.04 54.20 -33.21
C ASN D 91 -17.39 54.83 -32.93
N LEU D 92 -18.45 54.04 -32.77
CA LEU D 92 -19.79 54.52 -32.47
C LEU D 92 -20.17 54.39 -31.01
N ARG D 93 -19.31 53.80 -30.18
CA ARG D 93 -19.45 53.51 -28.75
C ARG D 93 -20.47 52.41 -28.47
N VAL D 94 -21.04 51.77 -29.49
CA VAL D 94 -21.98 50.68 -29.28
C VAL D 94 -21.23 49.39 -29.01
N ARG D 95 -21.95 48.37 -28.57
CA ARG D 95 -21.44 47.01 -28.42
C ARG D 95 -22.40 46.10 -29.15
N LEU D 96 -22.03 44.82 -29.26
CA LEU D 96 -22.85 43.84 -29.95
C LEU D 96 -24.22 43.70 -29.29
N GLY D 97 -25.25 43.58 -30.11
CA GLY D 97 -26.60 43.49 -29.60
C GLY D 97 -27.29 44.81 -29.39
N ASP D 98 -26.65 45.93 -29.73
CA ASP D 98 -27.27 47.23 -29.63
C ASP D 98 -27.89 47.62 -30.96
N VAL D 99 -28.62 48.75 -30.96
CA VAL D 99 -29.31 49.21 -32.14
C VAL D 99 -28.73 50.54 -32.59
N ILE D 100 -28.74 50.76 -33.91
CA ILE D 100 -28.19 51.95 -34.52
C ILE D 100 -29.17 52.48 -35.56
N SER D 101 -28.85 53.63 -36.12
CA SER D 101 -29.63 54.24 -37.17
C SER D 101 -28.81 54.37 -38.44
N ILE D 102 -29.42 54.07 -39.58
CA ILE D 102 -28.73 54.08 -40.86
C ILE D 102 -29.43 55.11 -41.75
N GLN D 103 -28.67 55.74 -42.65
CA GLN D 103 -29.20 56.77 -43.53
C GLN D 103 -28.36 56.80 -44.81
N PRO D 104 -28.93 57.24 -45.93
CA PRO D 104 -28.10 57.53 -47.10
C PRO D 104 -27.51 58.93 -47.05
N CYS D 105 -26.22 59.03 -47.39
CA CYS D 105 -25.48 60.29 -47.36
C CYS D 105 -24.87 60.59 -48.73
N PRO D 106 -25.67 61.16 -49.65
CA PRO D 106 -25.18 61.33 -51.02
C PRO D 106 -24.45 62.64 -51.26
N ASP D 107 -24.03 63.32 -50.20
CA ASP D 107 -23.40 64.63 -50.31
C ASP D 107 -22.01 64.65 -49.69
N VAL D 108 -21.22 63.61 -49.94
CA VAL D 108 -19.81 63.58 -49.57
C VAL D 108 -19.00 64.01 -50.78
N LYS D 109 -17.92 64.73 -50.54
CA LYS D 109 -17.08 65.24 -51.62
C LYS D 109 -15.64 64.81 -51.38
N TYR D 110 -14.83 64.96 -52.41
CA TYR D 110 -13.41 64.63 -52.29
C TYR D 110 -12.69 65.67 -51.46
N GLY D 111 -11.69 65.23 -50.70
CA GLY D 111 -10.95 66.16 -49.88
C GLY D 111 -9.82 66.82 -50.63
N LYS D 112 -9.30 67.90 -50.04
CA LYS D 112 -8.16 68.60 -50.58
C LYS D 112 -7.07 68.88 -49.53
N ARG D 113 -7.26 68.47 -48.28
CA ARG D 113 -6.30 68.64 -47.19
C ARG D 113 -6.75 67.81 -46.00
N ILE D 114 -5.86 66.99 -45.42
CA ILE D 114 -6.17 66.16 -44.26
C ILE D 114 -4.98 66.35 -43.33
N HIS D 115 -5.16 66.03 -42.05
CA HIS D 115 -4.09 66.08 -41.06
C HIS D 115 -4.36 64.94 -40.10
N VAL D 116 -3.36 64.07 -39.89
CA VAL D 116 -3.52 62.85 -39.12
C VAL D 116 -2.39 62.84 -38.09
N LEU D 117 -2.64 62.23 -36.92
CA LEU D 117 -1.68 62.09 -35.86
C LEU D 117 -1.64 60.65 -35.38
N PRO D 118 -0.54 60.22 -34.75
CA PRO D 118 -0.52 58.91 -34.13
C PRO D 118 -0.87 58.97 -32.65
N ILE D 119 -1.05 57.79 -32.06
CA ILE D 119 -1.33 57.63 -30.63
C ILE D 119 -0.02 57.19 -29.97
N ASP D 120 0.38 57.89 -28.89
CA ASP D 120 1.71 57.67 -28.30
C ASP D 120 1.85 56.31 -27.65
N ASP D 121 0.75 55.73 -27.17
CA ASP D 121 0.76 54.40 -26.57
C ASP D 121 1.16 53.33 -27.57
N THR D 122 0.89 53.56 -28.85
CA THR D 122 1.11 52.58 -29.89
C THR D 122 2.50 52.69 -30.50
N VAL D 123 2.95 53.91 -30.76
CA VAL D 123 4.27 54.12 -31.35
C VAL D 123 5.33 54.06 -30.25
N GLU D 124 6.08 52.98 -30.22
CA GLU D 124 7.17 52.79 -29.28
C GLU D 124 8.26 52.06 -30.03
N GLY D 125 9.46 52.64 -30.05
CA GLY D 125 10.54 52.08 -30.82
C GLY D 125 10.37 52.16 -32.33
N ILE D 126 9.41 52.94 -32.81
CA ILE D 126 9.23 53.17 -34.24
C ILE D 126 10.14 54.33 -34.63
N THR D 127 11.10 54.03 -35.50
CA THR D 127 12.06 55.02 -35.99
C THR D 127 11.87 55.18 -37.49
N GLY D 128 12.27 56.34 -37.99
CA GLY D 128 11.98 56.72 -39.35
C GLY D 128 10.74 57.59 -39.44
N ASN D 129 10.18 57.65 -40.65
CA ASN D 129 8.95 58.40 -40.89
C ASN D 129 7.81 57.42 -41.09
N LEU D 130 6.66 57.76 -40.48
CA LEU D 130 5.47 56.91 -40.51
C LEU D 130 4.67 57.03 -41.79
N PHE D 131 4.80 58.14 -42.51
CA PHE D 131 4.03 58.44 -43.71
C PHE D 131 4.24 57.41 -44.82
N GLU D 132 5.45 57.31 -45.35
CA GLU D 132 5.71 56.52 -46.54
C GLU D 132 5.66 55.01 -46.30
N VAL D 133 5.65 54.56 -45.04
CA VAL D 133 5.68 53.13 -44.76
C VAL D 133 4.26 52.65 -44.46
N TYR D 134 3.43 53.51 -43.88
CA TYR D 134 2.10 53.12 -43.43
C TYR D 134 0.98 53.87 -44.13
N LEU D 135 1.02 55.20 -44.17
CA LEU D 135 -0.10 55.93 -44.75
C LEU D 135 -0.05 55.99 -46.27
N LYS D 136 1.04 55.60 -46.88
CA LYS D 136 1.10 55.53 -48.33
C LYS D 136 0.40 54.28 -48.89
N PRO D 137 0.61 53.04 -48.40
CA PRO D 137 -0.12 51.92 -49.03
C PRO D 137 -1.56 51.81 -48.60
N TYR D 138 -1.96 52.46 -47.49
CA TYR D 138 -3.33 52.35 -47.01
C TYR D 138 -4.30 53.07 -47.93
N PHE D 139 -4.10 54.37 -48.13
CA PHE D 139 -4.93 55.11 -49.08
C PHE D 139 -4.39 55.02 -50.51
N LEU D 140 -4.20 53.80 -51.00
CA LEU D 140 -3.66 53.58 -52.33
C LEU D 140 -4.69 52.83 -53.16
N GLU D 141 -5.20 53.49 -54.21
CA GLU D 141 -6.13 52.94 -55.20
C GLU D 141 -7.42 52.42 -54.56
N ALA D 142 -7.82 52.98 -53.42
CA ALA D 142 -9.04 52.58 -52.72
C ALA D 142 -9.64 53.85 -52.14
N TYR D 143 -10.72 54.32 -52.77
CA TYR D 143 -11.47 55.49 -52.30
C TYR D 143 -12.12 55.19 -50.96
N ARG D 144 -11.59 55.75 -49.88
CA ARG D 144 -12.06 55.46 -48.55
C ARG D 144 -12.67 56.71 -47.92
N PRO D 145 -13.85 56.62 -47.33
CA PRO D 145 -14.46 57.79 -46.68
C PRO D 145 -14.04 57.92 -45.24
N ILE D 146 -13.97 59.17 -44.78
CA ILE D 146 -13.54 59.48 -43.43
C ILE D 146 -14.36 60.63 -42.87
N ARG D 147 -14.40 60.70 -41.54
CA ARG D 147 -15.05 61.77 -40.80
C ARG D 147 -14.08 62.26 -39.75
N LYS D 148 -14.16 63.55 -39.41
CA LYS D 148 -13.27 64.17 -38.42
C LYS D 148 -13.44 63.53 -37.06
N GLY D 149 -12.32 63.19 -36.43
CA GLY D 149 -12.35 62.69 -35.08
C GLY D 149 -12.45 61.19 -34.95
N ASP D 150 -12.21 60.44 -36.01
CA ASP D 150 -12.27 58.99 -35.88
C ASP D 150 -10.88 58.44 -35.53
N ILE D 151 -10.77 57.12 -35.46
CA ILE D 151 -9.50 56.43 -35.25
C ILE D 151 -9.52 55.20 -36.15
N PHE D 152 -8.48 55.03 -36.96
CA PHE D 152 -8.34 53.85 -37.79
C PHE D 152 -7.02 53.17 -37.49
N LEU D 153 -6.82 52.00 -38.12
CA LEU D 153 -5.73 51.11 -37.75
C LEU D 153 -5.10 50.53 -38.98
N VAL D 154 -3.76 50.53 -39.03
CA VAL D 154 -3.00 49.99 -40.14
C VAL D 154 -2.01 48.96 -39.63
N ARG D 155 -1.90 47.84 -40.33
CA ARG D 155 -1.08 46.72 -39.91
C ARG D 155 0.12 46.55 -40.83
N GLY D 156 1.27 46.22 -40.24
CA GLY D 156 2.47 46.01 -41.02
C GLY D 156 3.69 46.13 -40.17
N GLY D 157 4.81 45.65 -40.72
CA GLY D 157 6.09 45.66 -40.05
C GLY D 157 6.10 44.95 -38.71
N MET D 158 5.32 43.89 -38.58
CA MET D 158 5.11 43.09 -37.36
C MET D 158 4.55 43.95 -36.22
N ARG D 159 3.81 45.01 -36.55
CA ARG D 159 3.14 45.86 -35.59
C ARG D 159 1.79 46.30 -36.16
N ALA D 160 1.00 46.95 -35.31
CA ALA D 160 -0.28 47.50 -35.70
C ALA D 160 -0.37 48.89 -35.10
N VAL D 161 -0.44 49.91 -35.96
CA VAL D 161 -0.37 51.30 -35.53
C VAL D 161 -1.71 51.97 -35.76
N GLU D 162 -2.14 52.76 -34.77
CA GLU D 162 -3.37 53.52 -34.83
C GLU D 162 -3.11 54.94 -35.29
N PHE D 163 -4.13 55.55 -35.88
CA PHE D 163 -4.04 56.91 -36.38
C PHE D 163 -5.36 57.63 -36.15
N LYS D 164 -5.26 58.89 -35.74
CA LYS D 164 -6.42 59.72 -35.44
C LYS D 164 -6.49 60.89 -36.42
N VAL D 165 -7.65 61.10 -37.03
CA VAL D 165 -7.85 62.20 -37.95
C VAL D 165 -8.18 63.45 -37.14
N VAL D 166 -7.55 64.58 -37.48
CA VAL D 166 -7.74 65.80 -36.74
C VAL D 166 -8.54 66.85 -37.52
N GLU D 167 -8.37 66.92 -38.84
CA GLU D 167 -9.03 67.95 -39.62
C GLU D 167 -9.44 67.34 -40.95
N THR D 168 -10.30 68.03 -41.69
CA THR D 168 -10.71 67.66 -43.04
C THR D 168 -11.09 68.95 -43.75
N ASP D 169 -10.72 69.07 -45.04
CA ASP D 169 -10.93 70.33 -45.75
C ASP D 169 -12.40 70.50 -46.14
N PRO D 170 -13.14 69.49 -46.70
CA PRO D 170 -14.61 69.68 -46.74
C PRO D 170 -15.25 69.18 -45.45
N SER D 171 -14.97 69.89 -44.36
CA SER D 171 -15.32 69.48 -42.99
C SER D 171 -16.83 69.31 -42.82
N PRO D 172 -17.26 68.35 -41.97
CA PRO D 172 -16.47 67.42 -41.15
C PRO D 172 -16.34 65.99 -41.66
N TYR D 173 -16.52 65.72 -42.96
CA TYR D 173 -16.34 64.38 -43.51
C TYR D 173 -16.17 64.47 -45.02
N CYS D 174 -15.43 63.50 -45.58
CA CYS D 174 -15.10 63.51 -47.00
C CYS D 174 -14.73 62.10 -47.46
N ILE D 175 -14.24 62.00 -48.69
CA ILE D 175 -13.73 60.78 -49.28
C ILE D 175 -12.29 61.04 -49.73
N VAL D 176 -11.40 60.06 -49.58
CA VAL D 176 -10.00 60.19 -49.95
C VAL D 176 -9.87 59.85 -51.43
N ALA D 177 -9.56 60.84 -52.23
CA ALA D 177 -9.29 60.78 -53.65
C ALA D 177 -7.79 60.77 -53.88
N PRO D 178 -7.31 60.30 -55.07
CA PRO D 178 -5.85 60.28 -55.32
C PRO D 178 -5.13 61.62 -55.19
N ASP D 179 -5.79 62.75 -55.46
CA ASP D 179 -5.17 64.07 -55.41
C ASP D 179 -5.41 64.77 -54.08
N THR D 180 -5.56 64.02 -53.01
CA THR D 180 -5.82 64.56 -51.69
C THR D 180 -4.52 64.55 -50.89
N VAL D 181 -3.93 65.73 -50.69
CA VAL D 181 -2.68 65.84 -49.95
C VAL D 181 -2.89 65.49 -48.49
N ILE D 182 -1.85 64.98 -47.85
CA ILE D 182 -1.90 64.61 -46.44
C ILE D 182 -0.73 65.29 -45.77
N HIS D 183 -1.01 66.12 -44.78
CA HIS D 183 0.02 66.78 -43.98
C HIS D 183 0.14 65.97 -42.70
N CYS D 184 1.05 65.01 -42.68
CA CYS D 184 1.33 64.23 -41.48
C CYS D 184 2.38 64.96 -40.66
N GLU D 185 1.94 66.06 -40.06
CA GLU D 185 2.81 66.99 -39.34
C GLU D 185 2.36 67.06 -37.89
N GLY D 186 3.31 66.94 -36.98
CA GLY D 186 2.97 67.10 -35.58
C GLY D 186 3.58 66.02 -34.74
N GLU D 187 3.17 65.99 -33.47
CA GLU D 187 3.67 65.11 -32.44
C GLU D 187 2.56 64.19 -31.96
N PRO D 188 2.88 63.04 -31.35
CA PRO D 188 1.83 62.10 -30.89
C PRO D 188 0.81 62.69 -29.92
N ILE D 189 -0.40 62.14 -29.94
CA ILE D 189 -1.50 62.63 -29.15
C ILE D 189 -1.82 61.56 -28.11
N LYS D 190 -2.49 61.97 -27.03
CA LYS D 190 -2.74 61.10 -25.88
C LYS D 190 -4.07 60.38 -26.02
N ARG D 191 -4.10 59.12 -25.62
CA ARG D 191 -5.35 58.38 -25.58
C ARG D 191 -6.10 58.80 -24.32
N GLU D 192 -7.34 59.27 -24.50
CA GLU D 192 -8.11 59.74 -23.36
C GLU D 192 -8.74 58.55 -22.63
N ASP D 193 -9.55 58.86 -21.62
CA ASP D 193 -10.11 57.84 -20.74
C ASP D 193 -11.49 57.37 -21.20
N GLU D 194 -11.87 57.64 -22.45
CA GLU D 194 -13.18 57.24 -22.94
C GLU D 194 -13.14 56.10 -23.95
N GLU D 195 -12.25 56.12 -24.93
CA GLU D 195 -12.17 55.04 -25.89
C GLU D 195 -11.26 53.95 -25.36
N GLU D 196 -11.54 52.71 -25.75
CA GLU D 196 -10.75 51.58 -25.31
C GLU D 196 -9.72 51.27 -26.37
N SER D 197 -8.67 50.56 -25.97
CA SER D 197 -7.60 50.22 -26.89
C SER D 197 -8.03 49.13 -27.87
N LEU D 198 -7.26 48.98 -28.94
CA LEU D 198 -7.54 47.97 -29.95
C LEU D 198 -6.47 46.89 -29.98
N ASN D 199 -5.57 46.87 -29.01
CA ASN D 199 -4.69 45.72 -28.82
C ASN D 199 -5.25 44.77 -27.78
N GLU D 200 -6.46 45.04 -27.29
CA GLU D 200 -7.12 44.17 -26.32
C GLU D 200 -7.69 42.95 -27.02
N VAL D 201 -8.43 42.15 -26.27
CA VAL D 201 -8.93 40.88 -26.77
C VAL D 201 -10.40 41.08 -27.14
N GLY D 202 -10.82 40.44 -28.21
CA GLY D 202 -12.21 40.42 -28.63
C GLY D 202 -12.45 39.09 -29.28
N TYR D 203 -13.71 38.85 -29.68
CA TYR D 203 -14.09 37.60 -30.32
C TYR D 203 -13.37 37.34 -31.64
N ASP D 204 -12.84 38.38 -32.29
CA ASP D 204 -12.12 38.22 -33.54
C ASP D 204 -10.75 37.60 -33.36
N ASP D 205 -10.20 37.67 -32.14
CA ASP D 205 -8.88 37.13 -31.83
C ASP D 205 -8.95 35.72 -31.28
N ILE D 206 -9.93 34.94 -31.68
CA ILE D 206 -10.11 33.56 -31.22
C ILE D 206 -10.39 32.72 -32.45
N GLY D 207 -9.42 31.90 -32.84
CA GLY D 207 -9.59 31.04 -34.00
C GLY D 207 -10.21 29.71 -33.60
N GLY D 208 -11.10 29.22 -34.46
CA GLY D 208 -11.82 27.99 -34.18
C GLY D 208 -12.76 28.15 -32.99
N CYS D 209 -13.32 27.01 -32.56
CA CYS D 209 -14.17 26.88 -31.37
C CYS D 209 -15.40 27.79 -31.48
N ARG D 210 -16.25 27.46 -32.44
CA ARG D 210 -17.43 28.28 -32.70
C ARG D 210 -18.63 27.89 -31.85
N LYS D 211 -18.89 26.59 -31.73
CA LYS D 211 -20.06 26.11 -31.00
C LYS D 211 -19.98 26.46 -29.52
N GLN D 212 -18.81 26.27 -28.91
CA GLN D 212 -18.63 26.60 -27.50
C GLN D 212 -18.74 28.09 -27.26
N LEU D 213 -18.22 28.90 -28.19
CA LEU D 213 -18.37 30.35 -28.11
C LEU D 213 -19.84 30.74 -28.15
N ALA D 214 -20.62 30.08 -29.01
CA ALA D 214 -22.06 30.32 -29.09
C ALA D 214 -22.74 30.02 -27.76
N GLN D 215 -22.40 28.87 -27.16
CA GLN D 215 -22.96 28.46 -25.86
C GLN D 215 -22.66 29.48 -24.77
N ILE D 216 -21.39 29.85 -24.61
CA ILE D 216 -21.00 30.79 -23.55
C ILE D 216 -21.63 32.17 -23.80
N LYS D 217 -21.76 32.58 -25.07
CA LYS D 217 -22.35 33.88 -25.36
C LYS D 217 -23.83 33.90 -25.02
N GLU D 218 -24.55 32.83 -25.31
CA GLU D 218 -25.96 32.79 -24.95
C GLU D 218 -26.17 32.52 -23.46
N MET D 219 -25.15 32.03 -22.75
CA MET D 219 -25.29 31.73 -21.33
C MET D 219 -25.12 32.95 -20.43
N VAL D 220 -24.43 33.99 -20.88
CA VAL D 220 -24.17 35.17 -20.07
C VAL D 220 -24.74 36.44 -20.70
N GLU D 221 -25.64 36.27 -21.68
CA GLU D 221 -26.19 37.40 -22.42
C GLU D 221 -27.10 38.24 -21.53
N LEU D 222 -28.15 37.63 -20.99
CA LEU D 222 -29.13 38.36 -20.18
C LEU D 222 -28.56 38.93 -18.87
N PRO D 223 -27.86 38.18 -17.98
CA PRO D 223 -27.40 38.79 -16.72
C PRO D 223 -26.43 39.95 -16.87
N LEU D 224 -25.65 39.96 -17.95
CA LEU D 224 -24.61 40.96 -18.14
C LEU D 224 -25.04 42.10 -19.03
N ARG D 225 -26.01 41.89 -19.92
CA ARG D 225 -26.45 42.98 -20.77
C ARG D 225 -27.63 43.73 -20.17
N HIS D 226 -28.63 43.01 -19.69
CA HIS D 226 -29.80 43.61 -19.08
C HIS D 226 -29.88 43.24 -17.60
N PRO D 227 -29.18 43.95 -16.72
CA PRO D 227 -29.17 43.57 -15.31
C PRO D 227 -30.45 43.91 -14.56
N ALA D 228 -31.16 44.95 -15.00
CA ALA D 228 -32.38 45.38 -14.33
C ALA D 228 -33.52 44.40 -14.48
N LEU D 229 -33.51 43.58 -15.54
CA LEU D 229 -34.54 42.58 -15.81
C LEU D 229 -34.67 41.57 -14.68
N PHE D 230 -33.58 41.29 -13.97
CA PHE D 230 -33.60 40.36 -12.86
C PHE D 230 -33.98 41.04 -11.54
N LYS D 231 -34.62 42.20 -11.61
CA LYS D 231 -35.35 42.78 -10.49
C LYS D 231 -36.84 42.78 -10.75
N ALA D 232 -37.27 42.32 -11.92
CA ALA D 232 -38.66 42.30 -12.30
C ALA D 232 -39.24 40.90 -12.44
N ILE D 233 -38.41 39.86 -12.34
CA ILE D 233 -38.86 38.48 -12.41
C ILE D 233 -38.10 37.65 -11.39
N GLY D 234 -38.76 36.64 -10.86
CA GLY D 234 -38.06 35.68 -10.05
C GLY D 234 -37.65 34.50 -10.90
N VAL D 235 -36.44 34.54 -11.44
CA VAL D 235 -35.85 33.49 -12.27
C VAL D 235 -34.35 33.52 -12.00
N LYS D 236 -33.78 32.38 -11.68
CA LYS D 236 -32.38 32.32 -11.30
C LYS D 236 -31.52 32.05 -12.53
N PRO D 237 -30.66 32.97 -12.93
CA PRO D 237 -29.78 32.71 -14.06
C PRO D 237 -28.61 31.85 -13.63
N PRO D 238 -27.93 31.17 -14.56
CA PRO D 238 -26.77 30.36 -14.17
C PRO D 238 -25.62 31.22 -13.68
N ARG D 239 -24.93 30.74 -12.65
CA ARG D 239 -23.84 31.49 -12.05
C ARG D 239 -22.51 30.75 -12.01
N GLY D 240 -22.48 29.45 -12.25
CA GLY D 240 -21.25 28.70 -12.23
C GLY D 240 -20.92 28.05 -13.57
N ILE D 241 -19.80 28.46 -14.16
CA ILE D 241 -19.32 27.95 -15.44
C ILE D 241 -17.94 27.37 -15.22
N LEU D 242 -17.67 26.23 -15.84
CA LEU D 242 -16.39 25.54 -15.69
C LEU D 242 -15.88 25.15 -17.07
N LEU D 243 -14.79 25.78 -17.49
CA LEU D 243 -14.16 25.50 -18.78
C LEU D 243 -13.05 24.48 -18.58
N TYR D 244 -12.99 23.47 -19.43
CA TYR D 244 -11.87 22.55 -19.32
C TYR D 244 -11.41 22.11 -20.70
N GLY D 245 -10.17 21.62 -20.74
CA GLY D 245 -9.51 21.22 -21.94
C GLY D 245 -8.03 21.16 -21.65
N PRO D 246 -7.24 20.59 -22.56
CA PRO D 246 -5.76 20.49 -22.37
C PRO D 246 -5.11 21.84 -22.21
N PRO D 247 -3.95 21.92 -21.56
CA PRO D 247 -3.27 23.22 -21.44
C PRO D 247 -2.77 23.72 -22.78
N GLY D 248 -2.86 25.02 -22.97
CA GLY D 248 -2.50 25.64 -24.21
C GLY D 248 -3.65 25.87 -25.18
N THR D 249 -4.90 25.75 -24.72
CA THR D 249 -6.07 25.93 -25.55
C THR D 249 -6.71 27.30 -25.40
N GLY D 250 -6.09 28.21 -24.65
CA GLY D 250 -6.56 29.58 -24.58
C GLY D 250 -7.88 29.76 -23.87
N LYS D 251 -7.93 29.56 -22.55
CA LYS D 251 -9.15 29.72 -21.77
C LYS D 251 -9.25 31.09 -21.11
N THR D 252 -8.14 31.61 -20.59
CA THR D 252 -8.10 32.98 -20.07
C THR D 252 -8.37 33.99 -21.18
N LEU D 253 -7.98 33.64 -22.42
CA LEU D 253 -8.27 34.41 -23.61
C LEU D 253 -9.78 34.58 -23.78
N ILE D 254 -10.51 33.45 -23.79
CA ILE D 254 -11.96 33.40 -23.92
C ILE D 254 -12.63 34.22 -22.81
N ALA D 255 -12.08 34.13 -21.60
CA ALA D 255 -12.61 34.87 -20.46
C ALA D 255 -12.50 36.38 -20.66
N ARG D 256 -11.26 36.88 -20.89
CA ARG D 256 -11.05 38.31 -21.18
C ARG D 256 -11.86 38.78 -22.38
N ALA D 257 -12.07 37.92 -23.38
CA ALA D 257 -12.82 38.26 -24.58
C ALA D 257 -14.25 38.57 -24.24
N VAL D 258 -14.92 37.58 -23.64
CA VAL D 258 -16.31 37.71 -23.14
C VAL D 258 -16.43 38.96 -22.27
N ALA D 259 -15.52 39.12 -21.29
CA ALA D 259 -15.57 40.25 -20.36
C ALA D 259 -15.40 41.59 -21.05
N ASN D 260 -14.67 41.64 -22.17
CA ASN D 260 -14.49 42.91 -22.86
C ASN D 260 -15.64 43.21 -23.80
N GLU D 261 -16.23 42.19 -24.42
CA GLU D 261 -17.29 42.46 -25.38
C GLU D 261 -18.63 42.79 -24.72
N THR D 262 -18.84 42.40 -23.47
CA THR D 262 -20.04 42.79 -22.75
C THR D 262 -19.83 44.03 -21.92
N GLY D 263 -18.62 44.58 -21.87
CA GLY D 263 -18.37 45.75 -21.07
C GLY D 263 -18.40 45.54 -19.57
N ALA D 264 -18.30 44.29 -19.12
CA ALA D 264 -18.38 43.96 -17.71
C ALA D 264 -17.03 44.09 -17.04
N PHE D 265 -17.05 44.21 -15.72
CA PHE D 265 -15.83 44.27 -14.95
C PHE D 265 -15.23 42.87 -14.84
N PHE D 266 -13.90 42.80 -14.79
CA PHE D 266 -13.18 41.53 -14.83
C PHE D 266 -12.15 41.53 -13.71
N PHE D 267 -12.29 40.58 -12.79
CA PHE D 267 -11.32 40.37 -11.73
C PHE D 267 -10.67 39.00 -11.93
N LEU D 268 -9.38 38.90 -11.62
CA LEU D 268 -8.61 37.71 -11.92
C LEU D 268 -7.98 37.18 -10.64
N ILE D 269 -8.32 35.95 -10.29
CA ILE D 269 -7.70 35.23 -9.19
C ILE D 269 -6.97 34.06 -9.81
N ASN D 270 -5.82 33.71 -9.24
CA ASN D 270 -5.03 32.60 -9.73
C ASN D 270 -4.45 31.78 -8.60
N GLY D 271 -4.27 30.49 -8.88
CA GLY D 271 -3.88 29.48 -7.92
C GLY D 271 -2.56 29.74 -7.21
N PRO D 272 -1.42 29.68 -7.95
CA PRO D 272 -0.10 29.84 -7.31
C PRO D 272 0.09 31.13 -6.53
N GLU D 273 -0.43 32.27 -6.99
CA GLU D 273 -0.32 33.51 -6.23
C GLU D 273 -1.06 33.44 -4.90
N ILE D 274 -2.13 32.66 -4.83
CA ILE D 274 -2.86 32.53 -3.57
C ILE D 274 -2.14 31.56 -2.65
N MET D 275 -1.67 30.43 -3.20
CA MET D 275 -1.04 29.39 -2.41
C MET D 275 0.43 29.65 -2.07
N SER D 276 0.96 30.85 -2.36
CA SER D 276 2.33 31.20 -2.05
C SER D 276 2.42 32.22 -0.93
N LYS D 277 1.33 32.51 -0.27
CA LYS D 277 1.30 33.48 0.80
C LYS D 277 1.26 32.77 2.14
N LEU D 278 1.16 33.55 3.21
CA LEU D 278 0.85 33.02 4.52
C LEU D 278 -0.64 32.75 4.62
N ALA D 279 -1.05 32.11 5.72
CA ALA D 279 -2.44 31.67 5.90
C ALA D 279 -3.43 32.83 5.88
N GLY D 280 -3.28 33.75 6.86
CA GLY D 280 -4.20 34.88 7.01
C GLY D 280 -4.27 35.77 5.78
N GLU D 281 -3.11 35.99 5.14
CA GLU D 281 -3.06 36.82 3.95
C GLU D 281 -3.79 36.17 2.78
N SER D 282 -3.67 34.84 2.65
CA SER D 282 -4.38 34.12 1.59
C SER D 282 -5.89 34.21 1.77
N GLU D 283 -6.38 33.97 3.00
CA GLU D 283 -7.82 34.07 3.26
C GLU D 283 -8.32 35.50 3.04
N SER D 284 -7.54 36.49 3.49
CA SER D 284 -7.93 37.88 3.34
C SER D 284 -8.00 38.30 1.89
N ASN D 285 -7.07 37.82 1.05
CA ASN D 285 -7.12 38.13 -0.38
C ASN D 285 -8.33 37.48 -1.05
N LEU D 286 -8.59 36.20 -0.71
CA LEU D 286 -9.74 35.49 -1.25
C LEU D 286 -11.05 36.17 -0.88
N ARG D 287 -11.13 36.74 0.31
CA ARG D 287 -12.34 37.43 0.74
C ARG D 287 -12.47 38.79 0.05
N LYS D 288 -11.36 39.56 0.00
CA LYS D 288 -11.35 40.89 -0.60
C LYS D 288 -11.71 40.87 -2.07
N ALA D 289 -11.30 39.81 -2.78
CA ALA D 289 -11.62 39.65 -4.20
C ALA D 289 -13.13 39.66 -4.42
N PHE D 290 -13.86 38.86 -3.65
CA PHE D 290 -15.31 38.79 -3.73
C PHE D 290 -15.96 40.10 -3.36
N GLU D 291 -15.56 40.70 -2.21
CA GLU D 291 -16.12 42.00 -1.78
C GLU D 291 -16.01 43.08 -2.85
N GLU D 292 -14.77 43.31 -3.33
CA GLU D 292 -14.47 44.28 -4.39
C GLU D 292 -15.31 44.00 -5.63
N ALA D 293 -15.18 42.77 -6.15
CA ALA D 293 -15.93 42.26 -7.31
C ALA D 293 -17.41 42.59 -7.20
N GLU D 294 -18.02 42.22 -6.06
CA GLU D 294 -19.44 42.43 -5.77
C GLU D 294 -19.83 43.90 -5.95
N LYS D 295 -19.07 44.80 -5.29
CA LYS D 295 -19.36 46.25 -5.27
C LYS D 295 -19.54 46.85 -6.67
N ASN D 296 -18.65 46.50 -7.60
CA ASN D 296 -18.75 46.95 -8.99
C ASN D 296 -19.66 45.98 -9.75
N ALA D 297 -20.71 46.50 -10.38
CA ALA D 297 -21.60 45.54 -11.00
C ALA D 297 -22.16 45.98 -12.34
N PRO D 298 -22.30 45.04 -13.32
CA PRO D 298 -22.02 43.60 -13.27
C PRO D 298 -20.54 43.24 -13.41
N ALA D 299 -20.15 42.11 -12.85
CA ALA D 299 -18.76 41.68 -12.76
C ALA D 299 -18.61 40.24 -13.17
N ILE D 300 -17.37 39.84 -13.40
CA ILE D 300 -16.98 38.46 -13.69
C ILE D 300 -15.75 38.14 -12.86
N ILE D 301 -15.75 36.99 -12.19
CA ILE D 301 -14.61 36.56 -11.39
C ILE D 301 -14.06 35.30 -12.04
N PHE D 302 -12.75 35.28 -12.30
CA PHE D 302 -12.13 34.17 -13.00
C PHE D 302 -11.10 33.51 -12.10
N ILE D 303 -11.25 32.22 -11.87
CA ILE D 303 -10.32 31.45 -11.03
C ILE D 303 -9.67 30.40 -11.92
N ASP D 304 -8.52 30.72 -12.48
CA ASP D 304 -7.76 29.74 -13.25
C ASP D 304 -6.85 28.94 -12.33
N GLU D 305 -6.52 27.72 -12.78
CA GLU D 305 -5.83 26.70 -11.98
C GLU D 305 -6.63 26.41 -10.72
N LEU D 306 -7.90 26.05 -10.92
CA LEU D 306 -8.74 25.65 -9.80
C LEU D 306 -8.26 24.33 -9.21
N ASP D 307 -7.76 23.42 -10.07
CA ASP D 307 -7.16 22.15 -9.66
C ASP D 307 -6.07 22.32 -8.61
N ALA D 308 -5.34 23.44 -8.66
CA ALA D 308 -4.25 23.69 -7.73
C ALA D 308 -4.79 24.03 -6.35
N ILE D 309 -5.71 24.99 -6.30
CA ILE D 309 -6.19 25.51 -5.03
C ILE D 309 -7.26 24.62 -4.40
N ALA D 310 -8.03 23.89 -5.19
CA ALA D 310 -9.06 22.98 -4.66
C ALA D 310 -8.93 21.57 -5.24
N PRO D 311 -7.88 20.81 -4.86
CA PRO D 311 -7.77 19.44 -5.39
C PRO D 311 -8.67 18.48 -4.65
N LYS D 312 -8.57 17.19 -4.96
CA LYS D 312 -9.26 16.13 -4.24
C LYS D 312 -8.92 16.18 -2.75
N ARG D 313 -9.89 15.75 -1.92
CA ARG D 313 -9.76 15.84 -0.46
C ARG D 313 -8.54 15.11 0.08
N GLU D 314 -8.40 13.83 -0.28
CA GLU D 314 -7.26 13.03 0.20
C GLU D 314 -5.91 13.52 -0.34
N LYS D 315 -5.89 14.36 -1.38
CA LYS D 315 -4.66 14.96 -1.89
C LYS D 315 -4.28 16.23 -1.13
N THR D 316 -5.10 16.65 -0.17
CA THR D 316 -4.75 17.75 0.73
C THR D 316 -4.27 17.09 2.02
N HIS D 317 -2.98 16.77 2.05
CA HIS D 317 -2.38 16.10 3.18
C HIS D 317 -2.22 17.03 4.38
N GLY D 318 -2.19 18.33 4.16
CA GLY D 318 -2.01 19.30 5.21
C GLY D 318 -3.31 19.72 5.87
N GLU D 319 -3.28 20.88 6.50
CA GLU D 319 -4.43 21.43 7.22
C GLU D 319 -4.93 22.73 6.62
N VAL D 320 -4.02 23.68 6.32
CA VAL D 320 -4.39 25.01 5.83
C VAL D 320 -5.08 24.92 4.46
N GLU D 321 -4.73 23.90 3.67
CA GLU D 321 -5.37 23.66 2.37
C GLU D 321 -6.86 23.40 2.53
N ARG D 322 -7.24 22.62 3.54
CA ARG D 322 -8.65 22.33 3.78
C ARG D 322 -9.41 23.58 4.19
N ARG D 323 -8.76 24.44 4.98
CA ARG D 323 -9.34 25.74 5.33
C ARG D 323 -9.60 26.59 4.10
N ILE D 324 -8.66 26.58 3.15
CA ILE D 324 -8.82 27.38 1.92
C ILE D 324 -9.96 26.83 1.07
N VAL D 325 -10.07 25.50 0.95
CA VAL D 325 -11.15 24.89 0.17
C VAL D 325 -12.51 25.18 0.79
N SER D 326 -12.60 25.11 2.13
CA SER D 326 -13.86 25.40 2.81
C SER D 326 -14.24 26.87 2.71
N GLN D 327 -13.24 27.76 2.76
CA GLN D 327 -13.47 29.19 2.55
C GLN D 327 -14.00 29.47 1.15
N LEU D 328 -13.44 28.80 0.14
CA LEU D 328 -13.94 28.94 -1.22
C LEU D 328 -15.38 28.43 -1.33
N LEU D 329 -15.68 27.32 -0.65
CA LEU D 329 -17.04 26.76 -0.65
C LEU D 329 -18.05 27.75 -0.08
N THR D 330 -17.77 28.33 1.10
CA THR D 330 -18.74 29.27 1.68
C THR D 330 -18.86 30.57 0.88
N LEU D 331 -17.75 31.02 0.24
CA LEU D 331 -17.82 32.20 -0.60
C LEU D 331 -18.68 31.95 -1.83
N MET D 332 -18.54 30.78 -2.47
CA MET D 332 -19.40 30.44 -3.60
C MET D 332 -20.84 30.29 -3.16
N ASP D 333 -21.07 29.74 -1.96
CA ASP D 333 -22.42 29.48 -1.50
C ASP D 333 -23.14 30.75 -1.05
N GLY D 334 -22.42 31.84 -0.84
CA GLY D 334 -23.11 33.04 -0.41
C GLY D 334 -23.51 33.95 -1.54
N LEU D 335 -23.28 33.55 -2.78
CA LEU D 335 -23.71 34.30 -3.96
C LEU D 335 -24.96 33.72 -4.61
N LYS D 336 -25.70 32.84 -3.92
CA LYS D 336 -26.93 32.31 -4.50
C LYS D 336 -28.03 33.36 -4.59
N GLN D 337 -27.99 34.38 -3.75
CA GLN D 337 -28.98 35.44 -3.87
C GLN D 337 -28.62 36.44 -4.96
N ARG D 338 -27.38 36.94 -4.96
CA ARG D 338 -26.98 38.03 -5.84
C ARG D 338 -26.84 37.51 -7.26
N ALA D 339 -27.41 38.25 -8.21
CA ALA D 339 -27.54 37.77 -9.58
C ALA D 339 -26.73 38.57 -10.59
N HIS D 340 -25.85 39.44 -10.13
CA HIS D 340 -25.08 40.29 -11.03
C HIS D 340 -23.64 39.83 -11.19
N VAL D 341 -23.18 38.91 -10.35
CA VAL D 341 -21.81 38.43 -10.38
C VAL D 341 -21.80 37.02 -10.93
N ILE D 342 -20.85 36.74 -11.82
CA ILE D 342 -20.71 35.44 -12.47
C ILE D 342 -19.30 34.94 -12.17
N VAL D 343 -19.18 33.65 -11.87
CA VAL D 343 -17.88 33.05 -11.54
C VAL D 343 -17.57 32.03 -12.62
N MET D 344 -16.40 32.17 -13.25
CA MET D 344 -15.92 31.24 -14.25
C MET D 344 -14.59 30.68 -13.78
N ALA D 345 -14.30 29.43 -14.15
CA ALA D 345 -13.09 28.79 -13.71
C ALA D 345 -12.54 27.93 -14.84
N ALA D 346 -11.26 27.55 -14.72
CA ALA D 346 -10.61 26.77 -15.74
C ALA D 346 -9.79 25.65 -15.11
N THR D 347 -9.89 24.45 -15.68
CA THR D 347 -9.17 23.26 -15.23
C THR D 347 -8.65 22.52 -16.46
N ASN D 348 -8.19 21.28 -16.24
CA ASN D 348 -7.71 20.43 -17.32
C ASN D 348 -8.59 19.23 -17.60
N ARG D 349 -9.30 18.73 -16.59
CA ARG D 349 -10.21 17.59 -16.72
C ARG D 349 -11.19 17.66 -15.57
N PRO D 350 -12.43 17.18 -15.76
CA PRO D 350 -13.45 17.36 -14.71
C PRO D 350 -13.20 16.54 -13.45
N ASN D 351 -12.43 15.46 -13.53
CA ASN D 351 -12.19 14.56 -12.41
C ASN D 351 -10.87 14.85 -11.71
N SER D 352 -10.47 16.11 -11.65
CA SER D 352 -9.24 16.49 -10.98
C SER D 352 -9.48 17.48 -9.85
N ILE D 353 -10.74 17.84 -9.60
CA ILE D 353 -11.07 18.82 -8.58
C ILE D 353 -11.92 18.15 -7.51
N ASP D 354 -12.30 18.94 -6.52
CA ASP D 354 -13.10 18.49 -5.39
C ASP D 354 -14.50 18.15 -5.88
N PRO D 355 -15.04 16.97 -5.55
CA PRO D 355 -16.39 16.61 -6.02
C PRO D 355 -17.49 17.49 -5.44
N ALA D 356 -17.28 18.10 -4.28
CA ALA D 356 -18.28 18.94 -3.65
C ALA D 356 -18.41 20.31 -4.30
N LEU D 357 -17.61 20.61 -5.33
CA LEU D 357 -17.74 21.85 -6.07
C LEU D 357 -18.67 21.71 -7.27
N ARG D 358 -18.71 20.55 -7.91
CA ARG D 358 -19.54 20.32 -9.08
C ARG D 358 -20.95 19.92 -8.64
N ARG D 359 -21.63 20.86 -8.00
CA ARG D 359 -22.98 20.67 -7.53
C ARG D 359 -23.77 21.92 -7.84
N PHE D 360 -25.09 21.82 -7.71
CA PHE D 360 -25.99 22.94 -7.98
C PHE D 360 -25.73 24.08 -7.01
N GLY D 361 -25.66 25.28 -7.54
CA GLY D 361 -25.34 26.44 -6.77
C GLY D 361 -23.89 26.86 -6.84
N ARG D 362 -22.99 25.94 -7.22
CA ARG D 362 -21.57 26.28 -7.31
C ARG D 362 -21.01 26.21 -8.72
N PHE D 363 -21.01 25.05 -9.36
CA PHE D 363 -20.47 24.96 -10.73
C PHE D 363 -21.32 23.92 -11.46
N ASP D 364 -22.39 24.41 -12.06
CA ASP D 364 -23.38 23.56 -12.70
C ASP D 364 -23.33 23.55 -14.22
N ARG D 365 -22.68 24.52 -14.85
CA ARG D 365 -22.49 24.51 -16.29
C ARG D 365 -21.05 24.16 -16.60
N GLU D 366 -20.85 23.27 -17.57
CA GLU D 366 -19.53 22.79 -17.94
C GLU D 366 -19.35 22.88 -19.45
N VAL D 367 -18.20 23.41 -19.89
CA VAL D 367 -17.87 23.57 -21.31
C VAL D 367 -16.52 22.91 -21.54
N ASP D 368 -16.37 22.25 -22.69
CA ASP D 368 -15.14 21.58 -23.08
C ASP D 368 -14.62 22.29 -24.33
N ILE D 369 -13.42 22.87 -24.23
CA ILE D 369 -12.84 23.60 -25.35
C ILE D 369 -12.32 22.64 -26.41
N GLY D 370 -11.33 21.82 -26.07
CA GLY D 370 -10.87 20.77 -26.96
C GLY D 370 -9.85 21.22 -28.00
N ILE D 371 -9.44 20.26 -28.82
CA ILE D 371 -8.33 20.46 -29.75
C ILE D 371 -8.88 20.97 -31.07
N PRO D 372 -8.22 21.91 -31.76
CA PRO D 372 -8.76 22.42 -33.02
C PRO D 372 -8.69 21.43 -34.17
N ASP D 373 -9.66 21.55 -35.05
CA ASP D 373 -9.73 20.79 -36.30
C ASP D 373 -8.96 21.57 -37.36
N ALA D 374 -8.71 20.93 -38.51
CA ALA D 374 -7.90 21.50 -39.59
C ALA D 374 -8.39 22.86 -40.09
N THR D 375 -9.70 23.07 -40.12
CA THR D 375 -10.20 24.38 -40.52
C THR D 375 -9.95 25.40 -39.41
N GLY D 376 -10.18 24.99 -38.16
CA GLY D 376 -9.80 25.80 -37.01
C GLY D 376 -8.32 26.12 -36.98
N ARG D 377 -7.48 25.14 -37.35
CA ARG D 377 -6.04 25.36 -37.39
C ARG D 377 -5.67 26.39 -38.44
N LEU D 378 -6.34 26.34 -39.60
CA LEU D 378 -6.14 27.36 -40.62
C LEU D 378 -6.56 28.74 -40.10
N GLU D 379 -7.66 28.78 -39.33
CA GLU D 379 -8.11 30.04 -38.72
C GLU D 379 -7.08 30.62 -37.76
N ILE D 380 -6.47 29.77 -36.92
CA ILE D 380 -5.47 30.24 -35.95
C ILE D 380 -4.22 30.74 -36.67
N LEU D 381 -3.78 30.00 -37.69
CA LEU D 381 -2.63 30.43 -38.50
C LEU D 381 -2.90 31.76 -39.19
N GLN D 382 -4.12 31.99 -39.63
CA GLN D 382 -4.47 33.29 -40.19
C GLN D 382 -4.49 34.39 -39.13
N ILE D 383 -4.87 34.05 -37.90
CA ILE D 383 -4.90 35.05 -36.82
C ILE D 383 -3.50 35.53 -36.50
N HIS D 384 -2.55 34.61 -36.39
CA HIS D 384 -1.26 35.03 -35.85
C HIS D 384 -0.33 35.63 -36.88
N THR D 385 -0.53 35.35 -38.17
CA THR D 385 0.22 35.99 -39.24
C THR D 385 -0.54 37.18 -39.82
N LYS D 386 -1.23 37.93 -38.98
CA LYS D 386 -2.13 38.98 -39.43
C LYS D 386 -1.37 40.17 -39.98
N ASN D 387 -0.20 40.46 -39.45
CA ASN D 387 0.62 41.60 -39.86
C ASN D 387 2.07 41.19 -40.03
N MET D 388 2.31 40.10 -40.76
CA MET D 388 3.66 39.56 -40.89
C MET D 388 4.27 39.79 -42.27
N LYS D 389 3.46 40.06 -43.29
CA LYS D 389 3.87 40.27 -44.70
C LYS D 389 4.58 39.02 -45.24
N LEU D 390 3.78 37.96 -45.33
CA LEU D 390 4.26 36.72 -45.94
C LEU D 390 4.47 36.93 -47.44
N ALA D 391 5.19 35.99 -48.06
CA ALA D 391 5.41 36.03 -49.49
C ALA D 391 4.20 35.44 -50.22
N ASP D 392 4.36 35.21 -51.52
CA ASP D 392 3.29 34.72 -52.36
C ASP D 392 3.25 33.19 -52.44
N ASP D 393 4.40 32.53 -52.31
CA ASP D 393 4.43 31.09 -52.39
C ASP D 393 3.92 30.39 -51.13
N VAL D 394 3.72 31.13 -50.04
CA VAL D 394 3.29 30.53 -48.78
C VAL D 394 1.84 30.08 -48.90
N ASP D 395 1.62 28.80 -48.73
CA ASP D 395 0.29 28.20 -48.80
C ASP D 395 -0.05 27.67 -47.41
N LEU D 396 -0.81 28.44 -46.64
CA LEU D 396 -1.17 28.06 -45.27
C LEU D 396 -2.03 26.80 -45.18
N GLU D 397 -2.71 26.41 -46.27
CA GLU D 397 -3.50 25.20 -46.28
C GLU D 397 -2.63 23.97 -46.09
N GLN D 398 -1.44 23.96 -46.70
CA GLN D 398 -0.47 22.87 -46.52
C GLN D 398 -0.10 22.71 -45.07
N VAL D 399 0.27 23.83 -44.43
CA VAL D 399 0.71 23.85 -43.03
C VAL D 399 -0.44 23.38 -42.14
N ALA D 400 -1.64 23.91 -42.35
CA ALA D 400 -2.83 23.49 -41.61
C ALA D 400 -3.17 22.02 -41.82
N ASN D 401 -2.73 21.40 -42.92
CA ASN D 401 -2.93 19.98 -43.12
C ASN D 401 -1.82 19.11 -42.55
N GLU D 402 -0.68 19.68 -42.16
CA GLU D 402 0.42 18.86 -41.66
C GLU D 402 0.74 19.12 -40.18
N THR D 403 -0.15 19.76 -39.44
CA THR D 403 0.08 20.01 -38.02
C THR D 403 -0.92 19.28 -37.15
N HIS D 404 -1.16 18.00 -37.44
CA HIS D 404 -2.10 17.21 -36.66
C HIS D 404 -1.53 16.93 -35.27
N GLY D 405 -2.11 17.55 -34.25
CA GLY D 405 -1.70 17.34 -32.89
C GLY D 405 -1.20 18.61 -32.23
N HIS D 406 -1.52 19.75 -32.84
CA HIS D 406 -1.09 21.05 -32.37
C HIS D 406 -2.25 21.85 -31.82
N VAL D 407 -2.01 22.55 -30.72
CA VAL D 407 -2.97 23.46 -30.12
C VAL D 407 -2.50 24.88 -30.42
N GLY D 408 -3.36 25.84 -30.08
CA GLY D 408 -3.14 27.25 -30.44
C GLY D 408 -1.80 27.83 -30.04
N ALA D 409 -1.30 27.46 -28.86
CA ALA D 409 0.00 27.92 -28.40
C ALA D 409 1.12 27.37 -29.28
N ASP D 410 0.97 26.14 -29.76
CA ASP D 410 1.94 25.55 -30.68
C ASP D 410 2.00 26.33 -31.99
N LEU D 411 0.84 26.71 -32.51
CA LEU D 411 0.80 27.45 -33.78
C LEU D 411 1.35 28.86 -33.61
N ALA D 412 1.07 29.50 -32.46
CA ALA D 412 1.64 30.81 -32.16
C ALA D 412 3.15 30.75 -32.11
N ALA D 413 3.68 29.72 -31.43
CA ALA D 413 5.12 29.53 -31.33
C ALA D 413 5.73 29.23 -32.70
N LEU D 414 5.01 28.47 -33.53
CA LEU D 414 5.45 28.14 -34.88
C LEU D 414 5.62 29.38 -35.74
N CYS D 415 4.61 30.26 -35.71
CA CYS D 415 4.68 31.51 -36.48
C CYS D 415 5.79 32.41 -35.96
N SER D 416 5.96 32.46 -34.63
CA SER D 416 7.02 33.28 -34.05
C SER D 416 8.40 32.76 -34.42
N GLU D 417 8.58 31.44 -34.44
CA GLU D 417 9.85 30.84 -34.83
C GLU D 417 10.17 31.10 -36.28
N ALA D 418 9.15 31.04 -37.15
CA ALA D 418 9.32 31.37 -38.57
C ALA D 418 9.78 32.81 -38.75
N ALA D 419 9.13 33.73 -38.03
CA ALA D 419 9.50 35.15 -38.08
C ALA D 419 10.93 35.37 -37.61
N LEU D 420 11.31 34.72 -36.50
CA LEU D 420 12.65 34.91 -35.93
C LEU D 420 13.72 34.31 -36.82
N GLN D 421 13.42 33.18 -37.48
CA GLN D 421 14.34 32.60 -38.45
C GLN D 421 14.56 33.53 -39.63
N ALA D 422 13.48 34.17 -40.12
CA ALA D 422 13.62 35.14 -41.22
C ALA D 422 14.45 36.35 -40.80
N ILE D 423 14.26 36.84 -39.57
CA ILE D 423 15.02 37.99 -39.10
C ILE D 423 16.48 37.59 -38.88
N ARG D 424 16.73 36.34 -38.50
CA ARG D 424 18.09 35.94 -38.17
C ARG D 424 18.91 35.63 -39.42
N LYS D 425 18.41 34.73 -40.27
CA LYS D 425 19.09 34.23 -41.48
C LYS D 425 19.58 35.36 -42.38
N LYS D 426 18.68 36.22 -42.80
CA LYS D 426 19.01 37.33 -43.68
C LYS D 426 18.80 38.61 -42.90
N MET D 427 19.13 39.73 -43.53
CA MET D 427 18.74 41.09 -43.14
C MET D 427 19.20 41.56 -41.75
N ASP D 428 19.93 40.75 -41.00
CA ASP D 428 20.51 41.18 -39.75
C ASP D 428 22.02 41.05 -39.80
N LEU D 429 22.53 39.93 -40.29
CA LEU D 429 23.96 39.83 -40.56
C LEU D 429 24.34 40.53 -41.85
N ILE D 430 23.40 40.64 -42.79
CA ILE D 430 23.68 41.29 -44.07
C ILE D 430 23.85 42.79 -43.88
N ASP D 431 23.12 43.40 -42.94
CA ASP D 431 23.22 44.84 -42.74
C ASP D 431 24.03 45.23 -41.52
N LEU D 432 24.51 44.26 -40.73
CA LEU D 432 25.33 44.54 -39.55
C LEU D 432 26.65 45.22 -39.88
N GLU D 433 27.15 45.04 -41.10
CA GLU D 433 28.39 45.63 -41.53
C GLU D 433 28.19 46.95 -42.25
N ASP D 434 26.95 47.38 -42.44
CA ASP D 434 26.67 48.62 -43.17
C ASP D 434 25.95 49.66 -42.32
N GLU D 435 24.76 49.36 -41.78
CA GLU D 435 23.93 50.36 -41.11
C GLU D 435 23.14 49.71 -39.99
N THR D 436 22.11 50.42 -39.51
CA THR D 436 21.25 49.96 -38.43
C THR D 436 19.94 49.41 -39.00
N ILE D 437 19.05 49.01 -38.09
CA ILE D 437 17.75 48.45 -38.45
C ILE D 437 16.67 49.45 -38.05
N ASP D 438 15.55 49.44 -38.77
CA ASP D 438 14.46 50.36 -38.55
C ASP D 438 13.17 49.77 -39.10
N ALA D 439 12.13 50.60 -39.22
CA ALA D 439 10.82 50.14 -39.66
C ALA D 439 10.72 49.91 -41.16
N GLU D 440 11.41 50.72 -41.95
CA GLU D 440 11.29 50.61 -43.41
C GLU D 440 11.99 49.36 -43.94
N VAL D 441 13.11 48.96 -43.34
CA VAL D 441 13.75 47.72 -43.76
C VAL D 441 13.05 46.50 -43.18
N MET D 442 12.29 46.68 -42.09
CA MET D 442 11.53 45.58 -41.51
C MET D 442 10.23 45.35 -42.26
N ASN D 443 9.62 46.41 -42.80
CA ASN D 443 8.39 46.23 -43.56
C ASN D 443 8.65 45.59 -44.91
N SER D 444 9.81 45.86 -45.52
CA SER D 444 10.21 45.19 -46.74
C SER D 444 10.66 43.75 -46.53
N LEU D 445 10.82 43.32 -45.28
CA LEU D 445 11.22 41.96 -44.96
C LEU D 445 10.04 41.03 -45.12
N ALA D 446 10.24 39.94 -45.86
CA ALA D 446 9.20 38.95 -46.09
C ALA D 446 9.68 37.59 -45.62
N VAL D 447 8.74 36.71 -45.30
CA VAL D 447 9.07 35.36 -44.89
C VAL D 447 8.71 34.45 -46.05
N THR D 448 9.48 33.38 -46.20
CA THR D 448 9.30 32.44 -47.29
C THR D 448 8.80 31.11 -46.75
N MET D 449 8.31 30.27 -47.68
CA MET D 449 7.80 28.94 -47.34
C MET D 449 8.88 28.05 -46.72
N ASP D 450 10.15 28.27 -47.09
CA ASP D 450 11.26 27.46 -46.58
C ASP D 450 11.45 27.64 -45.07
N ASP D 451 11.21 28.85 -44.57
CA ASP D 451 11.25 29.10 -43.13
C ASP D 451 10.14 28.35 -42.41
N PHE D 452 8.95 28.30 -43.01
CA PHE D 452 7.85 27.55 -42.44
C PHE D 452 8.14 26.05 -42.44
N ARG D 453 8.79 25.55 -43.50
CA ARG D 453 9.16 24.13 -43.53
C ARG D 453 10.23 23.83 -42.50
N TRP D 454 11.16 24.76 -42.29
CA TRP D 454 12.21 24.58 -41.28
C TRP D 454 11.61 24.54 -39.88
N ALA D 455 10.69 25.46 -39.60
CA ALA D 455 10.05 25.50 -38.29
C ALA D 455 9.10 24.32 -38.12
N LEU D 456 8.51 23.83 -39.20
CA LEU D 456 7.55 22.74 -39.13
C LEU D 456 8.23 21.39 -39.02
N SER D 457 9.44 21.27 -39.55
CA SER D 457 10.18 20.02 -39.44
C SER D 457 10.68 19.79 -38.02
N GLN D 458 11.47 20.72 -37.51
CA GLN D 458 12.20 20.53 -36.27
C GLN D 458 11.58 21.35 -35.15
N SER D 459 12.06 21.08 -33.94
CA SER D 459 11.82 21.84 -32.69
C SER D 459 10.35 21.96 -32.32
N ASN D 460 9.48 21.10 -32.84
CA ASN D 460 8.05 21.19 -32.61
C ASN D 460 7.44 19.90 -32.08
N PRO D 461 7.61 19.63 -30.79
CA PRO D 461 6.95 18.45 -30.23
C PRO D 461 5.47 18.74 -30.09
N SER D 462 4.66 18.09 -30.90
CA SER D 462 3.22 18.13 -30.74
C SER D 462 2.86 17.52 -29.39
N ALA D 463 2.06 18.24 -28.62
CA ALA D 463 1.81 17.89 -27.23
C ALA D 463 0.50 17.13 -27.03
N LEU D 464 0.13 16.29 -27.99
CA LEU D 464 -1.15 15.58 -27.94
C LEU D 464 -0.95 14.10 -28.19
N ARG D 465 -1.37 13.30 -27.22
CA ARG D 465 -1.51 11.85 -27.36
C ARG D 465 -2.93 11.42 -27.02
N GLU D 466 -3.88 12.35 -27.08
CA GLU D 466 -5.24 12.12 -26.64
C GLU D 466 -6.16 11.95 -27.83
N THR D 467 -7.40 11.56 -27.53
CA THR D 467 -8.41 11.28 -28.55
C THR D 467 -8.82 12.54 -29.30
N VAL D 468 -9.28 12.35 -30.53
CA VAL D 468 -9.74 13.44 -31.38
C VAL D 468 -11.21 13.19 -31.72
N VAL D 469 -11.99 14.27 -31.73
CA VAL D 469 -13.39 14.24 -32.11
C VAL D 469 -13.64 15.38 -33.10
N GLU D 470 -14.26 15.04 -34.23
CA GLU D 470 -14.47 15.95 -35.35
C GLU D 470 -15.43 15.33 -36.35
N VAL D 471 -15.80 16.11 -37.35
CA VAL D 471 -16.58 15.63 -38.49
C VAL D 471 -15.58 15.16 -39.54
N PRO D 472 -15.62 13.88 -39.96
CA PRO D 472 -14.58 13.37 -40.88
C PRO D 472 -14.63 13.95 -42.28
N GLN D 473 -13.71 13.52 -43.14
CA GLN D 473 -13.65 14.03 -44.50
C GLN D 473 -14.03 13.01 -45.56
N VAL D 474 -14.17 11.74 -45.20
CA VAL D 474 -14.57 10.73 -46.16
C VAL D 474 -16.05 10.94 -46.48
N THR D 475 -16.44 10.78 -47.75
CA THR D 475 -17.82 10.93 -48.16
C THR D 475 -18.20 9.75 -49.04
N TRP D 476 -19.47 9.71 -49.48
CA TRP D 476 -20.01 8.59 -50.24
C TRP D 476 -19.32 8.36 -51.59
N GLU D 477 -18.62 9.36 -52.11
CA GLU D 477 -18.02 9.29 -53.42
C GLU D 477 -16.67 8.57 -53.42
N ASP D 478 -16.23 8.08 -52.27
CA ASP D 478 -15.00 7.32 -52.13
C ASP D 478 -15.24 5.83 -51.99
N ILE D 479 -16.50 5.41 -51.98
CA ILE D 479 -16.86 4.02 -51.73
C ILE D 479 -17.48 3.48 -53.00
N GLY D 480 -16.81 2.52 -53.62
CA GLY D 480 -17.34 1.92 -54.82
C GLY D 480 -18.30 0.79 -54.52
N GLY D 481 -19.51 0.88 -55.05
CA GLY D 481 -20.51 -0.13 -54.79
C GLY D 481 -21.22 0.18 -53.49
N LEU D 482 -21.80 -0.89 -52.90
CA LEU D 482 -22.54 -0.86 -51.63
C LEU D 482 -23.71 0.13 -51.68
N GLU D 483 -24.67 -0.20 -52.53
CA GLU D 483 -25.84 0.64 -52.73
C GLU D 483 -26.95 0.33 -51.72
N ASP D 484 -27.31 -0.95 -51.60
CA ASP D 484 -28.34 -1.37 -50.65
C ASP D 484 -27.93 -1.07 -49.22
N VAL D 485 -26.65 -1.31 -48.89
CA VAL D 485 -26.11 -0.99 -47.58
C VAL D 485 -26.22 0.51 -47.31
N LYS D 486 -25.93 1.33 -48.32
CA LYS D 486 -26.04 2.79 -48.22
C LYS D 486 -27.47 3.20 -47.92
N ARG D 487 -28.43 2.60 -48.63
CA ARG D 487 -29.84 2.90 -48.43
C ARG D 487 -30.30 2.53 -47.02
N GLU D 488 -29.91 1.34 -46.54
CA GLU D 488 -30.32 0.89 -45.21
C GLU D 488 -29.67 1.73 -44.11
N LEU D 489 -28.44 2.18 -44.34
CA LEU D 489 -27.79 3.11 -43.40
C LEU D 489 -28.53 4.44 -43.33
N GLN D 490 -28.96 4.98 -44.49
CA GLN D 490 -29.82 6.16 -44.51
C GLN D 490 -31.06 5.98 -43.64
N GLU D 491 -31.79 4.85 -43.86
CA GLU D 491 -33.00 4.54 -43.10
C GLU D 491 -32.72 4.45 -41.60
N LEU D 492 -31.65 3.76 -41.21
CA LEU D 492 -31.39 3.51 -39.80
C LEU D 492 -30.91 4.76 -39.06
N VAL D 493 -30.17 5.65 -39.72
CA VAL D 493 -29.52 6.75 -39.02
C VAL D 493 -30.30 8.05 -39.17
N GLN D 494 -30.75 8.39 -40.37
CA GLN D 494 -31.20 9.76 -40.61
C GLN D 494 -32.69 9.97 -40.40
N TYR D 495 -33.50 8.91 -40.33
CA TYR D 495 -34.95 9.11 -40.19
C TYR D 495 -35.35 9.61 -38.80
N PRO D 496 -35.11 8.89 -37.67
CA PRO D 496 -35.69 9.34 -36.38
C PRO D 496 -35.14 10.66 -35.86
N VAL D 497 -33.97 11.10 -36.34
CA VAL D 497 -33.40 12.36 -35.91
C VAL D 497 -34.06 13.56 -36.57
N GLU D 498 -34.91 13.34 -37.57
CA GLU D 498 -35.61 14.39 -38.29
C GLU D 498 -37.11 14.37 -38.03
N HIS D 499 -37.74 13.21 -38.15
CA HIS D 499 -39.20 13.07 -38.22
C HIS D 499 -39.67 12.18 -37.09
N PRO D 500 -39.83 12.71 -35.87
CA PRO D 500 -40.38 11.89 -34.77
C PRO D 500 -41.85 11.59 -34.88
N ASP D 501 -42.57 12.23 -35.83
CA ASP D 501 -44.03 12.17 -35.93
C ASP D 501 -44.54 10.74 -36.09
N LYS D 502 -44.01 10.01 -37.08
CA LYS D 502 -44.44 8.65 -37.34
C LYS D 502 -44.08 7.72 -36.20
N PHE D 503 -42.95 7.98 -35.53
CA PHE D 503 -42.53 7.13 -34.43
C PHE D 503 -43.39 7.32 -33.19
N LEU D 504 -43.92 8.53 -32.95
CA LEU D 504 -44.89 8.67 -31.89
C LEU D 504 -46.25 8.12 -32.29
N LYS D 505 -46.66 8.38 -33.55
CA LYS D 505 -47.98 7.95 -34.05
C LYS D 505 -48.14 6.44 -34.00
N PHE D 506 -47.11 5.70 -34.40
CA PHE D 506 -47.12 4.24 -34.34
C PHE D 506 -46.54 3.69 -33.05
N GLY D 507 -46.02 4.55 -32.17
CA GLY D 507 -45.55 4.18 -30.85
C GLY D 507 -44.28 3.34 -30.78
N MET D 508 -43.73 2.90 -31.91
CA MET D 508 -42.54 2.06 -31.91
C MET D 508 -41.28 2.91 -31.82
N THR D 509 -40.35 2.44 -31.01
CA THR D 509 -39.10 3.15 -30.76
C THR D 509 -38.02 2.69 -31.74
N PRO D 510 -37.17 3.58 -32.22
CA PRO D 510 -36.12 3.18 -33.15
C PRO D 510 -34.97 2.47 -32.44
N SER D 511 -34.16 1.78 -33.24
CA SER D 511 -32.99 1.11 -32.70
C SER D 511 -31.86 2.12 -32.51
N LYS D 512 -30.81 1.67 -31.84
CA LYS D 512 -29.68 2.54 -31.54
C LYS D 512 -28.35 1.82 -31.73
N GLY D 513 -28.29 0.78 -32.55
CA GLY D 513 -27.05 0.06 -32.76
C GLY D 513 -27.09 -0.76 -34.03
N VAL D 514 -25.91 -1.02 -34.58
CA VAL D 514 -25.78 -1.80 -35.80
C VAL D 514 -24.46 -2.56 -35.73
N LEU D 515 -24.44 -3.77 -36.28
CA LEU D 515 -23.26 -4.61 -36.27
C LEU D 515 -22.94 -4.99 -37.71
N PHE D 516 -21.80 -4.53 -38.20
CA PHE D 516 -21.32 -4.93 -39.52
C PHE D 516 -20.51 -6.20 -39.40
N TYR D 517 -20.57 -7.03 -40.44
CA TYR D 517 -19.73 -8.21 -40.50
C TYR D 517 -19.51 -8.63 -41.93
N GLY D 518 -18.44 -9.37 -42.15
CA GLY D 518 -18.05 -9.81 -43.46
C GLY D 518 -16.57 -10.12 -43.49
N PRO D 519 -16.04 -10.42 -44.67
CA PRO D 519 -14.60 -10.69 -44.81
C PRO D 519 -13.76 -9.46 -44.52
N PRO D 520 -12.50 -9.61 -44.11
CA PRO D 520 -11.71 -8.44 -43.75
C PRO D 520 -11.24 -7.67 -44.96
N GLY D 521 -11.07 -6.36 -44.78
CA GLY D 521 -10.64 -5.50 -45.85
C GLY D 521 -11.67 -5.32 -46.94
N CYS D 522 -12.89 -4.95 -46.54
CA CYS D 522 -13.97 -4.74 -47.48
C CYS D 522 -14.69 -3.42 -47.25
N GLY D 523 -14.07 -2.50 -46.52
CA GLY D 523 -14.64 -1.17 -46.39
C GLY D 523 -15.77 -1.05 -45.40
N LYS D 524 -15.47 -1.35 -44.13
CA LYS D 524 -16.41 -1.15 -43.04
C LYS D 524 -16.19 0.15 -42.29
N THR D 525 -14.94 0.61 -42.18
CA THR D 525 -14.68 1.89 -41.54
C THR D 525 -15.12 3.05 -42.40
N LEU D 526 -15.05 2.87 -43.73
CA LEU D 526 -15.45 3.89 -44.69
C LEU D 526 -16.92 4.23 -44.57
N LEU D 527 -17.78 3.22 -44.41
CA LEU D 527 -19.21 3.42 -44.25
C LEU D 527 -19.53 4.24 -43.01
N ALA D 528 -18.86 3.92 -41.89
CA ALA D 528 -19.05 4.64 -40.64
C ALA D 528 -18.65 6.10 -40.78
N LYS D 529 -17.44 6.35 -41.32
CA LYS D 529 -16.98 7.71 -41.55
C LYS D 529 -17.90 8.47 -42.49
N ALA D 530 -18.41 7.80 -43.54
CA ALA D 530 -19.25 8.45 -44.53
C ALA D 530 -20.59 8.85 -43.96
N ILE D 531 -21.22 7.96 -43.20
CA ILE D 531 -22.52 8.29 -42.61
C ILE D 531 -22.35 9.33 -41.50
N ALA D 532 -21.18 9.38 -40.85
CA ALA D 532 -20.95 10.45 -39.88
C ALA D 532 -20.75 11.79 -40.57
N ASN D 533 -20.13 11.78 -41.75
CA ASN D 533 -19.90 13.02 -42.49
C ASN D 533 -21.19 13.54 -43.11
N GLU D 534 -22.05 12.63 -43.56
CA GLU D 534 -23.31 12.99 -44.20
C GLU D 534 -24.21 13.79 -43.27
N CYS D 535 -24.52 13.24 -42.10
CA CYS D 535 -25.37 13.91 -41.11
C CYS D 535 -24.67 15.04 -40.36
N GLN D 536 -23.39 15.31 -40.65
CA GLN D 536 -22.57 16.36 -40.04
C GLN D 536 -22.44 16.18 -38.53
N ALA D 537 -22.43 14.93 -38.07
CA ALA D 537 -22.28 14.59 -36.67
C ALA D 537 -20.85 14.17 -36.40
N ASN D 538 -20.43 14.38 -35.15
CA ASN D 538 -19.07 14.08 -34.72
C ASN D 538 -18.79 12.58 -34.76
N PHE D 539 -17.52 12.23 -34.79
CA PHE D 539 -17.10 10.85 -34.97
C PHE D 539 -16.03 10.51 -33.95
N ILE D 540 -16.18 9.36 -33.30
CA ILE D 540 -15.24 8.88 -32.30
C ILE D 540 -14.91 7.44 -32.64
N SER D 541 -13.63 7.12 -32.73
CA SER D 541 -13.21 5.78 -33.12
C SER D 541 -12.33 5.18 -32.04
N ILE D 542 -12.60 3.94 -31.67
CA ILE D 542 -11.88 3.23 -30.62
C ILE D 542 -11.39 1.94 -31.25
N LYS D 543 -10.10 1.89 -31.57
CA LYS D 543 -9.51 0.73 -32.25
C LYS D 543 -9.38 -0.45 -31.31
N GLY D 544 -8.79 -1.53 -31.83
CA GLY D 544 -8.56 -2.74 -31.07
C GLY D 544 -7.55 -2.60 -29.94
N PRO D 545 -6.30 -2.12 -30.22
CA PRO D 545 -5.31 -1.90 -29.15
C PRO D 545 -5.76 -1.14 -27.91
N GLU D 546 -6.73 -0.23 -28.00
CA GLU D 546 -7.23 0.46 -26.81
C GLU D 546 -7.99 -0.49 -25.90
N LEU D 547 -8.86 -1.32 -26.49
CA LEU D 547 -9.58 -2.34 -25.73
C LEU D 547 -8.62 -3.37 -25.16
N LEU D 548 -7.59 -3.74 -25.92
CA LEU D 548 -6.61 -4.69 -25.42
C LEU D 548 -5.75 -4.09 -24.30
N THR D 549 -5.46 -2.80 -24.36
CA THR D 549 -4.78 -2.11 -23.29
C THR D 549 -5.63 -2.10 -22.02
N MET D 550 -6.94 -1.94 -22.18
CA MET D 550 -7.84 -2.03 -21.02
C MET D 550 -7.95 -3.45 -20.50
N TRP D 551 -7.73 -4.45 -21.36
CA TRP D 551 -7.82 -5.84 -20.93
C TRP D 551 -6.60 -6.28 -20.15
N PHE D 552 -5.41 -6.08 -20.73
CA PHE D 552 -4.16 -6.46 -20.09
C PHE D 552 -3.95 -5.67 -18.79
N GLY D 553 -4.03 -4.34 -18.88
CA GLY D 553 -3.88 -3.46 -17.73
C GLY D 553 -4.91 -3.62 -16.62
N GLU D 554 -6.00 -4.36 -16.87
CA GLU D 554 -7.07 -4.70 -15.91
C GLU D 554 -7.73 -3.43 -15.37
N SER D 555 -7.94 -2.47 -16.25
CA SER D 555 -8.54 -1.18 -15.90
C SER D 555 -9.65 -0.91 -16.89
N GLU D 556 -10.81 -1.52 -16.65
CA GLU D 556 -11.97 -1.33 -17.50
C GLU D 556 -12.86 -0.21 -16.98
N ALA D 557 -12.38 0.56 -16.01
CA ALA D 557 -13.06 1.75 -15.53
C ALA D 557 -12.93 2.95 -16.46
N ASN D 558 -12.26 2.80 -17.61
CA ASN D 558 -12.11 3.90 -18.53
C ASN D 558 -13.14 3.89 -19.64
N VAL D 559 -13.97 2.84 -19.71
CA VAL D 559 -15.08 2.82 -20.66
C VAL D 559 -16.09 3.88 -20.28
N ARG D 560 -16.21 4.12 -18.96
CA ARG D 560 -17.07 5.16 -18.41
C ARG D 560 -16.68 6.52 -18.96
N GLU D 561 -15.37 6.79 -19.12
CA GLU D 561 -14.96 8.05 -19.71
C GLU D 561 -15.37 8.18 -21.16
N ILE D 562 -15.21 7.10 -21.96
CA ILE D 562 -15.49 7.09 -23.41
C ILE D 562 -16.88 7.60 -23.71
N PHE D 563 -17.89 6.97 -23.09
CA PHE D 563 -19.28 7.32 -23.34
C PHE D 563 -19.59 8.74 -22.90
N ASP D 564 -18.90 9.23 -21.83
CA ASP D 564 -19.08 10.59 -21.33
C ASP D 564 -18.79 11.60 -22.42
N LYS D 565 -17.72 11.35 -23.20
CA LYS D 565 -17.34 12.28 -24.25
C LYS D 565 -18.38 12.26 -25.33
N ALA D 566 -18.82 11.03 -25.71
CA ALA D 566 -19.93 10.80 -26.62
C ALA D 566 -21.16 11.58 -26.20
N ARG D 567 -21.41 11.64 -24.89
CA ARG D 567 -22.60 12.34 -24.43
C ARG D 567 -22.41 13.84 -24.55
N GLN D 568 -21.26 14.36 -24.10
CA GLN D 568 -21.06 15.80 -24.10
C GLN D 568 -20.83 16.40 -25.49
N ALA D 569 -20.62 15.57 -26.51
CA ALA D 569 -20.42 16.01 -27.88
C ALA D 569 -21.55 15.57 -28.79
N ALA D 570 -22.77 15.51 -28.27
CA ALA D 570 -23.88 15.04 -29.08
C ALA D 570 -24.29 16.10 -30.12
N PRO D 571 -24.74 15.68 -31.32
CA PRO D 571 -24.89 14.32 -31.88
C PRO D 571 -23.55 13.70 -32.24
N CYS D 572 -23.47 12.37 -32.30
CA CYS D 572 -22.18 11.72 -32.44
C CYS D 572 -22.37 10.33 -33.01
N VAL D 573 -21.25 9.69 -33.34
CA VAL D 573 -21.20 8.30 -33.78
C VAL D 573 -20.05 7.65 -33.03
N LEU D 574 -20.34 6.57 -32.31
CA LEU D 574 -19.34 5.85 -31.54
C LEU D 574 -19.06 4.55 -32.28
N PHE D 575 -17.85 4.40 -32.78
CA PHE D 575 -17.50 3.28 -33.63
C PHE D 575 -16.51 2.37 -32.92
N PHE D 576 -16.87 1.12 -32.73
CA PHE D 576 -16.02 0.10 -32.13
C PHE D 576 -15.62 -0.88 -33.22
N ASP D 577 -14.42 -0.75 -33.74
CA ASP D 577 -13.93 -1.73 -34.69
C ASP D 577 -13.04 -2.72 -33.95
N GLU D 578 -12.87 -3.90 -34.55
CA GLU D 578 -12.16 -5.05 -33.98
C GLU D 578 -12.71 -5.39 -32.60
N LEU D 579 -14.00 -5.72 -32.59
CA LEU D 579 -14.72 -6.07 -31.38
C LEU D 579 -14.43 -7.51 -30.96
N ASP D 580 -13.83 -8.30 -31.85
CA ASP D 580 -13.44 -9.67 -31.59
C ASP D 580 -11.97 -9.79 -31.20
N SER D 581 -11.34 -8.68 -30.82
CA SER D 581 -9.93 -8.68 -30.46
C SER D 581 -9.66 -9.46 -29.19
N ILE D 582 -10.42 -9.17 -28.12
CA ILE D 582 -10.23 -9.80 -26.83
C ILE D 582 -10.65 -11.26 -26.88
N ALA D 583 -11.73 -11.56 -27.62
CA ALA D 583 -12.20 -12.93 -27.80
C ALA D 583 -11.21 -13.79 -28.55
N LYS D 584 -10.34 -13.20 -29.35
CA LYS D 584 -9.32 -13.91 -30.11
C LYS D 584 -8.01 -13.98 -29.34
N ALA D 585 -7.76 -13.01 -28.45
CA ALA D 585 -6.55 -12.97 -27.65
C ALA D 585 -6.45 -14.19 -26.72
N ARG D 586 -7.54 -14.53 -26.06
CA ARG D 586 -7.55 -15.69 -25.16
C ARG D 586 -8.01 -16.92 -25.94
N GLY D 587 -7.16 -17.35 -26.86
CA GLY D 587 -7.45 -18.50 -27.69
C GLY D 587 -8.38 -18.17 -28.83
N GLY D 588 -8.43 -19.08 -29.80
CA GLY D 588 -9.33 -18.91 -30.93
C GLY D 588 -10.74 -19.36 -30.63
N ASN D 589 -11.34 -20.17 -31.51
CA ASN D 589 -12.65 -20.73 -31.22
C ASN D 589 -12.60 -21.73 -30.07
N ILE D 590 -11.46 -22.41 -29.89
CA ILE D 590 -11.32 -23.35 -28.79
C ILE D 590 -11.17 -22.61 -27.46
N GLY D 591 -10.53 -21.45 -27.47
CA GLY D 591 -10.29 -20.54 -26.36
C GLY D 591 -9.62 -21.20 -25.18
N ASP D 592 -9.92 -20.67 -24.00
N ASP D 592 -9.89 -20.65 -24.00
CA ASP D 592 -9.47 -21.21 -22.73
CA ASP D 592 -9.45 -21.20 -22.74
C ASP D 592 -10.59 -22.05 -22.12
C ASP D 592 -10.56 -22.07 -22.13
N GLY D 593 -10.40 -22.45 -20.86
CA GLY D 593 -11.45 -23.14 -20.13
C GLY D 593 -12.71 -22.33 -19.87
N GLY D 594 -12.63 -20.99 -19.94
CA GLY D 594 -13.75 -20.13 -19.68
C GLY D 594 -14.80 -20.14 -20.79
N GLY D 595 -15.72 -19.19 -20.68
CA GLY D 595 -16.82 -19.07 -21.61
C GLY D 595 -16.63 -17.97 -22.62
N ALA D 596 -17.65 -17.13 -22.79
CA ALA D 596 -17.59 -16.05 -23.77
C ALA D 596 -17.72 -14.67 -23.13
N ALA D 597 -17.73 -14.59 -21.80
CA ALA D 597 -17.88 -13.33 -21.10
C ALA D 597 -16.52 -12.79 -20.70
N ASP D 598 -16.29 -11.50 -20.95
CA ASP D 598 -15.05 -10.83 -20.63
C ASP D 598 -15.37 -9.56 -19.87
N ARG D 599 -14.35 -8.84 -19.45
CA ARG D 599 -14.53 -7.69 -18.57
C ARG D 599 -14.98 -6.45 -19.33
N VAL D 600 -14.26 -6.13 -20.40
CA VAL D 600 -14.45 -4.86 -21.11
C VAL D 600 -15.78 -4.84 -21.84
N ILE D 601 -16.13 -5.93 -22.51
CA ILE D 601 -17.40 -6.03 -23.24
C ILE D 601 -18.58 -5.99 -22.27
N ASN D 602 -18.39 -6.53 -21.06
CA ASN D 602 -19.38 -6.42 -20.00
C ASN D 602 -19.61 -4.97 -19.61
N GLN D 603 -18.51 -4.21 -19.50
CA GLN D 603 -18.63 -2.79 -19.19
C GLN D 603 -19.33 -2.03 -20.31
N ILE D 604 -19.11 -2.46 -21.55
CA ILE D 604 -19.78 -1.86 -22.70
C ILE D 604 -21.29 -2.10 -22.63
N LEU D 605 -21.69 -3.35 -22.34
CA LEU D 605 -23.11 -3.70 -22.14
C LEU D 605 -23.76 -2.86 -21.05
N THR D 606 -23.09 -2.78 -19.89
CA THR D 606 -23.56 -2.00 -18.75
C THR D 606 -23.75 -0.53 -19.10
N GLU D 607 -22.73 0.09 -19.70
CA GLU D 607 -22.76 1.50 -20.03
C GLU D 607 -23.69 1.80 -21.19
N MET D 608 -23.96 0.82 -22.05
CA MET D 608 -24.80 1.03 -23.21
C MET D 608 -26.28 0.92 -22.84
N ASP D 609 -26.61 -0.02 -21.95
CA ASP D 609 -27.99 -0.18 -21.51
C ASP D 609 -28.51 1.06 -20.79
N GLY D 610 -27.70 1.64 -19.91
CA GLY D 610 -28.15 2.76 -19.13
C GLY D 610 -27.82 4.14 -19.68
N MET D 611 -28.38 4.49 -20.84
CA MET D 611 -28.24 5.84 -21.37
C MET D 611 -29.58 6.30 -21.89
N SER D 612 -29.65 7.59 -22.25
CA SER D 612 -30.89 8.25 -22.66
C SER D 612 -31.51 7.62 -23.89
N THR D 613 -32.85 7.51 -23.88
CA THR D 613 -33.57 6.97 -25.03
C THR D 613 -33.60 7.91 -26.22
N LYS D 614 -33.39 9.21 -26.01
CA LYS D 614 -33.31 10.17 -27.11
C LYS D 614 -32.18 11.14 -26.73
N LYS D 615 -30.98 10.84 -27.22
CA LYS D 615 -29.84 11.72 -27.06
C LYS D 615 -29.11 11.93 -28.37
N ASN D 616 -29.51 11.20 -29.44
CA ASN D 616 -28.88 11.19 -30.76
C ASN D 616 -27.41 10.81 -30.65
N VAL D 617 -27.17 9.58 -30.20
CA VAL D 617 -25.86 8.95 -30.22
C VAL D 617 -26.03 7.56 -30.79
N PHE D 618 -25.40 7.30 -31.93
CA PHE D 618 -25.52 6.04 -32.66
C PHE D 618 -24.25 5.24 -32.46
N ILE D 619 -24.39 3.96 -32.14
CA ILE D 619 -23.27 3.10 -31.80
C ILE D 619 -23.13 2.03 -32.87
N ILE D 620 -21.93 1.90 -33.43
CA ILE D 620 -21.66 0.97 -34.53
C ILE D 620 -20.56 0.00 -34.08
N GLY D 621 -20.74 -1.27 -34.39
CA GLY D 621 -19.74 -2.27 -34.13
C GLY D 621 -19.31 -2.94 -35.41
N ALA D 622 -18.13 -3.55 -35.43
CA ALA D 622 -17.64 -4.19 -36.63
C ALA D 622 -16.75 -5.36 -36.23
N THR D 623 -16.93 -6.50 -36.88
CA THR D 623 -16.19 -7.71 -36.56
C THR D 623 -16.20 -8.64 -37.77
N ASN D 624 -15.06 -9.28 -38.03
CA ASN D 624 -14.96 -10.21 -39.14
C ASN D 624 -14.95 -11.66 -38.68
N ARG D 625 -15.13 -11.91 -37.39
CA ARG D 625 -15.32 -13.25 -36.84
C ARG D 625 -16.63 -13.23 -36.06
N PRO D 626 -17.78 -13.28 -36.75
CA PRO D 626 -19.06 -13.03 -36.08
C PRO D 626 -19.52 -14.12 -35.12
N ASP D 627 -18.87 -15.29 -35.10
CA ASP D 627 -19.37 -16.39 -34.30
C ASP D 627 -18.81 -16.39 -32.89
N ILE D 628 -17.60 -15.90 -32.66
CA ILE D 628 -16.97 -15.99 -31.36
C ILE D 628 -17.26 -14.75 -30.52
N ILE D 629 -18.22 -13.94 -30.95
CA ILE D 629 -18.64 -12.79 -30.18
C ILE D 629 -19.70 -13.24 -29.18
N ASP D 630 -19.82 -12.50 -28.09
CA ASP D 630 -20.77 -12.81 -27.03
C ASP D 630 -22.19 -12.56 -27.53
N PRO D 631 -23.07 -13.59 -27.58
CA PRO D 631 -24.44 -13.38 -28.05
C PRO D 631 -25.31 -12.48 -27.17
N ALA D 632 -24.87 -12.10 -25.98
CA ALA D 632 -25.63 -11.20 -25.11
C ALA D 632 -25.66 -9.76 -25.60
N ILE D 633 -24.91 -9.42 -26.65
CA ILE D 633 -24.95 -8.07 -27.21
C ILE D 633 -25.95 -7.97 -28.36
N LEU D 634 -26.39 -9.10 -28.90
CA LEU D 634 -27.34 -9.10 -30.00
C LEU D 634 -28.79 -9.05 -29.52
N ARG D 635 -29.01 -8.88 -28.22
CA ARG D 635 -30.34 -8.75 -27.65
C ARG D 635 -30.86 -7.33 -27.87
N PRO D 636 -32.20 -7.13 -27.90
CA PRO D 636 -32.76 -5.78 -28.06
C PRO D 636 -32.30 -4.77 -27.01
N GLY D 637 -32.37 -3.50 -27.39
CA GLY D 637 -31.77 -2.45 -26.59
C GLY D 637 -30.26 -2.34 -26.74
N ARG D 638 -29.66 -3.13 -27.61
CA ARG D 638 -28.22 -3.17 -27.85
C ARG D 638 -28.05 -3.30 -29.36
N LEU D 639 -26.86 -3.69 -29.81
CA LEU D 639 -26.58 -3.82 -31.24
C LEU D 639 -27.35 -5.00 -31.82
N ASP D 640 -28.49 -4.72 -32.47
CA ASP D 640 -29.40 -5.78 -32.90
C ASP D 640 -29.85 -5.61 -34.34
N GLN D 641 -29.03 -5.02 -35.20
CA GLN D 641 -29.33 -4.86 -36.62
C GLN D 641 -28.12 -5.34 -37.41
N LEU D 642 -28.05 -6.64 -37.69
CA LEU D 642 -26.88 -7.19 -38.34
C LEU D 642 -26.90 -6.87 -39.83
N ILE D 643 -25.77 -6.41 -40.35
CA ILE D 643 -25.60 -6.07 -41.77
C ILE D 643 -24.38 -6.82 -42.28
N TYR D 644 -24.46 -7.33 -43.52
CA TYR D 644 -23.44 -8.18 -44.11
C TYR D 644 -22.75 -7.42 -45.23
N ILE D 645 -21.45 -7.22 -45.10
CA ILE D 645 -20.64 -6.55 -46.13
C ILE D 645 -19.90 -7.59 -46.93
N PRO D 646 -20.34 -7.93 -48.15
CA PRO D 646 -19.75 -9.05 -48.88
C PRO D 646 -18.58 -8.63 -49.77
N LEU D 647 -17.93 -9.65 -50.34
CA LEU D 647 -16.85 -9.42 -51.30
C LEU D 647 -17.42 -8.80 -52.57
N PRO D 648 -16.68 -7.92 -53.23
CA PRO D 648 -17.23 -7.19 -54.39
C PRO D 648 -17.45 -8.08 -55.61
N ASP D 649 -18.06 -7.47 -56.62
CA ASP D 649 -18.25 -8.06 -57.92
C ASP D 649 -17.66 -7.08 -58.94
N GLU D 650 -17.64 -7.49 -60.23
CA GLU D 650 -16.94 -6.76 -61.28
C GLU D 650 -17.46 -5.34 -61.47
N LYS D 651 -18.80 -5.17 -61.49
CA LYS D 651 -19.44 -3.86 -61.60
C LYS D 651 -19.05 -2.94 -60.45
N SER D 652 -18.76 -3.52 -59.28
CA SER D 652 -18.28 -2.77 -58.13
C SER D 652 -16.78 -2.61 -58.12
N ARG D 653 -16.03 -3.60 -58.65
CA ARG D 653 -14.57 -3.51 -58.72
C ARG D 653 -14.13 -2.36 -59.62
N VAL D 654 -14.87 -2.13 -60.72
CA VAL D 654 -14.61 -0.99 -61.59
C VAL D 654 -14.72 0.32 -60.80
N ALA D 655 -15.77 0.43 -59.98
CA ALA D 655 -15.98 1.63 -59.18
C ALA D 655 -14.91 1.81 -58.12
N ILE D 656 -14.47 0.71 -57.50
CA ILE D 656 -13.41 0.75 -56.49
C ILE D 656 -12.11 1.24 -57.12
N LEU D 657 -11.76 0.68 -58.29
CA LEU D 657 -10.54 1.07 -59.00
C LEU D 657 -10.58 2.53 -59.43
N LYS D 658 -11.73 3.00 -59.94
CA LYS D 658 -11.86 4.40 -60.33
C LYS D 658 -11.72 5.33 -59.12
N ALA D 659 -12.35 4.95 -58.00
CA ALA D 659 -12.28 5.74 -56.78
C ALA D 659 -10.86 5.81 -56.23
N ASN D 660 -10.11 4.72 -56.33
CA ASN D 660 -8.73 4.75 -55.86
C ASN D 660 -7.84 5.58 -56.78
N LEU D 661 -8.00 5.43 -58.09
CA LEU D 661 -7.10 6.09 -59.04
C LEU D 661 -7.44 7.55 -59.32
N ARG D 662 -8.61 8.05 -58.89
CA ARG D 662 -9.02 9.43 -59.18
C ARG D 662 -8.08 10.52 -58.63
N LYS D 663 -7.17 10.20 -57.71
CA LYS D 663 -6.30 11.20 -57.11
C LYS D 663 -4.98 11.36 -57.85
N SER D 664 -4.56 10.36 -58.62
CA SER D 664 -3.25 10.37 -59.25
C SER D 664 -3.36 10.45 -60.77
N PRO D 665 -2.39 11.09 -61.45
CA PRO D 665 -2.42 11.16 -62.92
C PRO D 665 -2.11 9.84 -63.62
N VAL D 666 -3.10 9.27 -64.29
CA VAL D 666 -2.96 8.02 -65.02
C VAL D 666 -3.31 8.28 -66.48
N ALA D 667 -2.59 7.63 -67.40
CA ALA D 667 -2.78 7.78 -68.84
C ALA D 667 -4.14 7.27 -69.29
N LYS D 668 -4.43 7.47 -70.57
CA LYS D 668 -5.73 7.12 -71.13
C LYS D 668 -5.75 5.79 -71.86
N ASP D 669 -4.59 5.17 -72.13
CA ASP D 669 -4.58 3.93 -72.88
C ASP D 669 -4.92 2.71 -72.03
N VAL D 670 -4.91 2.84 -70.71
CA VAL D 670 -5.20 1.73 -69.82
C VAL D 670 -6.71 1.50 -69.76
N ASP D 671 -7.12 0.24 -69.86
CA ASP D 671 -8.52 -0.16 -69.84
C ASP D 671 -8.80 -0.82 -68.49
N LEU D 672 -9.67 -0.19 -67.69
CA LEU D 672 -9.91 -0.69 -66.35
C LEU D 672 -10.76 -1.96 -66.33
N GLU D 673 -11.71 -2.09 -67.27
CA GLU D 673 -12.65 -3.22 -67.28
C GLU D 673 -11.97 -4.57 -67.40
N PHE D 674 -10.81 -4.63 -68.05
CA PHE D 674 -10.12 -5.90 -68.22
C PHE D 674 -9.39 -6.28 -66.93
N LEU D 675 -8.71 -5.29 -66.34
CA LEU D 675 -8.04 -5.48 -65.07
C LEU D 675 -9.06 -5.82 -63.97
N ALA D 676 -10.26 -5.28 -64.08
CA ALA D 676 -11.32 -5.55 -63.12
C ALA D 676 -11.80 -6.99 -63.23
N LYS D 677 -12.14 -7.45 -64.45
CA LYS D 677 -12.61 -8.82 -64.61
C LYS D 677 -11.52 -9.86 -64.38
N MET D 678 -10.24 -9.48 -64.50
CA MET D 678 -9.18 -10.44 -64.25
C MET D 678 -9.05 -10.80 -62.77
N THR D 679 -9.35 -9.88 -61.87
CA THR D 679 -9.24 -10.11 -60.44
C THR D 679 -10.59 -10.58 -59.91
N ASN D 680 -10.74 -11.88 -59.73
CA ASN D 680 -11.96 -12.45 -59.20
C ASN D 680 -11.72 -12.85 -57.75
N GLY D 681 -12.67 -12.52 -56.87
CA GLY D 681 -12.53 -12.80 -55.46
C GLY D 681 -11.58 -11.90 -54.72
N PHE D 682 -11.10 -10.83 -55.34
CA PHE D 682 -10.21 -9.91 -54.68
C PHE D 682 -10.97 -9.01 -53.72
N SER D 683 -10.42 -8.84 -52.52
CA SER D 683 -11.01 -7.92 -51.55
C SER D 683 -10.53 -6.51 -51.84
N GLY D 684 -11.43 -5.53 -51.62
CA GLY D 684 -11.17 -4.13 -51.92
C GLY D 684 -9.91 -3.53 -51.31
N ALA D 685 -9.44 -4.07 -50.19
CA ALA D 685 -8.19 -3.65 -49.59
C ALA D 685 -6.97 -4.20 -50.29
N ASP D 686 -7.17 -5.05 -51.30
CA ASP D 686 -6.06 -5.56 -52.10
C ASP D 686 -5.98 -4.88 -53.46
N LEU D 687 -7.09 -4.41 -54.01
CA LEU D 687 -7.01 -3.59 -55.21
C LEU D 687 -6.39 -2.22 -54.96
N THR D 688 -6.28 -1.79 -53.71
CA THR D 688 -5.72 -0.49 -53.39
C THR D 688 -4.22 -0.53 -53.20
N GLU D 689 -3.60 -1.70 -53.11
CA GLU D 689 -2.14 -1.76 -53.07
C GLU D 689 -1.51 -1.94 -54.44
N ILE D 690 -2.27 -2.45 -55.41
CA ILE D 690 -1.82 -2.50 -56.80
C ILE D 690 -1.50 -1.09 -57.30
N CYS D 691 -2.37 -0.13 -56.96
CA CYS D 691 -2.15 1.27 -57.29
C CYS D 691 -0.88 1.79 -56.64
N GLN D 692 -0.66 1.44 -55.36
CA GLN D 692 0.54 1.86 -54.63
C GLN D 692 1.80 1.31 -55.27
N ARG D 693 1.76 0.03 -55.67
CA ARG D 693 2.93 -0.60 -56.29
C ARG D 693 3.26 0.03 -57.64
N ALA D 694 2.21 0.31 -58.43
CA ALA D 694 2.39 0.99 -59.72
C ALA D 694 3.02 2.37 -59.54
N CYS D 695 2.54 3.13 -58.56
CA CYS D 695 3.12 4.45 -58.30
C CYS D 695 4.55 4.37 -57.80
N LYS D 696 4.89 3.33 -57.01
CA LYS D 696 6.29 3.18 -56.57
C LYS D 696 7.21 2.89 -57.75
N LEU D 697 6.77 2.02 -58.67
CA LEU D 697 7.53 1.75 -59.89
C LEU D 697 7.74 3.02 -60.71
N ALA D 698 6.67 3.83 -60.83
CA ALA D 698 6.76 5.08 -61.59
C ALA D 698 7.75 6.06 -60.96
N ILE D 699 7.69 6.21 -59.63
CA ILE D 699 8.57 7.13 -58.92
C ILE D 699 10.02 6.68 -59.03
N ARG D 700 10.26 5.35 -58.97
CA ARG D 700 11.61 4.79 -59.14
C ARG D 700 12.15 5.11 -60.52
N GLU D 701 11.32 4.89 -61.56
CA GLU D 701 11.71 5.17 -62.95
C GLU D 701 12.05 6.64 -63.15
N SER D 702 11.23 7.54 -62.58
CA SER D 702 11.43 8.97 -62.74
C SER D 702 12.71 9.45 -62.07
N ILE D 703 12.98 9.00 -60.83
CA ILE D 703 14.20 9.38 -60.12
C ILE D 703 15.43 8.85 -60.86
N GLU D 704 15.33 7.62 -61.39
CA GLU D 704 16.42 7.01 -62.15
C GLU D 704 16.75 7.84 -63.40
N SER D 705 15.72 8.26 -64.14
CA SER D 705 15.96 9.03 -65.35
C SER D 705 16.51 10.43 -65.04
N GLU D 706 16.01 11.06 -63.97
CA GLU D 706 16.54 12.36 -63.53
C GLU D 706 18.02 12.27 -63.17
N ILE D 707 18.40 11.22 -62.43
CA ILE D 707 19.80 11.02 -62.05
C ILE D 707 20.65 10.73 -63.29
N ARG D 708 20.10 10.00 -64.26
CA ARG D 708 20.82 9.71 -65.51
C ARG D 708 21.11 10.99 -66.28
N ARG D 709 20.14 11.92 -66.30
CA ARG D 709 20.35 13.20 -66.97
C ARG D 709 21.38 14.04 -66.21
N GLU D 710 21.27 14.08 -64.87
CA GLU D 710 22.19 14.87 -64.04
C GLU D 710 23.62 14.34 -64.12
N ARG D 711 23.79 13.05 -64.37
CA ARG D 711 25.12 12.45 -64.39
C ARG D 711 25.68 12.30 -65.80
N GLU D 712 24.81 12.37 -66.83
CA GLU D 712 25.23 12.18 -68.21
C GLU D 712 26.14 13.31 -68.70
N ARG D 713 25.62 14.54 -68.70
CA ARG D 713 26.39 15.67 -69.21
C ARG D 713 27.10 16.47 -68.11
N GLN D 714 26.45 16.69 -66.97
CA GLN D 714 26.93 17.59 -65.93
C GLN D 714 28.05 17.02 -65.07
N THR D 715 28.66 15.89 -65.45
CA THR D 715 29.85 15.35 -64.78
C THR D 715 30.98 15.20 -65.80
N GLU D 723 15.60 20.83 -73.42
CA GLU D 723 16.29 20.04 -72.40
C GLU D 723 15.36 19.71 -71.25
N GLU D 724 14.12 20.17 -71.33
CA GLU D 724 13.04 19.72 -70.46
C GLU D 724 12.16 18.81 -71.31
N ASP D 725 12.53 17.53 -71.36
CA ASP D 725 11.76 16.48 -72.02
C ASP D 725 11.41 15.46 -70.95
N ASP D 726 10.21 15.62 -70.36
CA ASP D 726 9.68 14.78 -69.29
C ASP D 726 9.68 13.31 -69.70
N PRO D 727 10.45 12.45 -69.00
CA PRO D 727 10.50 11.01 -69.36
C PRO D 727 9.15 10.31 -69.38
N VAL D 728 8.39 10.41 -68.29
CA VAL D 728 6.98 10.05 -68.22
C VAL D 728 6.38 10.81 -67.03
N PRO D 729 5.29 11.53 -67.24
CA PRO D 729 4.66 12.26 -66.13
C PRO D 729 3.53 11.52 -65.45
N GLU D 730 3.23 10.30 -65.89
CA GLU D 730 2.08 9.55 -65.40
C GLU D 730 2.42 8.06 -65.42
N ILE D 731 1.43 7.24 -65.15
CA ILE D 731 1.55 5.79 -65.15
C ILE D 731 1.01 5.27 -66.48
N ARG D 732 1.64 4.20 -66.99
CA ARG D 732 1.21 3.63 -68.25
C ARG D 732 0.90 2.15 -68.10
N ARG D 733 0.68 1.45 -69.21
CA ARG D 733 0.24 0.06 -69.17
C ARG D 733 1.32 -0.88 -68.62
N ASP D 734 2.58 -0.59 -68.93
CA ASP D 734 3.67 -1.49 -68.55
C ASP D 734 3.89 -1.51 -67.05
N HIS D 735 3.74 -0.34 -66.39
CA HIS D 735 3.85 -0.28 -64.93
C HIS D 735 2.77 -1.12 -64.27
N PHE D 736 1.54 -1.05 -64.80
CA PHE D 736 0.45 -1.85 -64.26
C PHE D 736 0.67 -3.34 -64.50
N GLU D 737 1.26 -3.71 -65.64
CA GLU D 737 1.58 -5.11 -65.91
C GLU D 737 2.62 -5.65 -64.94
N GLU D 738 3.70 -4.86 -64.70
CA GLU D 738 4.74 -5.26 -63.76
C GLU D 738 4.21 -5.38 -62.34
N ALA D 739 3.38 -4.43 -61.93
CA ALA D 739 2.77 -4.49 -60.60
C ALA D 739 1.75 -5.62 -60.50
N MET D 740 1.04 -5.91 -61.59
CA MET D 740 0.00 -6.93 -61.57
C MET D 740 0.59 -8.34 -61.52
N ARG D 741 1.82 -8.54 -61.99
CA ARG D 741 2.47 -9.86 -61.81
C ARG D 741 2.76 -10.20 -60.32
N PHE D 742 2.56 -9.27 -59.38
CA PHE D 742 2.68 -9.47 -57.95
C PHE D 742 1.32 -9.54 -57.26
N ALA D 743 0.28 -9.94 -57.99
CA ALA D 743 -1.09 -9.94 -57.46
C ALA D 743 -1.28 -11.07 -56.46
N ARG D 744 -1.91 -10.74 -55.33
CA ARG D 744 -2.05 -11.66 -54.21
C ARG D 744 -3.47 -11.65 -53.69
N ARG D 745 -4.07 -12.83 -53.52
CA ARG D 745 -5.36 -12.87 -52.86
C ARG D 745 -5.16 -12.73 -51.35
N SER D 746 -6.25 -12.54 -50.63
CA SER D 746 -6.11 -12.40 -49.19
C SER D 746 -7.17 -13.16 -48.40
N VAL D 747 -8.14 -13.78 -49.07
CA VAL D 747 -9.18 -14.56 -48.39
C VAL D 747 -9.34 -15.85 -49.20
N SER D 748 -9.44 -16.98 -48.51
CA SER D 748 -9.58 -18.28 -49.14
C SER D 748 -11.05 -18.60 -49.39
N ASP D 749 -11.29 -19.72 -50.08
CA ASP D 749 -12.65 -20.16 -50.38
C ASP D 749 -13.37 -20.63 -49.11
N ASN D 750 -12.64 -21.31 -48.22
CA ASN D 750 -13.22 -21.85 -46.99
C ASN D 750 -13.77 -20.76 -46.09
N ASP D 751 -13.12 -19.59 -46.09
CA ASP D 751 -13.56 -18.47 -45.26
C ASP D 751 -14.90 -17.93 -45.77
N ILE D 752 -15.04 -17.81 -47.10
CA ILE D 752 -16.30 -17.40 -47.73
C ILE D 752 -17.39 -18.39 -47.41
N ARG D 753 -17.07 -19.68 -47.46
CA ARG D 753 -18.06 -20.70 -47.15
C ARG D 753 -18.46 -20.65 -45.68
N LYS D 754 -17.54 -20.28 -44.78
CA LYS D 754 -17.86 -20.12 -43.37
C LYS D 754 -18.83 -18.96 -43.14
N TYR D 755 -18.54 -17.82 -43.76
CA TYR D 755 -19.45 -16.66 -43.73
C TYR D 755 -20.82 -17.03 -44.31
N GLU D 756 -20.81 -17.87 -45.36
CA GLU D 756 -22.06 -18.24 -46.03
C GLU D 756 -22.87 -19.21 -45.18
N MET D 757 -22.20 -20.13 -44.44
CA MET D 757 -22.91 -20.94 -43.44
C MET D 757 -23.54 -20.06 -42.36
N PHE D 758 -22.81 -19.03 -41.90
CA PHE D 758 -23.38 -18.13 -40.89
C PHE D 758 -24.60 -17.38 -41.46
N ALA D 759 -24.51 -17.00 -42.74
CA ALA D 759 -25.58 -16.25 -43.39
C ALA D 759 -26.82 -17.13 -43.59
N GLN D 760 -26.61 -18.35 -44.11
CA GLN D 760 -27.72 -19.27 -44.31
C GLN D 760 -28.33 -19.67 -42.97
N THR D 761 -27.46 -19.96 -41.99
CA THR D 761 -27.93 -20.34 -40.63
C THR D 761 -28.07 -19.09 -39.76
N LEU D 762 -28.54 -17.97 -40.34
CA LEU D 762 -28.75 -16.77 -39.55
C LEU D 762 -29.98 -16.94 -38.67
N GLN D 763 -30.85 -17.90 -39.00
CA GLN D 763 -32.04 -18.20 -38.26
C GLN D 763 -31.77 -19.37 -37.33
N GLN D 764 -32.67 -19.53 -36.34
CA GLN D 764 -32.67 -20.61 -35.35
C GLN D 764 -31.37 -20.63 -34.55
N SER D 765 -31.04 -19.47 -33.96
CA SER D 765 -30.11 -19.41 -32.84
C SER D 765 -30.73 -18.75 -31.62
N ARG D 766 -30.96 -17.42 -31.66
CA ARG D 766 -31.16 -16.53 -30.49
C ARG D 766 -32.18 -16.92 -29.42
N LYS E 18 36.34 56.38 -50.28
CA LYS E 18 37.20 55.27 -49.92
C LYS E 18 36.38 53.98 -49.92
N GLN E 19 37.00 52.88 -50.34
CA GLN E 19 36.33 51.59 -50.41
C GLN E 19 36.70 50.78 -49.17
N LYS E 20 35.70 50.48 -48.35
CA LYS E 20 35.93 49.73 -47.12
C LYS E 20 34.90 48.63 -46.88
N ASN E 21 33.71 48.71 -47.47
CA ASN E 21 32.64 47.78 -47.14
C ASN E 21 32.89 46.40 -47.72
N ARG E 22 33.18 46.32 -49.02
CA ARG E 22 33.28 45.01 -49.67
C ARG E 22 34.65 44.34 -49.50
N PRO E 23 35.81 44.98 -49.72
CA PRO E 23 37.06 44.23 -49.53
C PRO E 23 37.54 44.15 -48.10
N ASN E 24 37.01 44.95 -47.17
CA ASN E 24 37.61 45.04 -45.84
C ASN E 24 36.58 44.89 -44.74
N ARG E 25 35.77 43.84 -44.81
CA ARG E 25 34.81 43.54 -43.76
C ARG E 25 34.63 42.03 -43.65
N LEU E 26 34.74 41.51 -42.42
CA LEU E 26 34.50 40.09 -42.14
C LEU E 26 33.81 39.98 -40.79
N ILE E 27 33.36 38.76 -40.49
CA ILE E 27 32.62 38.46 -39.26
C ILE E 27 33.38 37.39 -38.50
N VAL E 28 33.60 37.61 -37.19
CA VAL E 28 34.38 36.71 -36.36
C VAL E 28 33.60 35.43 -36.08
N ASP E 29 34.29 34.29 -36.04
CA ASP E 29 33.67 33.06 -35.55
C ASP E 29 34.74 32.21 -34.87
N GLU E 30 34.37 30.96 -34.52
CA GLU E 30 35.23 30.05 -33.79
C GLU E 30 36.45 29.65 -34.61
N ALA E 31 37.45 29.08 -33.93
CA ALA E 31 38.71 28.69 -34.55
C ALA E 31 38.91 27.19 -34.50
N ILE E 32 39.81 26.71 -35.36
CA ILE E 32 40.13 25.29 -35.45
C ILE E 32 41.60 25.09 -35.07
N ASN E 33 42.43 26.09 -35.33
CA ASN E 33 43.83 26.01 -34.95
C ASN E 33 44.02 26.59 -33.54
N GLU E 34 45.13 26.21 -32.90
CA GLU E 34 45.39 26.62 -31.54
C GLU E 34 46.49 27.66 -31.39
N ASP E 35 47.20 28.00 -32.46
CA ASP E 35 48.26 29.00 -32.39
C ASP E 35 47.66 30.40 -32.18
N ASN E 36 48.29 31.17 -31.30
CA ASN E 36 47.82 32.50 -30.94
C ASN E 36 48.18 33.58 -31.96
N SER E 37 48.66 33.21 -33.14
CA SER E 37 49.01 34.18 -34.17
C SER E 37 48.41 33.84 -35.52
N VAL E 38 47.92 32.63 -35.71
CA VAL E 38 47.39 32.20 -36.99
C VAL E 38 45.93 32.60 -37.05
N VAL E 39 45.58 33.38 -38.08
CA VAL E 39 44.20 33.73 -38.37
C VAL E 39 43.83 33.09 -39.70
N SER E 40 42.74 32.33 -39.70
CA SER E 40 42.37 31.51 -40.84
C SER E 40 41.22 32.11 -41.63
N LEU E 41 41.37 32.15 -42.95
CA LEU E 41 40.29 32.59 -43.82
C LEU E 41 40.33 31.80 -45.13
N SER E 42 39.32 32.02 -45.96
CA SER E 42 39.11 31.25 -47.19
C SER E 42 39.83 31.87 -48.38
N GLN E 43 40.18 31.00 -49.34
CA GLN E 43 40.97 31.40 -50.51
C GLN E 43 40.34 32.49 -51.40
N PRO E 44 39.01 32.49 -51.74
CA PRO E 44 38.45 33.62 -52.51
C PRO E 44 38.66 35.00 -51.89
N LYS E 45 38.41 35.13 -50.58
CA LYS E 45 38.70 36.39 -49.91
C LYS E 45 40.19 36.70 -49.93
N MET E 46 41.05 35.68 -49.86
CA MET E 46 42.48 35.92 -49.75
C MET E 46 43.05 36.42 -51.08
N ASP E 47 42.60 35.86 -52.20
CA ASP E 47 43.05 36.44 -53.46
C ASP E 47 42.22 37.64 -53.87
N GLU E 48 41.12 37.93 -53.16
CA GLU E 48 40.45 39.20 -53.33
C GLU E 48 41.17 40.33 -52.59
N LEU E 49 41.60 40.07 -51.35
CA LEU E 49 42.39 41.05 -50.58
C LEU E 49 43.79 41.27 -51.10
N GLN E 50 44.26 40.45 -52.05
CA GLN E 50 45.63 40.44 -52.60
C GLN E 50 46.64 40.13 -51.50
N LEU E 51 46.41 38.99 -50.84
CA LEU E 51 47.27 38.52 -49.75
C LEU E 51 47.68 37.08 -50.00
N PHE E 52 48.95 36.79 -49.75
CA PHE E 52 49.50 35.45 -49.86
C PHE E 52 49.68 34.88 -48.46
N ARG E 53 49.94 33.57 -48.40
CA ARG E 53 50.17 32.87 -47.14
C ARG E 53 51.38 33.42 -46.40
N GLY E 54 51.31 33.36 -45.07
CA GLY E 54 52.40 33.80 -44.22
C GLY E 54 52.57 35.30 -44.05
N ASP E 55 51.90 36.13 -44.87
CA ASP E 55 52.02 37.57 -44.76
C ASP E 55 51.35 38.05 -43.49
N THR E 56 52.05 38.88 -42.73
CA THR E 56 51.48 39.48 -41.54
C THR E 56 50.37 40.45 -41.95
N VAL E 57 49.22 40.35 -41.29
CA VAL E 57 48.04 41.12 -41.61
C VAL E 57 47.70 41.91 -40.37
N LEU E 58 46.97 43.02 -40.54
CA LEU E 58 46.65 43.92 -39.45
C LEU E 58 45.14 44.02 -39.26
N LEU E 59 44.69 43.83 -38.03
CA LEU E 59 43.27 43.81 -37.70
C LEU E 59 42.95 44.95 -36.76
N LYS E 60 41.88 45.68 -37.07
CA LYS E 60 41.32 46.72 -36.21
C LYS E 60 39.94 46.30 -35.75
N GLY E 61 39.66 46.50 -34.47
CA GLY E 61 38.39 46.09 -33.89
C GLY E 61 37.77 47.22 -33.10
N LYS E 62 36.98 46.85 -32.10
CA LYS E 62 36.29 47.82 -31.26
C LYS E 62 37.30 48.55 -30.39
N LYS E 63 36.98 49.82 -30.10
CA LYS E 63 37.79 50.69 -29.21
C LYS E 63 39.21 50.84 -29.76
N ARG E 64 39.33 51.16 -31.07
CA ARG E 64 40.63 51.45 -31.72
C ARG E 64 41.76 50.57 -31.17
N ARG E 65 41.50 49.27 -31.05
CA ARG E 65 42.52 48.28 -30.78
C ARG E 65 43.01 47.63 -32.07
N GLU E 66 44.28 47.24 -32.10
CA GLU E 66 44.90 46.67 -33.28
C GLU E 66 45.62 45.39 -32.91
N ALA E 67 45.88 44.58 -33.93
CA ALA E 67 46.65 43.35 -33.75
C ALA E 67 47.32 42.96 -35.05
N VAL E 68 48.49 42.36 -34.93
CA VAL E 68 49.28 41.89 -36.06
C VAL E 68 49.30 40.37 -35.99
N CYS E 69 49.00 39.70 -37.10
CA CYS E 69 48.87 38.25 -37.10
C CYS E 69 49.31 37.65 -38.41
N ILE E 70 50.01 36.51 -38.37
CA ILE E 70 50.25 35.78 -39.60
C ILE E 70 48.93 35.16 -40.09
N VAL E 71 48.81 35.02 -41.41
CA VAL E 71 47.54 34.64 -42.02
C VAL E 71 47.68 33.19 -42.51
N LEU E 72 46.53 32.53 -42.74
CA LEU E 72 46.51 31.17 -43.23
C LEU E 72 45.20 30.94 -43.96
N SER E 73 45.23 30.01 -44.91
CA SER E 73 44.07 29.66 -45.73
C SER E 73 43.47 28.33 -45.31
N ASP E 74 42.15 28.24 -45.47
CA ASP E 74 41.41 27.02 -45.16
C ASP E 74 40.28 26.95 -46.17
N ASP E 75 39.49 25.88 -46.11
CA ASP E 75 38.38 25.70 -47.03
C ASP E 75 37.02 25.66 -46.36
N ALA E 76 36.94 25.10 -45.15
CA ALA E 76 35.68 24.98 -44.41
C ALA E 76 35.26 26.31 -43.76
N CYS E 77 35.05 27.31 -44.61
CA CYS E 77 34.63 28.64 -44.19
C CYS E 77 33.69 29.19 -45.24
N SER E 78 33.04 30.30 -44.90
CA SER E 78 32.27 31.06 -45.86
C SER E 78 33.18 32.11 -46.49
N ASP E 79 32.58 33.06 -47.22
CA ASP E 79 33.34 34.13 -47.84
C ASP E 79 33.19 35.45 -47.09
N GLU E 80 32.72 35.42 -45.85
CA GLU E 80 32.73 36.62 -45.02
C GLU E 80 33.04 36.29 -43.57
N LYS E 81 33.44 35.06 -43.27
CA LYS E 81 33.76 34.65 -41.91
C LYS E 81 35.27 34.53 -41.75
N ILE E 82 35.75 34.93 -40.57
CA ILE E 82 37.16 34.86 -40.23
C ILE E 82 37.31 34.12 -38.91
N ARG E 83 38.22 33.15 -38.88
CA ARG E 83 38.40 32.31 -37.70
C ARG E 83 39.63 32.78 -36.94
N MET E 84 39.43 33.25 -35.72
CA MET E 84 40.51 33.70 -34.86
C MET E 84 40.41 33.03 -33.50
N ASN E 85 41.58 32.82 -32.88
CA ASN E 85 41.67 32.16 -31.59
C ASN E 85 41.13 33.09 -30.49
N ARG E 86 40.99 32.54 -29.28
CA ARG E 86 40.37 33.29 -28.19
C ARG E 86 41.27 34.42 -27.68
N VAL E 87 42.58 34.24 -27.77
CA VAL E 87 43.52 35.25 -27.26
C VAL E 87 43.47 36.50 -28.14
N VAL E 88 43.64 36.31 -29.46
CA VAL E 88 43.59 37.42 -30.40
C VAL E 88 42.20 38.08 -30.41
N ARG E 89 41.14 37.29 -30.27
CA ARG E 89 39.77 37.82 -30.21
C ARG E 89 39.59 38.71 -28.99
N ASN E 90 40.02 38.24 -27.82
CA ASN E 90 39.94 39.02 -26.59
C ASN E 90 40.88 40.21 -26.60
N ASN E 91 41.89 40.19 -27.46
CA ASN E 91 42.83 41.29 -27.56
C ASN E 91 42.27 42.49 -28.33
N LEU E 92 41.21 42.28 -29.12
CA LEU E 92 40.57 43.34 -29.89
C LEU E 92 39.32 43.89 -29.26
N ARG E 93 38.88 43.32 -28.13
CA ARG E 93 37.66 43.62 -27.37
C ARG E 93 36.38 43.19 -28.08
N VAL E 94 36.47 42.54 -29.24
CA VAL E 94 35.28 42.08 -29.95
C VAL E 94 34.81 40.77 -29.34
N ARG E 95 33.61 40.33 -29.72
CA ARG E 95 33.05 39.04 -29.38
C ARG E 95 32.60 38.40 -30.67
N LEU E 96 32.19 37.13 -30.59
CA LEU E 96 31.74 36.39 -31.76
C LEU E 96 30.51 37.06 -32.38
N GLY E 97 30.48 37.10 -33.70
CA GLY E 97 29.39 37.74 -34.40
C GLY E 97 29.59 39.22 -34.66
N ASP E 98 30.73 39.78 -34.27
CA ASP E 98 31.03 41.18 -34.53
C ASP E 98 31.82 41.32 -35.81
N VAL E 99 32.04 42.57 -36.23
CA VAL E 99 32.74 42.88 -37.46
C VAL E 99 34.03 43.60 -37.14
N ILE E 100 35.03 43.38 -37.99
CA ILE E 100 36.36 43.96 -37.82
C ILE E 100 36.83 44.49 -39.17
N SER E 101 37.97 45.16 -39.14
CA SER E 101 38.58 45.70 -40.34
C SER E 101 39.94 45.04 -40.55
N ILE E 102 40.24 44.69 -41.79
CA ILE E 102 41.46 43.99 -42.12
C ILE E 102 42.28 44.84 -43.10
N GLN E 103 43.60 44.74 -43.03
CA GLN E 103 44.50 45.52 -43.89
C GLN E 103 45.81 44.76 -44.07
N PRO E 104 46.51 44.98 -45.18
CA PRO E 104 47.88 44.47 -45.29
C PRO E 104 48.91 45.40 -44.66
N CYS E 105 49.84 44.82 -43.89
CA CYS E 105 50.86 45.58 -43.17
C CYS E 105 52.27 45.10 -43.56
N PRO E 106 52.80 45.60 -44.68
CA PRO E 106 54.08 45.07 -45.17
C PRO E 106 55.30 45.79 -44.61
N ASP E 107 55.14 46.55 -43.52
CA ASP E 107 56.22 47.36 -42.98
C ASP E 107 56.52 47.01 -41.52
N VAL E 108 56.57 45.72 -41.22
CA VAL E 108 57.02 45.24 -39.91
C VAL E 108 58.48 44.86 -40.04
N LYS E 109 59.26 45.10 -38.99
CA LYS E 109 60.69 44.84 -39.00
C LYS E 109 61.05 43.97 -37.81
N TYR E 110 62.26 43.42 -37.84
CA TYR E 110 62.72 42.59 -36.74
C TYR E 110 63.07 43.47 -35.54
N GLY E 111 62.84 42.94 -34.34
CA GLY E 111 63.13 43.68 -33.15
C GLY E 111 64.56 43.54 -32.70
N LYS E 112 64.96 44.44 -31.81
CA LYS E 112 66.28 44.39 -31.20
C LYS E 112 66.25 44.53 -29.68
N ARG E 113 65.06 44.68 -29.07
CA ARG E 113 64.89 44.80 -27.62
C ARG E 113 63.41 44.67 -27.30
N ILE E 114 63.03 43.81 -26.34
CA ILE E 114 61.65 43.64 -25.93
C ILE E 114 61.71 43.62 -24.40
N HIS E 115 60.57 43.84 -23.75
CA HIS E 115 60.46 43.77 -22.30
C HIS E 115 59.07 43.24 -21.99
N VAL E 116 58.99 42.17 -21.21
CA VAL E 116 57.75 41.46 -20.96
C VAL E 116 57.60 41.33 -19.44
N LEU E 117 56.36 41.32 -18.95
CA LEU E 117 56.05 41.15 -17.54
C LEU E 117 54.98 40.08 -17.35
N PRO E 118 54.89 39.48 -16.17
CA PRO E 118 53.77 38.58 -15.89
C PRO E 118 52.62 39.28 -15.20
N ILE E 119 51.51 38.55 -15.09
CA ILE E 119 50.31 39.01 -14.38
C ILE E 119 50.30 38.32 -13.02
N ASP E 120 50.13 39.10 -11.93
CA ASP E 120 50.31 38.57 -10.58
C ASP E 120 49.22 37.58 -10.19
N ASP E 121 48.02 37.71 -10.78
CA ASP E 121 46.93 36.78 -10.51
C ASP E 121 47.25 35.37 -10.99
N THR E 122 48.10 35.25 -12.00
CA THR E 122 48.41 33.97 -12.61
C THR E 122 49.60 33.29 -11.95
N VAL E 123 50.65 34.04 -11.64
CA VAL E 123 51.84 33.47 -11.02
C VAL E 123 51.61 33.36 -9.51
N GLU E 124 51.41 32.15 -9.05
CA GLU E 124 51.23 31.85 -7.63
C GLU E 124 51.94 30.54 -7.39
N GLY E 125 52.86 30.54 -6.42
CA GLY E 125 53.66 29.35 -6.16
C GLY E 125 54.65 29.00 -7.24
N ILE E 126 54.89 29.89 -8.20
CA ILE E 126 55.90 29.67 -9.23
C ILE E 126 57.24 30.14 -8.67
N THR E 127 58.16 29.20 -8.53
CA THR E 127 59.49 29.48 -8.02
C THR E 127 60.51 29.20 -9.10
N GLY E 128 61.66 29.85 -8.99
CA GLY E 128 62.66 29.84 -10.04
C GLY E 128 62.53 31.06 -10.94
N ASN E 129 63.10 30.94 -12.13
CA ASN E 129 63.03 31.99 -13.14
C ASN E 129 62.07 31.56 -14.23
N LEU E 130 61.25 32.52 -14.67
CA LEU E 130 60.23 32.26 -15.69
C LEU E 130 60.76 32.26 -17.11
N PHE E 131 61.89 32.91 -17.36
CA PHE E 131 62.48 33.08 -18.68
C PHE E 131 62.80 31.75 -19.34
N GLU E 132 63.74 30.99 -18.77
CA GLU E 132 64.27 29.79 -19.41
C GLU E 132 63.30 28.62 -19.44
N VAL E 133 62.19 28.69 -18.68
CA VAL E 133 61.27 27.57 -18.61
C VAL E 133 60.09 27.83 -19.55
N TYR E 134 59.71 29.09 -19.73
CA TYR E 134 58.53 29.45 -20.49
C TYR E 134 58.82 30.29 -21.72
N LEU E 135 59.56 31.39 -21.58
CA LEU E 135 59.76 32.27 -22.72
C LEU E 135 60.85 31.78 -23.67
N LYS E 136 61.63 30.81 -23.27
CA LYS E 136 62.62 30.24 -24.18
C LYS E 136 61.99 29.29 -25.21
N PRO E 137 61.11 28.31 -24.88
CA PRO E 137 60.59 27.46 -25.96
C PRO E 137 59.50 28.11 -26.80
N TYR E 138 58.88 29.19 -26.31
CA TYR E 138 57.79 29.83 -27.03
C TYR E 138 58.31 30.53 -28.28
N PHE E 139 59.23 31.47 -28.13
CA PHE E 139 59.84 32.14 -29.28
C PHE E 139 61.04 31.34 -29.81
N LEU E 140 60.83 30.07 -30.12
CA LEU E 140 61.89 29.20 -30.59
C LEU E 140 61.54 28.71 -31.98
N GLU E 141 62.34 29.11 -32.98
CA GLU E 141 62.25 28.70 -34.38
C GLU E 141 60.89 29.02 -35.01
N ALA E 142 60.21 30.05 -34.50
CA ALA E 142 58.90 30.46 -35.01
C ALA E 142 58.86 31.98 -34.96
N TYR E 143 58.99 32.62 -36.12
CA TYR E 143 58.90 34.05 -36.27
C TYR E 143 57.49 34.53 -35.93
N ARG E 144 57.33 35.16 -34.77
CA ARG E 144 56.01 35.55 -34.29
C ARG E 144 55.91 37.07 -34.21
N PRO E 145 54.86 37.68 -34.74
CA PRO E 145 54.72 39.13 -34.65
C PRO E 145 54.01 39.55 -33.38
N ILE E 146 54.38 40.75 -32.90
CA ILE E 146 53.84 41.29 -31.66
C ILE E 146 53.64 42.78 -31.80
N ARG E 147 52.76 43.32 -30.97
CA ARG E 147 52.48 44.74 -30.87
C ARG E 147 52.51 45.11 -29.39
N LYS E 148 52.93 46.34 -29.09
CA LYS E 148 53.03 46.82 -27.72
C LYS E 148 51.67 46.82 -27.03
N GLY E 149 51.63 46.28 -25.82
CA GLY E 149 50.44 46.33 -25.02
C GLY E 149 49.50 45.16 -25.20
N ASP E 150 49.95 44.06 -25.79
CA ASP E 150 49.07 42.91 -25.92
C ASP E 150 49.23 41.99 -24.70
N ILE E 151 48.54 40.85 -24.72
CA ILE E 151 48.68 39.82 -23.70
C ILE E 151 48.65 38.48 -24.41
N PHE E 152 49.64 37.63 -24.16
CA PHE E 152 49.66 36.29 -24.72
C PHE E 152 49.78 35.27 -23.60
N LEU E 153 49.70 33.99 -23.98
CA LEU E 153 49.54 32.91 -23.01
C LEU E 153 50.41 31.74 -23.40
N VAL E 154 51.13 31.17 -22.42
CA VAL E 154 52.00 30.03 -22.63
C VAL E 154 51.62 28.92 -21.66
N ARG E 155 51.59 27.70 -22.15
CA ARG E 155 51.13 26.55 -21.38
C ARG E 155 52.29 25.61 -21.08
N GLY E 156 52.30 25.06 -19.88
CA GLY E 156 53.34 24.12 -19.49
C GLY E 156 53.44 24.01 -18.00
N GLY E 157 54.14 22.96 -17.57
CA GLY E 157 54.33 22.66 -16.15
C GLY E 157 53.06 22.51 -15.36
N MET E 158 52.01 21.97 -16.00
CA MET E 158 50.66 21.80 -15.45
C MET E 158 50.03 23.13 -15.05
N ARG E 159 50.44 24.22 -15.71
CA ARG E 159 49.87 25.55 -15.51
C ARG E 159 49.80 26.28 -16.83
N ALA E 160 49.15 27.43 -16.81
CA ALA E 160 49.04 28.30 -17.98
C ALA E 160 49.31 29.71 -17.50
N VAL E 161 50.38 30.33 -18.01
CA VAL E 161 50.86 31.62 -17.52
C VAL E 161 50.67 32.67 -18.60
N GLU E 162 50.18 33.84 -18.20
CA GLU E 162 49.99 34.97 -19.10
C GLU E 162 51.18 35.92 -19.04
N PHE E 163 51.39 36.65 -20.12
CA PHE E 163 52.48 37.59 -20.22
C PHE E 163 52.05 38.82 -21.00
N LYS E 164 52.47 39.99 -20.53
CA LYS E 164 52.11 41.26 -21.13
C LYS E 164 53.36 41.95 -21.67
N VAL E 165 53.30 42.39 -22.93
CA VAL E 165 54.41 43.10 -23.55
C VAL E 165 54.34 44.56 -23.15
N VAL E 166 55.47 45.14 -22.76
CA VAL E 166 55.50 46.51 -22.30
C VAL E 166 56.18 47.45 -23.29
N GLU E 167 57.20 47.00 -24.01
CA GLU E 167 57.95 47.87 -24.89
C GLU E 167 58.35 47.07 -26.12
N THR E 168 58.78 47.77 -27.17
CA THR E 168 59.30 47.17 -28.39
C THR E 168 60.26 48.17 -29.01
N ASP E 169 61.40 47.69 -29.53
CA ASP E 169 62.43 48.61 -30.01
C ASP E 169 62.04 49.23 -31.36
N PRO E 170 61.53 48.47 -32.39
CA PRO E 170 60.91 49.23 -33.51
C PRO E 170 59.44 49.50 -33.22
N SER E 171 59.20 50.36 -32.22
CA SER E 171 57.88 50.63 -31.65
C SER E 171 56.89 51.16 -32.69
N PRO E 172 55.60 50.80 -32.58
CA PRO E 172 54.96 49.97 -31.55
C PRO E 172 54.63 48.53 -31.92
N TYR E 173 55.28 47.95 -32.94
CA TYR E 173 55.05 46.55 -33.30
C TYR E 173 56.21 46.04 -34.14
N CYS E 174 56.45 44.72 -34.05
CA CYS E 174 57.61 44.13 -34.72
C CYS E 174 57.37 42.62 -34.88
N ILE E 175 58.41 41.91 -35.32
CA ILE E 175 58.44 40.46 -35.46
C ILE E 175 59.62 39.96 -34.63
N VAL E 176 59.46 38.80 -33.97
CA VAL E 176 60.49 38.23 -33.13
C VAL E 176 61.40 37.39 -34.02
N ALA E 177 62.62 37.83 -34.18
CA ALA E 177 63.70 37.17 -34.90
C ALA E 177 64.60 36.47 -33.90
N PRO E 178 65.41 35.47 -34.34
CA PRO E 178 66.32 34.77 -33.38
C PRO E 178 67.30 35.66 -32.62
N ASP E 179 67.73 36.79 -33.18
CA ASP E 179 68.70 37.66 -32.55
C ASP E 179 68.05 38.81 -31.79
N THR E 180 66.84 38.60 -31.30
CA THR E 180 66.09 39.62 -30.59
C THR E 180 66.20 39.35 -29.09
N VAL E 181 66.99 40.18 -28.39
CA VAL E 181 67.18 40.01 -26.95
C VAL E 181 65.89 40.29 -26.20
N ILE E 182 65.72 39.64 -25.05
CA ILE E 182 64.55 39.81 -24.21
C ILE E 182 65.04 40.16 -22.82
N HIS E 183 64.64 41.31 -22.32
CA HIS E 183 64.96 41.72 -20.96
C HIS E 183 63.71 41.42 -20.14
N CYS E 184 63.67 40.23 -19.53
CA CYS E 184 62.57 39.86 -18.65
C CYS E 184 62.92 40.32 -17.24
N GLU E 185 62.85 41.64 -17.06
CA GLU E 185 63.26 42.31 -15.84
C GLU E 185 62.08 43.04 -15.23
N GLY E 186 61.86 42.85 -13.94
CA GLY E 186 60.82 43.58 -13.28
C GLY E 186 59.99 42.70 -12.39
N GLU E 187 58.90 43.26 -11.88
CA GLU E 187 58.00 42.64 -10.93
C GLU E 187 56.63 42.49 -11.57
N PRO E 188 55.76 41.58 -11.06
CA PRO E 188 54.43 41.38 -11.65
C PRO E 188 53.56 42.63 -11.73
N ILE E 189 52.67 42.66 -12.72
CA ILE E 189 51.82 43.81 -12.98
C ILE E 189 50.39 43.38 -12.68
N LYS E 190 49.52 44.35 -12.43
CA LYS E 190 48.15 44.12 -11.99
C LYS E 190 47.21 44.02 -13.17
N ARG E 191 46.25 43.11 -13.09
CA ARG E 191 45.20 43.02 -14.08
C ARG E 191 44.18 44.11 -13.81
N GLU E 192 43.91 44.96 -14.79
CA GLU E 192 42.98 46.07 -14.60
C GLU E 192 41.54 45.56 -14.73
N ASP E 193 40.59 46.48 -14.64
CA ASP E 193 39.17 46.16 -14.61
C ASP E 193 38.51 46.18 -15.99
N GLU E 194 39.30 46.13 -17.06
CA GLU E 194 38.78 46.18 -18.42
C GLU E 194 38.86 44.86 -19.16
N GLU E 195 40.01 44.18 -19.10
CA GLU E 195 40.17 42.89 -19.76
C GLU E 195 39.70 41.77 -18.87
N GLU E 196 39.21 40.70 -19.50
CA GLU E 196 38.72 39.56 -18.75
C GLU E 196 39.82 38.52 -18.69
N SER E 197 39.73 37.63 -17.72
CA SER E 197 40.72 36.59 -17.54
C SER E 197 40.61 35.52 -18.62
N LEU E 198 41.66 34.72 -18.76
CA LEU E 198 41.67 33.64 -19.73
C LEU E 198 41.68 32.27 -19.08
N ASN E 199 41.48 32.19 -17.77
CA ASN E 199 41.21 30.91 -17.12
C ASN E 199 39.72 30.67 -16.97
N GLU E 200 38.89 31.57 -17.50
CA GLU E 200 37.45 31.43 -17.48
C GLU E 200 36.98 30.40 -18.50
N VAL E 201 35.68 30.28 -18.65
CA VAL E 201 35.10 29.26 -19.51
C VAL E 201 34.71 29.92 -20.82
N GLY E 202 34.88 29.19 -21.91
CA GLY E 202 34.45 29.60 -23.23
C GLY E 202 34.06 28.36 -23.98
N TYR E 203 33.56 28.53 -25.21
CA TYR E 203 33.15 27.42 -26.06
C TYR E 203 34.28 26.45 -26.39
N ASP E 204 35.53 26.89 -26.30
CA ASP E 204 36.68 26.03 -26.57
C ASP E 204 36.92 25.01 -25.48
N ASP E 205 36.42 25.25 -24.27
CA ASP E 205 36.60 24.35 -23.13
C ASP E 205 35.46 23.37 -22.98
N ILE E 206 34.82 22.98 -24.07
CA ILE E 206 33.71 22.04 -24.06
C ILE E 206 33.97 21.03 -25.16
N GLY E 207 34.31 19.80 -24.77
CA GLY E 207 34.59 18.77 -25.74
C GLY E 207 33.31 18.03 -26.09
N GLY E 208 33.18 17.69 -27.38
CA GLY E 208 31.98 17.04 -27.88
C GLY E 208 30.77 17.95 -27.80
N CYS E 209 29.60 17.37 -28.07
CA CYS E 209 28.27 18.01 -27.96
C CYS E 209 28.21 19.25 -28.86
N ARG E 210 28.25 18.99 -30.16
CA ARG E 210 28.26 20.07 -31.13
C ARG E 210 26.87 20.52 -31.53
N LYS E 211 25.97 19.56 -31.80
CA LYS E 211 24.62 19.88 -32.25
C LYS E 211 23.83 20.65 -31.20
N GLN E 212 23.92 20.22 -29.95
CA GLN E 212 23.21 20.89 -28.86
C GLN E 212 23.78 22.28 -28.63
N LEU E 213 25.09 22.44 -28.77
CA LEU E 213 25.71 23.76 -28.67
C LEU E 213 25.20 24.68 -29.76
N ALA E 214 25.03 24.16 -30.98
CA ALA E 214 24.47 24.92 -32.09
C ALA E 214 23.06 25.39 -31.78
N GLN E 215 22.23 24.48 -31.25
CA GLN E 215 20.84 24.81 -30.88
C GLN E 215 20.78 25.91 -29.83
N ILE E 216 21.52 25.75 -28.72
CA ILE E 216 21.48 26.75 -27.64
C ILE E 216 22.05 28.09 -28.12
N LYS E 217 23.06 28.06 -28.99
CA LYS E 217 23.65 29.31 -29.49
C LYS E 217 22.68 30.05 -30.38
N GLU E 218 21.96 29.34 -31.25
CA GLU E 218 20.97 30.02 -32.08
C GLU E 218 19.71 30.39 -31.30
N MET E 219 19.49 29.79 -30.13
CA MET E 219 18.29 30.06 -29.35
C MET E 219 18.40 31.32 -28.50
N VAL E 220 19.61 31.78 -28.17
CA VAL E 220 19.81 32.94 -27.31
C VAL E 220 20.61 34.03 -28.03
N GLU E 221 20.73 33.92 -29.36
CA GLU E 221 21.54 34.86 -30.13
C GLU E 221 20.91 36.24 -30.16
N LEU E 222 19.67 36.34 -30.68
CA LEU E 222 19.02 37.64 -30.82
C LEU E 222 18.70 38.33 -29.49
N PRO E 223 18.04 37.71 -28.47
CA PRO E 223 17.71 38.47 -27.25
C PRO E 223 18.90 39.00 -26.48
N LEU E 224 20.04 38.32 -26.56
CA LEU E 224 21.22 38.67 -25.78
C LEU E 224 22.22 39.51 -26.54
N ARG E 225 22.23 39.44 -27.88
CA ARG E 225 23.17 40.24 -28.64
C ARG E 225 22.55 41.57 -29.06
N HIS E 226 21.33 41.54 -29.60
CA HIS E 226 20.64 42.73 -30.03
C HIS E 226 19.39 42.95 -29.18
N PRO E 227 19.51 43.58 -28.02
CA PRO E 227 18.35 43.74 -27.15
C PRO E 227 17.36 44.80 -27.60
N ALA E 228 17.85 45.83 -28.30
CA ALA E 228 16.98 46.92 -28.75
C ALA E 228 15.99 46.50 -29.83
N LEU E 229 16.32 45.43 -30.58
CA LEU E 229 15.45 44.92 -31.64
C LEU E 229 14.08 44.51 -31.12
N PHE E 230 13.99 44.07 -29.87
CA PHE E 230 12.74 43.67 -29.27
C PHE E 230 12.00 44.85 -28.64
N LYS E 231 12.33 46.07 -29.04
CA LYS E 231 11.48 47.24 -28.81
C LYS E 231 10.88 47.75 -30.11
N ALA E 232 11.23 47.14 -31.24
CA ALA E 232 10.77 47.56 -32.55
C ALA E 232 9.85 46.56 -33.22
N ILE E 233 9.66 45.38 -32.64
CA ILE E 233 8.76 44.36 -33.17
C ILE E 233 8.03 43.70 -32.02
N GLY E 234 6.80 43.29 -32.29
CA GLY E 234 6.10 42.46 -31.32
C GLY E 234 6.28 41.02 -31.70
N VAL E 235 7.29 40.36 -31.12
CA VAL E 235 7.62 38.96 -31.33
C VAL E 235 8.21 38.47 -30.01
N LYS E 236 7.69 37.36 -29.50
CA LYS E 236 8.11 36.86 -28.20
C LYS E 236 9.24 35.87 -28.37
N PRO E 237 10.44 36.15 -27.87
CA PRO E 237 11.52 35.19 -27.96
C PRO E 237 11.37 34.13 -26.88
N PRO E 238 11.99 32.94 -27.04
CA PRO E 238 11.88 31.92 -26.00
C PRO E 238 12.57 32.34 -24.71
N ARG E 239 11.96 31.99 -23.58
CA ARG E 239 12.48 32.38 -22.28
C ARG E 239 12.73 31.21 -21.34
N GLY E 240 12.24 30.01 -21.63
CA GLY E 240 12.47 28.87 -20.77
C GLY E 240 13.23 27.75 -21.45
N ILE E 241 14.41 27.44 -20.93
CA ILE E 241 15.27 26.39 -21.46
C ILE E 241 15.52 25.40 -20.33
N LEU E 242 15.49 24.11 -20.65
CA LEU E 242 15.69 23.05 -19.67
C LEU E 242 16.70 22.06 -20.23
N LEU E 243 17.88 22.01 -19.61
CA LEU E 243 18.93 21.09 -20.00
C LEU E 243 18.84 19.84 -19.16
N TYR E 244 18.93 18.67 -19.78
CA TYR E 244 18.96 17.46 -18.97
C TYR E 244 19.90 16.43 -19.57
N GLY E 245 20.28 15.49 -18.72
CA GLY E 245 21.24 14.47 -19.03
C GLY E 245 21.74 13.92 -17.73
N PRO E 246 22.47 12.79 -17.76
CA PRO E 246 23.02 12.17 -16.54
C PRO E 246 23.96 13.11 -15.78
N PRO E 247 24.13 12.92 -14.47
CA PRO E 247 25.07 13.77 -13.74
C PRO E 247 26.51 13.54 -14.17
N GLY E 248 27.27 14.61 -14.20
CA GLY E 248 28.63 14.57 -14.65
C GLY E 248 28.84 14.92 -16.10
N THR E 249 27.84 15.48 -16.76
CA THR E 249 27.93 15.85 -18.17
C THR E 249 28.22 17.33 -18.39
N GLY E 250 28.46 18.09 -17.34
CA GLY E 250 28.87 19.47 -17.48
C GLY E 250 27.81 20.39 -18.02
N LYS E 251 26.75 20.67 -17.25
CA LYS E 251 25.69 21.57 -17.71
C LYS E 251 25.88 23.00 -17.24
N THR E 252 26.30 23.22 -16.00
CA THR E 252 26.66 24.56 -15.54
C THR E 252 27.85 25.12 -16.31
N LEU E 253 28.73 24.23 -16.79
CA LEU E 253 29.84 24.60 -17.66
C LEU E 253 29.30 25.30 -18.91
N ILE E 254 28.37 24.63 -19.60
CA ILE E 254 27.71 25.14 -20.81
C ILE E 254 27.03 26.47 -20.51
N ALA E 255 26.42 26.58 -19.33
CA ALA E 255 25.75 27.81 -18.91
C ALA E 255 26.73 28.98 -18.79
N ARG E 256 27.77 28.83 -17.95
CA ARG E 256 28.83 29.84 -17.83
C ARG E 256 29.48 30.18 -19.15
N ALA E 257 29.59 29.19 -20.05
CA ALA E 257 30.22 29.38 -21.35
C ALA E 257 29.41 30.35 -22.17
N VAL E 258 28.13 30.00 -22.39
CA VAL E 258 27.15 30.85 -23.08
C VAL E 258 27.15 32.26 -22.49
N ALA E 259 27.04 32.35 -21.16
CA ALA E 259 26.97 33.63 -20.47
C ALA E 259 28.25 34.46 -20.65
N ASN E 260 29.40 33.82 -20.81
CA ASN E 260 30.63 34.58 -20.99
C ASN E 260 30.83 35.00 -22.43
N GLU E 261 30.43 34.17 -23.40
CA GLU E 261 30.68 34.53 -24.78
C GLU E 261 29.72 35.56 -25.34
N THR E 262 28.56 35.74 -24.73
CA THR E 262 27.65 36.81 -25.13
C THR E 262 27.84 38.07 -24.29
N GLY E 263 28.70 38.03 -23.29
CA GLY E 263 28.90 39.19 -22.44
C GLY E 263 27.75 39.52 -21.52
N ALA E 264 26.85 38.58 -21.29
CA ALA E 264 25.67 38.81 -20.47
C ALA E 264 25.97 38.58 -19.00
N PHE E 265 25.12 39.14 -18.15
CA PHE E 265 25.23 38.95 -16.72
C PHE E 265 24.73 37.56 -16.35
N PHE E 266 25.35 36.97 -15.33
CA PHE E 266 25.08 35.59 -14.94
C PHE E 266 24.83 35.54 -13.45
N PHE E 267 23.63 35.11 -13.07
CA PHE E 267 23.28 34.87 -11.67
C PHE E 267 23.04 33.38 -11.46
N LEU E 268 23.44 32.88 -10.31
CA LEU E 268 23.42 31.45 -10.03
C LEU E 268 22.60 31.17 -8.78
N ILE E 269 21.54 30.37 -8.95
CA ILE E 269 20.73 29.88 -7.86
C ILE E 269 20.94 28.37 -7.83
N ASN E 270 20.92 27.80 -6.63
CA ASN E 270 21.09 26.37 -6.47
C ASN E 270 20.18 25.83 -5.39
N GLY E 271 19.80 24.55 -5.57
CA GLY E 271 18.82 23.87 -4.76
C GLY E 271 19.15 23.79 -3.28
N PRO E 272 20.20 23.01 -2.89
CA PRO E 272 20.52 22.83 -1.46
C PRO E 272 20.74 24.10 -0.66
N GLU E 273 21.40 25.12 -1.25
CA GLU E 273 21.58 26.39 -0.54
C GLU E 273 20.26 27.08 -0.24
N ILE E 274 19.25 26.90 -1.09
CA ILE E 274 17.95 27.50 -0.85
C ILE E 274 17.19 26.68 0.18
N MET E 275 17.23 25.36 0.06
CA MET E 275 16.46 24.48 0.94
C MET E 275 17.12 24.22 2.28
N SER E 276 18.20 24.92 2.62
CA SER E 276 18.87 24.76 3.91
C SER E 276 18.67 25.96 4.81
N LYS E 277 17.81 26.88 4.43
CA LYS E 277 17.56 28.08 5.21
C LYS E 277 16.25 27.95 5.95
N LEU E 278 15.89 29.02 6.65
CA LEU E 278 14.55 29.15 7.22
C LEU E 278 13.58 29.57 6.12
N ALA E 279 12.29 29.57 6.46
CA ALA E 279 11.22 29.82 5.48
C ALA E 279 11.34 31.21 4.85
N GLY E 280 11.23 32.26 5.69
CA GLY E 280 11.26 33.64 5.22
C GLY E 280 12.51 34.00 4.46
N GLU E 281 13.65 33.48 4.93
CA GLU E 281 14.94 33.76 4.28
C GLU E 281 15.01 33.11 2.91
N SER E 282 14.45 31.89 2.78
CA SER E 282 14.43 31.20 1.49
C SER E 282 13.59 31.96 0.46
N GLU E 283 12.38 32.39 0.87
CA GLU E 283 11.52 33.16 -0.03
C GLU E 283 12.16 34.49 -0.41
N SER E 284 12.77 35.16 0.58
CA SER E 284 13.40 36.45 0.34
C SER E 284 14.58 36.34 -0.61
N ASN E 285 15.38 35.27 -0.49
CA ASN E 285 16.49 35.07 -1.43
C ASN E 285 15.99 34.78 -2.84
N LEU E 286 14.96 33.93 -2.95
CA LEU E 286 14.38 33.61 -4.25
C LEU E 286 13.80 34.84 -4.93
N ARG E 287 13.24 35.76 -4.15
CA ARG E 287 12.69 36.99 -4.71
C ARG E 287 13.79 37.96 -5.11
N LYS E 288 14.80 38.14 -4.23
CA LYS E 288 15.90 39.06 -4.47
C LYS E 288 16.70 38.67 -5.70
N ALA E 289 16.84 37.36 -5.96
CA ALA E 289 17.55 36.87 -7.15
C ALA E 289 16.94 37.45 -8.41
N PHE E 290 15.62 37.33 -8.55
CA PHE E 290 14.90 37.84 -9.71
C PHE E 290 14.99 39.35 -9.80
N GLU E 291 14.70 40.08 -8.71
CA GLU E 291 14.78 41.56 -8.71
C GLU E 291 16.14 42.09 -9.17
N GLU E 292 17.20 41.62 -8.52
CA GLU E 292 18.58 42.07 -8.86
C GLU E 292 18.91 41.68 -10.30
N ALA E 293 18.76 40.38 -10.62
CA ALA E 293 18.97 39.87 -11.98
C ALA E 293 18.30 40.77 -13.02
N GLU E 294 17.00 41.06 -12.81
CA GLU E 294 16.20 41.88 -13.70
C GLU E 294 16.83 43.24 -13.96
N LYS E 295 17.22 43.94 -12.88
CA LYS E 295 17.78 45.30 -12.95
C LYS E 295 18.96 45.42 -13.92
N ASN E 296 19.88 44.47 -13.88
CA ASN E 296 21.01 44.42 -14.80
C ASN E 296 20.58 43.72 -16.08
N ALA E 297 20.75 44.36 -17.24
CA ALA E 297 20.23 43.70 -18.41
C ALA E 297 21.11 43.86 -19.65
N PRO E 298 21.23 42.81 -20.49
CA PRO E 298 20.60 41.48 -20.42
C PRO E 298 21.26 40.52 -19.43
N ALA E 299 20.49 39.59 -18.89
CA ALA E 299 20.92 38.70 -17.82
C ALA E 299 20.53 37.26 -18.14
N ILE E 300 21.11 36.35 -17.37
CA ILE E 300 20.80 34.92 -17.43
C ILE E 300 20.69 34.43 -15.99
N ILE E 301 19.63 33.68 -15.68
CA ILE E 301 19.42 33.11 -14.35
C ILE E 301 19.49 31.60 -14.49
N PHE E 302 20.32 30.96 -13.67
CA PHE E 302 20.53 29.52 -13.76
C PHE E 302 20.10 28.85 -12.47
N ILE E 303 19.19 27.89 -12.58
CA ILE E 303 18.68 27.15 -11.42
C ILE E 303 19.07 25.69 -11.62
N ASP E 304 20.22 25.29 -11.08
CA ASP E 304 20.62 23.90 -11.10
C ASP E 304 20.04 23.16 -9.92
N GLU E 305 19.88 21.83 -10.10
CA GLU E 305 19.16 20.95 -9.18
C GLU E 305 17.73 21.46 -9.00
N LEU E 306 17.04 21.62 -10.13
CA LEU E 306 15.63 22.01 -10.07
C LEU E 306 14.79 20.90 -9.49
N ASP E 307 15.16 19.64 -9.78
CA ASP E 307 14.52 18.45 -9.20
C ASP E 307 14.45 18.49 -7.67
N ALA E 308 15.43 19.12 -7.03
CA ALA E 308 15.47 19.20 -5.57
C ALA E 308 14.41 20.16 -5.07
N ILE E 309 14.40 21.37 -5.62
CA ILE E 309 13.56 22.44 -5.10
C ILE E 309 12.12 22.34 -5.60
N ALA E 310 11.87 21.77 -6.78
CA ALA E 310 10.52 21.60 -7.31
C ALA E 310 10.26 20.17 -7.74
N PRO E 311 10.16 19.20 -6.80
CA PRO E 311 9.87 17.82 -7.20
C PRO E 311 8.41 17.62 -7.52
N LYS E 312 8.01 16.37 -7.79
CA LYS E 312 6.61 16.00 -7.97
C LYS E 312 5.78 16.41 -6.75
N ARG E 313 4.49 16.72 -6.98
CA ARG E 313 3.60 17.26 -5.94
C ARG E 313 3.47 16.30 -4.75
N GLU E 314 3.12 15.05 -5.01
CA GLU E 314 2.97 14.07 -3.92
C GLU E 314 4.27 13.75 -3.20
N LYS E 315 5.43 14.10 -3.77
CA LYS E 315 6.72 13.95 -3.11
C LYS E 315 7.05 15.13 -2.21
N THR E 316 6.20 16.15 -2.16
CA THR E 316 6.34 17.24 -1.21
C THR E 316 5.37 16.94 -0.08
N HIS E 317 5.85 16.16 0.88
CA HIS E 317 5.03 15.74 2.00
C HIS E 317 4.78 16.87 2.99
N GLY E 318 5.62 17.89 3.01
CA GLY E 318 5.49 19.00 3.93
C GLY E 318 4.57 20.10 3.43
N GLU E 319 4.77 21.28 3.99
CA GLU E 319 3.97 22.45 3.68
C GLU E 319 4.79 23.56 3.06
N VAL E 320 5.95 23.89 3.65
CA VAL E 320 6.79 24.99 3.19
C VAL E 320 7.32 24.73 1.78
N GLU E 321 7.51 23.46 1.42
CA GLU E 321 7.95 23.06 0.09
C GLU E 321 6.96 23.49 -0.99
N ARG E 322 5.66 23.34 -0.70
CA ARG E 322 4.63 23.74 -1.65
C ARG E 322 4.60 25.25 -1.83
N ARG E 323 4.83 25.99 -0.74
CA ARG E 323 4.95 27.44 -0.80
C ARG E 323 6.11 27.86 -1.69
N ILE E 324 7.25 27.14 -1.60
CA ILE E 324 8.41 27.47 -2.43
C ILE E 324 8.13 27.20 -3.89
N VAL E 325 7.46 26.07 -4.20
CA VAL E 325 7.11 25.72 -5.58
C VAL E 325 6.15 26.75 -6.17
N SER E 326 5.15 27.18 -5.40
CA SER E 326 4.19 28.17 -5.87
C SER E 326 4.85 29.54 -6.07
N GLN E 327 5.79 29.89 -5.18
CA GLN E 327 6.56 31.12 -5.32
C GLN E 327 7.38 31.11 -6.60
N LEU E 328 8.02 29.98 -6.91
CA LEU E 328 8.77 29.85 -8.15
C LEU E 328 7.85 29.97 -9.36
N LEU E 329 6.66 29.38 -9.27
CA LEU E 329 5.66 29.45 -10.35
C LEU E 329 5.26 30.89 -10.64
N THR E 330 4.90 31.68 -9.61
CA THR E 330 4.50 33.06 -9.86
C THR E 330 5.65 33.93 -10.33
N LEU E 331 6.89 33.65 -9.86
CA LEU E 331 8.04 34.40 -10.32
C LEU E 331 8.32 34.14 -11.79
N MET E 332 8.23 32.86 -12.22
CA MET E 332 8.39 32.54 -13.63
C MET E 332 7.28 33.15 -14.46
N ASP E 333 6.05 33.19 -13.92
CA ASP E 333 4.92 33.68 -14.68
C ASP E 333 4.90 35.20 -14.80
N GLY E 334 5.70 35.89 -14.00
CA GLY E 334 5.70 37.33 -14.10
C GLY E 334 6.75 37.90 -15.02
N LEU E 335 7.52 37.03 -15.69
CA LEU E 335 8.49 37.45 -16.69
C LEU E 335 8.02 37.27 -18.12
N LYS E 336 6.71 37.08 -18.34
CA LYS E 336 6.21 36.97 -19.71
C LYS E 336 6.27 38.31 -20.45
N GLN E 337 6.27 39.42 -19.74
CA GLN E 337 6.40 40.71 -20.41
C GLN E 337 7.86 41.01 -20.73
N ARG E 338 8.75 40.89 -19.76
CA ARG E 338 10.14 41.34 -19.91
C ARG E 338 10.88 40.36 -20.81
N ALA E 339 11.62 40.91 -21.78
CA ALA E 339 12.22 40.09 -22.84
C ALA E 339 13.73 40.09 -22.79
N HIS E 340 14.34 40.61 -21.73
CA HIS E 340 15.78 40.69 -21.64
C HIS E 340 16.38 39.66 -20.71
N VAL E 341 15.56 38.97 -19.92
CA VAL E 341 16.04 38.00 -18.94
C VAL E 341 15.67 36.61 -19.44
N ILE E 342 16.61 35.68 -19.33
CA ILE E 342 16.45 34.30 -19.78
C ILE E 342 16.70 33.41 -18.58
N VAL E 343 15.90 32.36 -18.42
CA VAL E 343 16.02 31.44 -17.30
C VAL E 343 16.39 30.07 -17.86
N MET E 344 17.48 29.51 -17.36
CA MET E 344 17.93 28.18 -17.74
C MET E 344 17.99 27.31 -16.49
N ALA E 345 17.74 26.02 -16.65
CA ALA E 345 17.72 25.11 -15.52
C ALA E 345 18.32 23.78 -15.93
N ALA E 346 18.70 22.98 -14.94
CA ALA E 346 19.32 21.70 -15.21
C ALA E 346 18.72 20.63 -14.32
N THR E 347 18.43 19.47 -14.90
CA THR E 347 17.87 18.31 -14.20
C THR E 347 18.58 17.06 -14.69
N ASN E 348 18.04 15.89 -14.34
CA ASN E 348 18.58 14.62 -14.77
C ASN E 348 17.69 13.87 -15.76
N ARG E 349 16.38 14.07 -15.70
CA ARG E 349 15.41 13.44 -16.59
C ARG E 349 14.16 14.30 -16.59
N PRO E 350 13.41 14.36 -17.70
CA PRO E 350 12.27 15.29 -17.76
C PRO E 350 11.11 14.92 -16.85
N ASN E 351 10.98 13.65 -16.46
CA ASN E 351 9.87 13.18 -15.66
C ASN E 351 10.22 13.09 -14.18
N SER E 352 11.05 14.00 -13.69
CA SER E 352 11.43 14.04 -12.29
C SER E 352 11.05 15.35 -11.63
N ILE E 353 10.42 16.26 -12.36
CA ILE E 353 10.06 17.56 -11.83
C ILE E 353 8.55 17.70 -11.84
N ASP E 354 8.09 18.85 -11.39
CA ASP E 354 6.68 19.17 -11.32
C ASP E 354 6.12 19.32 -12.73
N PRO E 355 5.00 18.65 -13.06
CA PRO E 355 4.47 18.77 -14.43
C PRO E 355 3.97 20.15 -14.78
N ALA E 356 3.60 20.97 -13.79
CA ALA E 356 3.10 22.32 -14.03
C ALA E 356 4.20 23.30 -14.41
N LEU E 357 5.46 22.88 -14.47
CA LEU E 357 6.54 23.74 -14.92
C LEU E 357 6.78 23.61 -16.41
N ARG E 358 6.58 22.43 -16.97
CA ARG E 358 6.83 22.18 -18.39
C ARG E 358 5.59 22.57 -19.20
N ARG E 359 5.31 23.87 -19.20
CA ARG E 359 4.20 24.43 -19.95
C ARG E 359 4.68 25.71 -20.61
N PHE E 360 3.86 26.22 -21.54
CA PHE E 360 4.17 27.44 -22.26
C PHE E 360 4.24 28.61 -21.31
N GLY E 361 5.26 29.43 -21.46
CA GLY E 361 5.49 30.54 -20.59
C GLY E 361 6.49 30.26 -19.48
N ARG E 362 6.73 28.99 -19.15
CA ARG E 362 7.67 28.66 -18.09
C ARG E 362 8.89 27.89 -18.59
N PHE E 363 8.72 26.68 -19.13
CA PHE E 363 9.88 25.92 -19.60
C PHE E 363 9.42 25.15 -20.83
N ASP E 364 9.54 25.78 -21.98
CA ASP E 364 9.03 25.23 -23.23
C ASP E 364 10.09 24.69 -24.17
N ARG E 365 11.36 25.05 -23.97
CA ARG E 365 12.46 24.49 -24.77
C ARG E 365 13.24 23.50 -23.91
N GLU E 366 13.54 22.33 -24.46
CA GLU E 366 14.27 21.27 -23.76
C GLU E 366 15.41 20.75 -24.61
N VAL E 367 16.59 20.60 -24.00
CA VAL E 367 17.79 20.10 -24.67
C VAL E 367 18.31 18.91 -23.86
N ASP E 368 18.82 17.90 -24.56
CA ASP E 368 19.37 16.69 -23.94
C ASP E 368 20.85 16.66 -24.27
N ILE E 369 21.68 16.70 -23.24
CA ILE E 369 23.13 16.69 -23.44
C ILE E 369 23.62 15.31 -23.84
N GLY E 370 23.46 14.33 -22.95
CA GLY E 370 23.76 12.95 -23.31
C GLY E 370 25.21 12.56 -23.15
N ILE E 371 25.50 11.31 -23.49
CA ILE E 371 26.78 10.69 -23.22
C ILE E 371 27.69 10.91 -24.43
N PRO E 372 28.97 11.20 -24.26
CA PRO E 372 29.85 11.43 -25.41
C PRO E 372 30.16 10.18 -26.22
N ASP E 373 30.34 10.39 -27.52
CA ASP E 373 30.76 9.36 -28.45
C ASP E 373 32.29 9.35 -28.47
N ALA E 374 32.86 8.31 -29.11
CA ALA E 374 34.32 8.10 -29.13
C ALA E 374 35.13 9.28 -29.67
N THR E 375 34.59 10.01 -30.65
CA THR E 375 35.29 11.19 -31.14
C THR E 375 35.19 12.31 -30.12
N GLY E 376 34.00 12.48 -29.53
CA GLY E 376 33.83 13.39 -28.41
C GLY E 376 34.72 13.06 -27.23
N ARG E 377 34.91 11.75 -26.96
CA ARG E 377 35.79 11.33 -25.86
C ARG E 377 37.23 11.71 -26.15
N LEU E 378 37.66 11.55 -27.41
CA LEU E 378 38.99 12.00 -27.81
C LEU E 378 39.14 13.50 -27.64
N GLU E 379 38.08 14.26 -27.96
CA GLU E 379 38.07 15.72 -27.78
C GLU E 379 38.24 16.10 -26.32
N ILE E 380 37.53 15.42 -25.41
CA ILE E 380 37.62 15.75 -23.99
C ILE E 380 39.00 15.41 -23.43
N LEU E 381 39.54 14.25 -23.84
CA LEU E 381 40.90 13.87 -23.44
C LEU E 381 41.93 14.87 -23.94
N GLN E 382 41.73 15.43 -25.14
CA GLN E 382 42.62 16.49 -25.61
C GLN E 382 42.45 17.78 -24.81
N ILE E 383 41.23 18.06 -24.34
CA ILE E 383 41.00 19.28 -23.55
C ILE E 383 41.76 19.21 -22.23
N HIS E 384 41.69 18.08 -21.55
CA HIS E 384 42.20 18.06 -20.19
C HIS E 384 43.71 17.84 -20.10
N THR E 385 44.33 17.27 -21.13
CA THR E 385 45.79 17.14 -21.18
C THR E 385 46.42 18.26 -21.99
N LYS E 386 45.88 19.46 -21.87
CA LYS E 386 46.27 20.57 -22.73
C LYS E 386 47.65 21.11 -22.36
N ASN E 387 48.02 21.04 -21.09
CA ASN E 387 49.31 21.54 -20.62
C ASN E 387 49.96 20.54 -19.68
N MET E 388 50.02 19.27 -20.10
CA MET E 388 50.53 18.23 -19.24
C MET E 388 51.90 17.70 -19.63
N LYS E 389 52.33 17.92 -20.89
CA LYS E 389 53.61 17.45 -21.46
C LYS E 389 53.67 15.91 -21.42
N LEU E 390 52.78 15.30 -22.19
CA LEU E 390 52.80 13.86 -22.34
C LEU E 390 54.04 13.43 -23.13
N ALA E 391 54.34 12.13 -23.08
CA ALA E 391 55.46 11.58 -23.83
C ALA E 391 55.04 11.32 -25.26
N ASP E 392 55.89 10.60 -26.00
CA ASP E 392 55.66 10.33 -27.40
C ASP E 392 54.92 9.03 -27.64
N ASP E 393 55.05 8.06 -26.73
CA ASP E 393 54.37 6.78 -26.91
C ASP E 393 52.87 6.85 -26.58
N VAL E 394 52.41 7.93 -25.95
CA VAL E 394 51.01 8.04 -25.55
C VAL E 394 50.14 8.20 -26.79
N ASP E 395 49.23 7.28 -26.99
CA ASP E 395 48.31 7.27 -28.12
C ASP E 395 46.90 7.45 -27.54
N LEU E 396 46.39 8.68 -27.56
CA LEU E 396 45.07 8.99 -27.01
C LEU E 396 43.92 8.29 -27.73
N GLU E 397 44.12 7.85 -28.98
CA GLU E 397 43.09 7.14 -29.72
C GLU E 397 42.77 5.80 -29.06
N GLN E 398 43.80 5.11 -28.54
CA GLN E 398 43.60 3.86 -27.80
C GLN E 398 42.70 4.08 -26.60
N VAL E 399 43.03 5.09 -25.79
CA VAL E 399 42.29 5.40 -24.57
C VAL E 399 40.86 5.76 -24.91
N ALA E 400 40.67 6.63 -25.92
CA ALA E 400 39.34 7.02 -26.38
C ALA E 400 38.55 5.83 -26.95
N ASN E 401 39.21 4.77 -27.38
CA ASN E 401 38.51 3.57 -27.83
C ASN E 401 38.24 2.57 -26.71
N GLU E 402 38.85 2.72 -25.53
CA GLU E 402 38.64 1.75 -24.45
C GLU E 402 37.94 2.33 -23.23
N THR E 403 37.32 3.50 -23.36
CA THR E 403 36.60 4.11 -22.25
C THR E 403 35.10 4.19 -22.53
N HIS E 404 34.52 3.11 -23.03
CA HIS E 404 33.09 3.06 -23.33
C HIS E 404 32.28 3.07 -22.04
N GLY E 405 31.60 4.18 -21.77
CA GLY E 405 30.76 4.29 -20.59
C GLY E 405 31.22 5.38 -19.66
N HIS E 406 32.06 6.28 -20.16
CA HIS E 406 32.63 7.35 -19.36
C HIS E 406 32.06 8.70 -19.80
N VAL E 407 31.80 9.56 -18.82
CA VAL E 407 31.36 10.91 -19.04
C VAL E 407 32.53 11.83 -18.74
N GLY E 408 32.36 13.12 -19.04
CA GLY E 408 33.44 14.10 -18.96
C GLY E 408 34.16 14.17 -17.63
N ALA E 409 33.42 14.04 -16.52
CA ALA E 409 34.02 14.03 -15.19
C ALA E 409 34.91 12.82 -14.98
N ASP E 410 34.51 11.68 -15.55
CA ASP E 410 35.34 10.47 -15.48
C ASP E 410 36.65 10.67 -16.20
N LEU E 411 36.63 11.29 -17.38
CA LEU E 411 37.86 11.52 -18.14
C LEU E 411 38.75 12.54 -17.46
N ALA E 412 38.15 13.58 -16.85
CA ALA E 412 38.92 14.55 -16.08
C ALA E 412 39.62 13.89 -14.91
N ALA E 413 38.90 13.03 -14.17
CA ALA E 413 39.46 12.29 -13.06
C ALA E 413 40.55 11.34 -13.52
N LEU E 414 40.35 10.72 -14.68
CA LEU E 414 41.33 9.80 -15.27
C LEU E 414 42.65 10.51 -15.55
N CYS E 415 42.58 11.67 -16.19
CA CYS E 415 43.79 12.45 -16.49
C CYS E 415 44.47 12.92 -15.22
N SER E 416 43.68 13.33 -14.23
CA SER E 416 44.24 13.79 -12.95
C SER E 416 44.93 12.66 -12.20
N GLU E 417 44.34 11.46 -12.23
CA GLU E 417 44.94 10.30 -11.58
C GLU E 417 46.24 9.89 -12.27
N ALA E 418 46.28 9.96 -13.60
CA ALA E 418 47.50 9.69 -14.35
C ALA E 418 48.62 10.67 -13.96
N ALA E 419 48.28 11.96 -13.90
CA ALA E 419 49.25 12.98 -13.51
C ALA E 419 49.76 12.75 -12.09
N LEU E 420 48.86 12.43 -11.16
CA LEU E 420 49.25 12.23 -9.76
C LEU E 420 50.09 10.98 -9.59
N GLN E 421 49.80 9.93 -10.36
CA GLN E 421 50.62 8.72 -10.35
C GLN E 421 52.04 9.02 -10.84
N ALA E 422 52.16 9.84 -11.89
CA ALA E 422 53.47 10.25 -12.38
C ALA E 422 54.25 11.07 -11.35
N ILE E 423 53.55 11.96 -10.65
CA ILE E 423 54.21 12.79 -9.62
C ILE E 423 54.59 11.92 -8.43
N ARG E 424 53.79 10.89 -8.13
CA ARG E 424 54.05 10.10 -6.94
C ARG E 424 55.16 9.07 -7.14
N LYS E 425 55.02 8.23 -8.18
CA LYS E 425 55.93 7.13 -8.48
C LYS E 425 57.40 7.56 -8.56
N LYS E 426 57.68 8.52 -9.42
CA LYS E 426 59.03 9.02 -9.61
C LYS E 426 59.06 10.45 -9.13
N MET E 427 60.25 11.05 -9.18
CA MET E 427 60.49 12.50 -9.07
C MET E 427 60.02 13.17 -7.77
N ASP E 428 59.46 12.44 -6.83
CA ASP E 428 59.11 12.97 -5.53
C ASP E 428 59.85 12.22 -4.44
N LEU E 429 59.86 10.90 -4.50
CA LEU E 429 60.71 10.14 -3.59
C LEU E 429 62.17 10.13 -4.05
N ILE E 430 62.40 10.29 -5.36
CA ILE E 430 63.76 10.30 -5.89
C ILE E 430 64.50 11.56 -5.44
N ASP E 431 63.80 12.69 -5.35
CA ASP E 431 64.46 13.94 -4.99
C ASP E 431 64.24 14.36 -3.55
N LEU E 432 63.42 13.60 -2.78
CA LEU E 432 63.17 13.92 -1.37
C LEU E 432 64.41 13.84 -0.51
N GLU E 433 65.40 13.06 -0.93
CA GLU E 433 66.64 12.89 -0.19
C GLU E 433 67.73 13.84 -0.67
N ASP E 434 67.45 14.65 -1.70
CA ASP E 434 68.44 15.55 -2.25
C ASP E 434 68.05 17.02 -2.15
N GLU E 435 66.92 17.44 -2.72
CA GLU E 435 66.57 18.86 -2.82
C GLU E 435 65.06 19.03 -2.75
N THR E 436 64.59 20.22 -3.13
CA THR E 436 63.18 20.56 -3.13
C THR E 436 62.61 20.44 -4.54
N ILE E 437 61.33 20.78 -4.68
CA ILE E 437 60.63 20.72 -5.96
C ILE E 437 60.32 22.15 -6.40
N ASP E 438 60.24 22.34 -7.72
CA ASP E 438 60.01 23.65 -8.31
C ASP E 438 59.43 23.49 -9.71
N ALA E 439 59.43 24.57 -10.48
CA ALA E 439 58.82 24.58 -11.81
C ALA E 439 59.70 23.93 -12.88
N GLU E 440 61.02 24.06 -12.77
CA GLU E 440 61.90 23.53 -13.80
C GLU E 440 61.96 22.00 -13.77
N VAL E 441 61.89 21.40 -12.58
CA VAL E 441 61.85 19.94 -12.52
C VAL E 441 60.46 19.41 -12.83
N MET E 442 59.42 20.24 -12.70
CA MET E 442 58.07 19.83 -13.05
C MET E 442 57.81 19.92 -14.54
N ASN E 443 58.42 20.89 -15.24
CA ASN E 443 58.23 20.96 -16.69
C ASN E 443 58.98 19.83 -17.39
N SER E 444 60.11 19.40 -16.84
CA SER E 444 60.82 18.25 -17.39
C SER E 444 60.14 16.93 -17.07
N LEU E 445 59.14 16.92 -16.21
CA LEU E 445 58.41 15.71 -15.85
C LEU E 445 57.43 15.36 -16.96
N ALA E 446 57.47 14.10 -17.39
CA ALA E 446 56.60 13.61 -18.44
C ALA E 446 55.80 12.43 -17.92
N VAL E 447 54.64 12.19 -18.54
CA VAL E 447 53.81 11.05 -18.17
C VAL E 447 53.95 10.03 -19.27
N THR E 448 53.88 8.76 -18.90
CA THR E 448 54.04 7.66 -19.84
C THR E 448 52.73 6.93 -20.01
N MET E 449 52.69 6.10 -21.07
CA MET E 449 51.51 5.30 -21.39
C MET E 449 51.17 4.31 -20.28
N ASP E 450 52.17 3.85 -19.53
CA ASP E 450 51.97 2.89 -18.44
C ASP E 450 51.12 3.47 -17.32
N ASP E 451 51.29 4.77 -17.05
CA ASP E 451 50.46 5.45 -16.06
C ASP E 451 49.01 5.51 -16.52
N PHE E 452 48.79 5.76 -17.81
CA PHE E 452 47.45 5.78 -18.37
C PHE E 452 46.81 4.40 -18.30
N ARG E 453 47.59 3.35 -18.56
CA ARG E 453 47.06 1.98 -18.45
C ARG E 453 46.73 1.63 -17.00
N TRP E 454 47.56 2.10 -16.07
CA TRP E 454 47.30 1.86 -14.65
C TRP E 454 46.03 2.55 -14.20
N ALA E 455 45.86 3.81 -14.61
CA ALA E 455 44.65 4.55 -14.24
C ALA E 455 43.44 4.01 -14.96
N LEU E 456 43.62 3.47 -16.17
CA LEU E 456 42.51 2.98 -16.98
C LEU E 456 42.06 1.60 -16.54
N SER E 457 42.98 0.81 -15.98
CA SER E 457 42.63 -0.52 -15.49
C SER E 457 41.78 -0.43 -14.22
N GLN E 458 42.32 0.19 -13.18
CA GLN E 458 41.75 0.15 -11.85
C GLN E 458 41.10 1.48 -11.51
N SER E 459 40.37 1.46 -10.39
CA SER E 459 39.80 2.61 -9.67
C SER E 459 38.85 3.45 -10.53
N ASN E 460 38.32 2.90 -11.61
CA ASN E 460 37.48 3.65 -12.54
C ASN E 460 36.13 2.98 -12.79
N PRO E 461 35.19 3.10 -11.86
CA PRO E 461 33.87 2.57 -12.14
C PRO E 461 33.17 3.47 -13.13
N SER E 462 32.99 2.96 -14.35
CA SER E 462 32.18 3.64 -15.35
C SER E 462 30.75 3.73 -14.82
N ALA E 463 30.18 4.93 -14.86
CA ALA E 463 28.90 5.20 -14.21
C ALA E 463 27.74 5.14 -15.17
N LEU E 464 27.78 4.26 -16.17
CA LEU E 464 26.74 4.20 -17.19
C LEU E 464 26.23 2.78 -17.37
N ARG E 465 24.93 2.61 -17.15
CA ARG E 465 24.19 1.42 -17.50
C ARG E 465 23.01 1.77 -18.40
N GLU E 466 23.10 2.93 -19.06
CA GLU E 466 22.01 3.50 -19.82
C GLU E 466 22.22 3.29 -21.31
N THR E 467 21.17 3.60 -22.07
CA THR E 467 21.17 3.42 -23.52
C THR E 467 22.16 4.36 -24.19
N VAL E 468 22.64 3.95 -25.37
CA VAL E 468 23.56 4.76 -26.15
C VAL E 468 22.91 5.06 -27.50
N VAL E 469 23.10 6.29 -27.98
CA VAL E 469 22.63 6.73 -29.28
C VAL E 469 23.78 7.44 -29.97
N GLU E 470 24.06 7.04 -31.21
CA GLU E 470 25.21 7.51 -31.99
C GLU E 470 25.06 7.05 -33.43
N VAL E 471 25.96 7.54 -34.27
CA VAL E 471 26.09 7.06 -35.64
C VAL E 471 27.09 5.90 -35.61
N PRO E 472 26.69 4.69 -36.05
CA PRO E 472 27.58 3.53 -35.93
C PRO E 472 28.82 3.56 -36.81
N GLN E 473 29.68 2.54 -36.70
CA GLN E 473 30.90 2.50 -37.47
C GLN E 473 30.91 1.43 -38.56
N VAL E 474 29.93 0.52 -38.57
CA VAL E 474 29.86 -0.49 -39.63
C VAL E 474 29.43 0.18 -40.92
N THR E 475 30.02 -0.21 -42.03
CA THR E 475 29.67 0.34 -43.34
C THR E 475 29.48 -0.80 -44.31
N TRP E 476 29.11 -0.46 -45.56
CA TRP E 476 28.77 -1.46 -46.58
C TRP E 476 29.92 -2.40 -46.94
N GLU E 477 31.16 -2.02 -46.65
CA GLU E 477 32.34 -2.77 -47.03
C GLU E 477 32.62 -3.93 -46.09
N ASP E 478 31.80 -4.12 -45.07
CA ASP E 478 31.93 -5.23 -44.13
C ASP E 478 30.93 -6.33 -44.39
N ILE E 479 30.07 -6.17 -45.40
CA ILE E 479 28.99 -7.10 -45.66
C ILE E 479 29.28 -7.76 -47.01
N GLY E 480 29.53 -9.05 -46.99
CA GLY E 480 29.77 -9.76 -48.22
C GLY E 480 28.49 -10.22 -48.88
N GLY E 481 28.29 -9.83 -50.14
CA GLY E 481 27.07 -10.19 -50.83
C GLY E 481 25.96 -9.18 -50.51
N LEU E 482 24.72 -9.64 -50.69
CA LEU E 482 23.49 -8.89 -50.43
C LEU E 482 23.44 -7.59 -51.24
N GLU E 483 23.36 -7.77 -52.56
CA GLU E 483 23.33 -6.63 -53.47
C GLU E 483 21.91 -6.10 -53.69
N ASP E 484 20.97 -7.00 -54.03
CA ASP E 484 19.58 -6.60 -54.22
C ASP E 484 18.96 -6.03 -52.95
N VAL E 485 19.26 -6.65 -51.80
CA VAL E 485 18.82 -6.16 -50.51
C VAL E 485 19.35 -4.75 -50.25
N LYS E 486 20.63 -4.52 -50.60
CA LYS E 486 21.26 -3.21 -50.46
C LYS E 486 20.56 -2.17 -51.31
N ARG E 487 20.24 -2.53 -52.55
CA ARG E 487 19.54 -1.63 -53.46
C ARG E 487 18.15 -1.27 -52.93
N GLU E 488 17.40 -2.27 -52.45
CA GLU E 488 16.04 -2.02 -51.96
C GLU E 488 16.06 -1.21 -50.68
N LEU E 489 17.09 -1.40 -49.83
CA LEU E 489 17.26 -0.57 -48.65
C LEU E 489 17.52 0.89 -49.01
N GLN E 490 18.38 1.12 -50.02
CA GLN E 490 18.59 2.47 -50.57
C GLN E 490 17.27 3.12 -50.97
N GLU E 491 16.47 2.40 -51.78
CA GLU E 491 15.17 2.89 -52.24
C GLU E 491 14.23 3.22 -51.09
N LEU E 492 14.15 2.33 -50.09
CA LEU E 492 13.19 2.50 -49.02
C LEU E 492 13.58 3.61 -48.05
N VAL E 493 14.87 3.82 -47.82
CA VAL E 493 15.31 4.73 -46.76
C VAL E 493 15.69 6.10 -47.30
N GLN E 494 16.45 6.16 -48.39
CA GLN E 494 17.11 7.42 -48.72
C GLN E 494 16.32 8.28 -49.70
N TYR E 495 15.30 7.73 -50.37
CA TYR E 495 14.57 8.54 -51.35
C TYR E 495 13.67 9.59 -50.71
N PRO E 496 12.63 9.26 -49.90
CA PRO E 496 11.69 10.31 -49.47
C PRO E 496 12.28 11.38 -48.55
N VAL E 497 13.44 11.11 -47.93
CA VAL E 497 14.08 12.11 -47.07
C VAL E 497 14.82 13.17 -47.86
N GLU E 498 14.95 12.99 -49.18
CA GLU E 498 15.64 13.93 -50.06
C GLU E 498 14.70 14.62 -51.03
N HIS E 499 13.85 13.85 -51.72
CA HIS E 499 13.09 14.31 -52.88
C HIS E 499 11.60 14.13 -52.61
N PRO E 500 10.97 15.06 -51.88
CA PRO E 500 9.51 14.97 -51.68
C PRO E 500 8.67 15.29 -52.90
N ASP E 501 9.28 15.80 -53.98
CA ASP E 501 8.58 16.30 -55.16
C ASP E 501 7.69 15.25 -55.81
N LYS E 502 8.25 14.07 -56.11
CA LYS E 502 7.50 13.01 -56.75
C LYS E 502 6.41 12.47 -55.83
N PHE E 503 6.66 12.46 -54.53
CA PHE E 503 5.68 11.93 -53.59
C PHE E 503 4.49 12.87 -53.42
N LEU E 504 4.70 14.18 -53.54
CA LEU E 504 3.54 15.07 -53.56
C LEU E 504 2.85 15.03 -54.92
N LYS E 505 3.64 14.98 -56.01
CA LYS E 505 3.10 14.99 -57.37
C LYS E 505 2.19 13.79 -57.63
N PHE E 506 2.60 12.61 -57.19
CA PHE E 506 1.79 11.41 -57.33
C PHE E 506 0.90 11.15 -56.12
N GLY E 507 1.01 11.96 -55.06
CA GLY E 507 0.15 11.89 -53.89
C GLY E 507 0.31 10.68 -52.98
N MET E 508 1.13 9.71 -53.34
CA MET E 508 1.31 8.51 -52.54
C MET E 508 2.32 8.72 -51.43
N THR E 509 1.99 8.20 -50.25
CA THR E 509 2.82 8.38 -49.08
C THR E 509 3.81 7.22 -48.95
N PRO E 510 5.04 7.47 -48.51
CA PRO E 510 6.01 6.39 -48.36
C PRO E 510 5.75 5.55 -47.13
N SER E 511 6.36 4.37 -47.11
CA SER E 511 6.24 3.49 -45.95
C SER E 511 7.21 3.95 -44.86
N LYS E 512 7.05 3.36 -43.68
CA LYS E 512 7.87 3.72 -42.54
C LYS E 512 8.31 2.50 -41.74
N GLY E 513 8.37 1.32 -42.34
CA GLY E 513 8.77 0.13 -41.62
C GLY E 513 9.19 -0.96 -42.56
N VAL E 514 10.04 -1.85 -42.05
CA VAL E 514 10.53 -2.99 -42.83
C VAL E 514 10.77 -4.14 -41.86
N LEU E 515 10.52 -5.36 -42.34
CA LEU E 515 10.69 -6.55 -41.52
C LEU E 515 11.64 -7.49 -42.25
N PHE E 516 12.79 -7.75 -41.65
CA PHE E 516 13.74 -8.72 -42.17
C PHE E 516 13.39 -10.09 -41.62
N TYR E 517 13.64 -11.13 -42.42
CA TYR E 517 13.47 -12.48 -41.94
C TYR E 517 14.36 -13.41 -42.74
N GLY E 518 14.65 -14.56 -42.15
CA GLY E 518 15.53 -15.54 -42.74
C GLY E 518 16.13 -16.43 -41.68
N PRO E 519 17.06 -17.30 -42.07
CA PRO E 519 17.73 -18.17 -41.10
C PRO E 519 18.60 -17.38 -40.14
N PRO E 520 18.88 -17.90 -38.94
CA PRO E 520 19.66 -17.12 -37.98
C PRO E 520 21.13 -17.06 -38.33
N GLY E 521 21.76 -15.97 -37.94
CA GLY E 521 23.17 -15.78 -38.21
C GLY E 521 23.48 -15.56 -39.67
N CYS E 522 22.77 -14.61 -40.29
CA CYS E 522 22.97 -14.29 -41.70
C CYS E 522 23.13 -12.80 -41.93
N GLY E 523 23.44 -12.03 -40.88
CA GLY E 523 23.75 -10.63 -41.08
C GLY E 523 22.55 -9.74 -41.26
N LYS E 524 21.68 -9.69 -40.26
CA LYS E 524 20.55 -8.77 -40.25
C LYS E 524 20.83 -7.51 -39.45
N THR E 525 21.62 -7.59 -38.39
CA THR E 525 21.97 -6.39 -37.63
C THR E 525 22.95 -5.51 -38.40
N LEU E 526 23.81 -6.15 -39.21
CA LEU E 526 24.80 -5.44 -40.02
C LEU E 526 24.15 -4.51 -41.02
N LEU E 527 23.08 -4.97 -41.69
CA LEU E 527 22.36 -4.15 -42.66
C LEU E 527 21.77 -2.91 -42.01
N ALA E 528 21.18 -3.06 -40.83
CA ALA E 528 20.58 -1.96 -40.09
C ALA E 528 21.64 -0.92 -39.72
N LYS E 529 22.76 -1.39 -39.14
CA LYS E 529 23.87 -0.50 -38.77
C LYS E 529 24.44 0.20 -40.01
N ALA E 530 24.55 -0.52 -41.13
CA ALA E 530 25.15 0.03 -42.33
C ALA E 530 24.29 1.12 -42.95
N ILE E 531 22.97 0.88 -43.04
CA ILE E 531 22.09 1.89 -43.61
C ILE E 531 21.94 3.08 -42.67
N ALA E 532 22.10 2.87 -41.36
CA ALA E 532 22.13 4.00 -40.44
C ALA E 532 23.40 4.83 -40.60
N ASN E 533 24.52 4.16 -40.88
CA ASN E 533 25.78 4.87 -41.04
C ASN E 533 25.84 5.62 -42.36
N GLU E 534 25.23 5.06 -43.41
CA GLU E 534 25.22 5.67 -44.74
C GLU E 534 24.54 7.03 -44.71
N CYS E 535 23.29 7.09 -44.26
CA CYS E 535 22.52 8.34 -44.18
C CYS E 535 22.95 9.25 -43.04
N GLN E 536 23.95 8.86 -42.23
CA GLN E 536 24.49 9.62 -41.10
C GLN E 536 23.44 9.93 -40.04
N ALA E 537 22.47 9.02 -39.89
CA ALA E 537 21.42 9.15 -38.90
C ALA E 537 21.74 8.30 -37.68
N ASN E 538 21.22 8.73 -36.54
CA ASN E 538 21.47 8.05 -35.27
C ASN E 538 20.84 6.66 -35.24
N PHE E 539 21.34 5.83 -34.35
CA PHE E 539 20.96 4.42 -34.30
C PHE E 539 20.64 4.05 -32.87
N ILE E 540 19.52 3.36 -32.68
CA ILE E 540 19.05 2.90 -31.38
C ILE E 540 18.71 1.42 -31.52
N SER E 541 19.25 0.59 -30.63
CA SER E 541 19.03 -0.85 -30.71
C SER E 541 18.44 -1.35 -29.41
N ILE E 542 17.39 -2.17 -29.52
CA ILE E 542 16.68 -2.71 -28.38
C ILE E 542 16.69 -4.22 -28.55
N LYS E 543 17.54 -4.91 -27.78
CA LYS E 543 17.70 -6.35 -27.90
C LYS E 543 16.50 -7.10 -27.32
N GLY E 544 16.61 -8.42 -27.32
CA GLY E 544 15.58 -9.28 -26.78
C GLY E 544 15.36 -9.20 -25.28
N PRO E 545 16.43 -9.40 -24.47
CA PRO E 545 16.31 -9.25 -22.99
C PRO E 545 15.62 -8.01 -22.47
N GLU E 546 15.67 -6.86 -23.15
CA GLU E 546 14.96 -5.67 -22.70
C GLU E 546 13.46 -5.87 -22.80
N LEU E 547 12.99 -6.40 -23.93
CA LEU E 547 11.57 -6.73 -24.09
C LEU E 547 11.13 -7.79 -23.10
N LEU E 548 11.99 -8.79 -22.85
CA LEU E 548 11.64 -9.83 -21.89
C LEU E 548 11.62 -9.31 -20.46
N THR E 549 12.49 -8.35 -20.14
CA THR E 549 12.45 -7.69 -18.84
C THR E 549 11.16 -6.91 -18.68
N MET E 550 10.70 -6.27 -19.76
CA MET E 550 9.42 -5.58 -19.71
C MET E 550 8.24 -6.54 -19.62
N TRP E 551 8.42 -7.77 -20.12
CA TRP E 551 7.34 -8.77 -20.07
C TRP E 551 7.21 -9.39 -18.69
N PHE E 552 8.32 -9.90 -18.16
CA PHE E 552 8.32 -10.51 -16.83
C PHE E 552 7.97 -9.50 -15.75
N GLY E 553 8.68 -8.37 -15.73
CA GLY E 553 8.45 -7.29 -14.78
C GLY E 553 7.07 -6.63 -14.85
N GLU E 554 6.29 -6.91 -15.91
CA GLU E 554 4.92 -6.43 -16.13
C GLU E 554 4.86 -4.90 -16.15
N SER E 555 5.87 -4.29 -16.77
CA SER E 555 5.98 -2.84 -16.86
C SER E 555 6.24 -2.49 -18.30
N GLU E 556 5.18 -2.45 -19.10
CA GLU E 556 5.25 -2.08 -20.50
C GLU E 556 5.03 -0.61 -20.71
N ALA E 557 5.00 0.18 -19.64
CA ALA E 557 4.94 1.64 -19.71
C ALA E 557 6.27 2.28 -20.09
N ASN E 558 7.32 1.50 -20.34
CA ASN E 558 8.60 2.06 -20.70
C ASN E 558 8.82 2.10 -22.20
N VAL E 559 7.90 1.52 -22.98
CA VAL E 559 7.96 1.64 -24.43
C VAL E 559 7.71 3.08 -24.83
N ARG E 560 6.87 3.76 -24.06
CA ARG E 560 6.59 5.18 -24.23
C ARG E 560 7.86 6.00 -24.13
N GLU E 561 8.77 5.64 -23.21
CA GLU E 561 10.05 6.34 -23.14
C GLU E 561 10.91 6.12 -24.37
N ILE E 562 10.98 4.87 -24.87
CA ILE E 562 11.83 4.49 -26.01
C ILE E 562 11.60 5.37 -27.22
N PHE E 563 10.33 5.45 -27.65
CA PHE E 563 9.97 6.24 -28.83
C PHE E 563 10.25 7.71 -28.62
N ASP E 564 10.10 8.20 -27.37
CA ASP E 564 10.38 9.60 -27.04
C ASP E 564 11.80 9.98 -27.39
N LYS E 565 12.74 9.06 -27.10
CA LYS E 565 14.14 9.34 -27.36
C LYS E 565 14.37 9.38 -28.86
N ALA E 566 13.77 8.40 -29.55
CA ALA E 566 13.73 8.35 -31.02
C ALA E 566 13.22 9.65 -31.60
N ARG E 567 12.23 10.26 -30.95
CA ARG E 567 11.67 11.49 -31.47
C ARG E 567 12.64 12.64 -31.24
N GLN E 568 13.18 12.76 -30.02
CA GLN E 568 14.04 13.90 -29.70
C GLN E 568 15.41 13.83 -30.35
N ALA E 569 15.78 12.70 -30.94
CA ALA E 569 17.06 12.52 -31.61
C ALA E 569 16.89 12.32 -33.10
N ALA E 570 15.88 12.95 -33.70
CA ALA E 570 15.61 12.77 -35.11
C ALA E 570 16.66 13.48 -35.97
N PRO E 571 17.04 12.91 -37.14
CA PRO E 571 16.64 11.64 -37.76
C PRO E 571 17.24 10.44 -37.06
N CYS E 572 16.62 9.27 -37.21
CA CYS E 572 17.03 8.12 -36.41
C CYS E 572 16.61 6.84 -37.09
N VAL E 573 17.08 5.73 -36.53
CA VAL E 573 16.68 4.38 -36.93
C VAL E 573 16.42 3.60 -35.65
N LEU E 574 15.22 3.04 -35.52
CA LEU E 574 14.84 2.28 -34.34
C LEU E 574 14.82 0.81 -34.74
N PHE E 575 15.71 0.01 -34.17
CA PHE E 575 15.88 -1.36 -34.57
C PHE E 575 15.45 -2.29 -33.44
N PHE E 576 14.47 -3.14 -33.73
CA PHE E 576 13.97 -4.14 -32.80
C PHE E 576 14.41 -5.51 -33.30
N ASP E 577 15.45 -6.07 -32.71
CA ASP E 577 15.82 -7.42 -33.07
C ASP E 577 15.26 -8.37 -32.02
N GLU E 578 15.13 -9.63 -32.44
CA GLU E 578 14.51 -10.71 -31.67
C GLU E 578 13.12 -10.31 -31.20
N LEU E 579 12.27 -10.02 -32.18
CA LEU E 579 10.89 -9.62 -31.94
C LEU E 579 10.01 -10.82 -31.63
N ASP E 580 10.51 -12.03 -31.86
CA ASP E 580 9.81 -13.27 -31.57
C ASP E 580 10.24 -13.87 -30.23
N SER E 581 10.86 -13.08 -29.37
CA SER E 581 11.34 -13.56 -28.08
C SER E 581 10.18 -13.90 -27.15
N ILE E 582 9.23 -12.98 -27.00
CA ILE E 582 8.10 -13.17 -26.09
C ILE E 582 7.17 -14.26 -26.62
N ALA E 583 6.99 -14.32 -27.94
CA ALA E 583 6.17 -15.36 -28.57
C ALA E 583 6.75 -16.75 -28.39
N LYS E 584 8.05 -16.86 -28.19
CA LYS E 584 8.73 -18.12 -27.97
C LYS E 584 8.83 -18.46 -26.49
N ALA E 585 8.83 -17.44 -25.64
CA ALA E 585 8.91 -17.63 -24.19
C ALA E 585 7.70 -18.38 -23.67
N ARG E 586 6.51 -18.00 -24.11
CA ARG E 586 5.29 -18.68 -23.68
C ARG E 586 4.94 -19.79 -24.67
N GLY E 587 5.79 -20.81 -24.65
CA GLY E 587 5.61 -21.95 -25.53
C GLY E 587 6.10 -21.68 -26.95
N GLY E 588 6.26 -22.76 -27.70
CA GLY E 588 6.67 -22.63 -29.08
C GLY E 588 5.51 -22.33 -30.02
N ASN E 589 5.40 -23.08 -31.11
CA ASN E 589 4.24 -22.92 -31.98
C ASN E 589 2.96 -23.40 -31.31
N ILE E 590 3.06 -24.38 -30.40
CA ILE E 590 1.89 -24.86 -29.69
C ILE E 590 1.41 -23.83 -28.66
N GLY E 591 2.34 -23.09 -28.05
CA GLY E 591 2.17 -22.04 -27.07
C GLY E 591 1.36 -22.46 -25.87
N ASP E 592 0.67 -21.49 -25.29
N ASP E 592 0.69 -21.49 -25.27
CA ASP E 592 -0.25 -21.71 -24.19
CA ASP E 592 -0.24 -21.71 -24.18
C ASP E 592 -1.68 -21.75 -24.72
C ASP E 592 -1.67 -21.78 -24.72
N GLY E 593 -2.65 -21.74 -23.83
CA GLY E 593 -4.05 -21.66 -24.24
C GLY E 593 -4.45 -20.36 -24.93
N GLY E 594 -3.68 -19.29 -24.76
CA GLY E 594 -3.98 -18.01 -25.35
C GLY E 594 -3.74 -17.97 -26.85
N GLY E 595 -3.78 -16.74 -27.38
CA GLY E 595 -3.64 -16.52 -28.80
C GLY E 595 -2.27 -16.00 -29.17
N ALA E 596 -2.21 -14.93 -29.95
CA ALA E 596 -0.94 -14.38 -30.41
C ALA E 596 -0.73 -12.95 -29.94
N ALA E 597 -1.62 -12.42 -29.11
CA ALA E 597 -1.52 -11.05 -28.63
C ALA E 597 -0.87 -11.02 -27.26
N ASP E 598 0.08 -10.11 -27.08
CA ASP E 598 0.82 -9.94 -25.84
C ASP E 598 0.79 -8.47 -25.47
N ARG E 599 1.37 -8.14 -24.32
CA ARG E 599 1.27 -6.79 -23.78
C ARG E 599 2.23 -5.82 -24.46
N VAL E 600 3.50 -6.21 -24.56
CA VAL E 600 4.55 -5.31 -25.01
C VAL E 600 4.40 -4.99 -26.49
N ILE E 601 4.10 -6.00 -27.31
CA ILE E 601 3.93 -5.80 -28.75
C ILE E 601 2.70 -4.97 -29.02
N ASN E 602 1.68 -5.08 -28.17
CA ASN E 602 0.50 -4.22 -28.25
C ASN E 602 0.87 -2.76 -28.00
N GLN E 603 1.74 -2.53 -27.01
CA GLN E 603 2.21 -1.17 -26.73
C GLN E 603 3.03 -0.63 -27.89
N ILE E 604 3.77 -1.51 -28.56
CA ILE E 604 4.55 -1.13 -29.73
C ILE E 604 3.62 -0.69 -30.86
N LEU E 605 2.57 -1.47 -31.14
CA LEU E 605 1.56 -1.12 -32.14
C LEU E 605 0.90 0.23 -31.84
N THR E 606 0.47 0.41 -30.58
CA THR E 606 -0.15 1.66 -30.13
C THR E 606 0.77 2.85 -30.33
N GLU E 607 2.01 2.76 -29.87
CA GLU E 607 2.95 3.86 -29.94
C GLU E 607 3.45 4.09 -31.36
N MET E 608 3.39 3.08 -32.22
CA MET E 608 3.89 3.21 -33.58
C MET E 608 2.84 3.83 -34.49
N ASP E 609 1.56 3.47 -34.27
CA ASP E 609 0.48 4.05 -35.06
C ASP E 609 0.35 5.55 -34.84
N GLY E 610 0.45 5.99 -33.60
CA GLY E 610 0.23 7.39 -33.32
C GLY E 610 1.49 8.25 -33.28
N MET E 611 2.18 8.39 -34.40
CA MET E 611 3.30 9.32 -34.48
C MET E 611 3.22 10.07 -35.80
N SER E 612 4.08 11.09 -35.93
CA SER E 612 4.07 12.02 -37.05
C SER E 612 4.30 11.33 -38.39
N THR E 613 3.58 11.79 -39.41
CA THR E 613 3.73 11.27 -40.76
C THR E 613 5.04 11.72 -41.40
N LYS E 614 5.65 12.81 -40.91
CA LYS E 614 6.95 13.27 -41.38
C LYS E 614 7.78 13.71 -40.17
N LYS E 615 8.58 12.80 -39.65
CA LYS E 615 9.52 13.11 -38.60
C LYS E 615 10.90 12.52 -38.92
N ASN E 616 11.01 11.74 -40.00
CA ASN E 616 12.22 11.01 -40.40
C ASN E 616 12.71 10.09 -39.28
N VAL E 617 11.88 9.12 -38.94
CA VAL E 617 12.23 8.03 -38.05
C VAL E 617 11.80 6.73 -38.69
N PHE E 618 12.76 5.87 -38.99
CA PHE E 618 12.54 4.61 -39.70
C PHE E 618 12.66 3.47 -38.71
N ILE E 619 11.70 2.54 -38.75
CA ILE E 619 11.61 1.45 -37.79
C ILE E 619 11.86 0.13 -38.50
N ILE E 620 12.79 -0.68 -37.98
CA ILE E 620 13.19 -1.93 -38.59
C ILE E 620 12.93 -3.06 -37.59
N GLY E 621 12.38 -4.18 -38.08
CA GLY E 621 12.19 -5.35 -37.26
C GLY E 621 12.93 -6.54 -37.82
N ALA E 622 13.19 -7.55 -36.99
CA ALA E 622 13.92 -8.73 -37.43
C ALA E 622 13.47 -9.94 -36.62
N THR E 623 13.23 -11.06 -37.29
CA THR E 623 12.76 -12.30 -36.69
C THR E 623 13.15 -13.46 -37.58
N ASN E 624 13.59 -14.54 -36.95
CA ASN E 624 13.95 -15.74 -37.69
C ASN E 624 12.90 -16.82 -37.55
N ARG E 625 11.78 -16.52 -36.89
CA ARG E 625 10.60 -17.38 -36.84
C ARG E 625 9.41 -16.56 -37.33
N PRO E 626 9.28 -16.36 -38.64
CA PRO E 626 8.30 -15.38 -39.14
C PRO E 626 6.84 -15.79 -38.99
N ASP E 627 6.55 -17.03 -38.62
CA ASP E 627 5.16 -17.49 -38.59
C ASP E 627 4.48 -17.24 -37.24
N ILE E 628 5.22 -17.26 -36.14
CA ILE E 628 4.60 -17.16 -34.82
C ILE E 628 4.52 -15.70 -34.36
N ILE E 629 4.74 -14.77 -35.27
CA ILE E 629 4.60 -13.36 -34.97
C ILE E 629 3.14 -12.98 -35.16
N ASP E 630 2.72 -11.93 -34.48
CA ASP E 630 1.34 -11.45 -34.54
C ASP E 630 1.07 -10.84 -35.91
N PRO E 631 0.13 -11.37 -36.70
CA PRO E 631 -0.16 -10.78 -38.02
C PRO E 631 -0.73 -9.37 -38.01
N ALA E 632 -1.12 -8.83 -36.85
CA ALA E 632 -1.64 -7.47 -36.76
C ALA E 632 -0.58 -6.40 -36.95
N ILE E 633 0.71 -6.77 -37.04
CA ILE E 633 1.77 -5.80 -37.27
C ILE E 633 2.09 -5.68 -38.76
N LEU E 634 1.63 -6.61 -39.58
CA LEU E 634 1.89 -6.55 -41.01
C LEU E 634 0.86 -5.72 -41.77
N ARG E 635 -0.04 -5.04 -41.07
CA ARG E 635 -1.03 -4.18 -41.68
C ARG E 635 -0.39 -2.84 -42.04
N PRO E 636 -0.94 -2.11 -43.04
CA PRO E 636 -0.39 -0.78 -43.42
C PRO E 636 -0.32 0.22 -42.27
N GLY E 637 0.58 1.18 -42.41
CA GLY E 637 0.89 2.07 -41.32
C GLY E 637 1.82 1.45 -40.28
N ARG E 638 2.29 0.23 -40.49
CA ARG E 638 3.17 -0.49 -39.58
C ARG E 638 4.21 -1.19 -40.45
N LEU E 639 4.92 -2.17 -39.90
CA LEU E 639 5.97 -2.87 -40.63
C LEU E 639 5.36 -3.74 -41.73
N ASP E 640 5.37 -3.25 -42.98
CA ASP E 640 4.65 -3.92 -44.05
C ASP E 640 5.48 -4.07 -45.32
N GLN E 641 6.80 -4.19 -45.20
CA GLN E 641 7.69 -4.41 -46.34
C GLN E 641 8.60 -5.58 -45.99
N LEU E 642 8.15 -6.79 -46.26
CA LEU E 642 8.91 -7.96 -45.86
C LEU E 642 10.10 -8.19 -46.80
N ILE E 643 11.27 -8.45 -46.23
CA ILE E 643 12.50 -8.71 -46.99
C ILE E 643 13.08 -10.02 -46.47
N TYR E 644 13.61 -10.83 -47.38
CA TYR E 644 14.10 -12.17 -47.09
C TYR E 644 15.62 -12.19 -47.20
N ILE E 645 16.29 -12.52 -46.10
CA ILE E 645 17.75 -12.63 -46.07
C ILE E 645 18.13 -14.10 -46.15
N PRO E 646 18.56 -14.60 -47.29
CA PRO E 646 18.78 -16.04 -47.45
C PRO E 646 20.20 -16.46 -47.10
N LEU E 647 20.40 -17.78 -47.08
CA LEU E 647 21.73 -18.35 -46.87
C LEU E 647 22.62 -18.04 -48.06
N PRO E 648 23.91 -17.81 -47.83
CA PRO E 648 24.79 -17.36 -48.92
C PRO E 648 25.06 -18.44 -49.97
N ASP E 649 25.76 -18.01 -51.02
CA ASP E 649 26.26 -18.88 -52.06
C ASP E 649 27.76 -18.62 -52.16
N GLU E 650 28.44 -19.41 -53.02
CA GLU E 650 29.91 -19.43 -53.07
C GLU E 650 30.50 -18.07 -53.43
N LYS E 651 29.93 -17.39 -54.44
CA LYS E 651 30.36 -16.05 -54.83
C LYS E 651 30.24 -15.04 -53.70
N SER E 652 29.30 -15.26 -52.78
CA SER E 652 29.14 -14.43 -51.60
C SER E 652 29.99 -14.93 -50.43
N ARG E 653 30.21 -16.24 -50.33
CA ARG E 653 31.06 -16.80 -49.27
C ARG E 653 32.49 -16.31 -49.38
N VAL E 654 32.99 -16.18 -50.62
CA VAL E 654 34.32 -15.61 -50.86
C VAL E 654 34.40 -14.20 -50.29
N ALA E 655 33.36 -13.39 -50.52
CA ALA E 655 33.33 -12.02 -50.05
C ALA E 655 33.24 -11.95 -48.52
N ILE E 656 32.46 -12.87 -47.92
CA ILE E 656 32.34 -12.93 -46.46
C ILE E 656 33.68 -13.26 -45.82
N LEU E 657 34.37 -14.28 -46.37
CA LEU E 657 35.68 -14.69 -45.88
C LEU E 657 36.72 -13.58 -46.01
N LYS E 658 36.73 -12.88 -47.17
CA LYS E 658 37.66 -11.77 -47.35
C LYS E 658 37.38 -10.64 -46.38
N ALA E 659 36.10 -10.32 -46.17
CA ALA E 659 35.70 -9.25 -45.25
C ALA E 659 36.10 -9.59 -43.82
N ASN E 660 35.98 -10.85 -43.44
CA ASN E 660 36.38 -11.24 -42.10
C ASN E 660 37.90 -11.22 -41.95
N LEU E 661 38.63 -11.70 -42.96
CA LEU E 661 40.08 -11.85 -42.84
C LEU E 661 40.86 -10.56 -43.08
N ARG E 662 40.24 -9.50 -43.61
CA ARG E 662 40.95 -8.26 -43.92
C ARG E 662 41.62 -7.56 -42.73
N LYS E 663 41.29 -7.92 -41.49
CA LYS E 663 41.84 -7.24 -40.33
C LYS E 663 43.09 -7.90 -39.80
N SER E 664 43.31 -9.18 -40.08
CA SER E 664 44.42 -9.91 -39.49
C SER E 664 45.45 -10.32 -40.55
N PRO E 665 46.75 -10.39 -40.19
CA PRO E 665 47.76 -10.83 -41.16
C PRO E 665 47.72 -12.31 -41.52
N VAL E 666 47.37 -12.60 -42.76
CA VAL E 666 47.29 -13.97 -43.26
C VAL E 666 48.25 -14.09 -44.44
N ALA E 667 48.89 -15.25 -44.56
CA ALA E 667 49.88 -15.53 -45.61
C ALA E 667 49.23 -15.55 -47.00
N LYS E 668 50.07 -15.69 -48.02
CA LYS E 668 49.62 -15.63 -49.40
C LYS E 668 49.41 -16.99 -50.03
N ASP E 669 49.84 -18.08 -49.38
CA ASP E 669 49.70 -19.40 -50.01
C ASP E 669 48.30 -19.98 -49.85
N VAL E 670 47.47 -19.42 -49.00
CA VAL E 670 46.12 -19.94 -48.79
C VAL E 670 45.20 -19.49 -49.91
N ASP E 671 44.41 -20.44 -50.42
CA ASP E 671 43.46 -20.19 -51.50
C ASP E 671 42.06 -20.18 -50.91
N LEU E 672 41.41 -19.02 -50.98
CA LEU E 672 40.10 -18.88 -50.34
C LEU E 672 39.00 -19.60 -51.10
N GLU E 673 39.09 -19.64 -52.44
CA GLU E 673 38.03 -20.20 -53.29
C GLU E 673 37.75 -21.67 -53.00
N PHE E 674 38.76 -22.42 -52.55
CA PHE E 674 38.57 -23.83 -52.28
C PHE E 674 37.86 -24.02 -50.96
N LEU E 675 38.31 -23.28 -49.94
CA LEU E 675 37.66 -23.28 -48.64
C LEU E 675 36.22 -22.80 -48.74
N ALA E 676 35.96 -21.86 -49.66
CA ALA E 676 34.62 -21.34 -49.87
C ALA E 676 33.71 -22.40 -50.48
N LYS E 677 34.15 -23.05 -51.56
CA LYS E 677 33.31 -24.08 -52.18
C LYS E 677 33.17 -25.33 -51.31
N MET E 678 34.10 -25.57 -50.38
CA MET E 678 33.98 -26.75 -49.53
C MET E 678 32.84 -26.60 -48.52
N THR E 679 32.56 -25.39 -48.06
CA THR E 679 31.51 -25.14 -47.08
C THR E 679 30.23 -24.80 -47.81
N ASN E 680 29.34 -25.77 -47.94
CA ASN E 680 28.05 -25.57 -48.59
C ASN E 680 26.97 -25.53 -47.52
N GLY E 681 26.07 -24.56 -47.64
CA GLY E 681 25.03 -24.39 -46.64
C GLY E 681 25.48 -23.76 -45.34
N PHE E 682 26.71 -23.26 -45.26
CA PHE E 682 27.19 -22.63 -44.05
C PHE E 682 26.61 -21.23 -43.91
N SER E 683 26.15 -20.90 -42.72
CA SER E 683 25.66 -19.57 -42.43
C SER E 683 26.83 -18.67 -42.10
N GLY E 684 26.73 -17.40 -42.53
CA GLY E 684 27.81 -16.41 -42.38
C GLY E 684 28.34 -16.21 -40.97
N ALA E 685 27.53 -16.48 -39.95
CA ALA E 685 27.96 -16.44 -38.56
C ALA E 685 28.77 -17.65 -38.15
N ASP E 686 28.92 -18.62 -39.04
CA ASP E 686 29.75 -19.78 -38.77
C ASP E 686 31.08 -19.70 -39.51
N LEU E 687 31.14 -19.03 -40.65
CA LEU E 687 32.43 -18.78 -41.28
C LEU E 687 33.28 -17.79 -40.51
N THR E 688 32.71 -17.06 -39.56
CA THR E 688 33.45 -16.07 -38.79
C THR E 688 34.09 -16.66 -37.54
N GLU E 689 33.74 -17.88 -37.15
CA GLU E 689 34.43 -18.51 -36.03
C GLU E 689 35.59 -19.37 -36.48
N ILE E 690 35.61 -19.80 -37.74
CA ILE E 690 36.78 -20.50 -38.31
C ILE E 690 38.00 -19.60 -38.22
N CYS E 691 37.83 -18.32 -38.54
CA CYS E 691 38.91 -17.32 -38.42
C CYS E 691 39.38 -17.20 -36.98
N GLN E 692 38.43 -17.16 -36.04
CA GLN E 692 38.75 -17.06 -34.61
C GLN E 692 39.53 -18.27 -34.14
N ARG E 693 39.13 -19.46 -34.57
CA ARG E 693 39.80 -20.70 -34.16
C ARG E 693 41.22 -20.76 -34.71
N ALA E 694 41.40 -20.37 -35.98
CA ALA E 694 42.73 -20.32 -36.58
C ALA E 694 43.64 -19.34 -35.83
N CYS E 695 43.11 -18.16 -35.48
CA CYS E 695 43.91 -17.20 -34.73
C CYS E 695 44.24 -17.69 -33.32
N LYS E 696 43.35 -18.44 -32.68
CA LYS E 696 43.66 -18.99 -31.35
C LYS E 696 44.78 -20.01 -31.44
N LEU E 697 44.74 -20.89 -32.45
CA LEU E 697 45.83 -21.85 -32.68
C LEU E 697 47.15 -21.13 -32.92
N ALA E 698 47.12 -20.06 -33.72
CA ALA E 698 48.33 -19.29 -34.02
C ALA E 698 48.91 -18.64 -32.76
N ILE E 699 48.05 -18.04 -31.92
CA ILE E 699 48.50 -17.39 -30.70
C ILE E 699 49.08 -18.41 -29.73
N ARG E 700 48.47 -19.60 -29.65
CA ARG E 700 49.00 -20.68 -28.81
C ARG E 700 50.39 -21.11 -29.26
N GLU E 701 50.56 -21.31 -30.58
CA GLU E 701 51.85 -21.68 -31.15
C GLU E 701 52.93 -20.64 -30.86
N SER E 702 52.57 -19.35 -31.01
CA SER E 702 53.53 -18.27 -30.80
C SER E 702 53.98 -18.19 -29.34
N ILE E 703 53.03 -18.27 -28.39
CA ILE E 703 53.37 -18.22 -26.97
C ILE E 703 54.24 -19.42 -26.59
N GLU E 704 53.92 -20.60 -27.16
CA GLU E 704 54.70 -21.81 -26.90
C GLU E 704 56.14 -21.65 -27.37
N SER E 705 56.34 -21.10 -28.57
CA SER E 705 57.69 -20.93 -29.10
C SER E 705 58.48 -19.88 -28.30
N GLU E 706 57.81 -18.79 -27.90
CA GLU E 706 58.45 -17.76 -27.06
C GLU E 706 58.91 -18.33 -25.73
N ILE E 707 58.05 -19.14 -25.09
CA ILE E 707 58.40 -19.75 -23.81
C ILE E 707 59.53 -20.76 -23.99
N ARG E 708 59.53 -21.49 -25.12
CA ARG E 708 60.60 -22.44 -25.41
C ARG E 708 61.95 -21.73 -25.55
N ARG E 709 61.96 -20.57 -26.20
CA ARG E 709 63.19 -19.80 -26.33
C ARG E 709 63.62 -19.24 -24.96
N GLU E 710 62.66 -18.72 -24.18
CA GLU E 710 62.97 -18.16 -22.86
C GLU E 710 63.49 -19.21 -21.89
N ARG E 711 63.08 -20.47 -22.06
CA ARG E 711 63.47 -21.53 -21.13
C ARG E 711 64.65 -22.35 -21.65
N GLU E 712 64.95 -22.28 -22.95
CA GLU E 712 66.01 -23.09 -23.56
C GLU E 712 67.39 -22.65 -23.06
N ARG E 713 67.76 -21.39 -23.31
CA ARG E 713 69.09 -20.92 -22.94
C ARG E 713 69.11 -20.16 -21.61
N GLN E 714 68.10 -19.33 -21.33
CA GLN E 714 68.11 -18.42 -20.19
C GLN E 714 67.80 -19.09 -18.85
N THR E 715 67.81 -20.42 -18.77
CA THR E 715 67.69 -21.14 -17.51
C THR E 715 68.89 -22.07 -17.34
N GLU E 723 69.20 -13.60 -33.23
CA GLU E 723 68.43 -14.19 -32.14
C GLU E 723 66.99 -13.69 -32.13
N GLU E 724 66.67 -12.82 -33.09
CA GLU E 724 65.28 -12.46 -33.39
C GLU E 724 64.94 -13.16 -34.70
N ASP E 725 64.50 -14.41 -34.58
CA ASP E 725 64.01 -15.21 -35.70
C ASP E 725 62.56 -15.56 -35.39
N ASP E 726 61.63 -14.73 -35.90
CA ASP E 726 60.19 -14.86 -35.72
C ASP E 726 59.71 -16.24 -36.13
N PRO E 727 59.17 -17.04 -35.19
CA PRO E 727 58.69 -18.40 -35.54
C PRO E 727 57.66 -18.46 -36.65
N VAL E 728 56.58 -17.69 -36.51
CA VAL E 728 55.62 -17.40 -37.58
C VAL E 728 54.90 -16.12 -37.19
N PRO E 729 54.85 -15.13 -38.07
CA PRO E 729 54.16 -13.87 -37.76
C PRO E 729 52.73 -13.80 -38.25
N GLU E 730 52.24 -14.86 -38.89
CA GLU E 730 50.94 -14.85 -39.53
C GLU E 730 50.33 -16.25 -39.45
N ILE E 731 49.21 -16.43 -40.14
CA ILE E 731 48.50 -17.70 -40.19
C ILE E 731 48.86 -18.39 -41.50
N ARG E 732 48.96 -19.72 -41.48
CA ARG E 732 49.32 -20.45 -42.69
C ARG E 732 48.28 -21.52 -42.98
N ARG E 733 48.57 -22.40 -43.95
CA ARG E 733 47.59 -23.38 -44.41
C ARG E 733 47.27 -24.43 -43.35
N ASP E 734 48.28 -24.80 -42.55
CA ASP E 734 48.10 -25.89 -41.58
C ASP E 734 47.18 -25.49 -40.45
N HIS E 735 47.25 -24.23 -40.00
CA HIS E 735 46.34 -23.72 -38.98
C HIS E 735 44.90 -23.77 -39.46
N PHE E 736 44.67 -23.39 -40.71
CA PHE E 736 43.34 -23.44 -41.29
C PHE E 736 42.84 -24.86 -41.43
N GLU E 737 43.73 -25.80 -41.75
CA GLU E 737 43.35 -27.22 -41.85
C GLU E 737 42.94 -27.78 -40.49
N GLU E 738 43.73 -27.47 -39.45
CA GLU E 738 43.43 -27.93 -38.09
C GLU E 738 42.12 -27.33 -37.58
N ALA E 739 41.90 -26.05 -37.84
CA ALA E 739 40.64 -25.41 -37.44
C ALA E 739 39.47 -25.92 -38.27
N MET E 740 39.70 -26.24 -39.54
CA MET E 740 38.63 -26.67 -40.43
C MET E 740 38.17 -28.08 -40.12
N ARG E 741 39.02 -28.92 -39.51
CA ARG E 741 38.54 -30.24 -39.05
C ARG E 741 37.51 -30.15 -37.89
N PHE E 742 37.26 -28.96 -37.34
CA PHE E 742 36.23 -28.70 -36.33
C PHE E 742 35.02 -27.97 -36.91
N ALA E 743 34.78 -28.11 -38.21
CA ALA E 743 33.71 -27.38 -38.88
C ALA E 743 32.35 -27.93 -38.52
N ARG E 744 31.43 -27.02 -38.21
CA ARG E 744 30.12 -27.37 -37.70
C ARG E 744 29.04 -26.60 -38.43
N ARG E 745 28.01 -27.28 -38.93
CA ARG E 745 26.89 -26.55 -39.48
C ARG E 745 26.03 -26.01 -38.35
N SER E 746 25.07 -25.15 -38.70
CA SER E 746 24.21 -24.62 -37.66
C SER E 746 22.75 -24.55 -38.05
N VAL E 747 22.40 -24.91 -39.29
CA VAL E 747 21.01 -24.91 -39.74
C VAL E 747 20.81 -26.21 -40.51
N SER E 748 19.69 -26.88 -40.26
CA SER E 748 19.37 -28.15 -40.93
C SER E 748 18.62 -27.89 -42.24
N ASP E 749 18.38 -28.98 -42.97
CA ASP E 749 17.66 -28.88 -44.24
C ASP E 749 16.19 -28.54 -44.03
N ASN E 750 15.58 -29.12 -42.98
CA ASN E 750 14.16 -28.93 -42.69
C ASN E 750 13.84 -27.47 -42.40
N ASP E 751 14.77 -26.75 -41.77
CA ASP E 751 14.56 -25.34 -41.46
C ASP E 751 14.51 -24.49 -42.74
N ILE E 752 15.42 -24.78 -43.69
CA ILE E 752 15.43 -24.13 -44.99
C ILE E 752 14.14 -24.42 -45.74
N ARG E 753 13.68 -25.67 -45.66
CA ARG E 753 12.43 -26.01 -46.34
C ARG E 753 11.24 -25.31 -45.69
N LYS E 754 11.28 -25.08 -44.37
CA LYS E 754 10.21 -24.34 -43.69
C LYS E 754 10.17 -22.89 -44.15
N TYR E 755 11.35 -22.23 -44.19
CA TYR E 755 11.46 -20.88 -44.74
C TYR E 755 10.97 -20.82 -46.19
N GLU E 756 11.25 -21.89 -46.95
CA GLU E 756 10.91 -21.92 -48.36
C GLU E 756 9.41 -22.13 -48.55
N MET E 757 8.76 -22.91 -47.67
CA MET E 757 7.29 -22.96 -47.66
C MET E 757 6.69 -21.60 -47.36
N PHE E 758 7.26 -20.87 -46.40
CA PHE E 758 6.76 -19.52 -46.10
C PHE E 758 6.95 -18.59 -47.29
N ALA E 759 8.09 -18.74 -47.99
CA ALA E 759 8.40 -17.89 -49.14
C ALA E 759 7.47 -18.20 -50.31
N GLN E 760 7.31 -19.47 -50.64
CA GLN E 760 6.42 -19.86 -51.73
C GLN E 760 4.97 -19.50 -51.40
N THR E 761 4.57 -19.78 -50.16
CA THR E 761 3.19 -19.46 -49.72
C THR E 761 3.16 -18.05 -49.10
N LEU E 762 3.91 -17.10 -49.67
CA LEU E 762 3.90 -15.73 -49.17
C LEU E 762 2.59 -15.06 -49.55
N GLN E 763 1.89 -15.60 -50.53
CA GLN E 763 0.60 -15.10 -50.98
C GLN E 763 -0.50 -15.90 -50.31
N GLN E 764 -1.72 -15.31 -50.35
CA GLN E 764 -2.96 -15.90 -49.84
C GLN E 764 -2.85 -16.23 -48.35
N SER E 765 -2.47 -15.22 -47.55
CA SER E 765 -2.74 -15.25 -46.11
C SER E 765 -3.53 -14.03 -45.64
N ARG E 766 -2.92 -12.84 -45.62
CA ARG E 766 -3.33 -11.66 -44.82
C ARG E 766 -4.79 -11.19 -44.96
N LYS F 18 82.30 15.85 1.25
CA LYS F 18 81.92 14.68 2.02
C LYS F 18 80.84 13.92 1.27
N GLN F 19 80.86 12.59 1.35
CA GLN F 19 79.90 11.74 0.67
C GLN F 19 78.81 11.33 1.65
N LYS F 20 77.58 11.77 1.37
CA LYS F 20 76.47 11.46 2.26
C LYS F 20 75.21 11.02 1.52
N ASN F 21 75.05 11.37 0.24
CA ASN F 21 73.79 11.13 -0.46
C ASN F 21 73.59 9.66 -0.78
N ARG F 22 74.58 9.04 -1.40
CA ARG F 22 74.41 7.67 -1.88
C ARG F 22 74.64 6.59 -0.81
N PRO F 23 75.72 6.58 0.00
CA PRO F 23 75.83 5.49 0.99
C PRO F 23 75.04 5.72 2.27
N ASN F 24 74.55 6.92 2.55
CA ASN F 24 73.99 7.21 3.87
C ASN F 24 72.63 7.87 3.77
N ARG F 25 71.72 7.29 3.00
CA ARG F 25 70.34 7.79 2.92
C ARG F 25 69.40 6.62 2.70
N LEU F 26 68.34 6.55 3.50
CA LEU F 26 67.30 5.55 3.34
C LEU F 26 65.96 6.18 3.66
N ILE F 27 64.88 5.43 3.38
CA ILE F 27 63.53 5.89 3.59
C ILE F 27 62.82 4.93 4.53
N VAL F 28 62.16 5.48 5.56
CA VAL F 28 61.51 4.69 6.60
C VAL F 28 60.25 4.02 6.07
N ASP F 29 59.99 2.78 6.49
CA ASP F 29 58.69 2.15 6.21
C ASP F 29 58.33 1.23 7.38
N GLU F 30 57.26 0.44 7.20
CA GLU F 30 56.74 -0.46 8.22
C GLU F 30 57.72 -1.57 8.55
N ALA F 31 57.47 -2.23 9.68
CA ALA F 31 58.33 -3.29 10.18
C ALA F 31 57.62 -4.62 10.21
N ILE F 32 58.41 -5.70 10.27
CA ILE F 32 57.89 -7.06 10.30
C ILE F 32 58.28 -7.71 11.63
N ASN F 33 59.40 -7.29 12.20
CA ASN F 33 59.82 -7.80 13.50
C ASN F 33 59.25 -6.92 14.60
N GLU F 34 59.18 -7.48 15.82
CA GLU F 34 58.59 -6.78 16.95
C GLU F 34 59.60 -6.30 17.98
N ASP F 35 60.88 -6.66 17.86
CA ASP F 35 61.88 -6.23 18.82
C ASP F 35 62.16 -4.73 18.65
N ASN F 36 62.28 -4.03 19.78
CA ASN F 36 62.49 -2.58 19.81
C ASN F 36 63.92 -2.16 19.54
N SER F 37 64.80 -3.07 19.11
CA SER F 37 66.17 -2.72 18.82
C SER F 37 66.62 -3.22 17.47
N VAL F 38 65.88 -4.11 16.84
CA VAL F 38 66.27 -4.69 15.57
C VAL F 38 65.79 -3.76 14.46
N VAL F 39 66.71 -3.31 13.63
CA VAL F 39 66.37 -2.54 12.43
C VAL F 39 66.77 -3.37 11.22
N SER F 40 65.82 -3.57 10.32
CA SER F 40 65.98 -4.50 9.21
C SER F 40 66.26 -3.77 7.90
N LEU F 41 67.25 -4.26 7.16
CA LEU F 41 67.54 -3.73 5.84
C LEU F 41 68.01 -4.86 4.93
N SER F 42 68.18 -4.54 3.65
CA SER F 42 68.49 -5.52 2.62
C SER F 42 69.99 -5.72 2.45
N GLN F 43 70.36 -6.93 2.01
CA GLN F 43 71.77 -7.33 1.90
C GLN F 43 72.63 -6.46 0.96
N PRO F 44 72.18 -6.02 -0.27
CA PRO F 44 73.02 -5.09 -1.07
C PRO F 44 73.44 -3.81 -0.36
N LYS F 45 72.50 -3.15 0.32
CA LYS F 45 72.85 -1.98 1.11
C LYS F 45 73.78 -2.33 2.25
N MET F 46 73.64 -3.54 2.82
CA MET F 46 74.44 -3.90 3.99
C MET F 46 75.90 -4.14 3.61
N ASP F 47 76.15 -4.80 2.48
CA ASP F 47 77.56 -4.90 2.07
C ASP F 47 78.02 -3.66 1.33
N GLU F 48 77.11 -2.75 1.00
CA GLU F 48 77.53 -1.43 0.53
C GLU F 48 77.97 -0.54 1.69
N LEU F 49 77.21 -0.52 2.79
CA LEU F 49 77.59 0.23 3.98
C LEU F 49 78.79 -0.32 4.74
N GLN F 50 79.27 -1.53 4.37
CA GLN F 50 80.33 -2.29 5.04
C GLN F 50 79.94 -2.59 6.48
N LEU F 51 78.78 -3.25 6.62
CA LEU F 51 78.23 -3.64 7.90
C LEU F 51 77.86 -5.11 7.90
N PHE F 52 78.19 -5.79 9.00
CA PHE F 52 77.83 -7.18 9.21
C PHE F 52 76.67 -7.25 10.18
N ARG F 53 76.07 -8.44 10.29
CA ARG F 53 74.95 -8.68 11.19
C ARG F 53 75.36 -8.43 12.65
N GLY F 54 74.38 -7.99 13.44
CA GLY F 54 74.60 -7.75 14.85
C GLY F 54 75.35 -6.49 15.22
N ASP F 55 76.01 -5.82 14.28
CA ASP F 55 76.75 -4.60 14.59
C ASP F 55 75.77 -3.48 14.94
N THR F 56 76.04 -2.81 16.05
CA THR F 56 75.23 -1.67 16.44
C THR F 56 75.46 -0.50 15.48
N VAL F 57 74.37 0.11 15.04
CA VAL F 57 74.37 1.18 14.05
C VAL F 57 73.75 2.39 14.72
N LEU F 58 74.06 3.56 14.17
CA LEU F 58 73.62 4.82 14.75
C LEU F 58 72.78 5.57 13.72
N LEU F 59 71.60 6.00 14.13
CA LEU F 59 70.64 6.66 13.26
C LEU F 59 70.42 8.09 13.73
N LYS F 60 70.47 9.03 12.79
CA LYS F 60 70.14 10.42 13.04
C LYS F 60 68.90 10.78 12.24
N GLY F 61 67.98 11.50 12.87
CA GLY F 61 66.72 11.86 12.25
C GLY F 61 66.44 13.34 12.41
N LYS F 62 65.16 13.67 12.44
CA LYS F 62 64.73 15.06 12.58
C LYS F 62 65.05 15.56 13.98
N LYS F 63 65.35 16.86 14.08
CA LYS F 63 65.64 17.56 15.35
C LYS F 63 66.83 16.91 16.06
N ARG F 64 67.93 16.68 15.32
CA ARG F 64 69.20 16.14 15.87
C ARG F 64 68.96 15.16 17.02
N ARG F 65 68.03 14.23 16.81
CA ARG F 65 67.87 13.05 17.65
C ARG F 65 68.67 11.87 17.10
N GLU F 66 69.13 11.02 18.01
CA GLU F 66 69.96 9.88 17.64
C GLU F 66 69.42 8.62 18.29
N ALA F 67 69.82 7.48 17.74
CA ALA F 67 69.44 6.19 18.31
C ALA F 67 70.46 5.14 17.93
N VAL F 68 70.67 4.19 18.83
CA VAL F 68 71.60 3.09 18.63
C VAL F 68 70.78 1.82 18.53
N CYS F 69 71.03 1.01 17.50
CA CYS F 69 70.21 -0.18 17.24
C CYS F 69 71.04 -1.28 16.62
N ILE F 70 70.80 -2.53 17.05
CA ILE F 70 71.39 -3.66 16.36
C ILE F 70 70.72 -3.82 14.99
N VAL F 71 71.48 -4.34 14.03
CA VAL F 71 71.06 -4.38 12.63
C VAL F 71 70.72 -5.83 12.27
N LEU F 72 69.94 -5.99 11.19
CA LEU F 72 69.56 -7.31 10.72
C LEU F 72 69.26 -7.21 9.23
N SER F 73 69.43 -8.33 8.54
CA SER F 73 69.23 -8.42 7.10
C SER F 73 67.93 -9.15 6.78
N ASP F 74 67.32 -8.75 5.67
CA ASP F 74 66.09 -9.37 5.18
C ASP F 74 66.16 -9.30 3.65
N ASP F 75 65.17 -9.86 2.99
CA ASP F 75 65.12 -9.87 1.53
C ASP F 75 63.96 -9.12 0.94
N ALA F 76 62.79 -9.14 1.60
CA ALA F 76 61.58 -8.48 1.12
C ALA F 76 61.63 -6.96 1.37
N CYS F 77 62.62 -6.31 0.77
CA CYS F 77 62.81 -4.88 0.87
C CYS F 77 63.34 -4.38 -0.46
N SER F 78 63.36 -3.07 -0.60
CA SER F 78 64.03 -2.44 -1.73
C SER F 78 65.47 -2.14 -1.34
N ASP F 79 66.16 -1.35 -2.15
CA ASP F 79 67.54 -0.98 -1.86
C ASP F 79 67.65 0.45 -1.33
N GLU F 80 66.54 1.04 -0.89
CA GLU F 80 66.60 2.33 -0.23
C GLU F 80 65.59 2.42 0.90
N LYS F 81 64.94 1.32 1.26
CA LYS F 81 63.95 1.32 2.32
C LYS F 81 64.54 0.65 3.57
N ILE F 82 64.18 1.19 4.73
CA ILE F 82 64.63 0.66 6.01
C ILE F 82 63.40 0.43 6.88
N ARG F 83 63.34 -0.76 7.49
CA ARG F 83 62.19 -1.15 8.29
C ARG F 83 62.53 -1.00 9.76
N MET F 84 61.84 -0.10 10.44
CA MET F 84 62.04 0.14 11.85
C MET F 84 60.72 0.06 12.60
N ASN F 85 60.79 -0.37 13.85
CA ASN F 85 59.62 -0.54 14.70
C ASN F 85 59.07 0.83 15.10
N ARG F 86 57.90 0.82 15.74
CA ARG F 86 57.21 2.09 16.05
C ARG F 86 57.91 2.84 17.18
N VAL F 87 58.56 2.12 18.10
CA VAL F 87 59.23 2.76 19.23
C VAL F 87 60.44 3.55 18.76
N VAL F 88 61.33 2.89 18.01
CA VAL F 88 62.53 3.54 17.48
C VAL F 88 62.16 4.66 16.50
N ARG F 89 61.10 4.48 15.69
CA ARG F 89 60.64 5.52 14.77
C ARG F 89 60.15 6.75 15.51
N ASN F 90 59.33 6.55 16.54
CA ASN F 90 58.83 7.65 17.35
C ASN F 90 59.94 8.28 18.20
N ASN F 91 61.04 7.56 18.41
CA ASN F 91 62.16 8.09 19.18
C ASN F 91 63.01 9.07 18.39
N LEU F 92 62.91 9.07 17.06
CA LEU F 92 63.66 9.98 16.19
C LEU F 92 62.87 11.17 15.71
N ARG F 93 61.58 11.24 16.03
CA ARG F 93 60.58 12.25 15.63
C ARG F 93 60.21 12.18 14.16
N VAL F 94 60.71 11.20 13.41
CA VAL F 94 60.35 11.06 12.00
C VAL F 94 59.02 10.35 11.89
N ARG F 95 58.45 10.34 10.69
CA ARG F 95 57.26 9.57 10.36
C ARG F 95 57.59 8.78 9.11
N LEU F 96 56.68 7.88 8.73
CA LEU F 96 56.88 7.05 7.55
C LEU F 96 57.03 7.90 6.30
N GLY F 97 57.95 7.51 5.43
CA GLY F 97 58.21 8.26 4.22
C GLY F 97 59.26 9.34 4.37
N ASP F 98 59.86 9.48 5.55
CA ASP F 98 60.91 10.46 5.75
C ASP F 98 62.28 9.82 5.56
N VAL F 99 63.32 10.65 5.58
CA VAL F 99 64.68 10.19 5.35
C VAL F 99 65.51 10.38 6.61
N ILE F 100 66.47 9.48 6.81
CA ILE F 100 67.33 9.48 7.97
C ILE F 100 68.77 9.25 7.52
N SER F 101 69.69 9.34 8.47
CA SER F 101 71.10 9.09 8.23
C SER F 101 71.56 7.91 9.07
N ILE F 102 72.36 7.04 8.48
CA ILE F 102 72.84 5.83 9.13
C ILE F 102 74.36 5.90 9.19
N GLN F 103 74.94 5.31 10.23
CA GLN F 103 76.39 5.31 10.43
C GLN F 103 76.78 4.09 11.23
N PRO F 104 78.02 3.61 11.08
CA PRO F 104 78.54 2.59 12.00
C PRO F 104 79.10 3.21 13.27
N CYS F 105 78.76 2.62 14.42
CA CYS F 105 79.18 3.11 15.73
C CYS F 105 79.92 2.00 16.48
N PRO F 106 81.21 1.82 16.21
CA PRO F 106 81.94 0.69 16.80
C PRO F 106 82.56 0.98 18.15
N ASP F 107 82.14 2.06 18.81
CA ASP F 107 82.75 2.49 20.06
C ASP F 107 81.72 2.56 21.19
N VAL F 108 80.85 1.56 21.27
CA VAL F 108 79.94 1.41 22.40
C VAL F 108 80.58 0.44 23.39
N LYS F 109 80.36 0.69 24.68
CA LYS F 109 80.97 -0.13 25.72
C LYS F 109 79.88 -0.62 26.67
N TYR F 110 80.22 -1.59 27.49
CA TYR F 110 79.28 -2.10 28.46
C TYR F 110 79.09 -1.10 29.60
N GLY F 111 77.87 -1.05 30.13
CA GLY F 111 77.58 -0.14 31.21
C GLY F 111 77.93 -0.71 32.56
N LYS F 112 77.99 0.19 33.55
CA LYS F 112 78.19 -0.19 34.93
C LYS F 112 77.22 0.44 35.90
N ARG F 113 76.27 1.26 35.42
CA ARG F 113 75.24 1.92 36.24
C ARG F 113 74.20 2.53 35.31
N ILE F 114 72.91 2.28 35.55
CA ILE F 114 71.83 2.84 34.74
C ILE F 114 70.80 3.32 35.76
N HIS F 115 69.89 4.21 35.35
CA HIS F 115 68.81 4.69 36.19
C HIS F 115 67.62 4.91 35.27
N VAL F 116 66.48 4.30 35.61
CA VAL F 116 65.30 4.31 34.76
C VAL F 116 64.13 4.77 35.61
N LEU F 117 63.16 5.43 34.99
CA LEU F 117 61.94 5.89 35.65
C LEU F 117 60.72 5.48 34.84
N PRO F 118 59.55 5.40 35.45
CA PRO F 118 58.33 5.17 34.69
C PRO F 118 57.62 6.48 34.34
N ILE F 119 56.61 6.36 33.49
CA ILE F 119 55.74 7.47 33.10
C ILE F 119 54.44 7.34 33.88
N ASP F 120 54.01 8.43 34.54
CA ASP F 120 52.87 8.36 35.47
C ASP F 120 51.55 8.12 34.75
N ASP F 121 51.43 8.53 33.49
CA ASP F 121 50.20 8.29 32.71
C ASP F 121 49.97 6.80 32.51
N THR F 122 51.03 6.01 32.51
CA THR F 122 50.96 4.59 32.21
C THR F 122 50.75 3.76 33.47
N VAL F 123 51.48 4.08 34.55
CA VAL F 123 51.35 3.32 35.79
C VAL F 123 50.14 3.84 36.57
N GLU F 124 49.08 3.04 36.58
CA GLU F 124 47.86 3.34 37.33
C GLU F 124 47.37 2.02 37.88
N GLY F 125 47.16 1.96 39.18
CA GLY F 125 46.78 0.73 39.83
C GLY F 125 47.84 -0.35 39.84
N ILE F 126 49.08 -0.02 39.51
CA ILE F 126 50.19 -0.95 39.59
C ILE F 126 50.73 -0.93 41.01
N THR F 127 50.62 -2.05 41.70
CA THR F 127 51.08 -2.19 43.07
C THR F 127 52.20 -3.22 43.11
N GLY F 128 53.04 -3.10 44.12
CA GLY F 128 54.26 -3.88 44.20
C GLY F 128 55.45 -3.11 43.67
N ASN F 129 56.50 -3.84 43.33
CA ASN F 129 57.69 -3.27 42.74
C ASN F 129 57.76 -3.60 41.26
N LEU F 130 58.14 -2.60 40.46
CA LEU F 130 58.19 -2.72 39.01
C LEU F 130 59.43 -3.42 38.50
N PHE F 131 60.51 -3.43 39.27
CA PHE F 131 61.80 -3.98 38.88
C PHE F 131 61.73 -5.45 38.54
N GLU F 132 61.42 -6.29 39.53
CA GLU F 132 61.51 -7.74 39.37
C GLU F 132 60.43 -8.33 38.48
N VAL F 133 59.39 -7.58 38.14
CA VAL F 133 58.29 -8.14 37.36
C VAL F 133 58.47 -7.74 35.90
N TYR F 134 59.06 -6.56 35.65
CA TYR F 134 59.16 -6.02 34.30
C TYR F 134 60.60 -5.84 33.82
N LEU F 135 61.44 -5.16 34.59
CA LEU F 135 62.79 -4.88 34.10
C LEU F 135 63.74 -6.05 34.26
N LYS F 136 63.36 -7.07 35.00
CA LYS F 136 64.19 -8.27 35.11
C LYS F 136 64.08 -9.17 33.87
N PRO F 137 62.89 -9.52 33.30
CA PRO F 137 62.92 -10.40 32.13
C PRO F 137 63.28 -9.68 30.84
N TYR F 138 63.19 -8.35 30.80
CA TYR F 138 63.47 -7.61 29.57
C TYR F 138 64.95 -7.65 29.24
N PHE F 139 65.80 -7.17 30.14
CA PHE F 139 67.25 -7.25 29.94
C PHE F 139 67.81 -8.59 30.42
N LEU F 140 67.26 -9.69 29.94
CA LEU F 140 67.68 -11.02 30.36
C LEU F 140 68.20 -11.77 29.14
N GLU F 141 69.50 -12.09 29.17
CA GLU F 141 70.20 -12.90 28.14
C GLU F 141 70.10 -12.29 26.74
N ALA F 142 69.95 -10.97 26.65
CA ALA F 142 69.85 -10.27 25.38
C ALA F 142 70.58 -8.93 25.54
N TYR F 143 71.78 -8.86 24.96
CA TYR F 143 72.57 -7.63 24.94
C TYR F 143 71.87 -6.55 24.14
N ARG F 144 71.31 -5.55 24.83
CA ARG F 144 70.53 -4.52 24.19
C ARG F 144 71.20 -3.17 24.34
N PRO F 145 71.35 -2.39 23.27
CA PRO F 145 71.96 -1.07 23.38
C PRO F 145 70.96 0.01 23.72
N ILE F 146 71.44 1.03 24.43
CA ILE F 146 70.59 2.13 24.88
C ILE F 146 71.36 3.43 24.80
N ARG F 147 70.61 4.53 24.73
CA ARG F 147 71.14 5.88 24.75
C ARG F 147 70.34 6.67 25.77
N LYS F 148 70.99 7.65 26.40
CA LYS F 148 70.36 8.49 27.41
C LYS F 148 69.20 9.28 26.83
N GLY F 149 68.07 9.25 27.52
CA GLY F 149 66.93 10.06 27.13
C GLY F 149 65.96 9.39 26.18
N ASP F 150 66.03 8.08 26.02
CA ASP F 150 65.08 7.41 25.15
C ASP F 150 63.85 6.98 25.95
N ILE F 151 62.92 6.29 25.30
CA ILE F 151 61.76 5.70 25.95
C ILE F 151 61.53 4.34 25.32
N PHE F 152 61.42 3.30 26.14
CA PHE F 152 61.11 1.97 25.64
C PHE F 152 59.88 1.43 26.34
N LEU F 153 59.42 0.26 25.88
CA LEU F 153 58.11 -0.24 26.25
C LEU F 153 58.19 -1.73 26.52
N VAL F 154 57.59 -2.18 27.64
CA VAL F 154 57.58 -3.58 28.02
C VAL F 154 56.14 -4.02 28.22
N ARG F 155 55.81 -5.22 27.74
CA ARG F 155 54.45 -5.72 27.78
C ARG F 155 54.35 -6.92 28.71
N GLY F 156 53.25 -6.98 29.46
CA GLY F 156 53.05 -8.08 30.37
C GLY F 156 52.02 -7.72 31.42
N GLY F 157 51.54 -8.76 32.11
CA GLY F 157 50.53 -8.62 33.15
C GLY F 157 49.26 -7.93 32.70
N MET F 158 48.86 -8.17 31.44
CA MET F 158 47.71 -7.57 30.76
C MET F 158 47.82 -6.05 30.71
N ARG F 159 49.04 -5.51 30.71
CA ARG F 159 49.31 -4.08 30.56
C ARG F 159 50.57 -3.89 29.72
N ALA F 160 50.82 -2.64 29.37
CA ALA F 160 52.02 -2.26 28.64
C ALA F 160 52.57 -1.01 29.31
N VAL F 161 53.78 -1.11 29.85
CA VAL F 161 54.37 -0.05 30.67
C VAL F 161 55.56 0.56 29.94
N GLU F 162 55.64 1.88 29.96
CA GLU F 162 56.73 2.62 29.36
C GLU F 162 57.78 2.95 30.39
N PHE F 163 59.01 3.14 29.93
CA PHE F 163 60.13 3.44 30.81
C PHE F 163 61.08 4.40 30.11
N LYS F 164 61.57 5.38 30.86
CA LYS F 164 62.47 6.41 30.35
C LYS F 164 63.82 6.29 31.02
N VAL F 165 64.88 6.26 30.23
CA VAL F 165 66.24 6.19 30.76
C VAL F 165 66.69 7.59 31.11
N VAL F 166 67.30 7.76 32.28
CA VAL F 166 67.71 9.06 32.75
C VAL F 166 69.23 9.26 32.73
N GLU F 167 70.00 8.21 33.00
CA GLU F 167 71.44 8.35 33.08
C GLU F 167 72.06 7.07 32.51
N THR F 168 73.37 7.13 32.22
CA THR F 168 74.15 5.99 31.76
C THR F 168 75.58 6.24 32.21
N ASP F 169 76.27 5.19 32.67
CA ASP F 169 77.60 5.37 33.25
C ASP F 169 78.65 5.60 32.15
N PRO F 170 78.71 4.83 31.02
CA PRO F 170 79.55 5.34 29.92
C PRO F 170 78.76 6.28 29.01
N SER F 171 78.40 7.44 29.57
CA SER F 171 77.48 8.41 28.97
C SER F 171 77.97 8.91 27.61
N PRO F 172 77.06 9.18 26.67
CA PRO F 172 75.59 9.08 26.75
C PRO F 172 74.94 7.86 26.10
N TYR F 173 75.67 6.76 25.88
CA TYR F 173 75.08 5.55 25.31
C TYR F 173 75.97 4.35 25.60
N CYS F 174 75.35 3.17 25.70
CA CYS F 174 76.07 1.96 26.08
C CYS F 174 75.29 0.74 25.61
N ILE F 175 75.76 -0.44 26.06
CA ILE F 175 75.11 -1.73 25.83
C ILE F 175 74.87 -2.37 27.20
N VAL F 176 73.74 -3.04 27.36
CA VAL F 176 73.38 -3.68 28.63
C VAL F 176 74.02 -5.07 28.64
N ALA F 177 74.98 -5.25 29.51
CA ALA F 177 75.68 -6.49 29.78
C ALA F 177 75.10 -7.12 31.04
N PRO F 178 75.28 -8.44 31.27
CA PRO F 178 74.73 -9.08 32.49
C PRO F 178 75.16 -8.47 33.82
N ASP F 179 76.36 -7.88 33.90
CA ASP F 179 76.86 -7.33 35.15
C ASP F 179 76.62 -5.83 35.27
N THR F 180 75.55 -5.34 34.64
CA THR F 180 75.21 -3.93 34.64
C THR F 180 74.09 -3.71 35.67
N VAL F 181 74.44 -3.09 36.80
CA VAL F 181 73.45 -2.84 37.84
C VAL F 181 72.43 -1.81 37.39
N ILE F 182 71.23 -1.90 37.92
CA ILE F 182 70.14 -0.98 37.59
C ILE F 182 69.61 -0.43 38.90
N HIS F 183 69.66 0.88 39.05
CA HIS F 183 69.09 1.55 40.22
C HIS F 183 67.74 2.08 39.78
N CYS F 184 66.69 1.29 40.00
CA CYS F 184 65.33 1.73 39.71
C CYS F 184 64.77 2.45 40.94
N GLU F 185 65.31 3.65 41.14
CA GLU F 185 65.02 4.44 42.33
C GLU F 185 64.39 5.76 41.91
N GLY F 186 63.30 6.13 42.55
CA GLY F 186 62.69 7.40 42.27
C GLY F 186 61.20 7.28 42.11
N GLU F 187 60.59 8.38 41.68
CA GLU F 187 59.16 8.53 41.53
C GLU F 187 58.83 8.78 40.06
N PRO F 188 57.57 8.51 39.62
CA PRO F 188 57.20 8.70 38.21
C PRO F 188 57.43 10.11 37.66
N ILE F 189 57.67 10.17 36.35
CA ILE F 189 58.00 11.41 35.66
C ILE F 189 56.84 11.75 34.73
N LYS F 190 56.76 13.02 34.35
CA LYS F 190 55.64 13.55 33.58
C LYS F 190 55.92 13.45 32.09
N ARG F 191 54.89 13.10 31.33
CA ARG F 191 55.01 13.11 29.88
C ARG F 191 54.86 14.54 29.40
N GLU F 192 55.86 15.03 28.67
CA GLU F 192 55.84 16.41 28.21
C GLU F 192 54.94 16.54 26.98
N ASP F 193 54.89 17.74 26.41
CA ASP F 193 53.98 18.05 25.32
C ASP F 193 54.61 17.85 23.95
N GLU F 194 55.72 17.12 23.87
CA GLU F 194 56.39 16.90 22.59
C GLU F 194 56.26 15.48 22.05
N GLU F 195 56.47 14.46 22.86
CA GLU F 195 56.33 13.10 22.36
C GLU F 195 54.88 12.66 22.52
N GLU F 196 54.45 11.78 21.62
CA GLU F 196 53.09 11.28 21.65
C GLU F 196 53.08 9.94 22.36
N SER F 197 51.89 9.56 22.83
CA SER F 197 51.75 8.30 23.56
C SER F 197 51.85 7.09 22.64
N LEU F 198 52.07 5.93 23.25
CA LEU F 198 52.17 4.68 22.50
C LEU F 198 51.01 3.74 22.78
N ASN F 199 49.97 4.21 23.47
CA ASN F 199 48.72 3.46 23.54
C ASN F 199 47.74 3.94 22.48
N GLU F 200 48.16 4.83 21.61
CA GLU F 200 47.34 5.33 20.52
C GLU F 200 47.27 4.30 19.40
N VAL F 201 46.66 4.67 18.29
CA VAL F 201 46.42 3.75 17.20
C VAL F 201 47.47 4.01 16.13
N GLY F 202 47.93 2.95 15.49
CA GLY F 202 48.84 3.05 14.37
C GLY F 202 48.52 1.89 13.44
N TYR F 203 49.23 1.86 12.30
CA TYR F 203 49.04 0.79 11.31
C TYR F 203 49.34 -0.61 11.84
N ASP F 204 50.14 -0.72 12.91
CA ASP F 204 50.47 -2.00 13.49
C ASP F 204 49.31 -2.61 14.25
N ASP F 205 48.35 -1.80 14.68
CA ASP F 205 47.19 -2.26 15.44
C ASP F 205 46.00 -2.56 14.57
N ILE F 206 46.20 -2.99 13.34
CA ILE F 206 45.13 -3.32 12.41
C ILE F 206 45.49 -4.66 11.79
N GLY F 207 44.76 -5.70 12.15
CA GLY F 207 45.02 -7.03 11.62
C GLY F 207 44.22 -7.25 10.35
N GLY F 208 44.86 -7.91 9.38
CA GLY F 208 44.26 -8.15 8.08
C GLY F 208 44.06 -6.85 7.32
N CYS F 209 43.34 -6.96 6.20
CA CYS F 209 42.93 -5.85 5.33
C CYS F 209 44.15 -5.06 4.85
N ARG F 210 44.94 -5.73 4.02
CA ARG F 210 46.18 -5.13 3.53
C ARG F 210 45.98 -4.32 2.26
N LYS F 211 45.20 -4.85 1.31
CA LYS F 211 45.00 -4.18 0.02
C LYS F 211 44.27 -2.85 0.20
N GLN F 212 43.23 -2.82 1.03
CA GLN F 212 42.49 -1.61 1.27
C GLN F 212 43.33 -0.58 2.01
N LEU F 213 44.17 -1.04 2.94
CA LEU F 213 45.11 -0.14 3.62
C LEU F 213 46.08 0.49 2.64
N ALA F 214 46.57 -0.30 1.68
CA ALA F 214 47.46 0.20 0.63
C ALA F 214 46.77 1.28 -0.19
N GLN F 215 45.52 1.03 -0.60
CA GLN F 215 44.74 2.00 -1.38
C GLN F 215 44.55 3.31 -0.63
N ILE F 216 44.07 3.25 0.61
CA ILE F 216 43.84 4.47 1.39
C ILE F 216 45.14 5.22 1.65
N LYS F 217 46.24 4.48 1.86
CA LYS F 217 47.52 5.14 2.13
C LYS F 217 48.03 5.87 0.89
N GLU F 218 47.88 5.27 -0.29
CA GLU F 218 48.30 5.97 -1.50
C GLU F 218 47.31 7.07 -1.91
N MET F 219 46.09 7.04 -1.38
CA MET F 219 45.07 8.01 -1.76
C MET F 219 45.20 9.33 -1.00
N VAL F 220 45.82 9.34 0.18
CA VAL F 220 45.94 10.53 1.00
C VAL F 220 47.39 10.90 1.27
N GLU F 221 48.31 10.31 0.50
CA GLU F 221 49.74 10.52 0.70
C GLU F 221 50.15 11.94 0.37
N LEU F 222 49.93 12.36 -0.88
CA LEU F 222 50.35 13.69 -1.32
C LEU F 222 49.64 14.85 -0.62
N PRO F 223 48.28 14.93 -0.54
CA PRO F 223 47.68 16.12 0.10
C PRO F 223 48.03 16.33 1.57
N LEU F 224 48.32 15.25 2.29
CA LEU F 224 48.59 15.33 3.72
C LEU F 224 50.06 15.37 4.07
N ARG F 225 50.93 14.85 3.20
CA ARG F 225 52.35 14.89 3.51
C ARG F 225 53.03 16.11 2.92
N HIS F 226 52.77 16.41 1.65
CA HIS F 226 53.35 17.55 0.97
C HIS F 226 52.25 18.54 0.59
N PRO F 227 51.84 19.42 1.50
CA PRO F 227 50.73 20.32 1.20
C PRO F 227 51.08 21.49 0.27
N ALA F 228 52.35 21.92 0.30
CA ALA F 228 52.78 23.05 -0.52
C ALA F 228 52.79 22.74 -2.01
N LEU F 229 52.93 21.45 -2.37
CA LEU F 229 52.95 21.01 -3.76
C LEU F 229 51.67 21.39 -4.51
N PHE F 230 50.55 21.47 -3.81
CA PHE F 230 49.28 21.83 -4.40
C PHE F 230 49.07 23.34 -4.42
N LYS F 231 50.14 24.12 -4.28
CA LYS F 231 50.16 25.53 -4.63
C LYS F 231 51.01 25.79 -5.85
N ALA F 232 51.65 24.75 -6.39
CA ALA F 232 52.54 24.87 -7.54
C ALA F 232 52.02 24.18 -8.78
N ILE F 233 50.91 23.45 -8.69
CA ILE F 233 50.31 22.79 -9.83
C ILE F 233 48.80 22.92 -9.73
N GLY F 234 48.15 22.98 -10.89
CA GLY F 234 46.71 22.88 -10.89
C GLY F 234 46.30 21.46 -11.17
N VAL F 235 46.07 20.68 -10.11
CA VAL F 235 45.64 19.28 -10.16
C VAL F 235 44.80 19.07 -8.92
N LYS F 236 43.60 18.53 -9.11
CA LYS F 236 42.66 18.37 -8.00
C LYS F 236 42.84 17.00 -7.36
N PRO F 237 43.25 16.92 -6.11
CA PRO F 237 43.36 15.64 -5.45
C PRO F 237 41.99 15.16 -4.98
N PRO F 238 41.81 13.86 -4.74
CA PRO F 238 40.51 13.38 -4.26
C PRO F 238 40.19 13.89 -2.86
N ARG F 239 38.93 14.23 -2.63
CA ARG F 239 38.50 14.77 -1.35
C ARG F 239 37.38 14.01 -0.67
N GLY F 240 36.70 13.10 -1.37
CA GLY F 240 35.63 12.33 -0.77
C GLY F 240 35.89 10.85 -0.77
N ILE F 241 35.98 10.27 0.44
CA ILE F 241 36.22 8.84 0.62
C ILE F 241 35.05 8.29 1.43
N LEU F 242 34.58 7.10 1.06
CA LEU F 242 33.46 6.46 1.73
C LEU F 242 33.84 5.02 2.03
N LEU F 243 33.99 4.70 3.31
CA LEU F 243 34.32 3.36 3.76
C LEU F 243 33.05 2.63 4.11
N TYR F 244 32.91 1.39 3.66
CA TYR F 244 31.73 0.64 4.06
C TYR F 244 32.09 -0.81 4.30
N GLY F 245 31.22 -1.46 5.05
CA GLY F 245 31.41 -2.82 5.47
C GLY F 245 30.49 -3.07 6.64
N PRO F 246 30.35 -4.33 7.04
CA PRO F 246 29.47 -4.71 8.17
C PRO F 246 29.87 -4.02 9.47
N PRO F 247 28.94 -3.85 10.41
CA PRO F 247 29.32 -3.25 11.70
C PRO F 247 30.24 -4.17 12.48
N GLY F 248 31.21 -3.59 13.15
CA GLY F 248 32.19 -4.34 13.88
C GLY F 248 33.47 -4.63 13.14
N THR F 249 33.71 -3.97 12.01
CA THR F 249 34.90 -4.19 11.20
C THR F 249 35.99 -3.14 11.43
N GLY F 250 35.80 -2.24 12.38
CA GLY F 250 36.83 -1.29 12.74
C GLY F 250 37.13 -0.26 11.68
N LYS F 251 36.22 0.67 11.41
CA LYS F 251 36.44 1.70 10.42
C LYS F 251 36.97 3.01 11.00
N THR F 252 36.43 3.43 12.16
CA THR F 252 36.99 4.58 12.86
C THR F 252 38.42 4.32 13.33
N LEU F 253 38.74 3.03 13.60
CA LEU F 253 40.09 2.59 13.91
C LEU F 253 41.03 2.98 12.78
N ILE F 254 40.70 2.56 11.55
CA ILE F 254 41.46 2.87 10.34
C ILE F 254 41.60 4.38 10.15
N ALA F 255 40.52 5.12 10.46
CA ALA F 255 40.53 6.57 10.34
C ALA F 255 41.54 7.21 11.29
N ARG F 256 41.40 6.95 12.61
CA ARG F 256 42.37 7.43 13.61
C ARG F 256 43.80 7.00 13.29
N ALA F 257 43.96 5.80 12.70
CA ALA F 257 45.27 5.25 12.38
C ALA F 257 45.94 6.13 11.34
N VAL F 258 45.27 6.28 10.18
CA VAL F 258 45.71 7.15 9.09
C VAL F 258 46.04 8.55 9.62
N ALA F 259 45.11 9.13 10.40
CA ALA F 259 45.28 10.48 10.94
C ALA F 259 46.47 10.60 11.88
N ASN F 260 46.83 9.52 12.59
CA ASN F 260 47.96 9.59 13.51
C ASN F 260 49.28 9.36 12.79
N GLU F 261 49.30 8.51 11.77
CA GLU F 261 50.57 8.22 11.10
C GLU F 261 51.00 9.32 10.15
N THR F 262 50.09 10.15 9.68
CA THR F 262 50.44 11.30 8.86
C THR F 262 50.59 12.57 9.68
N GLY F 263 50.32 12.53 10.99
CA GLY F 263 50.44 13.71 11.80
C GLY F 263 49.40 14.77 11.55
N ALA F 264 48.29 14.42 10.91
CA ALA F 264 47.26 15.39 10.56
C ALA F 264 46.28 15.57 11.71
N PHE F 265 45.56 16.69 11.67
CA PHE F 265 44.53 16.96 12.66
C PHE F 265 43.31 16.12 12.36
N PHE F 266 42.61 15.70 13.42
CA PHE F 266 41.50 14.77 13.31
C PHE F 266 40.31 15.34 14.07
N PHE F 267 39.21 15.59 13.34
CA PHE F 267 37.96 16.02 13.95
C PHE F 267 36.93 14.92 13.74
N LEU F 268 36.07 14.72 14.73
CA LEU F 268 35.14 13.60 14.73
C LEU F 268 33.72 14.13 14.87
N ILE F 269 32.89 13.83 13.88
CA ILE F 269 31.47 14.12 13.91
C ILE F 269 30.77 12.77 13.92
N ASN F 270 29.65 12.70 14.62
CA ASN F 270 28.88 11.47 14.70
C ASN F 270 27.39 11.75 14.64
N GLY F 271 26.66 10.77 14.10
CA GLY F 271 25.25 10.87 13.81
C GLY F 271 24.36 11.17 14.99
N PRO F 272 24.23 10.22 15.95
CA PRO F 272 23.31 10.42 17.09
C PRO F 272 23.54 11.69 17.90
N GLU F 273 24.80 12.09 18.14
CA GLU F 273 25.07 13.34 18.86
C GLU F 273 24.55 14.56 18.12
N ILE F 274 24.53 14.52 16.79
CA ILE F 274 24.02 15.64 16.02
C ILE F 274 22.50 15.61 16.02
N MET F 275 21.91 14.44 15.81
CA MET F 275 20.46 14.30 15.70
C MET F 275 19.73 14.27 17.04
N SER F 276 20.40 14.53 18.16
CA SER F 276 19.76 14.55 19.47
C SER F 276 19.68 15.95 20.04
N LYS F 277 20.00 16.97 19.25
CA LYS F 277 19.97 18.33 19.71
C LYS F 277 18.71 19.02 19.19
N LEU F 278 18.61 20.31 19.49
CA LEU F 278 17.61 21.16 18.86
C LEU F 278 18.09 21.54 17.46
N ALA F 279 17.19 22.19 16.70
CA ALA F 279 17.46 22.52 15.29
C ALA F 279 18.68 23.42 15.13
N GLY F 280 18.59 24.64 15.69
CA GLY F 280 19.65 25.64 15.56
C GLY F 280 21.00 25.17 16.07
N GLU F 281 20.99 24.42 17.19
CA GLU F 281 22.21 23.91 17.78
C GLU F 281 22.86 22.86 16.88
N SER F 282 22.04 22.02 16.25
CA SER F 282 22.57 21.01 15.33
C SER F 282 23.23 21.64 14.11
N GLU F 283 22.56 22.64 13.49
CA GLU F 283 23.15 23.33 12.35
C GLU F 283 24.41 24.07 12.74
N SER F 284 24.41 24.73 13.90
CA SER F 284 25.57 25.48 14.36
C SER F 284 26.75 24.57 14.64
N ASN F 285 26.52 23.38 15.21
CA ASN F 285 27.61 22.44 15.43
C ASN F 285 28.17 21.92 14.12
N LEU F 286 27.29 21.57 13.17
CA LEU F 286 27.72 21.11 11.85
C LEU F 286 28.54 22.16 11.11
N ARG F 287 28.21 23.43 11.29
CA ARG F 287 28.96 24.51 10.65
C ARG F 287 30.30 24.74 11.34
N LYS F 288 30.30 24.77 12.69
CA LYS F 288 31.49 25.00 13.48
C LYS F 288 32.54 23.92 13.25
N ALA F 289 32.10 22.67 13.04
CA ALA F 289 33.02 21.57 12.78
C ALA F 289 33.88 21.88 11.56
N PHE F 290 33.25 22.28 10.45
CA PHE F 290 33.95 22.60 9.22
C PHE F 290 34.86 23.83 9.40
N GLU F 291 34.34 24.93 9.97
CA GLU F 291 35.15 26.15 10.20
C GLU F 291 36.43 25.88 10.99
N GLU F 292 36.27 25.25 12.17
CA GLU F 292 37.43 24.94 13.05
C GLU F 292 38.37 23.98 12.33
N ALA F 293 37.85 22.85 11.85
CA ALA F 293 38.63 21.89 11.07
C ALA F 293 39.47 22.58 10.00
N GLU F 294 38.82 23.44 9.20
CA GLU F 294 39.45 24.18 8.11
C GLU F 294 40.66 24.98 8.58
N LYS F 295 40.48 25.77 9.65
CA LYS F 295 41.52 26.67 10.20
C LYS F 295 42.85 25.96 10.45
N ASN F 296 42.81 24.79 11.06
CA ASN F 296 43.99 23.97 11.30
C ASN F 296 44.28 23.13 10.07
N ALA F 297 45.48 23.22 9.51
CA ALA F 297 45.66 22.48 8.27
C ALA F 297 47.04 21.83 8.14
N PRO F 298 47.12 20.61 7.57
CA PRO F 298 46.06 19.78 6.99
C PRO F 298 45.21 19.03 8.02
N ALA F 299 43.97 18.74 7.67
CA ALA F 299 42.99 18.17 8.59
C ALA F 299 42.26 17.00 7.94
N ILE F 300 41.56 16.24 8.78
CA ILE F 300 40.70 15.15 8.35
C ILE F 300 39.41 15.26 9.14
N ILE F 301 38.27 15.16 8.45
CA ILE F 301 36.96 15.21 9.10
C ILE F 301 36.30 13.86 8.90
N PHE F 302 35.83 13.26 9.98
CA PHE F 302 35.26 11.91 9.92
C PHE F 302 33.80 11.95 10.34
N ILE F 303 32.91 11.48 9.49
CA ILE F 303 31.49 11.44 9.76
C ILE F 303 31.05 9.98 9.77
N ASP F 304 31.04 9.36 10.94
CA ASP F 304 30.54 8.00 11.08
C ASP F 304 29.04 8.02 11.32
N GLU F 305 28.39 6.91 10.95
CA GLU F 305 26.92 6.79 10.90
C GLU F 305 26.35 7.86 9.98
N LEU F 306 26.84 7.90 8.74
CA LEU F 306 26.30 8.81 7.76
C LEU F 306 24.89 8.40 7.37
N ASP F 307 24.62 7.09 7.34
CA ASP F 307 23.29 6.53 7.10
C ASP F 307 22.22 7.12 8.03
N ALA F 308 22.61 7.46 9.26
CA ALA F 308 21.68 7.99 10.24
C ALA F 308 21.31 9.43 9.88
N ILE F 309 22.31 10.27 9.65
CA ILE F 309 22.09 11.69 9.46
C ILE F 309 21.64 12.03 8.04
N ALA F 310 22.03 11.25 7.03
CA ALA F 310 21.60 11.48 5.66
C ALA F 310 21.00 10.24 5.01
N PRO F 311 19.80 9.80 5.43
CA PRO F 311 19.21 8.61 4.79
C PRO F 311 18.58 8.96 3.46
N LYS F 312 17.92 7.97 2.84
CA LYS F 312 17.14 8.18 1.61
C LYS F 312 16.10 9.29 1.83
N ARG F 313 15.78 10.00 0.72
CA ARG F 313 14.89 11.18 0.79
C ARG F 313 13.51 10.84 1.34
N GLU F 314 12.85 9.83 0.76
CA GLU F 314 11.51 9.44 1.22
C GLU F 314 11.51 8.85 2.63
N LYS F 315 12.67 8.47 3.18
CA LYS F 315 12.77 8.02 4.57
C LYS F 315 12.92 9.17 5.55
N THR F 316 13.01 10.41 5.07
CA THR F 316 12.99 11.59 5.92
C THR F 316 11.56 12.11 5.87
N HIS F 317 10.73 11.57 6.75
CA HIS F 317 9.33 11.94 6.82
C HIS F 317 9.11 13.33 7.40
N GLY F 318 10.06 13.85 8.17
CA GLY F 318 9.94 15.14 8.80
C GLY F 318 10.39 16.28 7.93
N GLU F 319 10.72 17.39 8.57
CA GLU F 319 11.14 18.60 7.86
C GLU F 319 12.56 19.01 8.20
N VAL F 320 12.92 19.05 9.49
CA VAL F 320 14.26 19.49 9.90
C VAL F 320 15.36 18.56 9.38
N GLU F 321 15.05 17.27 9.17
CA GLU F 321 16.01 16.32 8.60
C GLU F 321 16.45 16.73 7.21
N ARG F 322 15.51 17.23 6.39
CA ARG F 322 15.84 17.66 5.04
C ARG F 322 16.74 18.90 5.07
N ARG F 323 16.49 19.79 6.02
CA ARG F 323 17.34 20.95 6.24
C ARG F 323 18.77 20.53 6.60
N ILE F 324 18.90 19.49 7.44
CA ILE F 324 20.23 19.00 7.83
C ILE F 324 20.96 18.38 6.64
N VAL F 325 20.25 17.60 5.81
CA VAL F 325 20.85 16.97 4.63
C VAL F 325 21.31 18.03 3.63
N SER F 326 20.49 19.07 3.42
CA SER F 326 20.84 20.14 2.49
C SER F 326 22.01 20.96 3.02
N GLN F 327 22.06 21.16 4.35
CA GLN F 327 23.19 21.84 4.97
C GLN F 327 24.48 21.07 4.78
N LEU F 328 24.42 19.74 4.94
CA LEU F 328 25.60 18.91 4.69
C LEU F 328 26.03 18.98 3.23
N LEU F 329 25.06 19.00 2.32
CA LEU F 329 25.33 19.11 0.88
C LEU F 329 26.08 20.39 0.55
N THR F 330 25.59 21.55 1.03
CA THR F 330 26.29 22.81 0.72
C THR F 330 27.64 22.91 1.41
N LEU F 331 27.80 22.32 2.60
CA LEU F 331 29.10 22.32 3.26
C LEU F 331 30.11 21.48 2.49
N MET F 332 29.70 20.31 2.00
CA MET F 332 30.59 19.50 1.17
C MET F 332 30.91 20.20 -0.15
N ASP F 333 29.93 20.92 -0.71
CA ASP F 333 30.11 21.56 -2.00
C ASP F 333 30.97 22.81 -1.91
N GLY F 334 31.20 23.33 -0.72
CA GLY F 334 32.01 24.52 -0.62
C GLY F 334 33.46 24.25 -0.37
N LEU F 335 33.87 22.98 -0.34
CA LEU F 335 35.26 22.58 -0.20
C LEU F 335 35.90 22.15 -1.51
N LYS F 336 35.29 22.48 -2.66
CA LYS F 336 35.89 22.14 -3.95
C LYS F 336 37.13 22.96 -4.23
N GLN F 337 37.25 24.16 -3.63
CA GLN F 337 38.45 24.95 -3.83
C GLN F 337 39.57 24.48 -2.90
N ARG F 338 39.29 24.33 -1.60
CA ARG F 338 40.33 24.07 -0.61
C ARG F 338 40.82 22.64 -0.74
N ALA F 339 42.14 22.47 -0.75
CA ALA F 339 42.75 21.19 -1.06
C ALA F 339 43.50 20.57 0.12
N HIS F 340 43.34 21.14 1.30
CA HIS F 340 44.06 20.67 2.48
C HIS F 340 43.19 19.86 3.42
N VAL F 341 41.87 19.87 3.21
CA VAL F 341 40.93 19.20 4.08
C VAL F 341 40.39 17.99 3.34
N ILE F 342 40.29 16.85 4.04
CA ILE F 342 39.81 15.59 3.48
C ILE F 342 38.64 15.15 4.34
N VAL F 343 37.59 14.64 3.72
CA VAL F 343 36.39 14.20 4.42
C VAL F 343 36.24 12.70 4.20
N MET F 344 36.16 11.95 5.28
CA MET F 344 35.94 10.51 5.24
C MET F 344 34.67 10.18 5.98
N ALA F 345 33.99 9.13 5.55
CA ALA F 345 32.72 8.75 6.15
C ALA F 345 32.61 7.25 6.20
N ALA F 346 31.69 6.76 7.03
CA ALA F 346 31.52 5.33 7.21
C ALA F 346 30.04 4.98 7.20
N THR F 347 29.69 3.91 6.48
CA THR F 347 28.33 3.40 6.37
C THR F 347 28.38 1.88 6.46
N ASN F 348 27.26 1.22 6.15
CA ASN F 348 27.17 -0.23 6.14
C ASN F 348 27.02 -0.83 4.75
N ARG F 349 26.41 -0.10 3.83
CA ARG F 349 26.23 -0.54 2.45
C ARG F 349 26.02 0.71 1.59
N PRO F 350 26.44 0.69 0.31
CA PRO F 350 26.37 1.92 -0.48
C PRO F 350 24.95 2.38 -0.82
N ASN F 351 23.97 1.49 -0.79
CA ASN F 351 22.61 1.81 -1.17
C ASN F 351 21.72 2.10 0.04
N SER F 352 22.28 2.70 1.08
CA SER F 352 21.52 3.05 2.27
C SER F 352 21.56 4.53 2.56
N ILE F 353 22.22 5.32 1.72
CA ILE F 353 22.34 6.75 1.93
C ILE F 353 21.66 7.49 0.79
N ASP F 354 21.72 8.81 0.86
CA ASP F 354 21.12 9.68 -0.12
C ASP F 354 21.87 9.56 -1.43
N PRO F 355 21.20 9.33 -2.57
CA PRO F 355 21.92 9.19 -3.85
C PRO F 355 22.62 10.44 -4.31
N ALA F 356 22.19 11.62 -3.86
CA ALA F 356 22.81 12.87 -4.25
C ALA F 356 24.14 13.13 -3.55
N LEU F 357 24.59 12.24 -2.68
CA LEU F 357 25.90 12.36 -2.04
C LEU F 357 26.98 11.64 -2.83
N ARG F 358 26.65 10.53 -3.47
CA ARG F 358 27.62 9.74 -4.23
C ARG F 358 27.76 10.30 -5.64
N ARG F 359 28.29 11.52 -5.72
CA ARG F 359 28.53 12.20 -6.98
C ARG F 359 29.88 12.86 -6.90
N PHE F 360 30.37 13.31 -8.06
CA PHE F 360 31.65 13.97 -8.16
C PHE F 360 31.65 15.27 -7.36
N GLY F 361 32.71 15.48 -6.61
CA GLY F 361 32.80 16.62 -5.74
C GLY F 361 32.41 16.34 -4.30
N ARG F 362 31.64 15.28 -4.05
CA ARG F 362 31.22 14.96 -2.69
C ARG F 362 31.78 13.65 -2.18
N PHE F 363 31.46 12.52 -2.79
CA PHE F 363 31.99 11.24 -2.30
C PHE F 363 32.20 10.36 -3.52
N ASP F 364 33.38 10.47 -4.10
CA ASP F 364 33.70 9.81 -5.35
C ASP F 364 34.62 8.60 -5.22
N ARG F 365 35.32 8.44 -4.09
CA ARG F 365 36.13 7.25 -3.85
C ARG F 365 35.40 6.39 -2.83
N GLU F 366 35.34 5.08 -3.09
CA GLU F 366 34.63 4.14 -2.23
C GLU F 366 35.53 2.95 -1.94
N VAL F 367 35.59 2.54 -0.67
CA VAL F 367 36.41 1.41 -0.23
C VAL F 367 35.50 0.46 0.55
N ASP F 368 35.72 -0.84 0.38
CA ASP F 368 34.96 -1.89 1.05
C ASP F 368 35.93 -2.62 1.96
N ILE F 369 35.67 -2.60 3.26
CA ILE F 369 36.56 -3.27 4.22
C ILE F 369 36.35 -4.77 4.18
N GLY F 370 35.15 -5.24 4.53
CA GLY F 370 34.81 -6.64 4.38
C GLY F 370 35.24 -7.52 5.54
N ILE F 371 34.94 -8.82 5.39
CA ILE F 371 35.09 -9.78 6.48
C ILE F 371 36.49 -10.38 6.40
N PRO F 372 37.17 -10.61 7.53
CA PRO F 372 38.53 -11.16 7.46
C PRO F 372 38.58 -12.63 7.04
N ASP F 373 39.67 -12.97 6.38
CA ASP F 373 40.00 -14.33 5.98
C ASP F 373 40.78 -14.97 7.13
N ALA F 374 40.95 -16.31 7.05
CA ALA F 374 41.59 -17.09 8.11
C ALA F 374 42.99 -16.61 8.49
N THR F 375 43.77 -16.12 7.53
CA THR F 375 45.09 -15.57 7.86
C THR F 375 44.93 -14.24 8.58
N GLY F 376 44.01 -13.39 8.08
CA GLY F 376 43.65 -12.18 8.77
C GLY F 376 43.13 -12.43 10.18
N ARG F 377 42.35 -13.51 10.35
CA ARG F 377 41.83 -13.86 11.67
C ARG F 377 42.96 -14.23 12.62
N LEU F 378 43.96 -14.97 12.11
CA LEU F 378 45.15 -15.26 12.91
C LEU F 378 45.90 -13.99 13.28
N GLU F 379 45.96 -13.02 12.34
CA GLU F 379 46.60 -11.74 12.62
C GLU F 379 45.88 -10.97 13.73
N ILE F 380 44.55 -10.95 13.72
CA ILE F 380 43.78 -10.23 14.74
C ILE F 380 43.94 -10.90 16.11
N LEU F 381 43.90 -12.24 16.12
CA LEU F 381 44.12 -12.99 17.36
C LEU F 381 45.52 -12.73 17.93
N GLN F 382 46.52 -12.58 17.07
CA GLN F 382 47.85 -12.21 17.55
C GLN F 382 47.90 -10.79 18.06
N ILE F 383 47.10 -9.88 17.48
CA ILE F 383 47.07 -8.50 17.95
C ILE F 383 46.52 -8.42 19.37
N HIS F 384 45.43 -9.12 19.63
CA HIS F 384 44.74 -8.87 20.89
C HIS F 384 45.30 -9.63 22.08
N THR F 385 46.02 -10.74 21.84
CA THR F 385 46.71 -11.47 22.90
C THR F 385 48.17 -11.06 22.99
N LYS F 386 48.45 -9.77 22.79
CA LYS F 386 49.82 -9.28 22.66
C LYS F 386 50.55 -9.28 23.99
N ASN F 387 49.83 -9.07 25.08
CA ASN F 387 50.42 -9.03 26.42
C ASN F 387 49.60 -9.84 27.41
N MET F 388 49.26 -11.06 27.04
CA MET F 388 48.38 -11.88 27.87
C MET F 388 49.09 -13.02 28.59
N LYS F 389 50.28 -13.42 28.12
CA LYS F 389 51.08 -14.54 28.66
C LYS F 389 50.29 -15.86 28.56
N LEU F 390 50.05 -16.26 27.31
CA LEU F 390 49.42 -17.54 27.07
C LEU F 390 50.35 -18.69 27.46
N ALA F 391 49.79 -19.89 27.57
CA ALA F 391 50.57 -21.07 27.87
C ALA F 391 51.22 -21.60 26.60
N ASP F 392 51.78 -22.80 26.70
CA ASP F 392 52.50 -23.41 25.59
C ASP F 392 51.61 -24.28 24.71
N ASP F 393 50.55 -24.86 25.27
CA ASP F 393 49.66 -25.70 24.49
C ASP F 393 48.71 -24.92 23.58
N VAL F 394 48.61 -23.60 23.75
CA VAL F 394 47.68 -22.80 22.98
C VAL F 394 48.17 -22.72 21.54
N ASP F 395 47.35 -23.19 20.61
CA ASP F 395 47.65 -23.18 19.18
C ASP F 395 46.64 -22.27 18.50
N LEU F 396 47.02 -21.01 18.25
CA LEU F 396 46.12 -20.04 17.65
C LEU F 396 45.68 -20.40 16.22
N GLU F 397 46.42 -21.26 15.53
CA GLU F 397 46.04 -21.70 14.19
C GLU F 397 44.72 -22.47 14.22
N GLN F 398 44.54 -23.30 15.25
CA GLN F 398 43.29 -24.04 15.45
C GLN F 398 42.11 -23.08 15.55
N VAL F 399 42.25 -22.07 16.44
CA VAL F 399 41.20 -21.09 16.70
C VAL F 399 40.88 -20.33 15.43
N ALA F 400 41.93 -19.85 14.74
CA ALA F 400 41.78 -19.13 13.47
C ALA F 400 41.13 -20.00 12.38
N ASN F 401 41.22 -21.33 12.49
CA ASN F 401 40.53 -22.20 11.54
C ASN F 401 39.11 -22.56 11.95
N GLU F 402 38.70 -22.30 13.21
CA GLU F 402 37.35 -22.68 13.63
C GLU F 402 36.46 -21.50 13.97
N THR F 403 36.83 -20.28 13.56
CA THR F 403 36.00 -19.11 13.82
C THR F 403 35.48 -18.52 12.52
N HIS F 404 34.99 -19.37 11.63
CA HIS F 404 34.45 -18.92 10.35
C HIS F 404 33.16 -18.15 10.56
N GLY F 405 33.22 -16.84 10.35
CA GLY F 405 32.02 -16.01 10.48
C GLY F 405 32.18 -14.95 11.55
N HIS F 406 33.42 -14.71 11.96
CA HIS F 406 33.72 -13.75 13.01
C HIS F 406 34.43 -12.53 12.46
N VAL F 407 34.06 -11.36 12.97
CA VAL F 407 34.72 -10.11 12.64
C VAL F 407 35.56 -9.71 13.83
N GLY F 408 36.36 -8.65 13.65
CA GLY F 408 37.36 -8.24 14.63
C GLY F 408 36.85 -8.01 16.04
N ALA F 409 35.64 -7.44 16.16
CA ALA F 409 35.03 -7.22 17.47
C ALA F 409 34.70 -8.54 18.15
N ASP F 410 34.28 -9.54 17.37
CA ASP F 410 34.02 -10.87 17.91
C ASP F 410 35.28 -11.50 18.48
N LEU F 411 36.41 -11.36 17.76
CA LEU F 411 37.66 -11.92 18.22
C LEU F 411 38.18 -11.20 19.46
N ALA F 412 37.99 -9.87 19.51
CA ALA F 412 38.35 -9.09 20.70
C ALA F 412 37.56 -9.55 21.92
N ALA F 413 36.25 -9.74 21.73
CA ALA F 413 35.39 -10.22 22.82
C ALA F 413 35.77 -11.64 23.23
N LEU F 414 36.16 -12.48 22.25
CA LEU F 414 36.57 -13.85 22.51
C LEU F 414 37.81 -13.89 23.41
N CYS F 415 38.82 -13.09 23.07
CA CYS F 415 40.04 -13.03 23.87
C CYS F 415 39.76 -12.47 25.26
N SER F 416 38.89 -11.46 25.35
CA SER F 416 38.54 -10.88 26.64
C SER F 416 37.79 -11.87 27.52
N GLU F 417 36.89 -12.66 26.94
CA GLU F 417 36.17 -13.68 27.68
C GLU F 417 37.09 -14.78 28.18
N ALA F 418 38.07 -15.18 27.35
CA ALA F 418 39.08 -16.15 27.76
C ALA F 418 39.89 -15.65 28.96
N ALA F 419 40.33 -14.38 28.89
CA ALA F 419 41.07 -13.78 29.99
C ALA F 419 40.25 -13.72 31.27
N LEU F 420 38.98 -13.32 31.15
CA LEU F 420 38.11 -13.18 32.32
C LEU F 420 37.79 -14.53 32.93
N GLN F 421 37.63 -15.56 32.09
CA GLN F 421 37.44 -16.92 32.58
C GLN F 421 38.65 -17.41 33.36
N ALA F 422 39.87 -17.11 32.87
CA ALA F 422 41.08 -17.47 33.60
C ALA F 422 41.18 -16.74 34.94
N ILE F 423 40.80 -15.46 34.97
CA ILE F 423 40.85 -14.71 36.22
C ILE F 423 39.77 -15.20 37.17
N ARG F 424 38.64 -15.65 36.65
CA ARG F 424 37.54 -16.02 37.52
C ARG F 424 37.71 -17.41 38.11
N LYS F 425 37.91 -18.42 37.24
CA LYS F 425 38.01 -19.85 37.60
C LYS F 425 39.04 -20.10 38.70
N LYS F 426 40.27 -19.70 38.47
CA LYS F 426 41.34 -19.89 39.42
C LYS F 426 41.77 -18.53 39.92
N MET F 427 42.71 -18.52 40.87
CA MET F 427 43.51 -17.37 41.29
C MET F 427 42.73 -16.17 41.85
N ASP F 428 41.41 -16.25 41.96
CA ASP F 428 40.62 -15.21 42.59
C ASP F 428 39.87 -15.79 43.77
N LEU F 429 39.22 -16.95 43.60
CA LEU F 429 38.65 -17.65 44.74
C LEU F 429 39.71 -18.39 45.53
N ILE F 430 40.82 -18.77 44.88
CA ILE F 430 41.89 -19.50 45.56
C ILE F 430 42.61 -18.59 46.55
N ASP F 431 42.76 -17.31 46.21
CA ASP F 431 43.50 -16.40 47.08
C ASP F 431 42.60 -15.47 47.90
N LEU F 432 41.27 -15.52 47.70
CA LEU F 432 40.34 -14.68 48.45
C LEU F 432 40.34 -14.98 49.94
N GLU F 433 40.73 -16.18 50.33
CA GLU F 433 40.76 -16.57 51.72
C GLU F 433 42.14 -16.38 52.34
N ASP F 434 43.11 -15.92 51.56
CA ASP F 434 44.48 -15.74 52.06
C ASP F 434 44.95 -14.29 51.98
N GLU F 435 44.99 -13.67 50.81
CA GLU F 435 45.62 -12.35 50.63
C GLU F 435 44.89 -11.58 49.55
N THR F 436 45.52 -10.50 49.08
CA THR F 436 44.98 -9.64 48.04
C THR F 436 45.60 -9.97 46.69
N ILE F 437 45.21 -9.20 45.67
CA ILE F 437 45.70 -9.39 44.30
C ILE F 437 46.59 -8.20 43.96
N ASP F 438 47.56 -8.45 43.06
CA ASP F 438 48.53 -7.44 42.66
C ASP F 438 49.11 -7.81 41.29
N ALA F 439 50.20 -7.14 40.92
CA ALA F 439 50.80 -7.34 39.60
C ALA F 439 51.64 -8.61 39.50
N GLU F 440 52.31 -9.00 40.59
CA GLU F 440 53.19 -10.16 40.53
C GLU F 440 52.41 -11.47 40.42
N VAL F 441 51.25 -11.56 41.08
CA VAL F 441 50.43 -12.76 40.93
C VAL F 441 49.66 -12.74 39.60
N MET F 442 49.47 -11.56 39.01
CA MET F 442 48.80 -11.48 37.72
C MET F 442 49.73 -11.80 36.56
N ASN F 443 51.03 -11.47 36.68
CA ASN F 443 51.95 -11.79 35.61
C ASN F 443 52.25 -13.29 35.58
N SER F 444 52.24 -13.95 36.73
CA SER F 444 52.38 -15.39 36.78
C SER F 444 51.13 -16.14 36.33
N LEU F 445 50.01 -15.43 36.14
CA LEU F 445 48.77 -16.05 35.68
C LEU F 445 48.84 -16.31 34.19
N ALA F 446 48.52 -17.53 33.79
CA ALA F 446 48.54 -17.94 32.39
C ALA F 446 47.16 -18.44 32.00
N VAL F 447 46.87 -18.37 30.70
CA VAL F 447 45.60 -18.87 30.20
C VAL F 447 45.88 -20.17 29.48
N THR F 448 44.93 -21.08 29.53
CA THR F 448 45.09 -22.40 28.93
C THR F 448 44.16 -22.54 27.75
N MET F 449 44.42 -23.58 26.94
CA MET F 449 43.62 -23.88 25.75
C MET F 449 42.16 -24.20 26.11
N ASP F 450 41.93 -24.75 27.30
CA ASP F 450 40.58 -25.12 27.73
C ASP F 450 39.68 -23.89 27.87
N ASP F 451 40.24 -22.77 28.32
CA ASP F 451 39.49 -21.50 28.39
C ASP F 451 39.10 -21.03 27.00
N PHE F 452 40.02 -21.17 26.03
CA PHE F 452 39.72 -20.79 24.66
C PHE F 452 38.64 -21.67 24.07
N ARG F 453 38.66 -22.97 24.38
CA ARG F 453 37.61 -23.88 23.90
C ARG F 453 36.28 -23.57 24.54
N TRP F 454 36.30 -23.18 25.83
CA TRP F 454 35.07 -22.81 26.52
C TRP F 454 34.46 -21.56 25.91
N ALA F 455 35.29 -20.55 25.63
CA ALA F 455 34.80 -19.32 25.04
C ALA F 455 34.39 -19.53 23.59
N LEU F 456 35.04 -20.48 22.90
CA LEU F 456 34.75 -20.72 21.50
C LEU F 456 33.52 -21.58 21.32
N SER F 457 33.21 -22.43 22.29
CA SER F 457 32.02 -23.26 22.20
C SER F 457 30.76 -22.43 22.39
N GLN F 458 30.65 -21.77 23.54
CA GLN F 458 29.44 -21.11 23.96
C GLN F 458 29.60 -19.61 23.85
N SER F 459 28.46 -18.92 23.99
CA SER F 459 28.33 -17.46 24.13
C SER F 459 28.89 -16.67 22.97
N ASN F 460 29.10 -17.27 21.81
CA ASN F 460 29.71 -16.59 20.67
C ASN F 460 28.81 -16.69 19.43
N PRO F 461 27.77 -15.89 19.35
CA PRO F 461 26.97 -15.90 18.13
C PRO F 461 27.74 -15.18 17.04
N SER F 462 28.20 -15.94 16.06
CA SER F 462 28.78 -15.36 14.86
C SER F 462 27.73 -14.52 14.14
N ALA F 463 28.08 -13.28 13.82
CA ALA F 463 27.12 -12.30 13.32
C ALA F 463 27.17 -12.17 11.81
N LEU F 464 27.42 -13.26 11.10
CA LEU F 464 27.57 -13.22 9.64
C LEU F 464 26.68 -14.27 8.99
N ARG F 465 25.78 -13.82 8.12
CA ARG F 465 25.04 -14.71 7.23
C ARG F 465 25.18 -14.32 5.76
N GLU F 466 26.19 -13.52 5.44
CA GLU F 466 26.37 -12.97 4.10
C GLU F 466 27.49 -13.68 3.36
N THR F 467 27.63 -13.34 2.08
CA THR F 467 28.60 -13.95 1.19
C THR F 467 30.03 -13.65 1.60
N VAL F 468 30.93 -14.56 1.22
CA VAL F 468 32.35 -14.44 1.50
C VAL F 468 33.11 -14.40 0.17
N VAL F 469 34.16 -13.59 0.12
CA VAL F 469 35.04 -13.47 -1.03
C VAL F 469 36.48 -13.55 -0.54
N GLU F 470 37.27 -14.44 -1.15
CA GLU F 470 38.63 -14.75 -0.75
C GLU F 470 39.31 -15.59 -1.82
N VAL F 471 40.59 -15.84 -1.64
CA VAL F 471 41.35 -16.76 -2.48
C VAL F 471 41.24 -18.14 -1.82
N PRO F 472 40.72 -19.16 -2.51
CA PRO F 472 40.48 -20.47 -1.88
C PRO F 472 41.74 -21.23 -1.51
N GLN F 473 41.58 -22.41 -0.90
CA GLN F 473 42.71 -23.22 -0.49
C GLN F 473 42.91 -24.50 -1.30
N VAL F 474 41.95 -24.86 -2.15
CA VAL F 474 42.09 -26.04 -3.00
C VAL F 474 43.12 -25.74 -4.07
N THR F 475 43.98 -26.71 -4.39
CA THR F 475 44.99 -26.55 -5.41
C THR F 475 44.96 -27.76 -6.33
N TRP F 476 45.81 -27.74 -7.37
CA TRP F 476 45.82 -28.79 -8.39
C TRP F 476 46.17 -30.18 -7.87
N GLU F 477 46.79 -30.27 -6.70
CA GLU F 477 47.27 -31.52 -6.15
C GLU F 477 46.17 -32.31 -5.45
N ASP F 478 44.94 -31.79 -5.43
CA ASP F 478 43.79 -32.46 -4.85
C ASP F 478 42.87 -33.06 -5.89
N ILE F 479 43.21 -32.91 -7.17
CA ILE F 479 42.34 -33.34 -8.27
C ILE F 479 43.06 -34.47 -8.98
N GLY F 480 42.48 -35.67 -8.92
CA GLY F 480 43.07 -36.80 -9.60
C GLY F 480 42.64 -36.87 -11.05
N GLY F 481 43.60 -36.89 -11.96
CA GLY F 481 43.28 -36.93 -13.37
C GLY F 481 43.05 -35.54 -13.89
N LEU F 482 42.30 -35.45 -14.99
CA LEU F 482 41.89 -34.21 -15.67
C LEU F 482 43.12 -33.38 -16.09
N GLU F 483 43.89 -33.94 -17.01
CA GLU F 483 45.10 -33.29 -17.49
C GLU F 483 44.82 -32.33 -18.65
N ASP F 484 44.11 -32.82 -19.68
CA ASP F 484 43.76 -31.98 -20.82
C ASP F 484 42.87 -30.81 -20.42
N VAL F 485 41.91 -31.07 -19.52
CA VAL F 485 41.03 -30.02 -18.98
C VAL F 485 41.87 -28.97 -18.27
N LYS F 486 42.87 -29.42 -17.49
CA LYS F 486 43.76 -28.51 -16.76
C LYS F 486 44.54 -27.63 -17.73
N ARG F 487 45.05 -28.23 -18.81
CA ARG F 487 45.80 -27.49 -19.82
C ARG F 487 44.93 -26.44 -20.50
N GLU F 488 43.70 -26.82 -20.89
CA GLU F 488 42.80 -25.89 -21.57
C GLU F 488 42.34 -24.77 -20.64
N LEU F 489 42.17 -25.07 -19.35
CA LEU F 489 41.87 -24.03 -18.36
C LEU F 489 43.01 -23.03 -18.23
N GLN F 490 44.26 -23.52 -18.20
CA GLN F 490 45.44 -22.64 -18.23
C GLN F 490 45.38 -21.69 -19.42
N GLU F 491 45.17 -22.25 -20.63
CA GLU F 491 45.09 -21.45 -21.86
C GLU F 491 43.98 -20.41 -21.79
N LEU F 492 42.80 -20.80 -21.32
CA LEU F 492 41.64 -19.90 -21.34
C LEU F 492 41.75 -18.79 -20.32
N VAL F 493 42.34 -19.04 -19.16
CA VAL F 493 42.30 -18.10 -18.05
C VAL F 493 43.57 -17.26 -17.96
N GLN F 494 44.75 -17.89 -18.08
CA GLN F 494 45.96 -17.21 -17.66
C GLN F 494 46.67 -16.48 -18.80
N TYR F 495 46.34 -16.75 -20.06
CA TYR F 495 47.07 -16.09 -21.15
C TYR F 495 46.73 -14.61 -21.30
N PRO F 496 45.46 -14.18 -21.59
CA PRO F 496 45.24 -12.74 -21.90
C PRO F 496 45.49 -11.78 -20.75
N VAL F 497 45.51 -12.27 -19.51
CA VAL F 497 45.77 -11.41 -18.36
C VAL F 497 47.24 -11.09 -18.20
N GLU F 498 48.11 -11.74 -18.97
CA GLU F 498 49.56 -11.52 -18.92
C GLU F 498 50.10 -10.89 -20.18
N HIS F 499 49.73 -11.42 -21.35
CA HIS F 499 50.38 -11.10 -22.61
C HIS F 499 49.34 -10.55 -23.58
N PRO F 500 49.00 -9.26 -23.49
CA PRO F 500 48.07 -8.68 -24.47
C PRO F 500 48.65 -8.47 -25.86
N ASP F 501 49.96 -8.65 -26.03
CA ASP F 501 50.69 -8.32 -27.27
C ASP F 501 50.12 -9.07 -28.49
N LYS F 502 50.00 -10.40 -28.37
CA LYS F 502 49.51 -11.21 -29.48
C LYS F 502 48.04 -10.92 -29.77
N PHE F 503 47.28 -10.59 -28.73
CA PHE F 503 45.86 -10.32 -28.93
C PHE F 503 45.63 -8.98 -29.61
N LEU F 504 46.49 -7.99 -29.38
CA LEU F 504 46.37 -6.77 -30.19
C LEU F 504 46.93 -6.98 -31.59
N LYS F 505 48.05 -7.70 -31.70
CA LYS F 505 48.72 -7.93 -32.99
C LYS F 505 47.82 -8.67 -33.97
N PHE F 506 47.11 -9.69 -33.50
CA PHE F 506 46.17 -10.44 -34.33
C PHE F 506 44.75 -9.89 -34.25
N GLY F 507 44.49 -8.90 -33.40
CA GLY F 507 43.21 -8.22 -33.30
C GLY F 507 42.05 -8.99 -32.72
N MET F 508 42.21 -10.28 -32.44
CA MET F 508 41.13 -11.10 -31.92
C MET F 508 41.00 -10.96 -30.42
N THR F 509 39.76 -10.86 -29.96
CA THR F 509 39.46 -10.65 -28.55
C THR F 509 39.26 -12.00 -27.85
N PRO F 510 39.71 -12.14 -26.60
CA PRO F 510 39.53 -13.41 -25.90
C PRO F 510 38.10 -13.59 -25.40
N SER F 511 37.78 -14.83 -25.06
CA SER F 511 36.49 -15.13 -24.50
C SER F 511 36.45 -14.76 -23.02
N LYS F 512 35.25 -14.80 -22.44
CA LYS F 512 35.08 -14.44 -21.05
C LYS F 512 34.12 -15.36 -20.33
N GLY F 513 33.94 -16.59 -20.80
CA GLY F 513 33.03 -17.51 -20.17
C GLY F 513 33.33 -18.94 -20.58
N VAL F 514 32.95 -19.88 -19.72
CA VAL F 514 33.16 -21.29 -19.98
C VAL F 514 32.01 -22.05 -19.32
N LEU F 515 31.59 -23.15 -19.95
CA LEU F 515 30.50 -23.96 -19.43
C LEU F 515 31.00 -25.39 -19.27
N PHE F 516 31.05 -25.86 -18.04
CA PHE F 516 31.37 -27.26 -17.76
C PHE F 516 30.10 -28.09 -17.82
N TYR F 517 30.24 -29.35 -18.25
CA TYR F 517 29.12 -30.27 -18.21
C TYR F 517 29.63 -31.69 -18.17
N GLY F 518 28.78 -32.58 -17.69
CA GLY F 518 29.12 -33.97 -17.51
C GLY F 518 28.24 -34.61 -16.47
N PRO F 519 28.53 -35.86 -16.10
CA PRO F 519 27.75 -36.55 -15.06
C PRO F 519 27.95 -35.91 -13.71
N PRO F 520 27.00 -36.05 -12.78
CA PRO F 520 27.14 -35.36 -11.49
C PRO F 520 28.16 -36.03 -10.60
N GLY F 521 28.79 -35.22 -9.75
CA GLY F 521 29.79 -35.73 -8.84
C GLY F 521 31.06 -36.17 -9.52
N CYS F 522 31.63 -35.30 -10.36
CA CYS F 522 32.86 -35.60 -11.07
C CYS F 522 33.89 -34.49 -10.94
N GLY F 523 33.75 -33.61 -9.96
CA GLY F 523 34.77 -32.62 -9.69
C GLY F 523 34.78 -31.45 -10.62
N LYS F 524 33.68 -30.71 -10.65
CA LYS F 524 33.57 -29.45 -11.38
C LYS F 524 33.82 -28.23 -10.52
N THR F 525 33.43 -28.28 -9.24
CA THR F 525 33.71 -27.16 -8.34
C THR F 525 35.18 -27.08 -8.00
N LEU F 526 35.85 -28.24 -7.95
CA LEU F 526 37.28 -28.33 -7.65
C LEU F 526 38.11 -27.60 -8.68
N LEU F 527 37.78 -27.76 -9.96
CA LEU F 527 38.49 -27.08 -11.05
C LEU F 527 38.39 -25.57 -10.93
N ALA F 528 37.19 -25.07 -10.61
CA ALA F 528 36.97 -23.64 -10.45
C ALA F 528 37.78 -23.07 -9.30
N LYS F 529 37.71 -23.74 -8.13
CA LYS F 529 38.50 -23.32 -6.96
C LYS F 529 39.99 -23.39 -7.25
N ALA F 530 40.44 -24.42 -7.97
CA ALA F 530 41.86 -24.60 -8.24
C ALA F 530 42.40 -23.53 -9.17
N ILE F 531 41.67 -23.21 -10.25
CA ILE F 531 42.14 -22.19 -11.17
C ILE F 531 42.04 -20.80 -10.53
N ALA F 532 41.10 -20.62 -9.57
CA ALA F 532 41.08 -19.36 -8.84
C ALA F 532 42.26 -19.23 -7.89
N ASN F 533 42.69 -20.35 -7.30
CA ASN F 533 43.81 -20.33 -6.38
C ASN F 533 45.13 -20.15 -7.12
N GLU F 534 45.24 -20.74 -8.32
CA GLU F 534 46.46 -20.66 -9.12
C GLU F 534 46.81 -19.23 -9.48
N CYS F 535 45.87 -18.52 -10.13
CA CYS F 535 46.08 -17.12 -10.53
C CYS F 535 46.00 -16.13 -9.37
N GLN F 536 45.76 -16.59 -8.14
CA GLN F 536 45.65 -15.77 -6.92
C GLN F 536 44.55 -14.74 -6.99
N ALA F 537 43.47 -15.06 -7.72
CA ALA F 537 42.32 -14.18 -7.86
C ALA F 537 41.22 -14.62 -6.91
N ASN F 538 40.40 -13.67 -6.51
CA ASN F 538 39.30 -13.92 -5.58
C ASN F 538 38.25 -14.84 -6.19
N PHE F 539 37.45 -15.45 -5.32
CA PHE F 539 36.49 -16.46 -5.76
C PHE F 539 35.14 -16.17 -5.12
N ILE F 540 34.09 -16.21 -5.94
CA ILE F 540 32.71 -15.97 -5.50
C ILE F 540 31.86 -17.11 -6.03
N SER F 541 31.10 -17.75 -5.16
CA SER F 541 30.28 -18.89 -5.54
C SER F 541 28.83 -18.62 -5.21
N ILE F 542 27.94 -18.92 -6.16
CA ILE F 542 26.51 -18.69 -6.03
C ILE F 542 25.85 -20.03 -6.30
N LYS F 543 25.40 -20.70 -5.24
CA LYS F 543 24.82 -22.03 -5.36
C LYS F 543 23.41 -21.98 -5.96
N GLY F 544 22.78 -23.15 -6.03
CA GLY F 544 21.44 -23.27 -6.56
C GLY F 544 20.36 -22.62 -5.72
N PRO F 545 20.25 -22.96 -4.41
CA PRO F 545 19.27 -22.29 -3.52
C PRO F 545 19.19 -20.77 -3.55
N GLU F 546 20.29 -20.06 -3.84
CA GLU F 546 20.23 -18.59 -3.94
C GLU F 546 19.41 -18.17 -5.16
N LEU F 547 19.67 -18.81 -6.30
CA LEU F 547 18.88 -18.56 -7.51
C LEU F 547 17.43 -18.96 -7.30
N LEU F 548 17.19 -20.06 -6.59
CA LEU F 548 15.82 -20.49 -6.33
C LEU F 548 15.09 -19.55 -5.38
N THR F 549 15.78 -18.96 -4.39
CA THR F 549 15.16 -17.93 -3.54
C THR F 549 14.81 -16.70 -4.36
N MET F 550 15.66 -16.35 -5.32
CA MET F 550 15.33 -15.24 -6.20
C MET F 550 14.18 -15.58 -7.14
N TRP F 551 13.99 -16.86 -7.45
CA TRP F 551 12.90 -17.25 -8.34
C TRP F 551 11.56 -17.26 -7.63
N PHE F 552 11.49 -17.97 -6.49
CA PHE F 552 10.26 -18.05 -5.71
C PHE F 552 9.87 -16.68 -5.18
N GLY F 553 10.79 -16.01 -4.49
CA GLY F 553 10.59 -14.68 -3.94
C GLY F 553 10.30 -13.58 -4.96
N GLU F 554 10.50 -13.85 -6.26
CA GLU F 554 10.21 -12.94 -7.39
C GLU F 554 10.99 -11.63 -7.26
N SER F 555 12.24 -11.74 -6.85
CA SER F 555 13.11 -10.59 -6.65
C SER F 555 14.42 -10.88 -7.35
N GLU F 556 14.42 -10.68 -8.66
CA GLU F 556 15.61 -10.87 -9.48
C GLU F 556 16.42 -9.60 -9.61
N ALA F 557 16.08 -8.56 -8.85
CA ALA F 557 16.85 -7.33 -8.78
C ALA F 557 18.12 -7.45 -7.96
N ASN F 558 18.42 -8.63 -7.42
CA ASN F 558 19.61 -8.81 -6.61
C ASN F 558 20.77 -9.37 -7.41
N VAL F 559 20.55 -9.73 -8.67
CA VAL F 559 21.64 -10.14 -9.55
C VAL F 559 22.54 -8.96 -9.82
N ARG F 560 21.94 -7.76 -9.87
CA ARG F 560 22.67 -6.52 -10.02
C ARG F 560 23.68 -6.32 -8.91
N GLU F 561 23.32 -6.69 -7.67
CA GLU F 561 24.29 -6.61 -6.58
C GLU F 561 25.47 -7.56 -6.76
N ILE F 562 25.19 -8.82 -7.18
CA ILE F 562 26.21 -9.88 -7.31
C ILE F 562 27.38 -9.43 -8.16
N PHE F 563 27.09 -8.97 -9.38
CA PHE F 563 28.11 -8.55 -10.33
C PHE F 563 28.88 -7.36 -9.80
N ASP F 564 28.20 -6.47 -9.05
CA ASP F 564 28.85 -5.29 -8.46
C ASP F 564 30.01 -5.68 -7.58
N LYS F 565 29.81 -6.75 -6.79
CA LYS F 565 30.86 -7.17 -5.87
C LYS F 565 32.02 -7.73 -6.66
N ALA F 566 31.68 -8.55 -7.69
CA ALA F 566 32.63 -9.06 -8.68
C ALA F 566 33.45 -7.95 -9.30
N ARG F 567 32.80 -6.80 -9.54
CA ARG F 567 33.50 -5.70 -10.17
C ARG F 567 34.45 -5.04 -9.17
N GLN F 568 33.95 -4.76 -7.96
CA GLN F 568 34.76 -4.04 -6.98
C GLN F 568 35.88 -4.87 -6.37
N ALA F 569 35.89 -6.18 -6.60
CA ALA F 569 36.91 -7.09 -6.09
C ALA F 569 37.73 -7.69 -7.22
N ALA F 570 37.95 -6.94 -8.29
CA ALA F 570 38.68 -7.48 -9.42
C ALA F 570 40.19 -7.58 -9.11
N PRO F 571 40.88 -8.61 -9.63
CA PRO F 571 40.45 -9.74 -10.48
C PRO F 571 39.66 -10.78 -9.70
N CYS F 572 38.84 -11.56 -10.36
CA CYS F 572 37.91 -12.43 -9.66
C CYS F 572 37.48 -13.56 -10.56
N VAL F 573 36.76 -14.52 -9.97
CA VAL F 573 36.12 -15.62 -10.69
C VAL F 573 34.70 -15.74 -10.13
N LEU F 574 33.71 -15.68 -11.02
CA LEU F 574 32.30 -15.76 -10.64
C LEU F 574 31.80 -17.13 -11.09
N PHE F 575 31.44 -17.98 -10.14
CA PHE F 575 31.08 -19.35 -10.43
C PHE F 575 29.60 -19.58 -10.16
N PHE F 576 28.87 -19.98 -11.18
CA PHE F 576 27.46 -20.31 -11.08
C PHE F 576 27.30 -21.82 -11.24
N ASP F 577 27.13 -22.53 -10.13
CA ASP F 577 26.85 -23.96 -10.21
C ASP F 577 25.36 -24.17 -10.07
N GLU F 578 24.92 -25.34 -10.54
CA GLU F 578 23.51 -25.73 -10.63
C GLU F 578 22.70 -24.66 -11.36
N LEU F 579 23.10 -24.45 -12.61
CA LEU F 579 22.46 -23.48 -13.49
C LEU F 579 21.16 -24.00 -14.07
N ASP F 580 20.92 -25.30 -13.95
CA ASP F 580 19.71 -25.96 -14.41
C ASP F 580 18.71 -26.18 -13.28
N SER F 581 18.87 -25.48 -12.16
CA SER F 581 17.98 -25.64 -11.02
C SER F 581 16.58 -25.13 -11.32
N ILE F 582 16.48 -23.91 -11.84
CA ILE F 582 15.19 -23.29 -12.12
C ILE F 582 14.50 -24.00 -13.28
N ALA F 583 15.27 -24.42 -14.28
CA ALA F 583 14.74 -25.16 -15.42
C ALA F 583 14.18 -26.52 -15.02
N LYS F 584 14.66 -27.08 -13.91
CA LYS F 584 14.17 -28.36 -13.43
C LYS F 584 13.03 -28.19 -12.45
N ALA F 585 12.98 -27.04 -11.77
CA ALA F 585 11.92 -26.75 -10.80
C ALA F 585 10.55 -26.70 -11.47
N ARG F 586 10.45 -26.04 -12.62
CA ARG F 586 9.18 -25.96 -13.34
C ARG F 586 9.11 -27.10 -14.36
N GLY F 587 8.99 -28.31 -13.82
CA GLY F 587 8.91 -29.49 -14.65
C GLY F 587 10.28 -29.94 -15.15
N GLY F 588 10.31 -31.18 -15.64
CA GLY F 588 11.55 -31.71 -16.20
C GLY F 588 11.77 -31.28 -17.64
N ASN F 589 12.08 -32.24 -18.52
CA ASN F 589 12.18 -31.92 -19.94
C ASN F 589 10.82 -31.57 -20.54
N ILE F 590 9.74 -32.14 -19.99
CA ILE F 590 8.40 -31.82 -20.48
C ILE F 590 7.99 -30.41 -20.05
N GLY F 591 8.43 -29.97 -18.86
CA GLY F 591 8.21 -28.68 -18.25
C GLY F 591 6.75 -28.31 -18.12
N ASP F 592 6.51 -27.01 -18.16
N ASP F 592 6.51 -27.01 -18.12
CA ASP F 592 5.16 -26.45 -18.16
CA ASP F 592 5.17 -26.45 -18.14
C ASP F 592 4.78 -26.08 -19.58
C ASP F 592 4.77 -26.10 -19.58
N GLY F 593 3.67 -25.37 -19.73
CA GLY F 593 3.27 -24.86 -21.04
C GLY F 593 4.21 -23.84 -21.65
N GLY F 594 5.05 -23.19 -20.85
CA GLY F 594 5.97 -22.16 -21.32
C GLY F 594 7.13 -22.74 -22.11
N GLY F 595 8.11 -21.86 -22.35
CA GLY F 595 9.27 -22.21 -23.14
C GLY F 595 10.50 -22.45 -22.29
N ALA F 596 11.61 -21.82 -22.65
CA ALA F 596 12.87 -22.02 -21.93
C ALA F 596 13.40 -20.73 -21.31
N ALA F 597 12.64 -19.65 -21.38
CA ALA F 597 13.07 -18.37 -20.84
C ALA F 597 12.50 -18.17 -19.45
N ASP F 598 13.36 -17.73 -18.52
CA ASP F 598 13.00 -17.48 -17.14
C ASP F 598 13.49 -16.10 -16.75
N ARG F 599 13.18 -15.70 -15.53
CA ARG F 599 13.46 -14.32 -15.10
C ARG F 599 14.91 -14.11 -14.72
N VAL F 600 15.44 -15.00 -13.87
CA VAL F 600 16.75 -14.80 -13.28
C VAL F 600 17.85 -14.97 -14.31
N ILE F 601 17.74 -15.99 -15.18
CA ILE F 601 18.73 -16.23 -16.22
C ILE F 601 18.72 -15.10 -17.24
N ASN F 602 17.55 -14.49 -17.47
CA ASN F 602 17.46 -13.30 -18.32
C ASN F 602 18.22 -12.13 -17.71
N GLN F 603 18.11 -11.97 -16.38
CA GLN F 603 18.87 -10.91 -15.71
C GLN F 603 20.36 -11.18 -15.78
N ILE F 604 20.75 -12.45 -15.74
CA ILE F 604 22.16 -12.84 -15.86
C ILE F 604 22.68 -12.47 -17.24
N LEU F 605 21.92 -12.79 -18.30
CA LEU F 605 22.27 -12.41 -19.68
C LEU F 605 22.43 -10.90 -19.82
N THR F 606 21.44 -10.15 -19.32
CA THR F 606 21.44 -8.69 -19.36
C THR F 606 22.68 -8.11 -18.67
N GLU F 607 22.94 -8.55 -17.44
CA GLU F 607 24.06 -8.03 -16.66
C GLU F 607 25.40 -8.51 -17.18
N MET F 608 25.43 -9.62 -17.89
CA MET F 608 26.67 -10.18 -18.39
C MET F 608 27.08 -9.52 -19.69
N ASP F 609 26.10 -9.23 -20.56
CA ASP F 609 26.37 -8.56 -21.83
C ASP F 609 26.94 -7.16 -21.60
N GLY F 610 26.37 -6.41 -20.67
CA GLY F 610 26.79 -5.05 -20.49
C GLY F 610 27.83 -4.83 -19.42
N MET F 611 29.03 -5.38 -19.60
CA MET F 611 30.13 -5.09 -18.69
C MET F 611 31.38 -4.85 -19.52
N SER F 612 32.43 -4.40 -18.84
CA SER F 612 33.68 -3.98 -19.47
C SER F 612 34.37 -5.11 -20.23
N THR F 613 34.92 -4.78 -21.38
CA THR F 613 35.65 -5.74 -22.19
C THR F 613 37.00 -6.12 -21.56
N LYS F 614 37.54 -5.28 -20.68
CA LYS F 614 38.76 -5.58 -19.95
C LYS F 614 38.61 -5.13 -18.50
N LYS F 615 38.18 -6.05 -17.66
CA LYS F 615 38.11 -5.82 -16.23
C LYS F 615 38.74 -6.99 -15.46
N ASN F 616 39.12 -8.06 -16.15
CA ASN F 616 39.65 -9.30 -15.58
C ASN F 616 38.65 -9.90 -14.58
N VAL F 617 37.50 -10.28 -15.11
CA VAL F 617 36.49 -11.05 -14.36
C VAL F 617 36.05 -12.19 -15.26
N PHE F 618 36.29 -13.42 -14.81
CA PHE F 618 36.03 -14.63 -15.57
C PHE F 618 34.81 -15.32 -14.98
N ILE F 619 33.87 -15.72 -15.83
CA ILE F 619 32.61 -16.28 -15.41
C ILE F 619 32.55 -17.75 -15.82
N ILE F 620 32.24 -18.62 -14.87
CA ILE F 620 32.21 -20.06 -15.10
C ILE F 620 30.81 -20.56 -14.78
N GLY F 621 30.29 -21.44 -15.63
CA GLY F 621 29.01 -22.06 -15.37
C GLY F 621 29.16 -23.56 -15.29
N ALA F 622 28.22 -24.25 -14.67
CA ALA F 622 28.30 -25.69 -14.53
C ALA F 622 26.90 -26.26 -14.47
N THR F 623 26.65 -27.33 -15.22
CA THR F 623 25.34 -27.96 -15.29
C THR F 623 25.50 -29.40 -15.73
N ASN F 624 24.72 -30.30 -15.12
CA ASN F 624 24.78 -31.71 -15.48
C ASN F 624 23.59 -32.15 -16.31
N ARG F 625 22.71 -31.22 -16.69
CA ARG F 625 21.62 -31.47 -17.64
C ARG F 625 21.78 -30.47 -18.77
N PRO F 626 22.72 -30.68 -19.69
CA PRO F 626 23.08 -29.63 -20.66
C PRO F 626 22.03 -29.33 -21.70
N ASP F 627 20.98 -30.14 -21.83
CA ASP F 627 20.02 -29.95 -22.91
C ASP F 627 18.88 -29.01 -22.55
N ILE F 628 18.49 -28.94 -21.28
CA ILE F 628 17.33 -28.16 -20.89
C ILE F 628 17.73 -26.74 -20.51
N ILE F 629 18.95 -26.35 -20.83
CA ILE F 629 19.41 -24.99 -20.59
C ILE F 629 19.00 -24.14 -21.78
N ASP F 630 18.86 -22.84 -21.55
CA ASP F 630 18.45 -21.89 -22.57
C ASP F 630 19.58 -21.72 -23.58
N PRO F 631 19.37 -22.04 -24.87
CA PRO F 631 20.44 -21.88 -25.87
C PRO F 631 20.86 -20.43 -26.13
N ALA F 632 20.14 -19.43 -25.62
CA ALA F 632 20.52 -18.03 -25.79
C ALA F 632 21.73 -17.62 -24.97
N ILE F 633 22.26 -18.50 -24.11
CA ILE F 633 23.45 -18.19 -23.33
C ILE F 633 24.70 -18.71 -24.04
N LEU F 634 24.55 -19.60 -25.03
CA LEU F 634 25.68 -20.13 -25.74
C LEU F 634 26.11 -19.28 -26.93
N ARG F 635 25.53 -18.08 -27.08
CA ARG F 635 25.89 -17.16 -28.13
C ARG F 635 27.18 -16.40 -27.75
N PRO F 636 27.95 -15.91 -28.74
CA PRO F 636 29.17 -15.14 -28.44
C PRO F 636 28.96 -13.93 -27.55
N GLY F 637 30.03 -13.53 -26.87
CA GLY F 637 29.91 -12.54 -25.83
C GLY F 637 29.36 -13.07 -24.51
N ARG F 638 29.11 -14.38 -24.42
CA ARG F 638 28.56 -15.05 -23.25
C ARG F 638 29.32 -16.36 -23.10
N LEU F 639 28.79 -17.29 -22.31
CA LEU F 639 29.45 -18.57 -22.06
C LEU F 639 29.44 -19.42 -23.32
N ASP F 640 30.54 -19.43 -24.05
CA ASP F 640 30.56 -20.07 -25.36
C ASP F 640 31.77 -20.98 -25.56
N GLN F 641 32.29 -21.58 -24.49
CA GLN F 641 33.41 -22.52 -24.56
C GLN F 641 33.02 -23.76 -23.78
N LEU F 642 32.34 -24.70 -24.41
CA LEU F 642 31.84 -25.87 -23.71
C LEU F 642 32.97 -26.86 -23.44
N ILE F 643 33.05 -27.37 -22.20
CA ILE F 643 34.05 -28.35 -21.79
C ILE F 643 33.31 -29.53 -21.16
N TYR F 644 33.78 -30.74 -21.44
CA TYR F 644 33.13 -31.97 -21.02
C TYR F 644 33.98 -32.66 -19.95
N ILE F 645 33.40 -32.85 -18.77
CA ILE F 645 34.06 -33.53 -17.67
C ILE F 645 33.54 -34.97 -17.60
N PRO F 646 34.28 -35.96 -18.07
CA PRO F 646 33.75 -37.32 -18.17
C PRO F 646 34.00 -38.14 -16.92
N LEU F 647 33.41 -39.34 -16.90
CA LEU F 647 33.63 -40.29 -15.82
C LEU F 647 35.08 -40.79 -15.87
N PRO F 648 35.70 -41.06 -14.72
CA PRO F 648 37.12 -41.40 -14.70
C PRO F 648 37.42 -42.78 -15.30
N ASP F 649 38.71 -43.07 -15.39
CA ASP F 649 39.23 -44.36 -15.78
C ASP F 649 40.19 -44.80 -14.68
N GLU F 650 40.71 -46.02 -14.80
CA GLU F 650 41.49 -46.66 -13.73
C GLU F 650 42.76 -45.87 -13.36
N LYS F 651 43.50 -45.41 -14.37
CA LYS F 651 44.70 -44.58 -14.15
C LYS F 651 44.39 -43.30 -13.40
N SER F 652 43.16 -42.79 -13.55
CA SER F 652 42.70 -41.63 -12.82
C SER F 652 42.08 -41.98 -11.48
N ARG F 653 41.43 -43.16 -11.39
CA ARG F 653 40.84 -43.61 -10.12
C ARG F 653 41.89 -43.83 -9.06
N VAL F 654 43.07 -44.33 -9.47
CA VAL F 654 44.20 -44.49 -8.55
C VAL F 654 44.59 -43.14 -7.96
N ALA F 655 44.64 -42.10 -8.80
CA ALA F 655 45.01 -40.76 -8.36
C ALA F 655 43.95 -40.16 -7.45
N ILE F 656 42.67 -40.42 -7.75
CA ILE F 656 41.56 -39.92 -6.91
C ILE F 656 41.64 -40.54 -5.52
N LEU F 657 41.84 -41.87 -5.47
CA LEU F 657 41.94 -42.59 -4.21
C LEU F 657 43.15 -42.13 -3.38
N LYS F 658 44.30 -41.93 -4.04
CA LYS F 658 45.49 -41.44 -3.33
C LYS F 658 45.28 -40.04 -2.79
N ALA F 659 44.66 -39.16 -3.60
CA ALA F 659 44.39 -37.79 -3.18
C ALA F 659 43.43 -37.74 -2.00
N ASN F 660 42.44 -38.64 -1.99
CA ASN F 660 41.52 -38.67 -0.85
C ASN F 660 42.20 -39.22 0.39
N LEU F 661 43.00 -40.28 0.24
CA LEU F 661 43.58 -40.95 1.40
C LEU F 661 44.81 -40.28 1.97
N ARG F 662 45.41 -39.31 1.28
CA ARG F 662 46.65 -38.66 1.73
C ARG F 662 46.54 -37.94 3.09
N LYS F 663 45.35 -37.67 3.60
CA LYS F 663 45.19 -36.92 4.84
C LYS F 663 45.13 -37.82 6.07
N SER F 664 44.76 -39.08 5.91
CA SER F 664 44.53 -39.96 7.04
C SER F 664 45.56 -41.08 7.10
N PRO F 665 45.94 -41.56 8.30
CA PRO F 665 46.90 -42.67 8.40
C PRO F 665 46.34 -44.02 7.97
N VAL F 666 46.86 -44.56 6.87
CA VAL F 666 46.45 -45.84 6.33
C VAL F 666 47.68 -46.74 6.28
N ALA F 667 47.49 -48.04 6.57
CA ALA F 667 48.56 -49.03 6.59
C ALA F 667 49.16 -49.25 5.21
N LYS F 668 50.21 -50.06 5.17
CA LYS F 668 50.96 -50.29 3.94
C LYS F 668 50.57 -51.58 3.23
N ASP F 669 49.79 -52.45 3.86
CA ASP F 669 49.45 -53.73 3.21
C ASP F 669 48.34 -53.61 2.19
N VAL F 670 47.61 -52.49 2.18
CA VAL F 670 46.51 -52.31 1.23
C VAL F 670 47.07 -51.94 -0.14
N ASP F 671 46.52 -52.58 -1.18
CA ASP F 671 46.92 -52.36 -2.56
C ASP F 671 45.82 -51.57 -3.25
N LEU F 672 46.15 -50.35 -3.66
CA LEU F 672 45.13 -49.48 -4.23
C LEU F 672 44.72 -49.88 -5.63
N GLU F 673 45.66 -50.41 -6.44
CA GLU F 673 45.42 -50.74 -7.84
C GLU F 673 44.30 -51.77 -8.04
N PHE F 674 44.12 -52.67 -7.06
CA PHE F 674 43.09 -53.70 -7.18
C PHE F 674 41.73 -53.10 -6.87
N LEU F 675 41.66 -52.31 -5.80
CA LEU F 675 40.44 -51.62 -5.44
C LEU F 675 40.02 -50.65 -6.54
N ALA F 676 41.00 -50.06 -7.24
CA ALA F 676 40.74 -49.14 -8.34
C ALA F 676 40.13 -49.87 -9.53
N LYS F 677 40.75 -50.98 -9.97
CA LYS F 677 40.20 -51.70 -11.11
C LYS F 677 38.90 -52.41 -10.79
N MET F 678 38.61 -52.68 -9.51
CA MET F 678 37.34 -53.33 -9.17
C MET F 678 36.15 -52.41 -9.35
N THR F 679 36.32 -51.11 -9.15
CA THR F 679 35.24 -50.14 -9.27
C THR F 679 35.26 -49.57 -10.68
N ASN F 680 34.40 -50.09 -11.55
CA ASN F 680 34.28 -49.61 -12.91
C ASN F 680 33.02 -48.77 -13.03
N GLY F 681 33.14 -47.62 -13.68
CA GLY F 681 32.02 -46.71 -13.81
C GLY F 681 31.67 -45.93 -12.57
N PHE F 682 32.50 -45.99 -11.54
CA PHE F 682 32.24 -45.23 -10.32
C PHE F 682 32.58 -43.77 -10.53
N SER F 683 31.70 -42.89 -10.07
CA SER F 683 31.94 -41.47 -10.13
C SER F 683 32.78 -41.05 -8.92
N GLY F 684 33.69 -40.08 -9.14
CA GLY F 684 34.64 -39.64 -8.12
C GLY F 684 34.05 -39.21 -6.78
N ALA F 685 32.79 -38.76 -6.78
CA ALA F 685 32.08 -38.43 -5.55
C ALA F 685 31.59 -39.66 -4.81
N ASP F 686 31.77 -40.85 -5.36
CA ASP F 686 31.42 -42.08 -4.68
C ASP F 686 32.64 -42.79 -4.13
N LEU F 687 33.80 -42.64 -4.76
CA LEU F 687 35.02 -43.16 -4.16
C LEU F 687 35.44 -42.41 -2.90
N THR F 688 34.87 -41.23 -2.65
CA THR F 688 35.22 -40.44 -1.49
C THR F 688 34.39 -40.77 -0.28
N GLU F 689 33.31 -41.54 -0.42
CA GLU F 689 32.57 -41.98 0.75
C GLU F 689 33.01 -43.33 1.26
N ILE F 690 33.65 -44.14 0.40
CA ILE F 690 34.27 -45.40 0.84
C ILE F 690 35.31 -45.12 1.92
N CYS F 691 36.13 -44.07 1.71
CA CYS F 691 37.11 -43.64 2.71
C CYS F 691 36.44 -43.23 4.01
N GLN F 692 35.33 -42.48 3.91
CA GLN F 692 34.58 -42.04 5.09
C GLN F 692 34.03 -43.24 5.86
N ARG F 693 33.49 -44.22 5.15
CA ARG F 693 32.91 -45.40 5.79
C ARG F 693 33.97 -46.22 6.50
N ALA F 694 35.14 -46.38 5.86
CA ALA F 694 36.26 -47.09 6.46
C ALA F 694 36.73 -46.40 7.74
N CYS F 695 36.83 -45.06 7.70
CA CYS F 695 37.23 -44.32 8.90
C CYS F 695 36.18 -44.40 10.01
N LYS F 696 34.88 -44.44 9.66
CA LYS F 696 33.85 -44.60 10.69
C LYS F 696 33.94 -45.95 11.38
N LEU F 697 34.16 -47.01 10.59
CA LEU F 697 34.35 -48.35 11.16
C LEU F 697 35.57 -48.38 12.09
N ALA F 698 36.67 -47.73 11.67
CA ALA F 698 37.88 -47.69 12.48
C ALA F 698 37.65 -46.95 13.81
N ILE F 699 36.96 -45.80 13.76
CA ILE F 699 36.69 -45.01 14.95
C ILE F 699 35.79 -45.79 15.91
N ARG F 700 34.80 -46.51 15.36
CA ARG F 700 33.92 -47.36 16.18
C ARG F 700 34.70 -48.45 16.90
N GLU F 701 35.60 -49.13 16.17
CA GLU F 701 36.44 -50.18 16.73
C GLU F 701 37.33 -49.64 17.84
N SER F 702 37.93 -48.47 17.63
CA SER F 702 38.84 -47.88 18.61
C SER F 702 38.11 -47.49 19.90
N ILE F 703 36.94 -46.84 19.78
CA ILE F 703 36.16 -46.45 20.95
C ILE F 703 35.71 -47.69 21.72
N GLU F 704 35.31 -48.74 20.99
CA GLU F 704 34.89 -50.00 21.62
C GLU F 704 36.01 -50.62 22.43
N SER F 705 37.23 -50.67 21.86
CA SER F 705 38.35 -51.27 22.57
C SER F 705 38.77 -50.44 23.78
N GLU F 706 38.73 -49.10 23.66
CA GLU F 706 39.03 -48.21 24.79
C GLU F 706 38.05 -48.43 25.94
N ILE F 707 36.75 -48.54 25.61
CA ILE F 707 35.73 -48.78 26.63
C ILE F 707 35.91 -50.15 27.27
N ARG F 708 36.31 -51.16 26.46
CA ARG F 708 36.56 -52.50 26.98
C ARG F 708 37.71 -52.50 27.99
N ARG F 709 38.77 -51.74 27.70
CA ARG F 709 39.88 -51.63 28.65
C ARG F 709 39.46 -50.87 29.90
N GLU F 710 38.72 -49.76 29.74
CA GLU F 710 38.28 -48.97 30.88
C GLU F 710 37.31 -49.73 31.78
N ARG F 711 36.55 -50.67 31.23
CA ARG F 711 35.55 -51.39 32.00
C ARG F 711 36.06 -52.76 32.48
N GLU F 712 37.14 -53.27 31.87
CA GLU F 712 37.65 -54.60 32.21
C GLU F 712 38.24 -54.64 33.62
N ARG F 713 39.26 -53.83 33.88
CA ARG F 713 39.92 -53.85 35.18
C ARG F 713 39.42 -52.76 36.13
N GLN F 714 39.16 -51.54 35.64
CA GLN F 714 38.86 -50.38 36.47
C GLN F 714 37.43 -50.36 37.02
N THR F 715 36.68 -51.45 36.92
CA THR F 715 35.37 -51.57 37.55
C THR F 715 35.36 -52.79 38.47
N GLU F 723 50.93 -51.14 29.38
CA GLU F 723 49.49 -50.98 29.46
C GLU F 723 48.99 -49.97 28.43
N GLU F 724 49.91 -49.41 27.66
CA GLU F 724 49.59 -48.64 26.46
C GLU F 724 49.95 -49.54 25.28
N ASP F 725 49.00 -50.37 24.88
CA ASP F 725 49.10 -51.22 23.70
C ASP F 725 47.96 -50.83 22.76
N ASP F 726 48.26 -49.91 21.82
CA ASP F 726 47.33 -49.37 20.84
C ASP F 726 46.67 -50.49 20.05
N PRO F 727 45.33 -50.64 20.16
CA PRO F 727 44.62 -51.71 19.42
C PRO F 727 44.84 -51.70 17.91
N VAL F 728 44.60 -50.56 17.27
CA VAL F 728 45.00 -50.27 15.89
C VAL F 728 45.04 -48.76 15.75
N PRO F 729 46.15 -48.20 15.26
CA PRO F 729 46.23 -46.74 15.09
C PRO F 729 45.88 -46.25 13.69
N GLU F 730 45.52 -47.16 12.79
CA GLU F 730 45.29 -46.84 11.40
C GLU F 730 44.20 -47.76 10.84
N ILE F 731 44.00 -47.69 9.53
CA ILE F 731 43.02 -48.49 8.82
C ILE F 731 43.74 -49.67 8.18
N ARG F 732 43.10 -50.83 8.12
CA ARG F 732 43.73 -52.00 7.54
C ARG F 732 42.85 -52.58 6.44
N ARG F 733 43.20 -53.77 5.94
CA ARG F 733 42.51 -54.36 4.79
C ARG F 733 41.07 -54.75 5.12
N ASP F 734 40.83 -55.22 6.35
CA ASP F 734 39.52 -55.73 6.72
C ASP F 734 38.47 -54.63 6.79
N HIS F 735 38.86 -53.45 7.28
CA HIS F 735 37.95 -52.30 7.30
C HIS F 735 37.53 -51.91 5.89
N PHE F 736 38.49 -51.91 4.96
CA PHE F 736 38.18 -51.59 3.57
C PHE F 736 37.29 -52.64 2.94
N GLU F 737 37.47 -53.92 3.30
CA GLU F 737 36.61 -54.98 2.79
C GLU F 737 35.17 -54.83 3.29
N GLU F 738 35.01 -54.55 4.60
CA GLU F 738 33.68 -54.35 5.19
C GLU F 738 32.98 -53.14 4.59
N ALA F 739 33.72 -52.04 4.40
CA ALA F 739 33.14 -50.85 3.78
C ALA F 739 32.85 -51.07 2.30
N MET F 740 33.68 -51.87 1.62
CA MET F 740 33.53 -52.10 0.19
C MET F 740 32.35 -53.00 -0.12
N ARG F 741 31.92 -53.86 0.83
CA ARG F 741 30.68 -54.63 0.61
C ARG F 741 29.40 -53.72 0.57
N PHE F 742 29.52 -52.43 0.86
CA PHE F 742 28.44 -51.44 0.75
C PHE F 742 28.63 -50.54 -0.46
N ALA F 743 29.31 -51.02 -1.50
CA ALA F 743 29.63 -50.19 -2.66
C ALA F 743 28.40 -49.96 -3.51
N ARG F 744 28.22 -48.70 -3.93
CA ARG F 744 27.02 -48.28 -4.62
C ARG F 744 27.37 -47.43 -5.83
N ARG F 745 26.80 -47.76 -6.99
CA ARG F 745 26.98 -46.86 -8.12
C ARG F 745 26.05 -45.66 -7.96
N SER F 746 26.24 -44.66 -8.79
CA SER F 746 25.37 -43.51 -8.70
C SER F 746 24.92 -42.97 -10.04
N VAL F 747 25.40 -43.52 -11.15
CA VAL F 747 25.00 -43.10 -12.48
C VAL F 747 24.76 -44.38 -13.29
N SER F 748 23.68 -44.42 -14.04
CA SER F 748 23.33 -45.59 -14.84
C SER F 748 23.98 -45.51 -16.23
N ASP F 749 23.81 -46.58 -17.00
CA ASP F 749 24.37 -46.64 -18.35
C ASP F 749 23.65 -45.69 -19.29
N ASN F 750 22.32 -45.58 -19.14
CA ASN F 750 21.47 -44.75 -20.00
C ASN F 750 21.85 -43.28 -19.90
N ASP F 751 22.27 -42.83 -18.71
CA ASP F 751 22.67 -41.45 -18.51
C ASP F 751 23.95 -41.14 -19.28
N ILE F 752 24.92 -42.07 -19.24
CA ILE F 752 26.17 -41.94 -20.01
C ILE F 752 25.86 -41.91 -21.50
N ARG F 753 24.93 -42.76 -21.94
CA ARG F 753 24.57 -42.75 -23.35
C ARG F 753 23.87 -41.46 -23.75
N LYS F 754 23.11 -40.84 -22.83
CA LYS F 754 22.48 -39.55 -23.12
C LYS F 754 23.54 -38.45 -23.29
N TYR F 755 24.51 -38.40 -22.36
CA TYR F 755 25.64 -37.47 -22.49
C TYR F 755 26.41 -37.72 -23.78
N GLU F 756 26.52 -38.99 -24.18
CA GLU F 756 27.28 -39.35 -25.36
C GLU F 756 26.54 -38.96 -26.63
N MET F 757 25.19 -39.07 -26.64
CA MET F 757 24.41 -38.50 -27.75
C MET F 757 24.59 -36.99 -27.85
N PHE F 758 24.62 -36.28 -26.71
CA PHE F 758 24.85 -34.84 -26.75
C PHE F 758 26.25 -34.52 -27.28
N ALA F 759 27.24 -35.34 -26.91
CA ALA F 759 28.62 -35.14 -27.32
C ALA F 759 28.78 -35.41 -28.81
N GLN F 760 28.25 -36.54 -29.28
CA GLN F 760 28.32 -36.88 -30.70
C GLN F 760 27.54 -35.88 -31.53
N THR F 761 26.35 -35.52 -31.05
CA THR F 761 25.49 -34.53 -31.76
C THR F 761 25.80 -33.11 -31.25
N LEU F 762 27.09 -32.82 -31.00
CA LEU F 762 27.51 -31.48 -30.59
C LEU F 762 27.44 -30.54 -31.78
N GLN F 763 27.41 -31.11 -33.00
CA GLN F 763 27.33 -30.42 -34.25
C GLN F 763 25.87 -30.39 -34.69
N GLN F 764 25.56 -29.45 -35.60
CA GLN F 764 24.23 -29.27 -36.23
C GLN F 764 23.14 -29.05 -35.19
N SER F 765 23.33 -28.06 -34.31
CA SER F 765 22.22 -27.47 -33.58
C SER F 765 22.13 -25.96 -33.74
N ARG F 766 23.05 -25.20 -33.15
CA ARG F 766 22.94 -23.76 -32.82
C ARG F 766 22.51 -22.79 -33.93
PB ADP G . 6.96 -6.71 38.20
O1B ADP G . 7.71 -5.63 37.50
O2B ADP G . 7.46 -7.06 39.58
O3B ADP G . 5.47 -6.47 38.17
PA ADP G . 6.42 -8.97 36.43
O1A ADP G . 4.94 -8.73 36.52
O2A ADP G . 7.02 -9.10 35.05
O3A ADP G . 7.36 -8.03 37.36
O5' ADP G . 6.67 -10.39 37.09
C5' ADP G . 5.62 -11.33 37.20
C4' ADP G . 4.89 -11.39 38.54
O4' ADP G . 4.55 -12.76 38.83
C3' ADP G . 5.70 -11.05 39.77
O3' ADP G . 4.87 -10.39 40.73
C2' ADP G . 6.20 -12.33 40.39
O2' ADP G . 5.80 -12.35 41.75
C1' ADP G . 5.51 -13.45 39.66
N9 ADP G . 6.44 -14.35 38.90
C8 ADP G . 6.57 -14.55 37.58
N7 ADP G . 7.55 -15.42 37.26
C5 ADP G . 8.07 -15.81 38.41
C6 ADP G . 9.14 -16.73 38.80
N6 ADP G . 9.83 -17.41 37.85
N1 ADP G . 9.40 -16.89 40.09
C2 ADP G . 8.71 -16.23 41.03
N3 ADP G . 7.73 -15.37 40.74
C4 ADP G . 7.37 -15.09 39.47
PG ANP H . 27.80 -32.50 -6.82
O1G ANP H . 28.31 -33.87 -6.45
O2G ANP H . 26.74 -32.05 -5.74
O3G ANP H . 27.11 -32.58 -8.24
PB ANP H . 29.98 -31.64 -8.30
O1B ANP H . 29.23 -32.48 -9.27
O2B ANP H . 30.21 -30.24 -8.94
N3B ANP H . 29.09 -31.43 -6.89
PA ANP H . 32.06 -32.06 -6.61
O1A ANP H . 31.20 -31.28 -5.70
O2A ANP H . 33.39 -31.38 -6.89
O3A ANP H . 31.36 -32.26 -8.01
O5' ANP H . 32.26 -33.51 -6.01
C5' ANP H . 32.07 -33.80 -4.60
C4' ANP H . 33.35 -34.35 -4.03
O4' ANP H . 33.87 -35.34 -4.93
C3' ANP H . 34.46 -33.33 -3.90
O3' ANP H . 34.40 -32.69 -2.62
C2' ANP H . 35.73 -34.15 -4.02
O2' ANP H . 36.22 -34.52 -2.74
C1' ANP H . 35.28 -35.41 -4.80
N9 ANP H . 35.84 -35.54 -6.13
C8 ANP H . 35.10 -35.74 -7.27
N7 ANP H . 35.82 -35.86 -8.36
C5 ANP H . 37.13 -35.77 -7.91
C6 ANP H . 38.37 -35.82 -8.57
N6 ANP H . 38.49 -35.99 -9.89
N1 ANP H . 39.48 -35.70 -7.83
C2 ANP H . 39.36 -35.52 -6.50
N3 ANP H . 38.25 -35.46 -5.78
C4 ANP H . 37.15 -35.59 -6.54
PG ANP I . 1.90 -41.24 13.08
O1G ANP I . 1.17 -42.45 13.56
O2G ANP I . 0.88 -40.03 12.98
O3G ANP I . 2.50 -41.54 11.65
PB ANP I . 4.45 -41.94 13.93
O1B ANP I . 4.29 -42.69 12.65
O2B ANP I . 5.75 -41.10 13.84
N3B ANP I . 3.16 -40.89 14.15
PA ANP I . 4.04 -42.53 16.55
O1A ANP I . 3.35 -41.23 16.53
O2A ANP I . 5.23 -42.53 17.48
O3A ANP I . 4.60 -42.92 15.13
O5' ANP I . 3.00 -43.66 16.93
C5' ANP I . 1.78 -43.37 17.66
C4' ANP I . 1.78 -44.18 18.94
O4' ANP I . 2.16 -45.53 18.63
C3' ANP I . 2.80 -43.71 19.96
O3' ANP I . 2.23 -42.74 20.82
C2' ANP I . 3.13 -44.99 20.74
O2' ANP I . 2.34 -45.09 21.91
C1' ANP I . 2.77 -46.12 19.75
N9 ANP I . 3.90 -46.90 19.27
C8 ANP I . 4.18 -47.13 17.95
N7 ANP I . 5.23 -47.89 17.75
C5 ANP I . 5.66 -48.20 19.03
C6 ANP I . 6.74 -48.96 19.51
N6 ANP I . 7.61 -49.59 18.71
N1 ANP I . 6.89 -49.08 20.84
C2 ANP I . 6.03 -48.45 21.64
N3 ANP I . 4.97 -47.70 21.31
C4 ANP I . 4.85 -47.61 19.98
PB ADP J . -26.33 4.73 28.70
O1B ADP J . -24.94 5.30 28.78
O2B ADP J . -27.07 4.80 30.00
O3B ADP J . -27.12 5.31 27.55
PA ADP J . -26.45 2.17 27.27
O1A ADP J . -27.14 2.84 26.11
O2A ADP J . -25.22 1.40 26.89
O3A ADP J . -26.11 3.14 28.51
O5' ADP J . -27.44 1.07 27.85
C5' ADP J . -28.50 0.64 27.01
C4' ADP J . -29.84 1.34 27.24
O4' ADP J . -30.91 0.40 27.04
C3' ADP J . -30.13 1.79 28.65
O3' ADP J . -30.86 3.02 28.64
C2' ADP J . -30.96 0.73 29.33
O2' ADP J . -32.11 1.35 29.87
C1' ADP J . -31.36 -0.24 28.24
N9 ADP J . -30.84 -1.64 28.37
C8 ADP J . -30.00 -2.34 27.60
N7 ADP J . -29.76 -3.58 28.05
C5 ADP J . -30.50 -3.71 29.15
C6 ADP J . -30.72 -4.79 30.11
N6 ADP J . -30.10 -5.97 29.97
N1 ADP J . -31.57 -4.56 31.12
C2 ADP J . -32.18 -3.38 31.27
N3 ADP J . -32.02 -2.36 30.42
C4 ADP J . -31.18 -2.45 29.37
PG ANP K . -29.50 -31.28 5.34
O1G ANP K . -30.83 -31.84 4.97
O2G ANP K . -29.32 -29.87 4.64
O3G ANP K . -28.37 -32.26 4.83
PB ANP K . -29.12 -32.65 7.72
O1B ANP K . -28.73 -33.63 6.68
O2B ANP K . -27.95 -32.51 8.72
N3B ANP K . -29.40 -31.14 7.02
PA ANP K . -31.44 -32.12 9.06
O1A ANP K . -31.09 -30.73 8.71
O2A ANP K . -31.46 -32.34 10.57
O3A ANP K . -30.37 -33.14 8.49
O5' ANP K . -32.82 -32.51 8.39
C5' ANP K . -33.81 -31.51 8.00
C4' ANP K . -35.11 -31.78 8.73
O4' ANP K . -35.39 -33.18 8.66
C3' ANP K . -35.07 -31.46 10.22
O3' ANP K . -35.44 -30.10 10.43
C2' ANP K . -36.10 -32.42 10.81
O2' ANP K . -37.36 -31.78 10.95
C1' ANP K . -36.18 -33.55 9.78
N9 ANP K . -35.68 -34.85 10.25
C8 ANP K . -34.74 -35.60 9.59
N7 ANP K . -34.46 -36.73 10.17
C5 ANP K . -35.28 -36.74 11.28
C6 ANP K . -35.47 -37.68 12.31
N6 ANP K . -34.80 -38.83 12.39
N1 ANP K . -36.37 -37.39 13.27
C2 ANP K . -37.04 -36.24 13.20
N3 ANP K . -36.96 -35.28 12.27
C4 ANP K . -36.05 -35.59 11.33
PB ADP L . -30.57 24.46 -0.86
O1B ADP L . -31.80 25.25 -0.52
O2B ADP L . -29.58 24.37 0.27
O3B ADP L . -29.92 24.92 -2.13
PA ADP L . -30.99 21.90 -2.21
O1A ADP L . -30.24 22.40 -3.42
O2A ADP L . -30.49 20.59 -1.67
O3A ADP L . -31.15 22.96 -1.01
O5' ADP L . -32.49 21.58 -2.69
C5' ADP L . -32.70 21.42 -4.08
C4' ADP L . -33.21 22.64 -4.84
O4' ADP L . -34.10 22.22 -5.89
C3' ADP L . -34.10 23.59 -4.07
O3' ADP L . -33.87 24.94 -4.49
C2' ADP L . -35.54 23.22 -4.38
O2' ADP L . -36.22 24.39 -4.81
C1' ADP L . -35.48 22.22 -5.52
N9 ADP L . -36.00 20.85 -5.23
C8 ADP L . -35.37 19.67 -5.18
N7 ADP L . -36.16 18.64 -4.87
C5 ADP L . -37.37 19.15 -4.69
C6 ADP L . -38.68 18.61 -4.35
N6 ADP L . -38.83 17.29 -4.13
N1 ADP L . -39.72 19.46 -4.27
C2 ADP L . -39.56 20.77 -4.49
N3 ADP L . -38.39 21.33 -4.80
C4 ADP L . -37.27 20.59 -4.90
PG ANP M . -34.90 -12.62 -22.32
O1G ANP M . -35.64 -12.71 -23.63
O2G ANP M . -33.61 -11.72 -22.52
O3G ANP M . -34.46 -14.08 -21.89
PB ANP M . -37.02 -13.13 -20.61
O1B ANP M . -36.63 -14.49 -21.07
O2B ANP M . -37.03 -13.12 -19.07
N3B ANP M . -35.93 -11.98 -21.16
PA ANP M . -38.89 -11.33 -21.42
O1A ANP M . -37.77 -10.39 -21.22
O2A ANP M . -40.07 -11.03 -20.50
O3A ANP M . -38.46 -12.81 -21.11
O5' ANP M . -39.32 -11.31 -22.94
C5' ANP M . -38.99 -10.21 -23.82
C4' ANP M . -40.28 -9.62 -24.38
O4' ANP M . -41.12 -10.70 -24.80
C3' ANP M . -41.10 -8.87 -23.36
O3' ANP M . -40.73 -7.49 -23.33
C2' ANP M . -42.53 -9.02 -23.86
O2' ANP M . -42.91 -7.91 -24.66
C1' ANP M . -42.48 -10.30 -24.72
N9 ANP M . -43.23 -11.43 -24.20
C8 ANP M . -42.72 -12.68 -24.01
N7 ANP M . -43.59 -13.55 -23.55
C5 ANP M . -44.77 -12.82 -23.48
C6 ANP M . -46.08 -13.17 -23.07
N6 ANP M . -46.42 -14.38 -22.65
N1 ANP M . -47.02 -12.21 -23.12
C2 ANP M . -46.68 -10.99 -23.53
N3 ANP M . -45.49 -10.54 -23.95
C4 ANP M . -44.57 -11.52 -23.88
PB ADP N . -2.80 33.14 -21.14
O1B ADP N . -3.39 33.11 -19.76
O2B ADP N . -3.16 34.35 -21.95
O3B ADP N . -1.31 32.88 -21.12
PA ADP N . -3.02 30.57 -22.49
O1A ADP N . -1.53 30.41 -22.52
O2A ADP N . -3.82 29.41 -21.94
O3A ADP N . -3.59 31.96 -21.91
O5' ADP N . -3.49 30.66 -24.00
C5' ADP N . -2.66 30.17 -25.04
C4' ADP N . -1.77 31.19 -25.76
O4' ADP N . -1.71 30.84 -27.16
C3' ADP N . -2.31 32.60 -25.86
O3' ADP N . -1.23 33.53 -25.79
C2' ADP N . -2.99 32.77 -27.20
O2' ADP N . -2.41 33.89 -27.84
C1' ADP N . -2.67 31.52 -27.99
N9 ADP N . -3.86 30.70 -28.34
C8 ADP N . -4.22 29.47 -27.95
N7 ADP N . -5.41 29.06 -28.46
C5 ADP N . -5.83 30.05 -29.22
C6 ADP N . -7.01 30.27 -30.06
N6 ADP N . -7.96 29.31 -30.17
N1 ADP N . -7.11 31.44 -30.71
C2 ADP N . -6.17 32.38 -30.61
N3 ADP N . -5.08 32.24 -29.86
C4 ADP N . -4.85 31.13 -29.12
PG ANP O . -9.00 -3.84 -42.19
O1G ANP O . -8.49 -4.04 -43.58
O2G ANP O . -7.76 -3.68 -41.20
O3G ANP O . -9.84 -5.10 -41.77
PB ANP O . -11.49 -2.79 -42.81
O1B ANP O . -11.67 -4.25 -42.97
O2B ANP O . -12.57 -2.27 -41.83
N3B ANP O . -9.97 -2.47 -42.16
PA ANP O . -10.85 -0.77 -44.50
O1A ANP O . -9.90 -0.42 -43.43
O2A ANP O . -11.87 0.34 -44.74
O3A ANP O . -11.68 -2.07 -44.17
O5' ANP O . -10.03 -1.10 -45.82
C5' ANP O . -8.70 -0.58 -46.04
C4' ANP O . -8.69 0.24 -47.30
O4' ANP O . -9.40 -0.47 -48.32
C3' ANP O . -9.43 1.56 -47.17
O3' ANP O . -8.54 2.59 -46.74
C2' ANP O . -9.91 1.84 -48.60
O2' ANP O . -9.01 2.69 -49.29
C1' ANP O . -9.95 0.44 -49.25
N9 ANP O . -11.29 -0.04 -49.59
C8 ANP O . -11.79 -1.26 -49.20
N7 ANP O . -13.00 -1.49 -49.64
C5 ANP O . -13.30 -0.38 -50.40
C6 ANP O . -14.45 -0.01 -51.14
N6 ANP O . -15.53 -0.78 -51.24
N1 ANP O . -14.42 1.18 -51.77
C2 ANP O . -13.34 1.95 -51.68
N3 ANP O . -12.21 1.71 -51.01
C4 ANP O . -12.25 0.53 -50.38
PB ADP P . 30.50 21.79 -11.57
O1B ADP P . 29.29 22.38 -10.90
O2B ADP P . 31.41 22.83 -12.16
O3B ADP P . 31.22 20.82 -10.68
PA ADP P . 29.85 19.49 -13.28
O1A ADP P . 30.50 18.57 -12.29
O2A ADP P . 28.45 19.13 -13.64
O3A ADP P . 29.92 21.06 -12.89
O5' ADP P . 30.66 19.38 -14.65
C5' ADP P . 31.47 18.23 -14.82
C4' ADP P . 32.95 18.42 -14.48
O4' ADP P . 33.75 17.63 -15.38
C3' ADP P . 33.52 19.80 -14.71
O3' ADP P . 34.50 20.09 -13.72
C2' ADP P . 34.19 19.80 -16.08
O2' ADP P . 35.51 20.27 -15.91
C1' ADP P . 34.21 18.37 -16.53
N9 ADP P . 33.42 18.04 -17.78
C8 ADP P . 32.35 17.27 -17.96
N7 ADP P . 31.91 17.24 -19.22
C5 ADP P . 32.75 18.02 -19.92
C6 ADP P . 32.86 18.41 -21.32
N6 ADP P . 31.99 17.96 -22.22
N1 ADP P . 33.88 19.24 -21.65
C2 ADP P . 34.75 19.68 -20.75
N3 ADP P . 34.69 19.36 -19.45
C4 ADP P . 33.72 18.56 -18.96
PG ANP Q . 22.41 -13.75 -34.43
O1G ANP Q . 23.53 -14.59 -34.96
O2G ANP Q . 22.44 -13.79 -32.85
O3G ANP Q . 21.03 -14.35 -34.94
PB ANP Q . 22.08 -12.07 -36.60
O1B ANP Q . 21.35 -13.30 -37.01
O2B ANP Q . 21.12 -10.87 -36.74
N3B ANP Q . 22.57 -12.18 -35.01
PA ANP Q . 24.62 -11.18 -37.03
O1A ANP Q . 24.54 -10.88 -35.58
O2A ANP Q . 24.81 -9.91 -37.86
O3A ANP Q . 23.29 -11.84 -37.56
O5' ANP Q . 25.78 -12.23 -37.28
C5' ANP Q . 26.90 -12.41 -36.36
C4' ANP Q . 28.18 -12.14 -37.09
O4' ANP Q . 28.15 -12.80 -38.36
C3' ANP Q . 28.43 -10.68 -37.42
O3' ANP Q . 29.12 -10.04 -36.36
C2' ANP Q . 29.31 -10.75 -38.68
O2' ANP Q . 30.68 -10.64 -38.34
C1' ANP Q . 29.00 -12.13 -39.28
N9 ANP Q . 28.29 -12.10 -40.56
C8 ANP Q . 27.13 -12.78 -40.82
N7 ANP Q . 26.69 -12.64 -42.03
C5 ANP Q . 27.64 -11.83 -42.64
C6 ANP Q . 27.75 -11.31 -43.94
N6 ANP Q . 26.87 -11.54 -44.91
N1 ANP Q . 28.83 -10.54 -44.21
C2 ANP Q . 29.72 -10.30 -43.25
N3 ANP Q . 29.72 -10.75 -41.98
C4 ANP Q . 28.64 -11.50 -41.74
PB ADP R . 34.74 2.03 17.97
O1B ADP R . 36.16 2.37 18.35
O2B ADP R . 33.92 3.23 17.56
O3B ADP R . 34.03 1.20 19.01
PA ADP R . 34.40 -0.27 16.19
O1A ADP R . 33.61 -0.99 17.24
O2A ADP R . 33.70 -0.17 14.86
O3A ADP R . 34.95 1.18 16.60
O5' ADP R . 35.70 -1.15 15.88
C5' ADP R . 35.67 -2.50 16.30
C4' ADP R . 36.33 -2.83 17.65
O4' ADP R . 36.95 -4.12 17.58
C3' ADP R . 37.50 -1.96 18.04
O3' ADP R . 37.51 -1.76 19.45
C2' ADP R . 38.77 -2.69 17.64
O2' ADP R . 39.62 -2.77 18.76
C1' ADP R . 38.33 -4.08 17.22
N9 ADP R . 38.57 -4.46 15.80
C8 ADP R . 37.72 -4.75 14.82
N7 ADP R . 38.30 -5.03 13.64
C5 ADP R . 39.61 -4.95 13.86
C6 ADP R . 40.80 -5.14 13.05
N6 ADP R . 40.69 -5.48 11.75
N1 ADP R . 41.99 -4.96 13.63
C2 ADP R . 42.11 -4.62 14.92
N3 ADP R . 41.05 -4.42 15.71
C4 ADP R . 39.79 -4.55 15.25
#